data_9BIB
#
_entry.id   9BIB
#
_cell.length_a   1.00
_cell.length_b   1.00
_cell.length_c   1.00
_cell.angle_alpha   90.00
_cell.angle_beta   90.00
_cell.angle_gamma   90.00
#
_symmetry.space_group_name_H-M   'P 1'
#
loop_
_entity.id
_entity.type
_entity.pdbx_description
1 polymer 'Glutamate receptor ionotropic, NMDA 1'
2 polymer 'Glutamate receptor'
3 non-polymer GLYCINE
4 non-polymer 'GLUTAMIC ACID'
#
loop_
_entity_poly.entity_id
_entity_poly.type
_entity_poly.pdbx_seq_one_letter_code
_entity_poly.pdbx_strand_id
1 'polypeptide(L)'
;MSTMHLLTFALLFSCSFARAASDPKIVNIGAVLSTRKHEQMFREAVNQANKRHGSWKIQLQATSVTHKPNAIQMALSVCE
DLISSQVYAILVSHPPTPNDHFTPTPVSYTAGFYRIPVLGLTTRMSIYSDKSIHLSFLRTVPPYSHQSSVWFEMMRVYNW
NHIILLVSDDHEGRAAQKRLETLLEERESKAEKVLQFDPGTKNVTALLMEARELEARVIILSASEDDAATVYRAAAMLDM
TGSGYVWLVGEREISGNALRYAPDGIIGLQLINGKNESAHISDAVGVVAQAVHELLEKENITDPPRGCVGNTNIWKTGPL
FKRVLMSSKYADGVTGRVEFNEDGDRKFAQYSIMNLQNRKLVQVGIYNGTHVIPNDRKIIWPGGETEKPRGYQMSTRLKI
VTIHQEPFVYVKPTMSDGTCKEEFTVNGDPVKKVICTGPNDTSPGSPRHTVPQCCYGFCIDLLIKLARTMQFTYEVHLVA
DGKFGTQERVQNSNKKEWNGMMGELLSGQADMIVAPLTINNERAQYIEFSKPFKYQGLTILVKKEIPRSTLDSFMQPFQS
TLWLLVGLSVHVVAVMLYLLDRFSPFGRFKVNSEEEEEDALTLSSAMWFSWGVLLNSGIGEGAPRSFSARILGMVWAGFA
MIIVASYTANLAAFLVLDRPEERITGINDPRLRNPSDKFIYATVKQSSVDIYFRRQVELSTMYRHMEKHNYESAAEAIQA
VRDNKLHAFIWDSAVLEFEASQKCDLVTTGELFFRSGFGIGMRKDSPWKQQVSLSILKSHENGFMEDLDKTWVRYQECDS
RSNAPATLTFENMAGVFMLVAGGIVAGIFLIFIEIAYKRHKDANGAQ
;
A,C
2 'polypeptide(L)'
;MGTMRLFLLAVLFLFSFARATGWSHPQFEKGGGSGGGSGGSAWSHPQFEKGALVPRGRSQKSPPSIGIAVILVGTSDEVA
IKDAHEKDDFHHLSVVPRVELVAMNETDPKSIITRICDLMSDRKIQGVVFADDTDQEAIAQILDFISAQTLTPILGIHGG
SSMIMADKDESSMFFQFGPSIEQQASVMLNIMEEYDWYIFSIVTTYFPGYQDFVNKIRSTIENSFVGWELEEVLLLDMSL
DDGDSKIQNQLKKLQSPIILLYCTKEEATYIFEVANSVGLTGYGYTWIVPSLVAGDTDTVPSEFPTGLISVSYDEWDYGL
PARVRDGIAIITTAASDMLSEHSFIPEPKSSCYNTHEKRIYQSNMLNRYLINVTFEGRNLSFSEDGYQMHPKLVIILLNK
ERKWERVGKWKDKSLQMKYYVWPRMCPETEEQEDDHLSIVTLEEAPFVIVESVDPLSGTCMRNTVPCQKRIISENKTDEE
PGYIKKCCKGFCIDILKKISKSVKFTYDLYLVTNGKHGKKINGTWNGMIGEVVMKRAYMAVGSLTINEERSEVVDFSVPF
IETGISVMVSRSNGTVSPSAFLEPFSADVWVMMFVMLLIVSAVAVFVFEYFSPVGYNRCLADGREPGGPSFTIGKAIWLL
WGLVFNNSVPVQNPKGTTSKIMVSVWAFFAVIFLASYTANLAAFMIQEEYVDQVSGLSDKKFQRPNDFSPPFRFGTVPNG
STERNIRNNYAEMHAYMGKFNQRGVDDALLSLKTGKLDAFIYDAAVLNYMAGRDEGCKLVTIGSGKVFASTGYGIAIQKD
SGWKRQVDLAILQLFGDGEMEELEALWLTGICHNEKNEVMSSQLDIDNMAGVFYMLGAAMALSLITFICEHLFYWQFRHS
FMG
;
B,D
#
# COMPACT_ATOMS: atom_id res chain seq x y z
N LYS A 25 -4.83 75.86 -2.60
CA LYS A 25 -3.50 75.99 -3.18
C LYS A 25 -3.57 76.04 -4.71
N ILE A 26 -2.42 76.09 -5.35
CA ILE A 26 -2.32 76.15 -6.81
C ILE A 26 -1.48 74.97 -7.28
N VAL A 27 -1.98 74.25 -8.27
CA VAL A 27 -1.29 73.10 -8.85
C VAL A 27 -1.40 73.18 -10.36
N ASN A 28 -0.27 73.22 -11.05
CA ASN A 28 -0.23 73.32 -12.49
C ASN A 28 -0.09 71.95 -13.13
N ILE A 29 -0.31 71.91 -14.45
CA ILE A 29 -0.20 70.68 -15.22
C ILE A 29 0.83 70.89 -16.33
N GLY A 30 1.29 69.77 -16.89
CA GLY A 30 2.28 69.80 -17.94
C GLY A 30 1.85 68.99 -19.14
N ALA A 31 2.43 69.35 -20.28
CA ALA A 31 2.13 68.66 -21.54
C ALA A 31 3.26 68.94 -22.53
N VAL A 32 3.38 68.04 -23.51
CA VAL A 32 4.39 68.16 -24.57
C VAL A 32 3.74 67.66 -25.85
N LEU A 33 3.54 68.57 -26.80
CA LEU A 33 2.91 68.22 -28.06
C LEU A 33 3.34 69.21 -29.13
N SER A 34 3.04 68.85 -30.38
CA SER A 34 3.32 69.67 -31.55
C SER A 34 2.04 70.37 -31.99
N THR A 35 2.09 71.03 -33.15
CA THR A 35 0.94 71.73 -33.73
C THR A 35 0.40 72.77 -32.77
N ARG A 36 1.22 73.81 -32.55
CA ARG A 36 0.95 74.86 -31.58
C ARG A 36 -0.49 75.38 -31.63
N LYS A 37 -1.16 75.28 -32.78
CA LYS A 37 -2.58 75.60 -32.83
C LYS A 37 -3.38 74.69 -31.90
N HIS A 38 -3.09 73.39 -31.94
CA HIS A 38 -3.74 72.46 -31.01
C HIS A 38 -3.34 72.73 -29.58
N GLU A 39 -2.09 73.20 -29.35
CA GLU A 39 -1.68 73.57 -28.00
C GLU A 39 -2.49 74.75 -27.48
N GLN A 40 -2.71 75.76 -28.33
CA GLN A 40 -3.53 76.90 -27.91
C GLN A 40 -4.98 76.48 -27.71
N MET A 41 -5.49 75.56 -28.53
CA MET A 41 -6.85 75.06 -28.33
C MET A 41 -6.97 74.33 -26.99
N PHE A 42 -5.98 73.50 -26.65
CA PHE A 42 -5.99 72.80 -25.38
C PHE A 42 -5.86 73.77 -24.21
N ARG A 43 -5.06 74.82 -24.37
CA ARG A 43 -4.93 75.83 -23.32
C ARG A 43 -6.26 76.55 -23.11
N GLU A 44 -6.95 76.90 -24.19
CA GLU A 44 -8.26 77.54 -24.06
C GLU A 44 -9.27 76.59 -23.42
N ALA A 45 -9.22 75.31 -23.77
CA ALA A 45 -10.13 74.34 -23.16
C ALA A 45 -9.86 74.21 -21.67
N VAL A 46 -8.58 74.20 -21.28
CA VAL A 46 -8.24 74.11 -19.86
C VAL A 46 -8.68 75.37 -19.12
N ASN A 47 -8.51 76.54 -19.74
CA ASN A 47 -8.95 77.78 -19.11
C ASN A 47 -10.48 77.81 -18.96
N GLN A 48 -11.20 77.22 -19.91
CA GLN A 48 -12.65 77.15 -19.81
C GLN A 48 -13.08 76.16 -18.73
N ALA A 49 -12.40 75.02 -18.64
CA ALA A 49 -12.75 74.01 -17.65
C ALA A 49 -12.32 74.42 -16.24
N ASN A 50 -11.38 75.34 -16.11
CA ASN A 50 -10.96 75.80 -14.78
C ASN A 50 -12.08 76.49 -14.02
N LYS A 51 -13.08 77.02 -14.73
CA LYS A 51 -14.20 77.67 -14.06
C LYS A 51 -15.14 76.69 -13.38
N ARG A 52 -15.02 75.40 -13.67
CA ARG A 52 -15.87 74.39 -13.04
C ARG A 52 -15.38 74.05 -11.63
N ILE A 58 -8.40 75.82 -5.45
CA ILE A 58 -7.86 74.95 -6.49
C ILE A 58 -7.72 75.71 -7.80
N GLN A 59 -6.49 76.11 -8.12
CA GLN A 59 -6.19 76.85 -9.34
C GLN A 59 -5.23 76.04 -10.19
N LEU A 60 -5.54 75.93 -11.48
CA LEU A 60 -4.71 75.19 -12.43
C LEU A 60 -4.12 76.14 -13.46
N GLN A 61 -2.91 75.81 -13.92
CA GLN A 61 -2.20 76.59 -14.92
C GLN A 61 -1.92 75.73 -16.14
N ALA A 62 -1.36 76.37 -17.17
CA ALA A 62 -1.04 75.70 -18.43
C ALA A 62 0.45 75.88 -18.72
N THR A 63 1.11 74.77 -19.07
CA THR A 63 2.52 74.81 -19.40
C THR A 63 2.81 73.71 -20.42
N SER A 64 3.24 74.10 -21.61
CA SER A 64 3.52 73.16 -22.69
C SER A 64 4.75 73.61 -23.47
N VAL A 65 5.40 72.65 -24.10
CA VAL A 65 6.60 72.89 -24.90
C VAL A 65 6.50 72.07 -26.18
N THR A 66 7.45 72.31 -27.08
CA THR A 66 7.48 71.61 -28.36
C THR A 66 8.31 70.34 -28.23
N HIS A 67 8.59 69.68 -29.36
CA HIS A 67 9.38 68.46 -29.39
C HIS A 67 10.70 68.71 -30.09
N LYS A 68 11.74 68.06 -29.61
CA LYS A 68 13.08 68.18 -30.18
C LYS A 68 13.35 67.04 -31.15
N PRO A 69 14.34 67.21 -32.03
CA PRO A 69 14.66 66.15 -33.00
C PRO A 69 15.53 65.02 -32.46
N ASN A 70 15.73 64.95 -31.14
CA ASN A 70 16.54 63.90 -30.54
C ASN A 70 15.88 63.45 -29.24
N ALA A 71 16.29 62.26 -28.79
CA ALA A 71 15.73 61.71 -27.56
C ALA A 71 16.36 62.35 -26.32
N ILE A 72 17.67 62.59 -26.35
CA ILE A 72 18.33 63.20 -25.20
C ILE A 72 17.85 64.64 -25.01
N GLN A 73 17.72 65.39 -26.11
CA GLN A 73 17.24 66.76 -26.01
C GLN A 73 15.79 66.79 -25.52
N MET A 74 14.96 65.86 -25.99
CA MET A 74 13.58 65.79 -25.52
C MET A 74 13.51 65.46 -24.03
N ALA A 75 14.35 64.53 -23.57
CA ALA A 75 14.38 64.20 -22.16
C ALA A 75 14.85 65.37 -21.32
N LEU A 76 15.86 66.10 -21.80
CA LEU A 76 16.34 67.28 -21.08
C LEU A 76 15.26 68.35 -21.01
N SER A 77 14.54 68.57 -22.11
CA SER A 77 13.46 69.55 -22.10
C SER A 77 12.34 69.13 -21.16
N VAL A 78 12.00 67.85 -21.14
CA VAL A 78 10.96 67.37 -20.23
C VAL A 78 11.40 67.54 -18.78
N CYS A 79 12.66 67.26 -18.47
CA CYS A 79 13.16 67.45 -17.12
C CYS A 79 13.14 68.92 -16.73
N GLU A 80 13.53 69.80 -17.65
CA GLU A 80 13.49 71.24 -17.36
C GLU A 80 12.06 71.71 -17.12
N ASP A 81 11.11 71.24 -17.92
CA ASP A 81 9.72 71.61 -17.74
C ASP A 81 9.17 71.10 -16.41
N LEU A 82 9.53 69.86 -16.04
CA LEU A 82 9.06 69.31 -14.77
C LEU A 82 9.69 70.02 -13.59
N ILE A 83 10.92 70.52 -13.74
CA ILE A 83 11.56 71.25 -12.65
C ILE A 83 11.00 72.66 -12.54
N SER A 84 10.60 73.26 -13.67
CA SER A 84 10.09 74.63 -13.64
C SER A 84 8.63 74.68 -13.22
N SER A 85 7.83 73.70 -13.62
CA SER A 85 6.40 73.70 -13.32
C SER A 85 6.03 72.87 -12.10
N GLN A 86 6.82 71.83 -11.79
CA GLN A 86 6.56 70.95 -10.65
C GLN A 86 5.16 70.32 -10.74
N VAL A 87 4.76 69.96 -11.96
CA VAL A 87 3.44 69.35 -12.15
C VAL A 87 3.46 67.90 -11.69
N TYR A 88 2.26 67.35 -11.53
CA TYR A 88 2.10 65.96 -11.10
C TYR A 88 1.70 65.03 -12.24
N ALA A 89 1.42 65.55 -13.42
CA ALA A 89 1.04 64.71 -14.55
C ALA A 89 1.57 65.35 -15.83
N ILE A 90 1.93 64.51 -16.80
CA ILE A 90 2.48 64.93 -18.08
C ILE A 90 1.70 64.24 -19.18
N LEU A 91 1.19 65.02 -20.13
CA LEU A 91 0.43 64.51 -21.27
C LEU A 91 1.34 64.40 -22.47
N VAL A 92 1.32 63.25 -23.14
CA VAL A 92 2.15 62.98 -24.31
C VAL A 92 1.24 62.57 -25.46
N SER A 93 1.56 63.06 -26.65
CA SER A 93 0.80 62.77 -27.87
C SER A 93 1.76 62.25 -28.94
N HIS A 94 1.20 61.90 -30.09
CA HIS A 94 2.01 61.38 -31.18
C HIS A 94 2.63 62.54 -31.97
N PRO A 95 3.86 62.38 -32.44
CA PRO A 95 4.50 63.45 -33.21
C PRO A 95 4.15 63.35 -34.68
N PRO A 96 4.70 64.24 -35.52
CA PRO A 96 4.39 64.17 -36.96
C PRO A 96 5.06 63.01 -37.68
N THR A 97 5.92 62.25 -37.01
CA THR A 97 6.57 61.13 -37.65
C THR A 97 5.58 60.00 -37.90
N PRO A 98 5.84 59.14 -38.89
CA PRO A 98 4.89 58.04 -39.15
C PRO A 98 4.92 56.97 -38.08
N ASN A 99 6.07 56.72 -37.46
CA ASN A 99 6.14 55.71 -36.41
C ASN A 99 5.44 56.16 -35.15
N ASP A 100 5.83 57.33 -34.62
CA ASP A 100 5.22 57.92 -33.42
C ASP A 100 5.32 56.95 -32.23
N HIS A 101 6.46 56.29 -32.10
CA HIS A 101 6.70 55.33 -31.02
C HIS A 101 7.92 55.66 -30.18
N PHE A 102 8.93 56.30 -30.74
CA PHE A 102 10.14 56.61 -29.98
C PHE A 102 9.93 57.81 -29.05
N THR A 103 9.06 58.75 -29.44
CA THR A 103 8.81 59.94 -28.64
C THR A 103 8.09 59.56 -27.35
N PRO A 104 7.27 58.50 -27.36
CA PRO A 104 6.56 58.12 -26.12
C PRO A 104 7.45 57.43 -25.11
N THR A 105 8.50 56.72 -25.56
CA THR A 105 9.39 56.01 -24.65
C THR A 105 10.26 56.99 -23.87
N PRO A 106 10.69 58.09 -24.50
CA PRO A 106 11.55 59.05 -23.79
C PRO A 106 10.84 59.73 -22.63
N VAL A 107 9.62 60.23 -22.88
CA VAL A 107 8.86 60.89 -21.83
C VAL A 107 8.51 59.90 -20.72
N SER A 108 8.20 58.65 -21.10
CA SER A 108 7.88 57.64 -20.09
C SER A 108 9.09 57.33 -19.22
N TYR A 109 10.26 57.17 -19.84
CA TYR A 109 11.47 56.89 -19.07
C TYR A 109 11.86 58.09 -18.20
N THR A 110 11.58 59.31 -18.66
CA THR A 110 11.88 60.48 -17.85
C THR A 110 10.94 60.60 -16.67
N ALA A 111 9.66 60.26 -16.86
CA ALA A 111 8.69 60.35 -15.78
C ALA A 111 8.79 59.18 -14.80
N GLY A 112 9.34 58.04 -15.24
CA GLY A 112 9.48 56.90 -14.34
C GLY A 112 10.50 57.08 -13.26
N PHE A 113 11.39 58.07 -13.39
CA PHE A 113 12.41 58.29 -12.37
C PHE A 113 11.80 58.80 -11.07
N TYR A 114 10.83 59.70 -11.17
CA TYR A 114 10.15 60.25 -10.00
C TYR A 114 8.78 59.62 -9.76
N ARG A 115 8.47 58.53 -10.46
CA ARG A 115 7.18 57.84 -10.32
C ARG A 115 6.01 58.77 -10.61
N ILE A 116 6.19 59.66 -11.58
CA ILE A 116 5.15 60.61 -11.97
C ILE A 116 4.24 59.95 -13.01
N PRO A 117 2.93 60.05 -12.87
CA PRO A 117 2.03 59.45 -13.86
C PRO A 117 2.03 60.23 -15.16
N VAL A 118 1.90 59.49 -16.26
CA VAL A 118 1.88 60.06 -17.60
C VAL A 118 0.70 59.47 -18.36
N LEU A 119 -0.04 60.33 -19.06
CA LEU A 119 -1.21 59.93 -19.83
C LEU A 119 -0.94 60.14 -21.31
N GLY A 120 -1.23 59.12 -22.11
CA GLY A 120 -1.05 59.19 -23.55
C GLY A 120 -2.35 59.46 -24.27
N LEU A 121 -2.25 60.18 -25.39
CA LEU A 121 -3.42 60.56 -26.18
C LEU A 121 -3.55 59.74 -27.46
N THR A 122 -2.46 59.62 -28.23
CA THR A 122 -2.46 58.90 -29.49
C THR A 122 -1.45 57.76 -29.47
N THR A 123 -1.43 57.00 -28.38
CA THR A 123 -0.54 55.87 -28.22
C THR A 123 -1.30 54.59 -28.55
N ARG A 124 -0.85 53.89 -29.60
CA ARG A 124 -1.51 52.67 -30.04
C ARG A 124 -0.54 51.48 -30.17
N MET A 125 0.74 51.68 -29.90
CA MET A 125 1.71 50.59 -30.02
C MET A 125 1.47 49.56 -28.92
N SER A 126 1.44 48.29 -29.30
CA SER A 126 1.22 47.21 -28.33
C SER A 126 2.44 46.89 -27.49
N ILE A 127 3.60 47.47 -27.81
CA ILE A 127 4.80 47.22 -27.02
C ILE A 127 4.71 47.89 -25.66
N TYR A 128 4.00 49.03 -25.59
CA TYR A 128 3.84 49.76 -24.33
C TYR A 128 2.62 49.25 -23.56
N SER A 129 2.62 47.95 -23.30
CA SER A 129 1.54 47.29 -22.58
C SER A 129 1.99 46.68 -21.27
N ASP A 130 3.18 46.08 -21.23
CA ASP A 130 3.67 45.46 -20.01
C ASP A 130 4.00 46.51 -18.97
N LYS A 131 3.60 46.24 -17.72
CA LYS A 131 3.86 47.18 -16.63
C LYS A 131 5.33 47.22 -16.22
N SER A 132 6.13 46.24 -16.64
CA SER A 132 7.54 46.23 -16.27
C SER A 132 8.30 47.34 -16.99
N ILE A 133 8.07 47.49 -18.29
CA ILE A 133 8.76 48.53 -19.05
C ILE A 133 8.21 49.91 -18.68
N HIS A 134 6.90 50.06 -18.68
CA HIS A 134 6.23 51.31 -18.34
C HIS A 134 5.52 51.13 -17.00
N LEU A 135 6.08 51.74 -15.96
CA LEU A 135 5.48 51.62 -14.63
C LEU A 135 4.17 52.40 -14.54
N SER A 136 4.22 53.70 -14.81
CA SER A 136 3.04 54.56 -14.77
C SER A 136 2.81 55.12 -16.17
N PHE A 137 1.78 54.61 -16.84
CA PHE A 137 1.44 55.07 -18.18
C PHE A 137 -0.05 54.83 -18.42
N LEU A 138 -0.73 55.85 -18.93
CA LEU A 138 -2.15 55.79 -19.22
C LEU A 138 -2.39 56.06 -20.70
N ARG A 139 -3.37 55.36 -21.26
CA ARG A 139 -3.73 55.50 -22.67
C ARG A 139 -5.16 56.03 -22.80
N THR A 140 -5.44 56.59 -23.97
CA THR A 140 -6.77 57.15 -24.24
C THR A 140 -7.37 56.58 -25.53
N VAL A 141 -6.78 55.53 -26.09
CA VAL A 141 -7.31 54.92 -27.31
C VAL A 141 -7.26 53.41 -27.16
N PRO A 142 -7.80 52.64 -28.12
CA PRO A 142 -7.79 51.19 -28.00
C PRO A 142 -6.51 50.61 -28.57
N PRO A 143 -5.79 49.78 -27.80
CA PRO A 143 -4.56 49.17 -28.31
C PRO A 143 -4.85 48.10 -29.36
N TYR A 144 -3.80 47.51 -29.92
CA TYR A 144 -3.96 46.45 -30.91
C TYR A 144 -4.43 45.13 -30.31
N SER A 145 -4.46 45.03 -28.98
CA SER A 145 -4.92 43.80 -28.34
C SER A 145 -6.42 43.58 -28.55
N HIS A 146 -7.19 44.66 -28.67
CA HIS A 146 -8.62 44.53 -28.89
C HIS A 146 -8.96 44.05 -30.29
N GLN A 147 -8.00 44.10 -31.22
CA GLN A 147 -8.25 43.62 -32.57
C GLN A 147 -8.52 42.12 -32.59
N SER A 148 -7.81 41.35 -31.75
CA SER A 148 -8.07 39.92 -31.67
C SER A 148 -9.47 39.63 -31.16
N SER A 149 -9.92 40.36 -30.13
CA SER A 149 -11.27 40.17 -29.62
C SER A 149 -12.30 40.58 -30.66
N VAL A 150 -12.03 41.65 -31.41
CA VAL A 150 -12.97 42.07 -32.45
C VAL A 150 -13.07 41.01 -33.54
N TRP A 151 -11.94 40.44 -33.94
CA TRP A 151 -11.95 39.39 -34.95
C TRP A 151 -12.67 38.14 -34.44
N PHE A 152 -12.47 37.80 -33.16
CA PHE A 152 -13.18 36.65 -32.59
C PHE A 152 -14.68 36.88 -32.57
N GLU A 153 -15.10 38.09 -32.18
CA GLU A 153 -16.53 38.41 -32.18
C GLU A 153 -17.11 38.37 -33.58
N MET A 154 -16.37 38.88 -34.57
CA MET A 154 -16.85 38.85 -35.94
C MET A 154 -16.98 37.41 -36.45
N MET A 155 -16.00 36.56 -36.12
CA MET A 155 -16.06 35.16 -36.53
C MET A 155 -17.21 34.43 -35.84
N ARG A 156 -17.48 34.77 -34.57
CA ARG A 156 -18.59 34.15 -33.87
C ARG A 156 -19.93 34.60 -34.44
N VAL A 157 -20.02 35.87 -34.85
CA VAL A 157 -21.25 36.36 -35.46
C VAL A 157 -21.43 35.78 -36.85
N TYR A 158 -20.35 35.47 -37.54
CA TYR A 158 -20.39 34.87 -38.87
C TYR A 158 -20.51 33.35 -38.84
N ASN A 159 -20.59 32.75 -37.65
CA ASN A 159 -20.72 31.30 -37.49
C ASN A 159 -19.56 30.56 -38.15
N TRP A 160 -18.35 30.84 -37.65
CA TRP A 160 -17.14 30.23 -38.14
C TRP A 160 -16.44 29.48 -37.01
N ASN A 161 -15.75 28.40 -37.37
CA ASN A 161 -15.05 27.59 -36.38
C ASN A 161 -13.65 27.17 -36.82
N HIS A 162 -13.21 27.55 -38.02
CA HIS A 162 -11.88 27.18 -38.52
C HIS A 162 -11.25 28.42 -39.13
N ILE A 163 -10.21 28.94 -38.49
CA ILE A 163 -9.50 30.12 -38.95
C ILE A 163 -8.00 29.86 -38.90
N ILE A 164 -7.26 30.62 -39.71
CA ILE A 164 -5.81 30.52 -39.78
C ILE A 164 -5.23 31.87 -39.36
N LEU A 165 -4.38 31.86 -38.35
CA LEU A 165 -3.76 33.06 -37.81
C LEU A 165 -2.36 33.21 -38.40
N LEU A 166 -2.15 34.26 -39.20
CA LEU A 166 -0.86 34.54 -39.82
C LEU A 166 -0.38 35.88 -39.30
N VAL A 167 0.62 35.86 -38.42
CA VAL A 167 1.19 37.07 -37.83
C VAL A 167 2.70 37.03 -37.97
N SER A 168 3.30 38.21 -38.12
CA SER A 168 4.74 38.32 -38.25
C SER A 168 5.41 38.32 -36.89
N ASP A 169 6.71 38.04 -36.88
CA ASP A 169 7.49 38.00 -35.66
C ASP A 169 7.71 39.42 -35.16
N ASP A 170 6.93 39.82 -34.15
CA ASP A 170 7.03 41.15 -33.56
C ASP A 170 6.33 41.12 -32.21
N HIS A 171 6.53 42.20 -31.44
CA HIS A 171 5.90 42.29 -30.13
C HIS A 171 4.39 42.41 -30.26
N GLU A 172 3.92 43.30 -31.13
CA GLU A 172 2.48 43.45 -31.34
C GLU A 172 1.89 42.18 -31.94
N GLY A 173 2.59 41.56 -32.89
CA GLY A 173 2.11 40.31 -33.46
C GLY A 173 2.03 39.19 -32.44
N ARG A 174 3.05 39.10 -31.57
CA ARG A 174 3.03 38.09 -30.53
C ARG A 174 1.90 38.33 -29.53
N ALA A 175 1.66 39.60 -29.18
CA ALA A 175 0.57 39.92 -28.28
C ALA A 175 -0.79 39.57 -28.89
N ALA A 176 -0.96 39.90 -30.18
CA ALA A 176 -2.21 39.55 -30.85
C ALA A 176 -2.40 38.04 -30.96
N GLN A 177 -1.32 37.30 -31.23
CA GLN A 177 -1.43 35.85 -31.29
C GLN A 177 -1.77 35.26 -29.93
N LYS A 178 -1.18 35.79 -28.86
CA LYS A 178 -1.50 35.32 -27.53
C LYS A 178 -2.95 35.63 -27.16
N ARG A 179 -3.43 36.82 -27.53
CA ARG A 179 -4.82 37.16 -27.26
C ARG A 179 -5.78 36.26 -28.03
N LEU A 180 -5.45 35.97 -29.30
CA LEU A 180 -6.29 35.07 -30.09
C LEU A 180 -6.29 33.67 -29.52
N GLU A 181 -5.12 33.18 -29.07
CA GLU A 181 -5.06 31.86 -28.47
C GLU A 181 -5.85 31.79 -27.18
N THR A 182 -5.80 32.86 -26.37
CA THR A 182 -6.58 32.90 -25.14
C THR A 182 -8.07 32.91 -25.43
N LEU A 183 -8.49 33.71 -26.42
CA LEU A 183 -9.91 33.75 -26.79
C LEU A 183 -10.38 32.42 -27.35
N LEU A 184 -9.50 31.70 -28.07
CA LEU A 184 -9.88 30.39 -28.59
C LEU A 184 -9.97 29.35 -27.48
N GLU A 185 -9.01 29.36 -26.55
CA GLU A 185 -9.03 28.41 -25.44
C GLU A 185 -10.16 28.70 -24.46
N GLU A 186 -10.65 29.93 -24.41
CA GLU A 186 -11.79 30.23 -23.54
C GLU A 186 -13.03 29.47 -23.98
N ARG A 187 -13.20 29.31 -25.29
CA ARG A 187 -14.33 28.55 -25.83
C ARG A 187 -14.00 27.08 -26.07
N GLU A 188 -12.83 26.63 -25.62
CA GLU A 188 -12.39 25.24 -25.78
C GLU A 188 -12.36 24.84 -27.26
N SER A 189 -11.63 25.62 -28.06
CA SER A 189 -11.50 25.36 -29.49
C SER A 189 -10.07 25.65 -29.90
N LYS A 190 -9.37 24.61 -30.38
CA LYS A 190 -7.99 24.77 -30.80
C LYS A 190 -7.90 25.40 -32.18
N ALA A 191 -6.75 26.01 -32.45
CA ALA A 191 -6.52 26.67 -33.73
C ALA A 191 -6.23 25.64 -34.82
N GLU A 192 -6.58 25.99 -36.06
CA GLU A 192 -6.36 25.09 -37.17
C GLU A 192 -4.88 25.01 -37.54
N LYS A 193 -4.28 26.14 -37.86
CA LYS A 193 -2.87 26.18 -38.22
C LYS A 193 -2.35 27.60 -38.02
N VAL A 194 -1.18 27.72 -37.39
CA VAL A 194 -0.55 29.00 -37.12
C VAL A 194 0.78 29.05 -37.85
N LEU A 195 1.01 30.14 -38.58
CA LEU A 195 2.24 30.34 -39.34
C LEU A 195 2.86 31.67 -38.96
N GLN A 196 4.15 31.65 -38.64
CA GLN A 196 4.89 32.85 -38.27
C GLN A 196 5.96 33.14 -39.30
N PHE A 197 6.12 34.42 -39.64
CA PHE A 197 7.11 34.86 -40.61
C PHE A 197 8.04 35.89 -39.99
N ASP A 198 9.19 36.07 -40.62
CA ASP A 198 10.17 37.02 -40.11
C ASP A 198 9.88 38.42 -40.65
N PRO A 199 10.11 39.46 -39.83
CA PRO A 199 9.85 40.82 -40.28
C PRO A 199 10.87 41.26 -41.32
N GLY A 200 10.39 41.60 -42.51
CA GLY A 200 11.25 42.02 -43.59
C GLY A 200 11.68 40.93 -44.54
N THR A 201 11.01 39.78 -44.51
CA THR A 201 11.37 38.68 -45.40
C THR A 201 10.98 39.01 -46.83
N LYS A 202 11.93 38.90 -47.75
CA LYS A 202 11.65 39.19 -49.16
C LYS A 202 10.89 38.04 -49.82
N ASN A 203 11.21 36.80 -49.45
CA ASN A 203 10.57 35.62 -50.01
C ASN A 203 9.65 35.01 -48.97
N VAL A 204 8.36 34.99 -49.27
CA VAL A 204 7.34 34.44 -48.37
C VAL A 204 6.47 33.41 -49.07
N THR A 205 6.92 32.87 -50.20
CA THR A 205 6.12 31.88 -50.92
C THR A 205 6.05 30.56 -50.16
N ALA A 206 7.05 30.26 -49.34
CA ALA A 206 7.05 29.01 -48.59
C ALA A 206 5.91 28.97 -47.58
N LEU A 207 5.69 30.08 -46.86
CA LEU A 207 4.60 30.12 -45.90
C LEU A 207 3.25 30.00 -46.59
N LEU A 208 3.09 30.64 -47.75
CA LEU A 208 1.84 30.52 -48.49
C LEU A 208 1.61 29.09 -48.98
N MET A 209 2.67 28.45 -49.48
CA MET A 209 2.54 27.07 -49.94
C MET A 209 2.22 26.13 -48.77
N GLU A 210 2.77 26.41 -47.60
CA GLU A 210 2.48 25.58 -46.43
C GLU A 210 1.05 25.79 -45.94
N ALA A 211 0.56 27.04 -46.01
CA ALA A 211 -0.80 27.32 -45.56
C ALA A 211 -1.85 26.84 -46.56
N ARG A 212 -1.49 26.74 -47.84
CA ARG A 212 -2.42 26.29 -48.85
C ARG A 212 -2.67 24.78 -48.81
N GLU A 213 -2.00 24.05 -47.93
CA GLU A 213 -2.18 22.61 -47.80
C GLU A 213 -3.06 22.24 -46.61
N LEU A 214 -4.00 23.10 -46.26
CA LEU A 214 -4.92 22.88 -45.15
C LEU A 214 -6.35 22.81 -45.68
N GLU A 215 -7.29 22.69 -44.75
CA GLU A 215 -8.71 22.62 -45.08
C GLU A 215 -9.50 23.85 -44.69
N ALA A 216 -8.88 24.80 -44.00
CA ALA A 216 -9.56 26.03 -43.59
C ALA A 216 -9.47 27.09 -44.68
N ARG A 217 -10.42 28.01 -44.65
CA ARG A 217 -10.48 29.10 -45.62
C ARG A 217 -10.45 30.48 -45.00
N VAL A 218 -10.57 30.60 -43.68
CA VAL A 218 -10.53 31.89 -43.01
C VAL A 218 -9.07 32.20 -42.70
N ILE A 219 -8.48 33.12 -43.46
CA ILE A 219 -7.09 33.50 -43.31
C ILE A 219 -7.04 34.88 -42.65
N ILE A 220 -6.46 34.96 -41.46
CA ILE A 220 -6.32 36.21 -40.72
C ILE A 220 -4.88 36.68 -40.87
N LEU A 221 -4.70 37.95 -41.25
CA LEU A 221 -3.39 38.53 -41.45
C LEU A 221 -3.22 39.72 -40.53
N SER A 222 -2.07 39.78 -39.85
CA SER A 222 -1.75 40.88 -38.93
C SER A 222 -0.26 41.14 -39.01
N ALA A 223 0.12 42.16 -39.77
CA ALA A 223 1.52 42.52 -39.96
C ALA A 223 1.60 44.00 -40.31
N SER A 224 2.77 44.45 -40.75
CA SER A 224 2.98 45.83 -41.12
C SER A 224 2.47 46.10 -42.53
N GLU A 225 2.40 47.38 -42.88
CA GLU A 225 1.92 47.77 -44.20
C GLU A 225 2.92 47.41 -45.30
N ASP A 226 4.21 47.29 -44.95
CA ASP A 226 5.22 46.95 -45.95
C ASP A 226 5.08 45.51 -46.39
N ASP A 227 4.99 44.58 -45.44
CA ASP A 227 4.86 43.17 -45.77
C ASP A 227 3.46 42.80 -46.25
N ALA A 228 2.46 43.65 -45.99
CA ALA A 228 1.11 43.34 -46.41
C ALA A 228 1.00 43.32 -47.93
N ALA A 229 1.69 44.23 -48.62
CA ALA A 229 1.66 44.23 -50.08
C ALA A 229 2.28 42.96 -50.64
N THR A 230 3.41 42.53 -50.07
CA THR A 230 4.05 41.30 -50.54
C THR A 230 3.16 40.09 -50.24
N VAL A 231 2.48 40.08 -49.10
CA VAL A 231 1.60 38.97 -48.77
C VAL A 231 0.42 38.90 -49.75
N TYR A 232 -0.17 40.06 -50.06
CA TYR A 232 -1.27 40.08 -51.02
C TYR A 232 -0.79 39.67 -52.42
N ARG A 233 0.42 40.07 -52.80
CA ARG A 233 0.96 39.68 -54.09
C ARG A 233 1.17 38.17 -54.16
N ALA A 234 1.76 37.59 -53.10
CA ALA A 234 1.96 36.15 -53.06
C ALA A 234 0.64 35.39 -53.04
N ALA A 235 -0.39 35.96 -52.40
CA ALA A 235 -1.69 35.30 -52.39
C ALA A 235 -2.36 35.35 -53.75
N ALA A 236 -2.26 36.50 -54.44
CA ALA A 236 -2.85 36.62 -55.77
C ALA A 236 -2.09 35.80 -56.80
N MET A 237 -0.79 35.60 -56.61
CA MET A 237 -0.02 34.81 -57.55
C MET A 237 -0.35 33.32 -57.45
N LEU A 238 -0.67 32.85 -56.26
CA LEU A 238 -1.01 31.44 -56.04
C LEU A 238 -2.50 31.16 -56.22
N ASP A 239 -3.26 32.14 -56.71
CA ASP A 239 -4.71 31.99 -56.94
C ASP A 239 -5.43 31.59 -55.66
N MET A 240 -5.07 32.23 -54.55
CA MET A 240 -5.68 31.97 -53.25
C MET A 240 -6.63 33.06 -52.82
N THR A 241 -7.04 33.95 -53.73
CA THR A 241 -7.97 35.03 -53.42
C THR A 241 -9.23 34.97 -54.27
N GLY A 242 -9.57 33.79 -54.81
CA GLY A 242 -10.75 33.65 -55.62
C GLY A 242 -12.01 33.46 -54.81
N SER A 243 -12.87 32.53 -55.25
CA SER A 243 -14.13 32.25 -54.57
C SER A 243 -13.90 31.26 -53.45
N GLY A 244 -14.63 31.46 -52.34
CA GLY A 244 -14.53 30.58 -51.20
C GLY A 244 -13.50 30.97 -50.16
N TYR A 245 -12.77 32.07 -50.37
CA TYR A 245 -11.76 32.53 -49.43
C TYR A 245 -12.21 33.83 -48.78
N VAL A 246 -11.90 33.97 -47.50
CA VAL A 246 -12.25 35.16 -46.71
C VAL A 246 -10.98 35.73 -46.11
N TRP A 247 -10.77 37.02 -46.26
CA TRP A 247 -9.60 37.71 -45.74
C TRP A 247 -10.03 38.67 -44.64
N LEU A 248 -9.46 38.50 -43.45
CA LEU A 248 -9.74 39.36 -42.30
C LEU A 248 -8.46 40.07 -41.91
N VAL A 249 -8.45 41.40 -42.08
CA VAL A 249 -7.26 42.19 -41.79
C VAL A 249 -7.62 43.26 -40.76
N GLY A 250 -6.63 44.08 -40.38
CA GLY A 250 -6.82 45.13 -39.41
C GLY A 250 -6.64 46.51 -40.00
N GLU A 251 -6.44 47.48 -39.12
CA GLU A 251 -6.27 48.87 -39.57
C GLU A 251 -4.92 49.07 -40.21
N ARG A 252 -3.88 48.40 -39.72
CA ARG A 252 -2.54 48.56 -40.27
C ARG A 252 -2.44 47.97 -41.67
N GLU A 253 -3.15 46.87 -41.94
CA GLU A 253 -3.11 46.23 -43.24
C GLU A 253 -3.99 46.93 -44.27
N ILE A 254 -4.87 47.84 -43.85
CA ILE A 254 -5.74 48.53 -44.77
C ILE A 254 -5.15 49.87 -45.21
N SER A 255 -4.47 50.56 -44.30
CA SER A 255 -3.86 51.85 -44.60
C SER A 255 -2.51 51.64 -45.27
N GLY A 256 -1.80 52.74 -45.52
CA GLY A 256 -0.50 52.63 -46.17
C GLY A 256 -0.63 52.32 -47.65
N ASN A 257 0.47 51.80 -48.20
CA ASN A 257 0.54 51.43 -49.61
C ASN A 257 -0.04 50.05 -49.90
N ALA A 258 -0.67 49.41 -48.91
CA ALA A 258 -1.25 48.09 -49.12
C ALA A 258 -2.55 48.14 -49.91
N LEU A 259 -3.21 49.28 -49.97
CA LEU A 259 -4.47 49.40 -50.71
C LEU A 259 -4.26 49.30 -52.21
N ARG A 260 -3.05 49.55 -52.71
CA ARG A 260 -2.80 49.47 -54.15
C ARG A 260 -2.91 48.04 -54.65
N TYR A 261 -2.39 47.07 -53.88
CA TYR A 261 -2.44 45.67 -54.25
C TYR A 261 -3.41 44.87 -53.38
N ALA A 262 -4.35 45.55 -52.72
CA ALA A 262 -5.30 44.86 -51.86
C ALA A 262 -6.36 44.17 -52.71
N PRO A 263 -6.85 43.01 -52.27
CA PRO A 263 -7.88 42.30 -53.03
C PRO A 263 -9.29 42.70 -52.60
N ASP A 264 -10.22 42.54 -53.53
CA ASP A 264 -11.60 42.89 -53.27
C ASP A 264 -12.23 41.91 -52.29
N GLY A 265 -13.21 42.38 -51.54
CA GLY A 265 -13.90 41.57 -50.56
C GLY A 265 -13.22 41.48 -49.21
N ILE A 266 -12.06 42.11 -49.04
CA ILE A 266 -11.36 42.05 -47.76
C ILE A 266 -12.08 42.94 -46.75
N ILE A 267 -12.31 42.40 -45.55
CA ILE A 267 -12.99 43.11 -44.48
C ILE A 267 -11.94 43.57 -43.47
N GLY A 268 -11.85 44.88 -43.26
CA GLY A 268 -10.88 45.44 -42.33
C GLY A 268 -11.53 46.20 -41.19
N LEU A 269 -10.71 46.89 -40.40
CA LEU A 269 -11.20 47.66 -39.26
C LEU A 269 -10.62 49.08 -39.35
N GLN A 270 -11.32 50.00 -38.70
CA GLN A 270 -10.90 51.40 -38.68
C GLN A 270 -11.45 52.07 -37.43
N LEU A 271 -10.60 52.83 -36.75
CA LEU A 271 -11.02 53.53 -35.54
C LEU A 271 -11.96 54.68 -35.88
N ILE A 272 -12.96 54.89 -35.01
CA ILE A 272 -13.92 55.96 -35.24
C ILE A 272 -13.27 57.32 -34.99
N ASN A 273 -12.69 57.50 -33.82
CA ASN A 273 -12.03 58.75 -33.44
C ASN A 273 -10.53 58.59 -33.29
N GLY A 274 -9.93 57.66 -34.05
CA GLY A 274 -8.50 57.46 -33.98
C GLY A 274 -7.71 58.58 -34.63
N LYS A 275 -8.21 59.09 -35.76
CA LYS A 275 -7.51 60.18 -36.45
C LYS A 275 -7.64 61.48 -35.67
N ASN A 276 -8.83 61.76 -35.14
CA ASN A 276 -9.04 62.98 -34.38
C ASN A 276 -8.32 62.92 -33.04
N GLU A 277 -7.70 64.03 -32.64
CA GLU A 277 -6.98 64.11 -31.39
C GLU A 277 -7.52 65.18 -30.44
N SER A 278 -8.38 66.09 -30.91
CA SER A 278 -8.92 67.13 -30.03
C SER A 278 -10.12 66.63 -29.25
N ALA A 279 -10.81 65.59 -29.74
CA ALA A 279 -11.97 65.07 -29.02
C ALA A 279 -11.57 64.38 -27.73
N HIS A 280 -10.48 63.59 -27.77
CA HIS A 280 -10.02 62.89 -26.58
C HIS A 280 -9.27 63.80 -25.62
N ILE A 281 -8.79 64.96 -26.08
CA ILE A 281 -8.06 65.87 -25.21
C ILE A 281 -8.99 66.42 -24.12
N SER A 282 -10.23 66.72 -24.48
CA SER A 282 -11.18 67.22 -23.49
C SER A 282 -11.49 66.16 -22.43
N ASP A 283 -11.67 64.90 -22.86
CA ASP A 283 -11.92 63.83 -21.91
C ASP A 283 -10.71 63.60 -21.01
N ALA A 284 -9.50 63.69 -21.56
CA ALA A 284 -8.30 63.53 -20.75
C ALA A 284 -8.18 64.66 -19.73
N VAL A 285 -8.48 65.89 -20.14
CA VAL A 285 -8.41 67.02 -19.22
C VAL A 285 -9.46 66.86 -18.12
N GLY A 286 -10.65 66.40 -18.48
CA GLY A 286 -11.68 66.18 -17.46
C GLY A 286 -11.30 65.09 -16.49
N VAL A 287 -10.71 64.00 -16.98
CA VAL A 287 -10.27 62.92 -16.10
C VAL A 287 -9.15 63.42 -15.17
N VAL A 288 -8.23 64.22 -15.70
CA VAL A 288 -7.16 64.75 -14.87
C VAL A 288 -7.71 65.68 -13.80
N ALA A 289 -8.69 66.51 -14.16
CA ALA A 289 -9.30 67.40 -13.18
C ALA A 289 -10.04 66.62 -12.11
N GLN A 290 -10.76 65.57 -12.50
CA GLN A 290 -11.45 64.74 -11.53
C GLN A 290 -10.47 64.05 -10.59
N ALA A 291 -9.35 63.56 -11.13
CA ALA A 291 -8.35 62.91 -10.29
C ALA A 291 -7.70 63.90 -9.34
N VAL A 292 -7.43 65.12 -9.80
CA VAL A 292 -6.84 66.13 -8.93
C VAL A 292 -7.83 66.56 -7.85
N HIS A 293 -9.12 66.57 -8.16
CA HIS A 293 -10.12 66.94 -7.16
C HIS A 293 -10.31 65.81 -6.14
N GLU A 294 -10.24 64.56 -6.58
CA GLU A 294 -10.41 63.43 -5.68
C GLU A 294 -9.15 63.10 -4.88
N LEU A 295 -7.98 63.57 -5.32
CA LEU A 295 -6.74 63.30 -4.61
C LEU A 295 -6.35 64.40 -3.64
N LEU A 296 -6.84 65.63 -3.84
CA LEU A 296 -6.52 66.73 -2.94
C LEU A 296 -7.24 66.63 -1.60
N GLU A 297 -8.20 65.71 -1.45
CA GLU A 297 -8.93 65.52 -0.21
C GLU A 297 -8.43 64.32 0.59
N LYS A 298 -7.13 64.04 0.53
CA LYS A 298 -6.54 62.92 1.24
C LYS A 298 -5.44 63.42 2.16
N GLU A 299 -5.14 62.63 3.18
CA GLU A 299 -4.11 62.96 4.15
C GLU A 299 -2.75 62.43 3.69
N ASN A 300 -1.69 63.01 4.27
CA ASN A 300 -0.31 62.63 3.95
C ASN A 300 -0.02 62.79 2.46
N ILE A 301 -0.61 63.81 1.85
CA ILE A 301 -0.43 64.08 0.43
C ILE A 301 0.77 65.01 0.25
N THR A 302 1.65 64.66 -0.68
CA THR A 302 2.84 65.44 -0.97
C THR A 302 2.86 65.79 -2.45
N ASP A 303 3.04 67.08 -2.75
CA ASP A 303 3.08 67.53 -4.13
C ASP A 303 4.40 67.12 -4.78
N PRO A 304 4.49 67.24 -6.10
CA PRO A 304 5.73 66.88 -6.80
C PRO A 304 6.83 67.87 -6.49
N PRO A 305 8.03 67.39 -6.15
CA PRO A 305 9.13 68.31 -5.84
C PRO A 305 9.65 68.99 -7.10
N ARG A 306 9.87 70.30 -7.01
CA ARG A 306 10.37 71.08 -8.13
C ARG A 306 11.87 70.91 -8.35
N GLY A 307 12.58 70.28 -7.41
CA GLY A 307 14.00 70.07 -7.55
C GLY A 307 14.34 68.78 -8.29
N CYS A 308 14.08 68.77 -9.60
CA CYS A 308 14.38 67.59 -10.41
C CYS A 308 15.88 67.34 -10.47
N VAL A 309 16.66 68.38 -10.74
CA VAL A 309 18.10 68.24 -10.78
C VAL A 309 18.69 68.09 -9.38
N GLY A 310 17.99 68.56 -8.36
CA GLY A 310 18.48 68.46 -7.00
C GLY A 310 18.20 67.11 -6.35
N ASN A 311 16.93 66.73 -6.30
CA ASN A 311 16.51 65.49 -5.67
C ASN A 311 16.37 64.38 -6.72
N THR A 312 16.73 63.16 -6.33
CA THR A 312 16.66 62.01 -7.22
C THR A 312 15.83 60.89 -6.60
N ASN A 313 14.89 61.24 -5.74
CA ASN A 313 14.05 60.27 -5.06
C ASN A 313 12.75 60.07 -5.84
N ILE A 314 11.90 59.19 -5.33
CA ILE A 314 10.62 58.85 -5.95
C ILE A 314 9.51 59.42 -5.07
N TRP A 315 8.55 60.08 -5.70
CA TRP A 315 7.43 60.65 -4.96
C TRP A 315 6.49 59.55 -4.50
N LYS A 316 6.14 59.58 -3.21
CA LYS A 316 5.25 58.57 -2.65
C LYS A 316 3.81 58.77 -3.09
N THR A 317 3.46 59.93 -3.62
CA THR A 317 2.11 60.23 -4.08
C THR A 317 1.87 59.80 -5.52
N GLY A 318 2.77 59.00 -6.10
CA GLY A 318 2.62 58.54 -7.46
C GLY A 318 1.74 57.32 -7.57
N PRO A 319 1.94 56.35 -6.68
CA PRO A 319 1.11 55.14 -6.74
C PRO A 319 -0.33 55.38 -6.35
N LEU A 320 -0.58 56.17 -5.29
CA LEU A 320 -1.94 56.44 -4.87
C LEU A 320 -2.71 57.23 -5.92
N PHE A 321 -2.07 58.23 -6.52
CA PHE A 321 -2.73 59.01 -7.56
C PHE A 321 -3.04 58.16 -8.78
N LYS A 322 -2.12 57.28 -9.16
CA LYS A 322 -2.37 56.40 -10.30
C LYS A 322 -3.49 55.41 -10.00
N ARG A 323 -3.54 54.90 -8.77
CA ARG A 323 -4.61 53.98 -8.40
C ARG A 323 -5.96 54.69 -8.36
N VAL A 324 -5.98 55.95 -7.93
CA VAL A 324 -7.24 56.70 -7.90
C VAL A 324 -7.68 57.05 -9.31
N LEU A 325 -6.73 57.33 -10.21
CA LEU A 325 -7.09 57.66 -11.59
C LEU A 325 -7.51 56.43 -12.38
N MET A 326 -6.99 55.25 -12.03
CA MET A 326 -7.36 54.04 -12.75
C MET A 326 -8.81 53.67 -12.48
N SER A 327 -9.26 53.82 -11.23
CA SER A 327 -10.65 53.51 -10.87
C SER A 327 -11.58 54.69 -11.06
N SER A 328 -11.09 55.82 -11.57
CA SER A 328 -11.90 57.00 -11.79
C SER A 328 -12.74 56.79 -13.05
N LYS A 329 -13.90 56.15 -12.88
CA LYS A 329 -14.78 55.90 -14.00
C LYS A 329 -15.48 57.18 -14.43
N TYR A 330 -15.41 57.48 -15.72
CA TYR A 330 -16.05 58.68 -16.26
C TYR A 330 -17.53 58.43 -16.51
N ALA A 331 -18.37 59.37 -16.06
CA ALA A 331 -19.81 59.23 -16.24
C ALA A 331 -20.19 59.42 -17.71
N ASP A 332 -19.75 60.52 -18.31
CA ASP A 332 -20.08 60.81 -19.70
C ASP A 332 -19.05 61.77 -20.26
N GLY A 333 -18.79 61.65 -21.55
CA GLY A 333 -17.83 62.52 -22.22
C GLY A 333 -18.22 62.83 -23.65
N VAL A 334 -17.27 63.39 -24.42
CA VAL A 334 -17.53 63.74 -25.81
C VAL A 334 -17.19 62.61 -26.78
N THR A 335 -16.53 61.55 -26.30
CA THR A 335 -16.16 60.43 -27.15
C THR A 335 -16.68 59.12 -26.56
N GLY A 336 -17.82 59.16 -25.88
CA GLY A 336 -18.38 57.98 -25.27
C GLY A 336 -17.89 57.75 -23.86
N ARG A 337 -18.24 56.59 -23.32
CA ARG A 337 -17.84 56.23 -21.97
C ARG A 337 -16.34 55.97 -21.91
N VAL A 338 -15.68 56.56 -20.93
CA VAL A 338 -14.23 56.42 -20.74
C VAL A 338 -14.00 55.56 -19.51
N GLU A 339 -13.23 54.49 -19.67
CA GLU A 339 -12.91 53.58 -18.59
C GLU A 339 -11.44 53.18 -18.70
N PHE A 340 -10.98 52.40 -17.72
CA PHE A 340 -9.59 51.95 -17.67
C PHE A 340 -9.57 50.45 -17.37
N ASN A 341 -8.83 49.71 -18.18
CA ASN A 341 -8.71 48.27 -18.00
C ASN A 341 -7.67 47.97 -16.91
N GLU A 342 -7.26 46.70 -16.81
CA GLU A 342 -6.31 46.31 -15.78
C GLU A 342 -4.92 46.89 -16.07
N ASP A 343 -4.35 46.54 -17.22
CA ASP A 343 -3.00 47.00 -17.58
C ASP A 343 -3.03 48.29 -18.38
N GLY A 344 -3.73 49.29 -17.86
CA GLY A 344 -3.79 50.61 -18.48
C GLY A 344 -4.27 50.62 -19.91
N ASP A 345 -5.52 50.24 -20.13
CA ASP A 345 -6.10 50.21 -21.47
C ASP A 345 -7.48 50.85 -21.44
N ARG A 346 -7.78 51.64 -22.48
CA ARG A 346 -9.06 52.32 -22.61
C ARG A 346 -10.02 51.43 -23.39
N LYS A 347 -10.96 50.82 -22.68
CA LYS A 347 -11.93 49.93 -23.31
C LYS A 347 -13.13 50.74 -23.81
N PHE A 348 -14.17 50.05 -24.27
CA PHE A 348 -15.39 50.66 -24.79
C PHE A 348 -15.07 51.60 -25.96
N ALA A 349 -14.50 51.03 -27.01
CA ALA A 349 -14.13 51.76 -28.21
C ALA A 349 -15.10 51.45 -29.35
N GLN A 350 -15.07 52.31 -30.36
CA GLN A 350 -15.92 52.17 -31.53
C GLN A 350 -15.06 51.86 -32.76
N TYR A 351 -15.54 50.91 -33.56
CA TYR A 351 -14.84 50.48 -34.76
C TYR A 351 -15.77 50.57 -35.96
N SER A 352 -15.19 50.88 -37.11
CA SER A 352 -15.92 50.99 -38.38
C SER A 352 -15.53 49.82 -39.27
N ILE A 353 -16.51 48.99 -39.62
CA ILE A 353 -16.27 47.82 -40.47
C ILE A 353 -16.34 48.30 -41.91
N MET A 354 -15.18 48.56 -42.51
CA MET A 354 -15.11 49.02 -43.88
C MET A 354 -15.12 47.84 -44.85
N ASN A 355 -15.28 48.14 -46.13
CA ASN A 355 -15.31 47.13 -47.17
C ASN A 355 -14.75 47.71 -48.45
N LEU A 356 -13.85 46.99 -49.10
CA LEU A 356 -13.22 47.43 -50.34
C LEU A 356 -14.05 46.91 -51.51
N GLN A 357 -14.88 47.79 -52.07
CA GLN A 357 -15.73 47.44 -53.21
C GLN A 357 -15.45 48.42 -54.34
N ASN A 358 -14.98 47.91 -55.47
CA ASN A 358 -14.66 48.72 -56.65
C ASN A 358 -13.65 49.81 -56.31
N ARG A 359 -12.60 49.42 -55.58
CA ARG A 359 -11.52 50.32 -55.16
C ARG A 359 -12.04 51.50 -54.34
N LYS A 360 -13.12 51.27 -53.59
CA LYS A 360 -13.72 52.32 -52.76
C LYS A 360 -14.04 51.74 -51.39
N LEU A 361 -13.56 52.39 -50.34
CA LEU A 361 -13.81 51.96 -48.98
C LEU A 361 -15.08 52.59 -48.45
N VAL A 362 -15.97 51.77 -47.88
CA VAL A 362 -17.23 52.22 -47.34
C VAL A 362 -17.58 51.36 -46.13
N GLN A 363 -18.11 51.99 -45.09
CA GLN A 363 -18.49 51.26 -43.88
C GLN A 363 -19.76 50.45 -44.13
N VAL A 364 -19.90 49.36 -43.38
CA VAL A 364 -21.05 48.48 -43.52
C VAL A 364 -21.66 48.22 -42.14
N GLY A 365 -20.94 48.57 -41.10
CA GLY A 365 -21.43 48.35 -39.76
C GLY A 365 -20.52 49.02 -38.74
N ILE A 366 -20.93 48.93 -37.48
CA ILE A 366 -20.19 49.51 -36.37
C ILE A 366 -20.35 48.61 -35.16
N TYR A 367 -19.23 48.25 -34.52
CA TYR A 367 -19.23 47.39 -33.35
C TYR A 367 -19.13 48.27 -32.11
N ASN A 368 -20.25 48.41 -31.40
CA ASN A 368 -20.30 49.24 -30.19
C ASN A 368 -20.00 48.42 -28.94
N GLY A 369 -18.88 47.71 -28.94
CA GLY A 369 -18.47 46.93 -27.79
C GLY A 369 -19.23 45.64 -27.61
N THR A 370 -20.54 45.74 -27.36
CA THR A 370 -21.34 44.55 -27.11
C THR A 370 -21.51 43.72 -28.38
N HIS A 371 -21.94 44.36 -29.46
CA HIS A 371 -22.16 43.67 -30.73
C HIS A 371 -22.02 44.66 -31.87
N VAL A 372 -22.02 44.14 -33.09
CA VAL A 372 -21.90 44.94 -34.30
C VAL A 372 -23.24 44.93 -35.01
N ILE A 373 -23.79 46.12 -35.25
CA ILE A 373 -25.07 46.27 -35.93
C ILE A 373 -24.79 46.70 -37.37
N PRO A 374 -25.13 45.90 -38.37
CA PRO A 374 -24.86 46.29 -39.75
C PRO A 374 -25.84 47.34 -40.24
N ASN A 375 -25.47 47.99 -41.33
CA ASN A 375 -26.27 49.03 -41.94
C ASN A 375 -27.11 48.44 -43.07
N ASP A 376 -27.80 49.30 -43.82
CA ASP A 376 -28.64 48.86 -44.92
C ASP A 376 -27.85 48.61 -46.20
N ARG A 377 -26.57 48.94 -46.24
CA ARG A 377 -25.77 48.72 -47.43
C ARG A 377 -25.46 47.24 -47.61
N LYS A 378 -25.08 46.88 -48.82
CA LYS A 378 -24.73 45.51 -49.17
C LYS A 378 -23.22 45.31 -49.11
N ILE A 379 -22.82 44.06 -48.87
CA ILE A 379 -21.40 43.70 -48.77
C ILE A 379 -21.07 42.77 -49.92
N ILE A 380 -19.88 42.95 -50.49
CA ILE A 380 -19.40 42.14 -51.61
C ILE A 380 -18.23 41.31 -51.10
N TRP A 381 -18.40 39.99 -51.05
CA TRP A 381 -17.35 39.11 -50.59
C TRP A 381 -16.28 38.96 -51.67
N PRO A 382 -15.17 38.30 -51.33
CA PRO A 382 -14.10 38.13 -52.33
C PRO A 382 -14.51 37.14 -53.40
N GLY A 383 -14.22 37.50 -54.66
CA GLY A 383 -14.55 36.67 -55.80
C GLY A 383 -15.86 37.01 -56.48
N GLY A 384 -16.59 38.01 -55.99
CA GLY A 384 -17.85 38.39 -56.60
C GLY A 384 -19.04 37.58 -56.17
N GLU A 385 -18.89 36.69 -55.18
CA GLU A 385 -19.99 35.87 -54.72
C GLU A 385 -20.88 36.68 -53.79
N THR A 386 -22.14 36.88 -54.17
CA THR A 386 -23.06 37.64 -53.35
C THR A 386 -23.42 36.88 -52.08
N GLU A 387 -23.60 35.57 -52.18
CA GLU A 387 -23.93 34.76 -51.02
C GLU A 387 -22.73 34.63 -50.08
N LYS A 388 -23.02 34.42 -48.81
CA LYS A 388 -21.96 34.27 -47.82
C LYS A 388 -21.22 32.95 -48.02
N PRO A 389 -19.89 32.95 -47.98
CA PRO A 389 -19.16 31.70 -48.17
C PRO A 389 -19.13 30.86 -46.90
N ARG A 390 -19.05 29.55 -47.11
CA ARG A 390 -19.00 28.63 -45.97
C ARG A 390 -17.68 28.70 -45.23
N GLY A 391 -16.58 28.94 -45.93
CA GLY A 391 -15.29 29.02 -45.29
C GLY A 391 -14.74 27.69 -44.82
N TYR A 392 -15.08 26.61 -45.49
CA TYR A 392 -14.60 25.28 -45.12
C TYR A 392 -14.68 24.36 -46.33
N GLN A 393 -13.90 23.29 -46.27
CA GLN A 393 -13.85 22.31 -47.35
C GLN A 393 -13.85 20.91 -46.76
N MET A 394 -14.06 19.93 -47.62
CA MET A 394 -14.08 18.51 -47.22
C MET A 394 -12.91 17.81 -47.90
N SER A 395 -11.90 17.46 -47.11
CA SER A 395 -10.71 16.79 -47.64
C SER A 395 -11.06 15.34 -47.95
N THR A 396 -11.09 14.99 -49.23
CA THR A 396 -11.38 13.64 -49.67
C THR A 396 -10.13 12.79 -49.85
N ARG A 397 -8.95 13.32 -49.50
CA ARG A 397 -7.70 12.59 -49.60
C ARG A 397 -6.95 12.73 -48.29
N LEU A 398 -6.66 11.60 -47.65
CA LEU A 398 -5.98 11.57 -46.36
C LEU A 398 -4.65 10.83 -46.50
N LYS A 399 -3.78 11.06 -45.53
CA LYS A 399 -2.48 10.40 -45.47
C LYS A 399 -2.43 9.48 -44.26
N ILE A 400 -1.78 8.34 -44.42
CA ILE A 400 -1.68 7.32 -43.38
C ILE A 400 -0.23 6.87 -43.27
N VAL A 401 0.28 6.83 -42.04
CA VAL A 401 1.66 6.44 -41.75
C VAL A 401 1.62 5.05 -41.11
N THR A 402 2.41 4.13 -41.65
CA THR A 402 2.50 2.77 -41.15
C THR A 402 3.91 2.50 -40.65
N ILE A 403 4.03 1.50 -39.78
CA ILE A 403 5.31 1.11 -39.20
C ILE A 403 5.58 -0.35 -39.55
N HIS A 404 6.86 -0.69 -39.61
CA HIS A 404 7.25 -2.05 -39.98
C HIS A 404 7.05 -3.01 -38.81
N GLN A 405 6.40 -4.13 -39.08
CA GLN A 405 6.17 -5.17 -38.08
C GLN A 405 6.20 -6.52 -38.79
N GLU A 406 6.90 -7.48 -38.18
CA GLU A 406 7.07 -8.80 -38.79
C GLU A 406 5.76 -9.48 -39.16
N PRO A 407 4.75 -9.61 -38.28
CA PRO A 407 3.53 -10.32 -38.68
C PRO A 407 2.47 -9.43 -39.32
N PHE A 408 2.60 -8.11 -39.14
CA PHE A 408 1.55 -7.19 -39.58
C PHE A 408 1.82 -6.61 -40.96
N VAL A 409 2.93 -5.91 -41.12
CA VAL A 409 3.22 -5.16 -42.35
C VAL A 409 4.52 -5.68 -42.95
N TYR A 410 4.43 -6.20 -44.17
CA TYR A 410 5.59 -6.69 -44.91
C TYR A 410 6.03 -5.63 -45.91
N VAL A 411 7.35 -5.51 -46.08
CA VAL A 411 7.95 -4.52 -46.97
C VAL A 411 8.88 -5.27 -47.93
N LYS A 412 8.38 -5.55 -49.13
CA LYS A 412 9.15 -6.24 -50.16
C LYS A 412 9.49 -5.29 -51.31
N PRO A 413 10.66 -5.42 -51.91
CA PRO A 413 11.01 -4.55 -53.04
C PRO A 413 10.17 -4.85 -54.26
N THR A 414 9.85 -3.78 -55.00
CA THR A 414 9.05 -3.91 -56.21
C THR A 414 9.88 -4.44 -57.36
N MET A 415 9.20 -4.81 -58.44
CA MET A 415 9.86 -5.33 -59.63
C MET A 415 10.49 -4.18 -60.44
N SER A 416 11.19 -4.56 -61.50
CA SER A 416 11.84 -3.56 -62.35
C SER A 416 10.82 -2.81 -63.20
N ASP A 417 9.65 -3.40 -63.44
CA ASP A 417 8.63 -2.74 -64.25
C ASP A 417 8.04 -1.53 -63.53
N GLY A 418 7.80 -1.66 -62.22
CA GLY A 418 7.24 -0.56 -61.46
C GLY A 418 6.19 -1.01 -60.47
N THR A 419 5.81 -2.27 -60.53
CA THR A 419 4.82 -2.86 -59.63
C THR A 419 5.46 -3.99 -58.83
N CYS A 420 4.65 -4.69 -58.05
CA CYS A 420 5.12 -5.80 -57.22
C CYS A 420 4.83 -7.11 -57.92
N LYS A 421 5.59 -8.13 -57.53
CA LYS A 421 5.42 -9.49 -58.08
C LYS A 421 4.14 -10.09 -57.50
N GLU A 422 3.09 -10.13 -58.30
CA GLU A 422 1.81 -10.67 -57.84
C GLU A 422 1.93 -12.19 -57.66
N GLU A 423 1.69 -12.66 -56.45
CA GLU A 423 1.76 -14.08 -56.13
C GLU A 423 0.51 -14.49 -55.35
N PHE A 424 -0.03 -15.65 -55.69
CA PHE A 424 -1.21 -16.16 -55.03
C PHE A 424 -0.84 -16.77 -53.68
N THR A 425 -1.85 -16.94 -52.83
CA THR A 425 -1.67 -17.50 -51.51
C THR A 425 -1.94 -19.00 -51.54
N VAL A 426 -1.94 -19.64 -50.37
CA VAL A 426 -2.17 -21.08 -50.32
C VAL A 426 -3.66 -21.39 -50.38
N ASN A 427 -4.52 -20.46 -49.94
CA ASN A 427 -5.95 -20.72 -49.98
C ASN A 427 -6.51 -20.65 -51.40
N GLY A 428 -5.87 -19.88 -52.27
CA GLY A 428 -6.31 -19.72 -53.64
C GLY A 428 -6.84 -18.36 -54.02
N ASP A 429 -6.71 -17.37 -53.14
CA ASP A 429 -7.21 -16.02 -53.44
C ASP A 429 -6.05 -15.10 -53.81
N PRO A 430 -6.26 -14.18 -54.75
CA PRO A 430 -5.19 -13.26 -55.13
C PRO A 430 -4.92 -12.26 -54.01
N VAL A 431 -3.65 -12.17 -53.61
CA VAL A 431 -3.26 -11.26 -52.54
C VAL A 431 -3.33 -9.84 -53.04
N LYS A 432 -4.02 -8.98 -52.29
CA LYS A 432 -4.15 -7.57 -52.62
C LYS A 432 -3.09 -6.78 -51.86
N LYS A 433 -2.24 -6.07 -52.60
CA LYS A 433 -1.12 -5.34 -52.03
C LYS A 433 -1.09 -3.93 -52.59
N VAL A 434 -0.56 -3.00 -51.78
CA VAL A 434 -0.40 -1.62 -52.17
C VAL A 434 1.08 -1.28 -52.23
N ILE A 435 1.39 -0.08 -52.71
CA ILE A 435 2.77 0.38 -52.86
C ILE A 435 3.02 1.47 -51.82
N CYS A 436 4.12 1.32 -51.08
CA CYS A 436 4.55 2.32 -50.12
C CYS A 436 5.66 3.19 -50.70
N THR A 437 5.96 4.28 -50.00
CA THR A 437 7.02 5.21 -50.38
C THR A 437 7.89 5.54 -49.16
N GLY A 438 8.28 4.49 -48.43
CA GLY A 438 9.03 4.67 -47.21
C GLY A 438 10.48 5.03 -47.49
N PRO A 439 11.23 5.22 -46.40
CA PRO A 439 12.65 5.61 -46.52
C PRO A 439 13.52 4.48 -47.06
N ASN A 440 14.82 4.72 -47.15
CA ASN A 440 15.75 3.73 -47.64
C ASN A 440 15.82 2.53 -46.69
N ASP A 441 16.54 1.49 -47.11
CA ASP A 441 16.57 0.25 -46.34
C ASP A 441 17.38 0.40 -45.07
N THR A 442 18.60 0.93 -45.18
CA THR A 442 19.50 1.00 -44.02
C THR A 442 19.05 2.06 -43.02
N SER A 443 19.01 3.32 -43.45
CA SER A 443 18.62 4.43 -42.60
C SER A 443 18.44 5.67 -43.48
N PRO A 444 17.61 6.62 -43.05
CA PRO A 444 17.48 7.88 -43.79
C PRO A 444 18.59 8.88 -43.54
N GLY A 445 19.55 8.57 -42.68
CA GLY A 445 20.58 9.52 -42.32
C GLY A 445 21.57 9.82 -43.42
N SER A 446 22.43 8.85 -43.75
CA SER A 446 23.43 9.05 -44.80
C SER A 446 22.80 8.95 -46.18
N PRO A 447 22.09 7.86 -46.52
CA PRO A 447 21.42 7.83 -47.84
C PRO A 447 20.03 8.42 -47.79
N ARG A 448 19.95 9.75 -47.67
CA ARG A 448 18.67 10.44 -47.55
C ARG A 448 17.94 10.45 -48.89
N HIS A 449 17.21 9.37 -49.19
CA HIS A 449 16.46 9.27 -50.43
C HIS A 449 15.39 8.22 -50.27
N THR A 450 14.17 8.54 -50.69
CA THR A 450 13.04 7.63 -50.59
C THR A 450 12.88 6.85 -51.89
N VAL A 451 12.62 5.55 -51.76
CA VAL A 451 12.44 4.69 -52.93
C VAL A 451 11.10 3.97 -52.81
N PRO A 452 10.40 3.73 -53.92
CA PRO A 452 9.11 3.03 -53.83
C PRO A 452 9.29 1.58 -53.44
N GLN A 453 8.38 1.10 -52.59
CA GLN A 453 8.37 -0.28 -52.12
C GLN A 453 6.94 -0.82 -52.20
N CYS A 454 6.77 -2.05 -51.72
CA CYS A 454 5.46 -2.69 -51.70
C CYS A 454 5.00 -2.86 -50.27
N CYS A 455 3.67 -2.87 -50.08
CA CYS A 455 3.08 -2.95 -48.76
C CYS A 455 1.86 -3.86 -48.79
N TYR A 456 1.79 -4.78 -47.82
CA TYR A 456 0.68 -5.70 -47.71
C TYR A 456 0.75 -6.36 -46.33
N GLY A 457 -0.38 -6.91 -45.89
CA GLY A 457 -0.46 -7.60 -44.64
C GLY A 457 -1.78 -7.33 -43.94
N PHE A 458 -1.77 -7.54 -42.63
CA PHE A 458 -2.98 -7.35 -41.83
C PHE A 458 -3.43 -5.90 -41.85
N CYS A 459 -2.49 -4.97 -41.58
CA CYS A 459 -2.84 -3.55 -41.54
C CYS A 459 -3.30 -3.07 -42.92
N ILE A 460 -2.64 -3.53 -43.99
CA ILE A 460 -3.03 -3.12 -45.34
C ILE A 460 -4.41 -3.69 -45.67
N ASP A 461 -4.69 -4.92 -45.26
CA ASP A 461 -6.01 -5.50 -45.50
C ASP A 461 -7.09 -4.72 -44.76
N LEU A 462 -6.84 -4.35 -43.50
CA LEU A 462 -7.81 -3.57 -42.76
C LEU A 462 -8.00 -2.19 -43.37
N LEU A 463 -6.93 -1.59 -43.88
CA LEU A 463 -7.03 -0.30 -44.53
C LEU A 463 -7.86 -0.39 -45.80
N ILE A 464 -7.65 -1.43 -46.60
CA ILE A 464 -8.43 -1.62 -47.82
C ILE A 464 -9.90 -1.85 -47.47
N LYS A 465 -10.16 -2.62 -46.41
CA LYS A 465 -11.54 -2.85 -45.99
C LYS A 465 -12.22 -1.54 -45.57
N LEU A 466 -11.52 -0.72 -44.79
CA LEU A 466 -12.09 0.55 -44.36
C LEU A 466 -12.29 1.49 -45.54
N ALA A 467 -11.38 1.47 -46.52
CA ALA A 467 -11.51 2.33 -47.69
C ALA A 467 -12.69 1.88 -48.56
N ARG A 468 -12.92 0.58 -48.66
CA ARG A 468 -14.07 0.09 -49.42
C ARG A 468 -15.37 0.33 -48.68
N THR A 469 -15.32 0.36 -47.34
CA THR A 469 -16.54 0.59 -46.56
C THR A 469 -16.94 2.06 -46.56
N MET A 470 -15.97 2.97 -46.39
CA MET A 470 -16.26 4.39 -46.27
C MET A 470 -16.07 5.16 -47.58
N GLN A 471 -15.48 4.53 -48.60
CA GLN A 471 -15.33 5.12 -49.93
C GLN A 471 -14.54 6.43 -49.88
N PHE A 472 -13.28 6.33 -49.49
CA PHE A 472 -12.35 7.45 -49.47
C PHE A 472 -11.01 7.02 -50.06
N THR A 473 -10.10 7.97 -50.18
CA THR A 473 -8.78 7.71 -50.74
C THR A 473 -7.71 7.94 -49.69
N TYR A 474 -6.58 7.24 -49.85
CA TYR A 474 -5.51 7.30 -48.88
C TYR A 474 -4.17 7.26 -49.59
N GLU A 475 -3.13 7.70 -48.89
CA GLU A 475 -1.75 7.71 -49.39
C GLU A 475 -0.87 7.15 -48.28
N VAL A 476 -0.55 5.87 -48.38
CA VAL A 476 0.22 5.18 -47.34
C VAL A 476 1.71 5.45 -47.56
N HIS A 477 2.41 5.75 -46.47
CA HIS A 477 3.86 5.97 -46.52
C HIS A 477 4.44 5.71 -45.14
N LEU A 478 5.63 5.12 -45.11
CA LEU A 478 6.29 4.80 -43.84
C LEU A 478 6.77 6.07 -43.15
N VAL A 479 7.28 5.90 -41.93
CA VAL A 479 7.78 6.99 -41.12
C VAL A 479 9.31 7.04 -41.23
N ALA A 480 9.86 8.25 -41.30
CA ALA A 480 11.31 8.39 -41.43
C ALA A 480 12.02 8.00 -40.15
N ASP A 481 11.40 8.26 -39.00
CA ASP A 481 12.02 7.92 -37.72
C ASP A 481 12.05 6.43 -37.48
N GLY A 482 11.05 5.70 -37.97
CA GLY A 482 11.01 4.27 -37.79
C GLY A 482 10.71 3.82 -36.37
N LYS A 483 10.11 4.69 -35.55
CA LYS A 483 9.78 4.37 -34.18
C LYS A 483 8.32 4.72 -33.90
N PHE A 484 7.77 4.08 -32.86
CA PHE A 484 6.37 4.36 -32.49
C PHE A 484 6.22 5.80 -32.00
N GLY A 485 7.00 6.17 -31.00
CA GLY A 485 6.94 7.51 -30.44
C GLY A 485 7.11 7.47 -28.93
N THR A 486 7.55 8.60 -28.38
CA THR A 486 7.77 8.72 -26.95
C THR A 486 7.65 10.19 -26.56
N GLN A 487 7.72 10.45 -25.26
CA GLN A 487 7.62 11.80 -24.73
C GLN A 487 9.01 12.40 -24.65
N GLU A 488 9.34 13.28 -25.60
CA GLU A 488 10.64 13.94 -25.64
C GLU A 488 10.52 15.27 -24.90
N ARG A 489 10.70 15.19 -23.58
CA ARG A 489 10.58 16.35 -22.69
C ARG A 489 11.93 16.76 -22.13
N VAL A 490 12.97 16.70 -22.97
CA VAL A 490 14.31 17.08 -22.53
C VAL A 490 14.33 18.57 -22.21
N GLN A 491 14.76 18.91 -21.00
CA GLN A 491 14.80 20.30 -20.55
C GLN A 491 15.96 21.08 -21.15
N ASN A 492 16.83 20.44 -21.95
CA ASN A 492 17.95 21.16 -22.54
C ASN A 492 17.48 22.20 -23.56
N SER A 493 16.40 21.93 -24.26
CA SER A 493 15.85 22.84 -25.26
C SER A 493 14.61 23.58 -24.76
N ASN A 494 14.19 23.34 -23.52
CA ASN A 494 13.04 23.99 -22.89
C ASN A 494 11.74 23.74 -23.64
N LYS A 495 11.68 22.72 -24.49
CA LYS A 495 10.49 22.40 -25.26
C LYS A 495 10.16 20.93 -25.10
N LYS A 496 8.87 20.61 -25.24
CA LYS A 496 8.38 19.24 -25.13
C LYS A 496 7.48 18.94 -26.32
N GLU A 497 7.78 17.87 -27.04
CA GLU A 497 7.00 17.49 -28.21
C GLU A 497 7.22 16.00 -28.49
N TRP A 498 6.27 15.41 -29.19
CA TRP A 498 6.35 14.00 -29.54
C TRP A 498 7.17 13.82 -30.82
N ASN A 499 7.74 12.62 -30.96
CA ASN A 499 8.56 12.28 -32.11
C ASN A 499 8.08 10.96 -32.70
N GLY A 500 8.69 10.58 -33.82
CA GLY A 500 8.33 9.33 -34.46
C GLY A 500 7.03 9.43 -35.24
N MET A 501 6.28 8.32 -35.24
CA MET A 501 5.02 8.28 -35.97
C MET A 501 3.99 9.21 -35.34
N MET A 502 3.87 9.17 -34.01
CA MET A 502 2.93 10.07 -33.34
C MET A 502 3.35 11.52 -33.47
N GLY A 503 4.66 11.77 -33.44
CA GLY A 503 5.15 13.13 -33.64
C GLY A 503 4.85 13.65 -35.03
N GLU A 504 4.97 12.78 -36.04
CA GLU A 504 4.61 13.18 -37.40
C GLU A 504 3.10 13.38 -37.54
N LEU A 505 2.30 12.58 -36.83
CA LEU A 505 0.86 12.76 -36.85
C LEU A 505 0.46 14.09 -36.23
N LEU A 506 1.05 14.44 -35.09
CA LEU A 506 0.70 15.69 -34.42
C LEU A 506 1.20 16.91 -35.19
N SER A 507 2.25 16.74 -36.00
CA SER A 507 2.81 17.85 -36.76
C SER A 507 2.01 18.15 -38.03
N GLY A 508 0.92 17.43 -38.28
CA GLY A 508 0.10 17.67 -39.45
C GLY A 508 0.54 16.98 -40.71
N GLN A 509 1.44 16.00 -40.62
CA GLN A 509 1.89 15.30 -41.81
C GLN A 509 0.80 14.39 -42.36
N ALA A 510 0.18 13.59 -41.50
CA ALA A 510 -0.86 12.65 -41.89
C ALA A 510 -2.12 12.90 -41.06
N ASP A 511 -3.16 12.12 -41.35
CA ASP A 511 -4.43 12.23 -40.65
C ASP A 511 -4.83 10.98 -39.89
N MET A 512 -4.49 9.79 -40.39
CA MET A 512 -4.82 8.54 -39.75
C MET A 512 -3.57 7.68 -39.62
N ILE A 513 -3.62 6.72 -38.68
CA ILE A 513 -2.53 5.81 -38.42
C ILE A 513 -3.08 4.38 -38.43
N VAL A 514 -2.53 3.54 -39.29
CA VAL A 514 -2.88 2.13 -39.34
C VAL A 514 -1.60 1.36 -39.03
N ALA A 515 -1.41 1.03 -37.76
CA ALA A 515 -0.19 0.36 -37.30
C ALA A 515 -0.48 -0.29 -35.96
N PRO A 516 0.29 -1.32 -35.58
CA PRO A 516 0.05 -1.96 -34.28
C PRO A 516 0.43 -1.08 -33.11
N LEU A 517 -0.31 0.01 -32.90
CA LEU A 517 -0.06 0.93 -31.82
C LEU A 517 -0.91 0.54 -30.61
N THR A 518 -0.26 0.44 -29.45
CA THR A 518 -0.95 0.05 -28.23
C THR A 518 -1.72 1.25 -27.67
N ILE A 519 -2.36 1.05 -26.51
CA ILE A 519 -3.17 2.08 -25.88
C ILE A 519 -2.69 2.25 -24.44
N ASN A 520 -2.37 3.48 -24.07
CA ASN A 520 -1.95 3.81 -22.71
C ASN A 520 -2.42 5.22 -22.38
N ASN A 521 -2.09 5.67 -21.16
CA ASN A 521 -2.59 6.95 -20.68
C ASN A 521 -1.88 8.11 -21.37
N GLU A 522 -0.55 8.06 -21.43
CA GLU A 522 0.22 9.20 -21.93
C GLU A 522 -0.12 9.53 -23.37
N ARG A 523 -0.27 8.51 -24.22
CA ARG A 523 -0.58 8.75 -25.62
C ARG A 523 -2.05 9.11 -25.83
N ALA A 524 -2.95 8.57 -25.01
CA ALA A 524 -4.36 8.89 -25.15
C ALA A 524 -4.72 10.25 -24.57
N GLN A 525 -3.83 10.84 -23.75
CA GLN A 525 -4.10 12.18 -23.23
C GLN A 525 -4.10 13.22 -24.32
N TYR A 526 -3.45 12.95 -25.45
CA TYR A 526 -3.37 13.91 -26.55
C TYR A 526 -4.25 13.55 -27.73
N ILE A 527 -4.42 12.27 -28.04
CA ILE A 527 -5.22 11.84 -29.18
C ILE A 527 -6.22 10.80 -28.72
N GLU A 528 -7.27 10.62 -29.52
CA GLU A 528 -8.34 9.69 -29.20
C GLU A 528 -8.09 8.34 -29.88
N PHE A 529 -8.34 7.26 -29.13
CA PHE A 529 -8.20 5.90 -29.62
C PHE A 529 -9.57 5.25 -29.72
N SER A 530 -9.83 4.58 -30.84
CA SER A 530 -11.10 3.90 -31.05
C SER A 530 -11.07 2.56 -30.33
N LYS A 531 -12.09 1.73 -30.59
CA LYS A 531 -12.15 0.42 -29.95
C LYS A 531 -11.10 -0.51 -30.54
N PRO A 532 -10.39 -1.28 -29.72
CA PRO A 532 -9.36 -2.18 -30.25
C PRO A 532 -9.96 -3.29 -31.10
N PHE A 533 -9.20 -3.70 -32.11
CA PHE A 533 -9.60 -4.77 -33.00
C PHE A 533 -8.92 -6.10 -32.68
N LYS A 534 -8.00 -6.11 -31.73
CA LYS A 534 -7.29 -7.32 -31.35
C LYS A 534 -6.67 -7.13 -29.98
N TYR A 535 -6.83 -8.12 -29.12
CA TYR A 535 -6.31 -8.08 -27.76
C TYR A 535 -5.05 -8.93 -27.65
N GLN A 536 -4.10 -8.45 -26.85
CA GLN A 536 -2.84 -9.13 -26.64
C GLN A 536 -2.22 -8.64 -25.33
N GLY A 537 -1.01 -9.10 -25.05
CA GLY A 537 -0.32 -8.70 -23.84
C GLY A 537 1.19 -8.71 -24.00
N LEU A 538 1.91 -8.69 -22.88
CA LEU A 538 3.37 -8.68 -22.87
C LEU A 538 3.89 -9.97 -22.24
N THR A 539 4.92 -10.54 -22.85
CA THR A 539 5.55 -11.76 -22.35
C THR A 539 7.05 -11.68 -22.63
N ILE A 540 7.76 -12.75 -22.28
CA ILE A 540 9.20 -12.83 -22.44
C ILE A 540 9.52 -13.98 -23.38
N LEU A 541 10.39 -13.73 -24.35
CA LEU A 541 10.82 -14.73 -25.32
C LEU A 541 12.28 -15.10 -25.06
N VAL A 542 12.54 -16.40 -24.94
CA VAL A 542 13.87 -16.93 -24.71
C VAL A 542 14.15 -18.01 -25.75
N LYS A 543 15.36 -18.55 -25.69
CA LYS A 543 15.78 -19.61 -26.60
C LYS A 543 15.50 -20.98 -26.01
N LYS A 544 15.36 -21.97 -26.89
CA LYS A 544 15.12 -23.33 -26.45
C LYS A 544 16.34 -23.88 -25.71
N GLU A 545 16.09 -24.51 -24.56
CA GLU A 545 17.18 -25.04 -23.75
C GLU A 545 17.87 -26.20 -24.46
N ILE A 546 17.12 -27.27 -24.75
CA ILE A 546 17.63 -28.45 -25.42
C ILE A 546 18.79 -29.04 -24.62
N PRO A 547 18.53 -29.66 -23.46
CA PRO A 547 19.63 -30.20 -22.65
C PRO A 547 20.37 -31.31 -23.40
N ARG A 548 21.70 -31.26 -23.31
CA ARG A 548 22.57 -32.24 -23.94
C ARG A 548 23.21 -33.17 -22.91
N SER A 549 22.45 -33.50 -21.87
CA SER A 549 22.96 -34.37 -20.81
C SER A 549 23.20 -35.79 -21.33
N THR A 550 22.31 -36.27 -22.20
CA THR A 550 22.44 -37.61 -22.77
C THR A 550 23.62 -37.63 -23.73
N LEU A 551 24.71 -38.31 -23.34
CA LEU A 551 25.89 -38.38 -24.17
C LEU A 551 25.69 -39.38 -25.30
N ASP A 552 26.38 -39.13 -26.42
CA ASP A 552 26.29 -39.97 -27.60
C ASP A 552 27.38 -41.03 -27.52
N SER A 553 27.14 -42.05 -26.71
CA SER A 553 28.09 -43.14 -26.52
C SER A 553 27.35 -44.31 -25.87
N PHE A 554 28.06 -45.42 -25.73
CA PHE A 554 27.49 -46.62 -25.11
C PHE A 554 28.31 -47.16 -23.94
N MET A 555 29.54 -46.68 -23.74
CA MET A 555 30.35 -47.07 -22.60
C MET A 555 30.30 -46.05 -21.47
N GLN A 556 29.23 -45.25 -21.41
CA GLN A 556 29.13 -44.23 -20.36
C GLN A 556 28.79 -44.81 -18.99
N PRO A 557 27.84 -45.74 -18.83
CA PRO A 557 27.49 -46.20 -17.48
C PRO A 557 28.64 -46.81 -16.70
N PHE A 558 29.66 -47.36 -17.36
CA PHE A 558 30.80 -47.96 -16.68
C PHE A 558 32.07 -47.21 -17.04
N GLN A 559 32.94 -47.02 -16.06
CA GLN A 559 34.20 -46.32 -16.26
C GLN A 559 35.20 -47.21 -16.99
N SER A 560 36.29 -46.58 -17.46
CA SER A 560 37.31 -47.33 -18.18
C SER A 560 38.00 -48.34 -17.28
N THR A 561 38.21 -47.98 -16.01
CA THR A 561 38.83 -48.91 -15.08
C THR A 561 37.97 -50.15 -14.86
N LEU A 562 36.65 -49.95 -14.70
CA LEU A 562 35.76 -51.08 -14.52
C LEU A 562 35.69 -51.94 -15.76
N TRP A 563 35.70 -51.32 -16.95
CA TRP A 563 35.72 -52.08 -18.20
C TRP A 563 36.98 -52.92 -18.29
N LEU A 564 38.14 -52.32 -17.99
CA LEU A 564 39.39 -53.06 -18.04
C LEU A 564 39.39 -54.21 -17.03
N LEU A 565 38.84 -53.98 -15.85
CA LEU A 565 38.83 -55.02 -14.83
C LEU A 565 37.92 -56.18 -15.22
N VAL A 566 36.72 -55.88 -15.73
CA VAL A 566 35.83 -56.95 -16.13
C VAL A 566 36.34 -57.67 -17.38
N GLY A 567 37.15 -56.97 -18.20
CA GLY A 567 37.75 -57.64 -19.33
C GLY A 567 38.91 -58.53 -18.94
N LEU A 568 39.63 -58.16 -17.87
CA LEU A 568 40.74 -58.99 -17.41
C LEU A 568 40.25 -60.15 -16.56
N SER A 569 39.09 -59.99 -15.91
CA SER A 569 38.60 -61.03 -15.01
C SER A 569 38.16 -62.28 -15.77
N VAL A 570 37.54 -62.09 -16.94
CA VAL A 570 37.02 -63.23 -17.69
C VAL A 570 38.15 -64.13 -18.15
N HIS A 571 39.29 -63.54 -18.54
CA HIS A 571 40.41 -64.34 -19.00
C HIS A 571 40.98 -65.20 -17.88
N VAL A 572 41.18 -64.61 -16.70
CA VAL A 572 41.74 -65.38 -15.60
C VAL A 572 40.74 -66.42 -15.09
N VAL A 573 39.44 -66.11 -15.15
CA VAL A 573 38.44 -67.10 -14.75
C VAL A 573 38.45 -68.28 -15.72
N ALA A 574 38.55 -68.01 -17.02
CA ALA A 574 38.60 -69.09 -18.00
C ALA A 574 39.87 -69.92 -17.84
N VAL A 575 41.00 -69.25 -17.55
CA VAL A 575 42.25 -69.97 -17.35
C VAL A 575 42.16 -70.87 -16.12
N MET A 576 41.57 -70.36 -15.03
CA MET A 576 41.41 -71.17 -13.83
C MET A 576 40.49 -72.35 -14.07
N LEU A 577 39.40 -72.13 -14.81
CA LEU A 577 38.49 -73.23 -15.13
C LEU A 577 39.19 -74.29 -15.97
N TYR A 578 39.96 -73.87 -16.98
CA TYR A 578 40.67 -74.82 -17.82
C TYR A 578 41.71 -75.61 -17.01
N LEU A 579 42.43 -74.92 -16.12
CA LEU A 579 43.43 -75.60 -15.30
C LEU A 579 42.78 -76.59 -14.35
N LEU A 580 41.65 -76.22 -13.76
CA LEU A 580 40.97 -77.13 -12.83
C LEU A 580 40.37 -78.32 -13.56
N ASP A 581 39.91 -78.11 -14.81
CA ASP A 581 39.38 -79.22 -15.58
C ASP A 581 40.50 -80.14 -16.08
N ARG A 582 41.69 -79.59 -16.33
CA ARG A 582 42.80 -80.41 -16.82
C ARG A 582 43.45 -81.20 -15.69
N PHE A 583 43.84 -80.53 -14.61
CA PHE A 583 44.57 -81.17 -13.51
C PHE A 583 43.64 -81.75 -12.46
N SER A 584 42.38 -82.00 -12.78
CA SER A 584 41.44 -82.62 -11.85
C SER A 584 40.23 -83.19 -12.58
N THR A 602 39.52 -78.69 -24.63
CA THR A 602 39.17 -78.50 -23.24
C THR A 602 39.36 -77.05 -22.82
N LEU A 603 40.51 -76.49 -23.17
CA LEU A 603 40.83 -75.10 -22.82
C LEU A 603 40.07 -74.11 -23.70
N SER A 604 40.10 -74.31 -25.03
CA SER A 604 39.36 -73.43 -25.92
C SER A 604 37.86 -73.53 -25.70
N SER A 605 37.37 -74.75 -25.41
CA SER A 605 35.95 -74.91 -25.13
C SER A 605 35.55 -74.18 -23.86
N ALA A 606 36.37 -74.27 -22.82
CA ALA A 606 36.09 -73.54 -21.59
C ALA A 606 36.15 -72.04 -21.81
N MET A 607 37.08 -71.58 -22.65
CA MET A 607 37.16 -70.15 -22.95
C MET A 607 35.91 -69.67 -23.67
N TRP A 608 35.46 -70.41 -24.68
CA TRP A 608 34.24 -70.03 -25.40
C TRP A 608 33.01 -70.12 -24.50
N PHE A 609 32.99 -71.07 -23.56
CA PHE A 609 31.90 -71.14 -22.60
C PHE A 609 31.89 -69.92 -21.69
N SER A 610 33.06 -69.53 -21.18
CA SER A 610 33.15 -68.36 -20.31
C SER A 610 32.79 -67.08 -21.06
N TRP A 611 33.10 -66.99 -22.35
CA TRP A 611 32.71 -65.84 -23.14
C TRP A 611 31.22 -65.84 -23.50
N GLY A 612 30.63 -67.02 -23.74
CA GLY A 612 29.21 -67.08 -24.04
C GLY A 612 28.33 -66.83 -22.85
N VAL A 613 28.76 -67.25 -21.65
CA VAL A 613 27.99 -66.95 -20.45
C VAL A 613 28.16 -65.51 -19.99
N LEU A 614 29.00 -64.73 -20.67
CA LEU A 614 29.16 -63.31 -20.40
C LEU A 614 28.52 -62.42 -21.45
N LEU A 615 28.69 -62.74 -22.74
CA LEU A 615 28.06 -61.98 -23.80
C LEU A 615 26.65 -62.46 -24.11
N ASN A 616 26.13 -63.45 -23.37
CA ASN A 616 24.79 -64.00 -23.53
C ASN A 616 24.55 -64.60 -24.91
N SER A 617 25.61 -64.95 -25.63
CA SER A 617 25.46 -65.55 -26.95
C SER A 617 25.13 -67.04 -26.83
N GLY A 618 24.86 -67.66 -27.97
CA GLY A 618 24.51 -69.05 -28.04
C GLY A 618 25.68 -70.01 -28.22
N ILE A 619 26.91 -69.53 -28.12
CA ILE A 619 28.09 -70.38 -28.28
C ILE A 619 28.27 -71.23 -27.03
N GLY A 620 29.14 -72.23 -27.13
CA GLY A 620 29.40 -73.12 -26.01
C GLY A 620 29.07 -74.57 -26.32
N GLU A 621 30.09 -75.42 -26.32
CA GLU A 621 29.89 -76.84 -26.66
C GLU A 621 29.38 -77.62 -25.46
N GLY A 622 30.16 -77.66 -24.37
CA GLY A 622 29.79 -78.42 -23.20
C GLY A 622 30.32 -77.78 -21.94
N ALA A 623 29.87 -78.32 -20.81
CA ALA A 623 30.25 -77.87 -19.48
C ALA A 623 31.28 -78.81 -18.88
N PRO A 624 32.13 -78.31 -17.98
CA PRO A 624 33.11 -79.19 -17.31
C PRO A 624 32.43 -80.20 -16.41
N ARG A 625 33.20 -81.20 -16.01
CA ARG A 625 32.70 -82.30 -15.21
C ARG A 625 33.12 -82.24 -13.74
N SER A 626 34.16 -81.46 -13.42
CA SER A 626 34.62 -81.37 -12.04
C SER A 626 33.62 -80.60 -11.18
N PHE A 627 33.43 -81.07 -9.95
CA PHE A 627 32.46 -80.43 -9.05
C PHE A 627 32.86 -79.00 -8.74
N SER A 628 34.12 -78.78 -8.35
CA SER A 628 34.58 -77.42 -8.09
C SER A 628 34.53 -76.56 -9.35
N ALA A 629 34.83 -77.16 -10.50
CA ALA A 629 34.73 -76.41 -11.75
C ALA A 629 33.28 -76.03 -12.06
N ARG A 630 32.34 -76.93 -11.79
CA ARG A 630 30.92 -76.62 -11.98
C ARG A 630 30.49 -75.49 -11.06
N ILE A 631 30.93 -75.54 -9.80
CA ILE A 631 30.57 -74.49 -8.85
C ILE A 631 31.14 -73.15 -9.30
N LEU A 632 32.41 -73.14 -9.73
CA LEU A 632 33.03 -71.89 -10.17
C LEU A 632 32.36 -71.35 -11.42
N GLY A 633 31.96 -72.25 -12.34
CA GLY A 633 31.25 -71.80 -13.53
C GLY A 633 29.88 -71.23 -13.22
N MET A 634 29.17 -71.85 -12.27
CA MET A 634 27.88 -71.32 -11.85
C MET A 634 28.04 -69.95 -11.21
N VAL A 635 29.06 -69.78 -10.36
CA VAL A 635 29.31 -68.49 -9.74
C VAL A 635 29.68 -67.45 -10.79
N TRP A 636 30.49 -67.81 -11.79
CA TRP A 636 30.85 -66.86 -12.83
C TRP A 636 29.65 -66.48 -13.68
N ALA A 637 28.75 -67.43 -13.92
CA ALA A 637 27.53 -67.12 -14.67
C ALA A 637 26.63 -66.17 -13.88
N GLY A 638 26.48 -66.42 -12.58
CA GLY A 638 25.72 -65.50 -11.75
C GLY A 638 26.36 -64.12 -11.68
N PHE A 639 27.70 -64.08 -11.71
CA PHE A 639 28.41 -62.80 -11.71
C PHE A 639 28.17 -62.04 -13.01
N ALA A 640 28.22 -62.75 -14.14
CA ALA A 640 27.95 -62.10 -15.42
C ALA A 640 26.50 -61.62 -15.51
N MET A 641 25.57 -62.38 -14.92
CA MET A 641 24.18 -61.95 -14.88
C MET A 641 24.03 -60.66 -14.10
N ILE A 642 24.67 -60.57 -12.93
CA ILE A 642 24.61 -59.35 -12.13
C ILE A 642 25.27 -58.19 -12.87
N ILE A 643 26.36 -58.46 -13.60
CA ILE A 643 27.01 -57.41 -14.38
C ILE A 643 26.06 -56.87 -15.44
N VAL A 644 25.40 -57.77 -16.17
CA VAL A 644 24.49 -57.34 -17.23
C VAL A 644 23.31 -56.57 -16.64
N ALA A 645 22.78 -57.04 -15.50
CA ALA A 645 21.66 -56.35 -14.87
C ALA A 645 22.06 -54.95 -14.41
N SER A 646 23.22 -54.82 -13.77
CA SER A 646 23.68 -53.51 -13.34
C SER A 646 23.93 -52.60 -14.54
N TYR A 647 24.48 -53.15 -15.62
CA TYR A 647 24.76 -52.35 -16.82
C TYR A 647 23.47 -51.81 -17.43
N THR A 648 22.47 -52.68 -17.61
CA THR A 648 21.23 -52.21 -18.21
C THR A 648 20.47 -51.27 -17.28
N ALA A 649 20.57 -51.48 -15.97
CA ALA A 649 19.93 -50.56 -15.03
C ALA A 649 20.59 -49.18 -15.09
N ASN A 650 21.92 -49.14 -15.12
CA ASN A 650 22.63 -47.86 -15.21
C ASN A 650 22.32 -47.17 -16.54
N LEU A 651 22.27 -47.93 -17.63
CA LEU A 651 21.95 -47.34 -18.93
C LEU A 651 20.52 -46.82 -19.00
N ALA A 652 19.57 -47.46 -18.30
CA ALA A 652 18.20 -46.96 -18.29
C ALA A 652 18.04 -45.81 -17.30
N ALA A 653 18.98 -45.69 -16.35
CA ALA A 653 18.85 -44.67 -15.31
C ALA A 653 18.91 -43.26 -15.89
N PHE A 654 19.85 -43.00 -16.80
CA PHE A 654 19.97 -41.62 -17.33
C PHE A 654 19.54 -41.53 -18.81
N LEU A 655 18.72 -42.47 -19.24
CA LEU A 655 18.17 -42.44 -20.59
C LEU A 655 16.77 -41.84 -20.64
N VAL A 656 16.17 -41.55 -19.47
CA VAL A 656 14.84 -40.96 -19.41
C VAL A 656 14.74 -40.20 -18.10
N LEU A 657 13.81 -39.24 -18.05
CA LEU A 657 13.57 -38.42 -16.86
C LEU A 657 14.83 -37.65 -16.46
N ASP A 658 15.26 -36.79 -17.38
CA ASP A 658 16.45 -35.96 -17.17
C ASP A 658 16.15 -34.57 -17.72
N ARG A 659 15.71 -33.68 -16.84
CA ARG A 659 15.31 -32.33 -17.22
C ARG A 659 15.30 -31.41 -16.01
N PRO A 660 15.51 -30.11 -16.19
CA PRO A 660 15.48 -29.18 -15.05
C PRO A 660 14.07 -29.07 -14.46
N GLU A 661 14.01 -28.47 -13.27
CA GLU A 661 12.74 -28.36 -12.56
C GLU A 661 11.78 -27.43 -13.30
N GLU A 662 12.15 -26.16 -13.43
CA GLU A 662 11.30 -25.18 -14.11
C GLU A 662 12.15 -23.99 -14.53
N ARG A 663 11.65 -23.28 -15.54
CA ARG A 663 12.29 -22.08 -16.04
C ARG A 663 11.58 -20.84 -15.49
N ILE A 664 11.97 -19.67 -15.99
CA ILE A 664 11.34 -18.43 -15.56
C ILE A 664 9.87 -18.43 -15.98
N THR A 665 9.00 -18.03 -15.06
CA THR A 665 7.56 -18.04 -15.33
C THR A 665 6.95 -16.67 -15.04
N GLY A 666 7.44 -15.99 -14.02
CA GLY A 666 6.93 -14.70 -13.63
C GLY A 666 7.94 -13.57 -13.81
N ILE A 667 7.44 -12.35 -13.68
CA ILE A 667 8.31 -11.18 -13.80
C ILE A 667 8.84 -10.75 -12.44
N ASN A 668 8.17 -11.14 -11.35
CA ASN A 668 8.57 -10.78 -10.00
C ASN A 668 9.57 -11.76 -9.40
N ASP A 669 10.26 -12.53 -10.23
CA ASP A 669 11.27 -13.45 -9.72
C ASP A 669 12.52 -12.69 -9.27
N PRO A 670 13.27 -13.23 -8.32
CA PRO A 670 14.50 -12.55 -7.87
C PRO A 670 15.57 -12.46 -8.94
N ARG A 671 15.45 -13.22 -10.03
CA ARG A 671 16.43 -13.12 -11.11
C ARG A 671 16.36 -11.75 -11.79
N LEU A 672 15.15 -11.26 -12.05
CA LEU A 672 14.99 -9.95 -12.65
C LEU A 672 15.12 -8.82 -11.64
N ARG A 673 14.86 -9.11 -10.36
CA ARG A 673 14.98 -8.07 -9.33
C ARG A 673 16.45 -7.67 -9.14
N ASN A 674 17.37 -8.64 -9.22
CA ASN A 674 18.80 -8.37 -9.11
C ASN A 674 19.46 -8.71 -10.44
N PRO A 675 19.53 -7.77 -11.37
CA PRO A 675 20.13 -8.06 -12.69
C PRO A 675 21.64 -8.20 -12.58
N SER A 676 22.15 -9.37 -12.92
CA SER A 676 23.58 -9.65 -12.89
C SER A 676 24.17 -9.45 -14.28
N ASP A 677 25.48 -9.66 -14.38
CA ASP A 677 26.17 -9.51 -15.66
C ASP A 677 26.01 -10.74 -16.56
N LYS A 678 25.65 -11.89 -15.99
CA LYS A 678 25.49 -13.09 -16.80
C LYS A 678 24.17 -13.08 -17.56
N PHE A 679 23.09 -12.65 -16.91
CA PHE A 679 21.77 -12.60 -17.52
C PHE A 679 21.57 -11.22 -18.14
N ILE A 680 21.48 -11.17 -19.47
CA ILE A 680 21.31 -9.93 -20.21
C ILE A 680 19.94 -9.94 -20.85
N TYR A 681 19.13 -8.94 -20.54
CA TYR A 681 17.79 -8.81 -21.12
C TYR A 681 17.51 -7.33 -21.39
N ALA A 682 16.85 -7.07 -22.51
CA ALA A 682 16.54 -5.70 -22.91
C ALA A 682 15.35 -5.73 -23.85
N THR A 683 14.94 -4.55 -24.31
CA THR A 683 13.83 -4.39 -25.23
C THR A 683 14.19 -3.31 -26.24
N VAL A 684 13.20 -2.89 -27.01
CA VAL A 684 13.39 -1.85 -28.03
C VAL A 684 13.14 -0.49 -27.41
N LYS A 685 14.06 0.44 -27.63
CA LYS A 685 13.93 1.78 -27.08
C LYS A 685 12.81 2.55 -27.80
N GLN A 686 12.35 3.61 -27.15
CA GLN A 686 11.27 4.46 -27.66
C GLN A 686 10.02 3.64 -27.95
N SER A 687 9.50 3.01 -26.91
CA SER A 687 8.32 2.17 -27.02
C SER A 687 7.55 2.22 -25.70
N SER A 688 6.32 1.70 -25.74
CA SER A 688 5.46 1.74 -24.55
C SER A 688 5.91 0.73 -23.50
N VAL A 689 6.60 -0.33 -23.90
CA VAL A 689 7.07 -1.32 -22.94
C VAL A 689 8.11 -0.69 -22.01
N ASP A 690 8.98 0.17 -22.54
CA ASP A 690 9.95 0.86 -21.70
C ASP A 690 9.26 1.83 -20.74
N ILE A 691 8.19 2.48 -21.21
CA ILE A 691 7.44 3.40 -20.35
C ILE A 691 6.76 2.63 -19.22
N TYR A 692 6.25 1.43 -19.52
CA TYR A 692 5.63 0.61 -18.47
C TYR A 692 6.68 0.08 -17.51
N PHE A 693 7.89 -0.21 -18.02
CA PHE A 693 8.94 -0.74 -17.16
C PHE A 693 9.54 0.33 -16.26
N ARG A 694 9.57 1.58 -16.72
CA ARG A 694 10.10 2.68 -15.92
C ARG A 694 9.09 3.23 -14.93
N ARG A 695 7.85 2.75 -14.96
CA ARG A 695 6.82 3.21 -14.04
C ARG A 695 6.79 2.40 -12.74
N GLN A 696 7.51 1.28 -12.69
CA GLN A 696 7.57 0.45 -11.49
C GLN A 696 8.67 0.99 -10.58
N VAL A 697 8.27 1.58 -9.45
CA VAL A 697 9.25 2.14 -8.52
C VAL A 697 10.10 1.07 -7.86
N GLU A 698 9.60 -0.17 -7.79
CA GLU A 698 10.32 -1.25 -7.17
C GLU A 698 11.30 -1.95 -8.10
N LEU A 699 11.35 -1.55 -9.37
CA LEU A 699 12.24 -2.16 -10.36
C LEU A 699 13.13 -1.11 -11.00
N SER A 700 13.64 -0.18 -10.19
CA SER A 700 14.51 0.87 -10.72
C SER A 700 15.84 0.28 -11.23
N THR A 701 16.41 -0.67 -10.48
CA THR A 701 17.64 -1.31 -10.92
C THR A 701 17.43 -2.11 -12.20
N MET A 702 16.28 -2.79 -12.31
CA MET A 702 15.97 -3.54 -13.52
C MET A 702 15.81 -2.61 -14.71
N TYR A 703 15.13 -1.48 -14.52
CA TYR A 703 14.97 -0.52 -15.60
C TYR A 703 16.31 0.08 -16.00
N ARG A 704 17.19 0.34 -15.04
CA ARG A 704 18.52 0.86 -15.36
C ARG A 704 19.33 -0.16 -16.15
N HIS A 705 19.28 -1.43 -15.74
CA HIS A 705 20.01 -2.47 -16.45
C HIS A 705 19.46 -2.65 -17.86
N MET A 706 18.14 -2.49 -18.02
CA MET A 706 17.54 -2.61 -19.35
C MET A 706 17.95 -1.44 -20.25
N GLU A 707 17.86 -0.21 -19.73
CA GLU A 707 18.20 0.97 -20.50
C GLU A 707 19.69 1.14 -20.70
N LYS A 708 20.52 0.36 -20.00
CA LYS A 708 21.97 0.43 -20.21
C LYS A 708 22.34 0.05 -21.64
N HIS A 709 21.54 -0.79 -22.28
CA HIS A 709 21.80 -1.19 -23.66
C HIS A 709 20.47 -1.55 -24.31
N ASN A 710 20.01 -0.72 -25.23
CA ASN A 710 18.75 -0.92 -25.93
C ASN A 710 19.00 -1.06 -27.43
N TYR A 711 18.25 -1.96 -28.06
CA TYR A 711 18.37 -2.18 -29.50
C TYR A 711 17.68 -1.04 -30.25
N GLU A 712 17.90 -1.02 -31.57
CA GLU A 712 17.33 0.01 -32.43
C GLU A 712 15.92 -0.35 -32.90
N SER A 713 15.69 -1.60 -33.29
CA SER A 713 14.39 -2.04 -33.77
C SER A 713 14.15 -3.47 -33.35
N ALA A 714 12.96 -3.97 -33.64
CA ALA A 714 12.61 -5.34 -33.29
C ALA A 714 13.35 -6.35 -34.17
N ALA A 715 13.64 -5.99 -35.42
CA ALA A 715 14.34 -6.91 -36.31
C ALA A 715 15.76 -7.17 -35.82
N GLU A 716 16.49 -6.11 -35.47
CA GLU A 716 17.84 -6.28 -34.94
C GLU A 716 17.81 -7.05 -33.63
N ALA A 717 16.81 -6.79 -32.78
CA ALA A 717 16.71 -7.50 -31.50
C ALA A 717 16.47 -8.98 -31.69
N ILE A 718 15.56 -9.35 -32.61
CA ILE A 718 15.29 -10.77 -32.82
C ILE A 718 16.47 -11.44 -33.51
N GLN A 719 17.17 -10.72 -34.39
CA GLN A 719 18.35 -11.29 -35.03
C GLN A 719 19.47 -11.51 -34.03
N ALA A 720 19.59 -10.62 -33.04
CA ALA A 720 20.60 -10.80 -32.01
C ALA A 720 20.24 -11.95 -31.07
N VAL A 721 18.99 -11.98 -30.60
CA VAL A 721 18.58 -13.03 -29.67
C VAL A 721 18.52 -14.39 -30.36
N ARG A 722 18.44 -14.42 -31.69
CA ARG A 722 18.40 -15.71 -32.39
C ARG A 722 19.78 -16.35 -32.47
N ASP A 723 20.82 -15.54 -32.67
CA ASP A 723 22.18 -16.07 -32.83
C ASP A 723 22.94 -16.12 -31.50
N ASN A 724 22.31 -16.72 -30.50
CA ASN A 724 22.94 -17.02 -29.20
C ASN A 724 23.69 -15.81 -28.64
N LYS A 725 23.01 -14.66 -28.63
CA LYS A 725 23.59 -13.44 -28.08
C LYS A 725 22.79 -12.89 -26.91
N LEU A 726 21.49 -12.68 -27.09
CA LEU A 726 20.64 -12.17 -26.02
C LEU A 726 19.96 -13.32 -25.29
N HIS A 727 19.75 -13.14 -23.99
CA HIS A 727 19.16 -14.19 -23.16
C HIS A 727 17.64 -14.09 -23.08
N ALA A 728 17.09 -12.88 -22.99
CA ALA A 728 15.65 -12.70 -22.87
C ALA A 728 15.25 -11.41 -23.57
N PHE A 729 14.09 -11.43 -24.22
CA PHE A 729 13.56 -10.27 -24.93
C PHE A 729 12.06 -10.18 -24.68
N ILE A 730 11.60 -9.00 -24.28
CA ILE A 730 10.20 -8.75 -23.95
C ILE A 730 9.57 -7.92 -25.05
N TRP A 731 8.40 -8.35 -25.52
CA TRP A 731 7.67 -7.64 -26.57
C TRP A 731 6.21 -8.05 -26.48
N ASP A 732 5.43 -7.68 -27.49
CA ASP A 732 4.02 -8.03 -27.52
C ASP A 732 3.83 -9.54 -27.66
N SER A 733 2.72 -10.03 -27.13
CA SER A 733 2.45 -11.47 -27.15
C SER A 733 2.23 -11.98 -28.57
N ALA A 734 1.52 -11.20 -29.39
CA ALA A 734 1.21 -11.65 -30.75
C ALA A 734 2.46 -11.76 -31.61
N VAL A 735 3.35 -10.77 -31.52
CA VAL A 735 4.56 -10.78 -32.33
C VAL A 735 5.46 -11.95 -31.95
N LEU A 736 5.66 -12.16 -30.64
CA LEU A 736 6.49 -13.27 -30.20
C LEU A 736 5.85 -14.62 -30.54
N GLU A 737 4.52 -14.70 -30.46
CA GLU A 737 3.85 -15.95 -30.83
C GLU A 737 4.03 -16.24 -32.31
N PHE A 738 3.90 -15.22 -33.17
CA PHE A 738 4.10 -15.42 -34.60
C PHE A 738 5.55 -15.79 -34.89
N GLU A 739 6.50 -15.19 -34.17
CA GLU A 739 7.90 -15.52 -34.37
C GLU A 739 8.20 -16.95 -33.96
N ALA A 740 7.61 -17.42 -32.86
CA ALA A 740 7.79 -18.80 -32.44
C ALA A 740 7.10 -19.77 -33.38
N SER A 741 5.98 -19.36 -33.98
CA SER A 741 5.27 -20.24 -34.91
C SER A 741 6.02 -20.37 -36.23
N GLN A 742 6.56 -19.26 -36.74
CA GLN A 742 7.33 -19.30 -37.97
C GLN A 742 8.64 -20.03 -37.77
N LYS A 743 9.49 -19.51 -36.88
CA LYS A 743 10.74 -20.16 -36.51
C LYS A 743 10.58 -20.82 -35.15
N CYS A 744 10.67 -22.14 -35.12
CA CYS A 744 10.45 -22.91 -33.91
C CYS A 744 11.73 -23.12 -33.10
N ASP A 745 12.72 -22.25 -33.27
CA ASP A 745 13.94 -22.30 -32.49
C ASP A 745 13.85 -21.52 -31.19
N LEU A 746 12.72 -20.86 -30.93
CA LEU A 746 12.52 -20.10 -29.72
C LEU A 746 11.21 -20.53 -29.06
N VAL A 747 11.17 -20.41 -27.74
CA VAL A 747 10.01 -20.84 -26.94
C VAL A 747 9.58 -19.68 -26.05
N THR A 748 8.32 -19.29 -26.16
CA THR A 748 7.78 -18.21 -25.32
C THR A 748 7.49 -18.75 -23.92
N THR A 749 8.15 -18.17 -22.92
CA THR A 749 7.97 -18.59 -21.54
C THR A 749 7.71 -17.37 -20.67
N GLY A 750 6.62 -17.40 -19.93
CA GLY A 750 6.27 -16.30 -19.05
C GLY A 750 4.76 -16.14 -18.97
N GLU A 751 4.35 -15.22 -18.10
CA GLU A 751 2.94 -14.92 -17.87
C GLU A 751 2.60 -13.58 -18.49
N LEU A 752 1.39 -13.48 -19.04
CA LEU A 752 0.96 -12.24 -19.67
C LEU A 752 0.69 -11.16 -18.62
N PHE A 753 1.11 -9.94 -18.93
CA PHE A 753 0.89 -8.80 -18.04
C PHE A 753 0.79 -7.55 -18.89
N PHE A 754 0.09 -6.54 -18.34
CA PHE A 754 -0.15 -5.27 -19.02
C PHE A 754 -0.84 -5.50 -20.37
N ARG A 755 -2.04 -6.05 -20.31
CA ARG A 755 -2.80 -6.37 -21.51
C ARG A 755 -3.44 -5.10 -22.06
N SER A 756 -3.07 -4.75 -23.30
CA SER A 756 -3.60 -3.56 -23.95
C SER A 756 -3.77 -3.84 -25.43
N GLY A 757 -4.95 -3.56 -25.96
CA GLY A 757 -5.23 -3.81 -27.36
C GLY A 757 -4.60 -2.77 -28.28
N PHE A 758 -4.82 -2.97 -29.57
CA PHE A 758 -4.31 -2.09 -30.60
C PHE A 758 -5.48 -1.31 -31.20
N GLY A 759 -5.42 0.02 -31.11
CA GLY A 759 -6.48 0.86 -31.60
C GLY A 759 -5.99 1.86 -32.63
N ILE A 760 -6.84 2.13 -33.62
CA ILE A 760 -6.50 3.10 -34.66
C ILE A 760 -6.59 4.51 -34.07
N GLY A 761 -5.49 5.25 -34.15
CA GLY A 761 -5.46 6.59 -33.62
C GLY A 761 -5.67 7.66 -34.68
N MET A 762 -6.29 8.75 -34.25
CA MET A 762 -6.59 9.88 -35.12
C MET A 762 -6.47 11.17 -34.30
N ARG A 763 -7.01 12.26 -34.83
CA ARG A 763 -6.97 13.54 -34.12
C ARG A 763 -8.01 13.54 -32.99
N LYS A 764 -8.11 14.66 -32.30
CA LYS A 764 -8.99 14.78 -31.13
C LYS A 764 -10.41 15.20 -31.50
N ASP A 765 -10.65 15.58 -32.76
CA ASP A 765 -11.99 15.99 -33.17
C ASP A 765 -12.16 15.69 -34.65
N SER A 766 -12.88 14.61 -34.95
CA SER A 766 -13.17 14.22 -36.33
C SER A 766 -14.28 13.19 -36.31
N PRO A 767 -15.32 13.35 -37.14
CA PRO A 767 -16.35 12.31 -37.22
C PRO A 767 -15.83 11.00 -37.79
N TRP A 768 -14.73 11.04 -38.54
CA TRP A 768 -14.17 9.83 -39.11
C TRP A 768 -13.71 8.86 -38.02
N LYS A 769 -13.29 9.40 -36.87
CA LYS A 769 -12.90 8.54 -35.75
C LYS A 769 -14.08 7.72 -35.26
N GLN A 770 -15.22 8.37 -35.02
CA GLN A 770 -16.42 7.66 -34.58
C GLN A 770 -16.92 6.71 -35.66
N GLN A 771 -16.77 7.11 -36.93
CA GLN A 771 -17.18 6.23 -38.02
C GLN A 771 -16.34 4.95 -38.05
N VAL A 772 -15.01 5.08 -37.90
CA VAL A 772 -14.15 3.90 -37.87
C VAL A 772 -14.44 3.06 -36.62
N SER A 773 -14.75 3.72 -35.50
CA SER A 773 -15.11 2.97 -34.30
C SER A 773 -16.37 2.14 -34.52
N LEU A 774 -17.40 2.73 -35.12
CA LEU A 774 -18.62 1.98 -35.40
C LEU A 774 -18.37 0.86 -36.40
N SER A 775 -17.53 1.12 -37.42
CA SER A 775 -17.22 0.09 -38.39
C SER A 775 -16.50 -1.09 -37.75
N ILE A 776 -15.57 -0.80 -36.83
CA ILE A 776 -14.85 -1.88 -36.14
C ILE A 776 -15.80 -2.64 -35.22
N LEU A 777 -16.64 -1.92 -34.47
CA LEU A 777 -17.60 -2.57 -33.59
C LEU A 777 -18.64 -3.39 -34.34
N LYS A 778 -18.90 -3.07 -35.61
CA LYS A 778 -19.85 -3.82 -36.42
C LYS A 778 -19.22 -5.00 -37.16
N SER A 779 -17.96 -4.86 -37.60
CA SER A 779 -17.31 -5.90 -38.37
C SER A 779 -16.49 -6.86 -37.52
N HIS A 780 -16.27 -6.54 -36.24
CA HIS A 780 -15.48 -7.42 -35.39
C HIS A 780 -16.27 -8.62 -34.89
N GLU A 781 -17.60 -8.60 -35.01
CA GLU A 781 -18.45 -9.71 -34.59
C GLU A 781 -19.11 -10.40 -35.77
N ASN A 782 -18.52 -10.32 -36.95
CA ASN A 782 -19.06 -10.94 -38.16
C ASN A 782 -18.06 -11.93 -38.77
N GLY A 783 -17.08 -12.36 -37.99
CA GLY A 783 -16.12 -13.34 -38.47
C GLY A 783 -15.05 -12.77 -39.37
N PHE A 784 -15.10 -11.47 -39.64
CA PHE A 784 -14.13 -10.85 -40.53
C PHE A 784 -12.74 -10.86 -39.91
N MET A 785 -12.61 -10.38 -38.67
CA MET A 785 -11.33 -10.42 -37.98
C MET A 785 -10.87 -11.85 -37.74
N GLU A 786 -11.80 -12.75 -37.43
CA GLU A 786 -11.44 -14.15 -37.28
C GLU A 786 -10.93 -14.74 -38.59
N ASP A 787 -11.56 -14.38 -39.71
CA ASP A 787 -11.08 -14.84 -41.01
C ASP A 787 -9.69 -14.30 -41.30
N LEU A 788 -9.45 -13.03 -40.99
CA LEU A 788 -8.13 -12.45 -41.24
C LEU A 788 -7.07 -13.10 -40.36
N ASP A 789 -7.40 -13.39 -39.11
CA ASP A 789 -6.46 -14.05 -38.22
C ASP A 789 -6.17 -15.48 -38.68
N LYS A 790 -7.19 -16.17 -39.20
CA LYS A 790 -6.99 -17.51 -39.74
C LYS A 790 -6.11 -17.48 -40.99
N THR A 791 -6.28 -16.44 -41.82
CA THR A 791 -5.54 -16.37 -43.07
C THR A 791 -4.09 -15.97 -42.84
N TRP A 792 -3.85 -15.02 -41.94
CA TRP A 792 -2.51 -14.45 -41.77
C TRP A 792 -1.80 -14.86 -40.50
N VAL A 793 -2.52 -15.12 -39.39
CA VAL A 793 -1.90 -15.39 -38.11
C VAL A 793 -2.16 -16.82 -37.64
N ARG A 794 -2.44 -17.74 -38.56
CA ARG A 794 -2.72 -19.13 -38.21
C ARG A 794 -1.93 -20.04 -39.15
N TYR A 795 -0.73 -20.43 -38.73
CA TYR A 795 0.07 -21.38 -39.50
C TYR A 795 0.22 -22.69 -38.73
N GLN A 796 0.71 -22.60 -37.49
CA GLN A 796 0.89 -23.77 -36.62
C GLN A 796 1.74 -24.84 -37.30
N GLU A 797 2.99 -24.50 -37.63
CA GLU A 797 3.89 -25.39 -38.33
C GLU A 797 4.96 -25.98 -37.42
N CYS A 798 4.58 -26.25 -36.17
CA CYS A 798 5.50 -26.85 -35.21
C CYS A 798 4.70 -27.49 -34.08
N ASP A 799 5.36 -28.35 -33.32
CA ASP A 799 4.74 -29.03 -32.20
C ASP A 799 5.09 -28.32 -30.89
N SER A 800 4.58 -28.88 -29.79
CA SER A 800 4.83 -28.33 -28.46
C SER A 800 5.18 -29.45 -27.50
N ARG A 801 5.51 -29.06 -26.27
CA ARG A 801 5.87 -30.03 -25.24
C ARG A 801 4.62 -30.64 -24.61
N SER A 802 3.88 -31.44 -25.38
CA SER A 802 2.66 -32.05 -24.87
C SER A 802 2.97 -33.12 -23.83
N ASN A 803 3.87 -34.04 -24.15
CA ASN A 803 4.23 -35.13 -23.24
C ASN A 803 5.74 -35.11 -23.01
N ALA A 804 6.14 -35.67 -21.88
CA ALA A 804 7.55 -35.73 -21.50
C ALA A 804 8.31 -36.83 -22.24
N PRO A 805 7.80 -38.06 -22.36
CA PRO A 805 8.52 -39.08 -23.12
C PRO A 805 8.62 -38.72 -24.59
N ALA A 806 9.86 -38.59 -25.08
CA ALA A 806 10.14 -38.26 -26.46
C ALA A 806 10.82 -39.44 -27.16
N THR A 807 10.71 -39.47 -28.49
CA THR A 807 11.32 -40.52 -29.27
C THR A 807 12.83 -40.33 -29.33
N LEU A 808 13.51 -41.30 -29.95
CA LEU A 808 14.96 -41.28 -30.10
C LEU A 808 15.34 -40.79 -31.50
N THR A 809 16.60 -40.42 -31.63
CA THR A 809 17.15 -39.90 -32.88
C THR A 809 18.27 -40.83 -33.37
N PHE A 810 18.92 -40.41 -34.45
CA PHE A 810 20.01 -41.18 -35.05
C PHE A 810 21.35 -40.80 -34.41
N GLU A 811 21.45 -41.08 -33.11
CA GLU A 811 22.65 -40.75 -32.35
C GLU A 811 23.55 -41.96 -32.15
N ASN A 812 23.01 -43.04 -31.57
CA ASN A 812 23.79 -44.24 -31.31
C ASN A 812 23.76 -45.24 -32.45
N MET A 813 22.86 -45.06 -33.43
CA MET A 813 22.78 -45.99 -34.55
C MET A 813 24.05 -45.95 -35.39
N ALA A 814 24.54 -44.75 -35.70
CA ALA A 814 25.79 -44.63 -36.44
C ALA A 814 26.95 -45.21 -35.65
N GLY A 815 26.94 -45.01 -34.33
CA GLY A 815 28.00 -45.56 -33.50
C GLY A 815 28.04 -47.06 -33.51
N VAL A 816 26.89 -47.70 -33.35
CA VAL A 816 26.85 -49.16 -33.35
C VAL A 816 27.13 -49.70 -34.75
N PHE A 817 26.74 -48.97 -35.79
CA PHE A 817 27.06 -49.40 -37.15
C PHE A 817 28.57 -49.36 -37.39
N MET A 818 29.23 -48.30 -36.94
CA MET A 818 30.68 -48.23 -37.06
C MET A 818 31.36 -49.31 -36.22
N LEU A 819 30.81 -49.60 -35.04
CA LEU A 819 31.38 -50.66 -34.21
C LEU A 819 31.24 -52.03 -34.88
N VAL A 820 30.12 -52.25 -35.57
CA VAL A 820 29.94 -53.53 -36.26
C VAL A 820 30.85 -53.62 -37.48
N ALA A 821 31.00 -52.51 -38.21
CA ALA A 821 31.94 -52.50 -39.33
C ALA A 821 33.37 -52.76 -38.88
N GLY A 822 33.76 -52.18 -37.74
CA GLY A 822 35.03 -52.55 -37.13
C GLY A 822 35.06 -54.02 -36.76
N GLY A 823 33.93 -54.56 -36.30
CA GLY A 823 33.86 -55.98 -36.03
C GLY A 823 34.05 -56.81 -37.28
N ILE A 824 33.49 -56.37 -38.41
CA ILE A 824 33.62 -57.11 -39.65
C ILE A 824 35.06 -57.08 -40.15
N VAL A 825 35.70 -55.92 -40.08
CA VAL A 825 37.08 -55.84 -40.55
C VAL A 825 38.01 -56.61 -39.63
N ALA A 826 37.74 -56.60 -38.32
CA ALA A 826 38.53 -57.41 -37.41
C ALA A 826 38.32 -58.90 -37.67
N GLY A 827 37.09 -59.28 -38.04
CA GLY A 827 36.83 -60.68 -38.35
C GLY A 827 37.55 -61.14 -39.61
N ILE A 828 37.56 -60.30 -40.65
CA ILE A 828 38.25 -60.71 -41.87
C ILE A 828 39.77 -60.70 -41.65
N PHE A 829 40.26 -59.78 -40.82
CA PHE A 829 41.69 -59.78 -40.49
C PHE A 829 42.05 -61.04 -39.71
N LEU A 830 41.22 -61.44 -38.75
CA LEU A 830 41.45 -62.69 -38.03
C LEU A 830 41.32 -63.91 -38.92
N ILE A 831 40.46 -63.85 -39.94
CA ILE A 831 40.37 -64.95 -40.89
C ILE A 831 41.67 -65.08 -41.69
N PHE A 832 42.20 -63.95 -42.14
CA PHE A 832 43.50 -63.98 -42.81
C PHE A 832 44.60 -64.50 -41.89
N ILE A 833 44.58 -64.09 -40.62
CA ILE A 833 45.58 -64.56 -39.67
C ILE A 833 45.45 -66.06 -39.47
N GLU A 834 44.22 -66.57 -39.37
CA GLU A 834 44.01 -68.00 -39.17
C GLU A 834 44.44 -68.80 -40.38
N ILE A 835 44.20 -68.27 -41.58
CA ILE A 835 44.66 -68.94 -42.79
C ILE A 835 46.18 -68.98 -42.82
N ALA A 836 46.83 -67.87 -42.46
CA ALA A 836 48.29 -67.84 -42.43
C ALA A 836 48.83 -68.84 -41.40
N TYR A 837 48.17 -68.95 -40.25
CA TYR A 837 48.61 -69.87 -39.22
C TYR A 837 48.43 -71.32 -39.66
N LYS A 838 47.30 -71.64 -40.30
CA LYS A 838 47.06 -72.98 -40.79
C LYS A 838 48.04 -73.34 -41.91
N ARG A 839 48.48 -72.35 -42.68
CA ARG A 839 49.49 -72.60 -43.70
C ARG A 839 50.80 -73.02 -43.07
N HIS A 840 51.14 -72.45 -41.91
CA HIS A 840 52.36 -72.83 -41.23
C HIS A 840 52.21 -74.16 -40.49
N LYS A 841 51.11 -74.31 -39.76
CA LYS A 841 50.84 -75.55 -39.02
C LYS A 841 49.37 -75.89 -39.04
N SER B 65 44.97 52.53 -27.92
CA SER B 65 44.71 53.89 -27.47
C SER B 65 43.21 54.15 -27.37
N ILE B 66 42.49 53.23 -26.74
CA ILE B 66 41.06 53.35 -26.56
C ILE B 66 40.77 54.10 -25.27
N GLY B 67 39.81 55.01 -25.32
CA GLY B 67 39.46 55.80 -24.16
C GLY B 67 38.50 55.09 -23.22
N ILE B 68 38.98 54.75 -22.03
CA ILE B 68 38.17 54.08 -21.01
C ILE B 68 38.01 55.02 -19.83
N ALA B 69 36.76 55.25 -19.44
CA ALA B 69 36.43 56.14 -18.34
C ALA B 69 35.88 55.35 -17.16
N VAL B 70 36.07 55.89 -15.95
CA VAL B 70 35.59 55.27 -14.72
C VAL B 70 35.00 56.36 -13.85
N ILE B 71 33.74 56.20 -13.46
CA ILE B 71 33.03 57.18 -12.64
C ILE B 71 32.62 56.52 -11.34
N LEU B 72 32.70 57.29 -10.24
CA LEU B 72 32.33 56.81 -8.92
C LEU B 72 31.30 57.75 -8.31
N VAL B 73 30.48 57.20 -7.41
CA VAL B 73 29.45 57.97 -6.72
C VAL B 73 29.57 57.71 -5.23
N GLY B 74 29.38 58.76 -4.43
CA GLY B 74 29.47 58.64 -2.99
C GLY B 74 30.90 58.51 -2.52
N THR B 75 31.05 57.93 -1.33
CA THR B 75 32.36 57.73 -0.72
C THR B 75 32.94 56.40 -1.18
N SER B 76 34.17 56.44 -1.67
CA SER B 76 34.85 55.24 -2.15
C SER B 76 36.35 55.48 -2.15
N ASP B 77 37.11 54.39 -2.01
CA ASP B 77 38.56 54.46 -1.99
C ASP B 77 39.07 54.67 -3.41
N GLU B 78 39.24 55.95 -3.77
CA GLU B 78 39.71 56.30 -5.11
C GLU B 78 41.17 55.92 -5.30
N VAL B 79 41.98 56.01 -4.25
CA VAL B 79 43.40 55.67 -4.38
C VAL B 79 43.57 54.18 -4.66
N ALA B 80 42.80 53.34 -3.98
CA ALA B 80 42.88 51.90 -4.21
C ALA B 80 42.44 51.55 -5.64
N ILE B 81 41.38 52.19 -6.12
CA ILE B 81 40.92 51.92 -7.48
C ILE B 81 41.95 52.39 -8.49
N LYS B 82 42.58 53.54 -8.25
CA LYS B 82 43.62 54.02 -9.16
C LYS B 82 44.82 53.09 -9.18
N ASP B 83 45.22 52.58 -8.00
CA ASP B 83 46.33 51.64 -7.94
C ASP B 83 45.99 50.34 -8.65
N ALA B 84 44.75 49.85 -8.48
CA ALA B 84 44.35 48.62 -9.16
C ALA B 84 44.31 48.82 -10.68
N HIS B 85 43.89 50.00 -11.14
CA HIS B 85 43.87 50.28 -12.56
C HIS B 85 45.27 50.41 -13.13
N GLU B 86 46.19 51.02 -12.37
CA GLU B 86 47.56 51.16 -12.83
C GLU B 86 48.31 49.83 -12.81
N LYS B 87 47.94 48.93 -11.91
CA LYS B 87 48.59 47.63 -11.83
C LYS B 87 48.19 46.70 -12.97
N ASP B 88 47.18 47.05 -13.75
CA ASP B 88 46.76 46.20 -14.85
C ASP B 88 47.79 46.25 -15.98
N ASP B 89 48.09 45.07 -16.55
CA ASP B 89 49.06 44.93 -17.62
C ASP B 89 48.37 44.31 -18.83
N PHE B 90 48.44 45.00 -19.96
CA PHE B 90 47.84 44.55 -21.21
C PHE B 90 48.84 44.67 -22.35
N HIS B 91 50.08 44.23 -22.11
CA HIS B 91 51.11 44.31 -23.14
C HIS B 91 50.83 43.35 -24.28
N HIS B 92 50.26 42.18 -23.97
CA HIS B 92 49.98 41.20 -25.02
C HIS B 92 48.85 41.67 -25.93
N LEU B 93 47.83 42.30 -25.36
CA LEU B 93 46.72 42.79 -26.16
C LEU B 93 47.08 44.09 -26.89
N SER B 94 48.05 44.84 -26.37
CA SER B 94 48.49 46.10 -26.97
C SER B 94 47.36 47.10 -27.11
N VAL B 95 46.42 47.08 -26.16
CA VAL B 95 45.31 48.02 -26.20
C VAL B 95 45.76 49.42 -25.77
N VAL B 96 46.58 49.49 -24.72
CA VAL B 96 47.08 50.76 -24.17
C VAL B 96 45.90 51.66 -23.82
N PRO B 97 44.89 51.15 -23.11
CA PRO B 97 43.75 52.00 -22.76
C PRO B 97 44.07 52.94 -21.60
N ARG B 98 43.60 54.17 -21.73
CA ARG B 98 43.83 55.18 -20.70
C ARG B 98 42.78 55.06 -19.60
N VAL B 99 43.10 55.65 -18.45
CA VAL B 99 42.22 55.65 -17.29
C VAL B 99 41.84 57.09 -16.98
N GLU B 100 40.57 57.30 -16.63
CA GLU B 100 40.05 58.63 -16.29
C GLU B 100 39.10 58.48 -15.12
N LEU B 101 39.58 58.76 -13.91
CA LEU B 101 38.79 58.67 -12.70
C LEU B 101 38.08 59.99 -12.46
N VAL B 102 36.74 59.95 -12.46
CA VAL B 102 35.92 61.14 -12.24
C VAL B 102 34.91 60.84 -11.15
N ALA B 103 34.64 61.83 -10.30
CA ALA B 103 33.71 61.69 -9.20
C ALA B 103 32.42 62.44 -9.52
N MET B 104 31.29 61.88 -9.08
CA MET B 104 29.99 62.49 -9.32
C MET B 104 29.07 62.16 -8.15
N ASN B 105 28.08 63.02 -7.96
CA ASN B 105 27.11 62.85 -6.88
C ASN B 105 25.84 62.20 -7.43
N GLU B 106 24.82 62.09 -6.58
CA GLU B 106 23.53 61.50 -6.94
C GLU B 106 22.46 62.55 -7.14
N THR B 107 22.81 63.68 -7.76
CA THR B 107 21.86 64.78 -7.94
C THR B 107 20.66 64.34 -8.77
N ASP B 108 20.90 63.94 -10.01
CA ASP B 108 19.82 63.51 -10.90
C ASP B 108 20.44 62.74 -12.05
N PRO B 109 19.62 62.09 -12.88
CA PRO B 109 20.18 61.36 -14.03
C PRO B 109 20.61 62.29 -15.16
N LYS B 110 20.02 63.49 -15.26
CA LYS B 110 20.41 64.42 -16.31
C LYS B 110 21.85 64.90 -16.12
N SER B 111 22.24 65.16 -14.87
CA SER B 111 23.61 65.57 -14.61
C SER B 111 24.59 64.44 -14.94
N ILE B 112 24.21 63.19 -14.64
CA ILE B 112 25.06 62.07 -14.98
C ILE B 112 25.19 61.92 -16.50
N ILE B 113 24.09 62.12 -17.21
CA ILE B 113 24.13 62.04 -18.68
C ILE B 113 25.00 63.14 -19.25
N THR B 114 24.90 64.35 -18.69
CA THR B 114 25.74 65.45 -19.16
C THR B 114 27.21 65.18 -18.89
N ARG B 115 27.52 64.63 -17.72
CA ARG B 115 28.91 64.30 -17.40
C ARG B 115 29.42 63.19 -18.32
N ILE B 116 28.58 62.20 -18.62
CA ILE B 116 28.98 61.13 -19.52
C ILE B 116 29.25 61.68 -20.92
N CYS B 117 28.40 62.59 -21.39
CA CYS B 117 28.61 63.20 -22.71
C CYS B 117 29.89 64.03 -22.73
N ASP B 118 30.15 64.78 -21.65
CA ASP B 118 31.38 65.57 -21.58
C ASP B 118 32.61 64.68 -21.56
N LEU B 119 32.55 63.56 -20.83
CA LEU B 119 33.68 62.65 -20.78
C LEU B 119 33.89 61.96 -22.13
N MET B 120 32.80 61.67 -22.84
CA MET B 120 32.92 61.06 -24.16
C MET B 120 33.50 62.03 -25.18
N SER B 121 33.08 63.29 -25.14
CA SER B 121 33.60 64.30 -26.05
C SER B 121 34.92 64.91 -25.60
N ASP B 122 35.43 64.51 -24.43
CA ASP B 122 36.67 65.07 -23.90
C ASP B 122 37.89 64.67 -24.72
N ARG B 123 38.15 63.36 -24.81
CA ARG B 123 39.28 62.87 -25.60
C ARG B 123 38.99 61.44 -26.04
N LYS B 124 38.26 61.31 -27.15
CA LYS B 124 38.02 60.04 -27.84
C LYS B 124 37.70 58.90 -26.87
N ILE B 125 36.71 59.14 -26.01
CA ILE B 125 36.29 58.12 -25.05
C ILE B 125 35.31 57.17 -25.74
N GLN B 126 35.62 55.87 -25.68
CA GLN B 126 34.79 54.84 -26.30
C GLN B 126 34.14 53.91 -25.29
N GLY B 127 34.21 54.23 -24.00
CA GLY B 127 33.62 53.39 -22.98
C GLY B 127 33.69 54.00 -21.60
N VAL B 128 32.69 53.73 -20.77
CA VAL B 128 32.63 54.28 -19.42
C VAL B 128 31.81 53.32 -18.55
N VAL B 129 32.31 53.04 -17.35
CA VAL B 129 31.63 52.20 -16.38
C VAL B 129 31.55 52.95 -15.06
N PHE B 130 30.34 53.08 -14.52
CA PHE B 130 30.11 53.84 -13.31
C PHE B 130 29.49 52.95 -12.24
N ALA B 131 29.64 53.36 -10.98
CA ALA B 131 29.07 52.67 -9.83
C ALA B 131 28.40 53.69 -8.93
N ASP B 132 27.26 53.30 -8.34
CA ASP B 132 26.49 54.15 -7.47
C ASP B 132 26.16 53.41 -6.19
N ASP B 133 26.18 54.13 -5.06
CA ASP B 133 25.88 53.54 -3.77
C ASP B 133 24.39 53.48 -3.47
N THR B 134 23.54 53.90 -4.41
CA THR B 134 22.09 53.87 -4.22
C THR B 134 21.55 52.51 -4.64
N ASP B 135 20.22 52.39 -4.70
CA ASP B 135 19.59 51.13 -5.09
C ASP B 135 18.41 51.35 -6.04
N GLN B 136 18.18 52.56 -6.51
CA GLN B 136 17.06 52.83 -7.41
C GLN B 136 17.40 52.36 -8.82
N GLU B 137 16.47 51.63 -9.44
CA GLU B 137 16.65 51.13 -10.79
C GLU B 137 16.49 52.22 -11.85
N ALA B 138 16.04 53.42 -11.46
CA ALA B 138 15.87 54.50 -12.43
C ALA B 138 17.22 54.92 -13.02
N ILE B 139 18.27 54.93 -12.19
CA ILE B 139 19.60 55.29 -12.68
C ILE B 139 20.08 54.26 -13.69
N ALA B 140 19.88 52.97 -13.40
CA ALA B 140 20.29 51.93 -14.33
C ALA B 140 19.48 52.02 -15.63
N GLN B 141 18.19 52.32 -15.52
CA GLN B 141 17.38 52.46 -16.73
C GLN B 141 17.84 53.63 -17.58
N ILE B 142 18.17 54.76 -16.94
CA ILE B 142 18.65 55.93 -17.68
C ILE B 142 20.00 55.62 -18.31
N LEU B 143 20.86 54.88 -17.61
CA LEU B 143 22.15 54.51 -18.18
C LEU B 143 21.98 53.60 -19.39
N ASP B 144 21.07 52.63 -19.29
CA ASP B 144 20.82 51.74 -20.44
C ASP B 144 20.24 52.53 -21.61
N PHE B 145 19.36 53.48 -21.34
CA PHE B 145 18.79 54.30 -22.40
C PHE B 145 19.87 55.15 -23.07
N ILE B 146 20.77 55.73 -22.28
CA ILE B 146 21.85 56.54 -22.85
C ILE B 146 22.80 55.67 -23.67
N SER B 147 23.07 54.46 -23.19
CA SER B 147 23.96 53.56 -23.94
C SER B 147 23.31 53.12 -25.25
N ALA B 148 22.00 52.90 -25.24
CA ALA B 148 21.30 52.51 -26.46
C ALA B 148 21.22 53.67 -27.45
N GLN B 149 21.08 54.89 -26.93
CA GLN B 149 20.98 56.05 -27.82
C GLN B 149 22.33 56.39 -28.42
N THR B 150 23.37 56.52 -27.59
CA THR B 150 24.70 56.85 -28.08
C THR B 150 25.40 55.67 -28.75
N LEU B 151 24.83 54.46 -28.66
CA LEU B 151 25.40 53.26 -29.26
C LEU B 151 26.82 52.98 -28.74
N THR B 152 27.09 53.38 -27.48
CA THR B 152 28.39 53.17 -26.88
C THR B 152 28.34 52.02 -25.89
N PRO B 153 29.48 51.34 -25.66
CA PRO B 153 29.50 50.21 -24.71
C PRO B 153 29.60 50.71 -23.28
N ILE B 154 28.64 50.34 -22.45
CA ILE B 154 28.62 50.72 -21.04
C ILE B 154 28.38 49.48 -20.19
N LEU B 155 29.02 49.43 -19.03
CA LEU B 155 28.90 48.30 -18.12
C LEU B 155 28.68 48.81 -16.71
N GLY B 156 28.06 47.97 -15.89
CA GLY B 156 27.81 48.30 -14.50
C GLY B 156 28.58 47.42 -13.55
N ILE B 157 29.43 48.05 -12.72
CA ILE B 157 30.26 47.28 -11.79
C ILE B 157 29.41 46.70 -10.67
N HIS B 158 28.79 47.58 -9.89
CA HIS B 158 27.96 47.15 -8.76
C HIS B 158 27.11 48.33 -8.32
N GLY B 159 26.17 48.06 -7.43
CA GLY B 159 25.30 49.08 -6.89
C GLY B 159 23.98 49.15 -7.65
N GLY B 160 23.58 50.36 -8.03
CA GLY B 160 22.34 50.53 -8.76
C GLY B 160 22.41 50.04 -10.19
N SER B 161 23.60 50.10 -10.80
CA SER B 161 23.76 49.64 -12.18
C SER B 161 23.78 48.12 -12.26
N SER B 162 23.96 47.42 -11.15
CA SER B 162 23.99 45.96 -11.14
C SER B 162 22.60 45.33 -11.23
N MET B 163 21.55 46.14 -11.24
CA MET B 163 20.19 45.60 -11.35
C MET B 163 19.97 44.98 -12.73
N ILE B 164 19.30 43.83 -12.74
CA ILE B 164 19.02 43.10 -13.97
C ILE B 164 17.61 43.47 -14.42
N MET B 165 17.53 44.20 -15.54
CA MET B 165 16.23 44.58 -16.08
C MET B 165 15.53 43.39 -16.71
N ALA B 166 14.20 43.49 -16.79
CA ALA B 166 13.40 42.38 -17.31
C ALA B 166 13.54 42.25 -18.82
N ASP B 167 13.21 43.30 -19.56
CA ASP B 167 13.23 43.29 -21.02
C ASP B 167 14.23 44.34 -21.49
N LYS B 168 15.32 43.88 -22.11
CA LYS B 168 16.33 44.77 -22.64
C LYS B 168 16.00 45.20 -24.06
N ASP B 169 16.61 46.29 -24.49
CA ASP B 169 16.39 46.79 -25.85
C ASP B 169 17.12 45.92 -26.86
N GLU B 170 16.56 45.84 -28.07
CA GLU B 170 17.15 45.02 -29.12
C GLU B 170 18.41 45.67 -29.68
N SER B 171 18.30 46.93 -30.12
CA SER B 171 19.44 47.63 -30.70
C SER B 171 20.20 48.41 -29.62
N SER B 172 20.62 47.67 -28.59
CA SER B 172 21.36 48.23 -27.47
C SER B 172 22.64 47.44 -27.26
N MET B 173 23.58 48.06 -26.55
CA MET B 173 24.88 47.45 -26.23
C MET B 173 25.12 47.69 -24.74
N PHE B 174 24.68 46.74 -23.91
CA PHE B 174 24.83 46.84 -22.47
C PHE B 174 25.14 45.45 -21.90
N PHE B 175 26.00 45.42 -20.89
CA PHE B 175 26.38 44.17 -20.23
C PHE B 175 26.58 44.44 -18.75
N GLN B 176 26.02 43.57 -17.91
CA GLN B 176 26.13 43.69 -16.46
C GLN B 176 26.50 42.35 -15.86
N PHE B 177 27.00 42.39 -14.64
CA PHE B 177 27.41 41.21 -13.90
C PHE B 177 26.36 40.89 -12.85
N GLY B 178 25.75 39.72 -12.95
CA GLY B 178 24.73 39.29 -12.02
C GLY B 178 24.03 38.03 -12.46
N PRO B 179 23.14 37.51 -11.62
CA PRO B 179 22.40 36.29 -11.97
C PRO B 179 21.10 36.61 -12.68
N SER B 180 20.55 35.58 -13.32
CA SER B 180 19.31 35.68 -14.06
C SER B 180 18.14 35.16 -13.22
N ILE B 181 16.94 35.26 -13.81
CA ILE B 181 15.74 34.78 -13.12
C ILE B 181 15.75 33.26 -13.02
N GLU B 182 16.22 32.58 -14.07
CA GLU B 182 16.28 31.13 -14.05
C GLU B 182 17.40 30.62 -13.15
N GLN B 183 18.48 31.41 -13.00
CA GLN B 183 19.58 30.99 -12.15
C GLN B 183 19.16 30.93 -10.69
N GLN B 184 18.37 31.91 -10.22
CA GLN B 184 17.89 31.88 -8.84
C GLN B 184 16.96 30.70 -8.61
N ALA B 185 16.10 30.40 -9.58
CA ALA B 185 15.21 29.25 -9.44
C ALA B 185 15.99 27.95 -9.42
N SER B 186 17.02 27.83 -10.26
CA SER B 186 17.85 26.63 -10.25
C SER B 186 18.60 26.48 -8.94
N VAL B 187 19.11 27.60 -8.39
CA VAL B 187 19.80 27.54 -7.11
C VAL B 187 18.84 27.13 -5.99
N MET B 188 17.62 27.66 -6.01
CA MET B 188 16.63 27.29 -5.01
C MET B 188 16.26 25.81 -5.12
N LEU B 189 16.11 25.32 -6.35
CA LEU B 189 15.80 23.90 -6.54
C LEU B 189 16.95 23.02 -6.05
N ASN B 190 18.18 23.42 -6.32
CA ASN B 190 19.34 22.66 -5.84
C ASN B 190 19.40 22.66 -4.32
N ILE B 191 19.12 23.81 -3.70
CA ILE B 191 19.13 23.87 -2.24
C ILE B 191 18.03 23.01 -1.65
N MET B 192 16.85 23.00 -2.28
CA MET B 192 15.76 22.16 -1.80
C MET B 192 16.08 20.68 -1.95
N GLU B 193 16.74 20.31 -3.06
CA GLU B 193 17.13 18.91 -3.26
C GLU B 193 18.21 18.50 -2.25
N GLU B 194 19.13 19.41 -1.93
CA GLU B 194 20.16 19.10 -0.94
C GLU B 194 19.56 19.00 0.46
N TYR B 195 18.55 19.80 0.75
CA TYR B 195 17.87 19.77 2.06
C TYR B 195 16.83 18.66 2.16
N ASP B 196 16.83 17.70 1.25
CA ASP B 196 15.92 16.55 1.21
C ASP B 196 14.47 16.96 1.07
N TRP B 197 14.18 18.17 0.58
CA TRP B 197 12.81 18.60 0.37
C TRP B 197 12.25 18.01 -0.92
N TYR B 198 10.99 17.57 -0.86
CA TYR B 198 10.33 17.00 -2.01
C TYR B 198 8.93 17.58 -2.24
N ILE B 199 8.57 18.63 -1.51
CA ILE B 199 7.25 19.26 -1.64
C ILE B 199 7.42 20.76 -1.47
N PHE B 200 6.65 21.53 -2.24
CA PHE B 200 6.72 22.98 -2.18
C PHE B 200 5.44 23.56 -2.76
N SER B 201 5.29 24.87 -2.64
CA SER B 201 4.13 25.59 -3.16
C SER B 201 4.61 26.76 -4.01
N ILE B 202 3.67 27.34 -4.76
CA ILE B 202 3.95 28.47 -5.64
C ILE B 202 2.99 29.60 -5.28
N VAL B 203 3.53 30.76 -4.98
CA VAL B 203 2.74 31.94 -4.63
C VAL B 203 3.50 33.19 -5.05
N THR B 204 2.83 34.07 -5.79
CA THR B 204 3.46 35.29 -6.27
C THR B 204 2.40 36.37 -6.43
N THR B 205 2.85 37.61 -6.52
CA THR B 205 1.97 38.75 -6.70
C THR B 205 1.62 38.91 -8.18
N TYR B 206 1.00 40.03 -8.52
CA TYR B 206 0.59 40.31 -9.90
C TYR B 206 1.74 40.84 -10.75
N PHE B 207 2.97 40.79 -10.27
CA PHE B 207 4.10 41.28 -11.04
C PHE B 207 4.39 40.34 -12.21
N PRO B 208 4.77 40.87 -13.37
CA PRO B 208 5.06 39.98 -14.50
C PRO B 208 6.34 39.17 -14.32
N GLY B 209 7.37 39.75 -13.69
CA GLY B 209 8.59 38.99 -13.48
C GLY B 209 8.41 37.81 -12.56
N TYR B 210 7.62 37.99 -11.50
CA TYR B 210 7.35 36.87 -10.59
C TYR B 210 6.57 35.76 -11.30
N GLN B 211 5.60 36.12 -12.12
CA GLN B 211 4.85 35.11 -12.88
C GLN B 211 5.75 34.39 -13.87
N ASP B 212 6.65 35.13 -14.53
CA ASP B 212 7.57 34.50 -15.46
C ASP B 212 8.51 33.54 -14.74
N PHE B 213 9.02 33.95 -13.56
CA PHE B 213 9.89 33.06 -12.79
C PHE B 213 9.14 31.82 -12.32
N VAL B 214 7.88 31.98 -11.91
CA VAL B 214 7.09 30.83 -11.48
C VAL B 214 6.85 29.88 -12.64
N ASN B 215 6.55 30.43 -13.82
CA ASN B 215 6.35 29.58 -14.99
C ASN B 215 7.62 28.85 -15.38
N LYS B 216 8.77 29.53 -15.29
CA LYS B 216 10.04 28.88 -15.59
C LYS B 216 10.35 27.77 -14.59
N ILE B 217 10.07 28.01 -13.31
CA ILE B 217 10.30 26.99 -12.29
C ILE B 217 9.38 25.79 -12.52
N ARG B 218 8.13 26.05 -12.90
CA ARG B 218 7.21 24.96 -13.18
C ARG B 218 7.65 24.14 -14.38
N SER B 219 8.10 24.83 -15.44
CA SER B 219 8.59 24.11 -16.62
C SER B 219 9.85 23.31 -16.32
N THR B 220 10.71 23.83 -15.43
CA THR B 220 11.92 23.09 -15.07
C THR B 220 11.60 21.88 -14.19
N ILE B 221 10.62 22.02 -13.31
CA ILE B 221 10.26 20.91 -12.42
C ILE B 221 9.46 19.86 -13.18
N GLU B 222 8.74 20.24 -14.23
CA GLU B 222 7.97 19.27 -15.00
C GLU B 222 8.88 18.31 -15.75
N ASN B 223 9.99 18.82 -16.28
CA ASN B 223 10.94 17.99 -17.01
C ASN B 223 12.06 17.50 -16.08
N SER B 224 11.63 16.80 -15.03
CA SER B 224 12.54 16.24 -14.03
C SER B 224 12.32 14.74 -13.94
N PHE B 225 13.43 13.98 -13.96
CA PHE B 225 13.33 12.53 -13.85
C PHE B 225 12.91 12.11 -12.44
N VAL B 226 13.31 12.86 -11.42
CA VAL B 226 12.96 12.54 -10.04
C VAL B 226 11.51 12.93 -9.79
N GLY B 227 10.95 12.46 -8.68
CA GLY B 227 9.57 12.78 -8.36
C GLY B 227 9.41 14.21 -7.88
N TRP B 228 8.16 14.67 -7.92
CA TRP B 228 7.83 16.02 -7.50
C TRP B 228 6.35 16.09 -7.19
N GLU B 229 6.00 16.87 -6.16
CA GLU B 229 4.61 17.02 -5.72
C GLU B 229 4.29 18.51 -5.63
N LEU B 230 3.40 18.97 -6.50
CA LEU B 230 2.96 20.36 -6.51
C LEU B 230 1.53 20.42 -5.98
N GLU B 231 1.33 21.18 -4.91
CA GLU B 231 0.01 21.27 -4.30
C GLU B 231 -0.92 22.14 -5.14
N GLU B 232 -0.58 23.42 -5.32
CA GLU B 232 -1.40 24.35 -6.07
C GLU B 232 -0.55 25.59 -6.35
N VAL B 233 -1.16 26.55 -7.04
CA VAL B 233 -0.52 27.82 -7.36
C VAL B 233 -1.42 28.96 -6.91
N LEU B 234 -0.83 30.00 -6.34
CA LEU B 234 -1.56 31.16 -5.84
C LEU B 234 -1.17 32.39 -6.63
N LEU B 235 -2.16 33.13 -7.10
CA LEU B 235 -1.95 34.35 -7.88
C LEU B 235 -2.85 35.47 -7.36
N LEU B 236 -2.94 35.60 -6.04
CA LEU B 236 -3.78 36.63 -5.45
C LEU B 236 -3.14 38.01 -5.65
N ASP B 237 -3.99 39.01 -5.86
CA ASP B 237 -3.56 40.38 -6.07
C ASP B 237 -3.89 41.21 -4.83
N MET B 238 -2.89 41.90 -4.30
CA MET B 238 -3.05 42.72 -3.11
C MET B 238 -3.47 44.15 -3.43
N SER B 239 -3.60 44.50 -4.70
CA SER B 239 -3.99 45.85 -5.09
C SER B 239 -5.50 46.07 -5.01
N LEU B 240 -6.29 45.01 -4.86
CA LEU B 240 -7.73 45.16 -4.77
C LEU B 240 -8.13 45.77 -3.43
N ASP B 241 -9.26 46.48 -3.44
CA ASP B 241 -9.78 47.12 -2.23
C ASP B 241 -10.63 46.13 -1.45
N ASP B 242 -10.41 46.08 -0.13
CA ASP B 242 -11.13 45.21 0.80
C ASP B 242 -10.97 43.74 0.47
N GLY B 243 -9.95 43.37 -0.28
CA GLY B 243 -9.69 41.99 -0.65
C GLY B 243 -8.84 41.21 0.31
N ASP B 244 -8.57 41.75 1.51
CA ASP B 244 -7.73 41.05 2.47
C ASP B 244 -8.42 39.81 3.03
N SER B 245 -9.74 39.85 3.18
CA SER B 245 -10.47 38.70 3.70
C SER B 245 -10.39 37.51 2.75
N LYS B 246 -10.57 37.77 1.45
CA LYS B 246 -10.48 36.69 0.47
C LYS B 246 -9.08 36.10 0.41
N ILE B 247 -8.06 36.96 0.51
CA ILE B 247 -6.68 36.47 0.50
C ILE B 247 -6.41 35.62 1.73
N GLN B 248 -6.88 36.07 2.90
CA GLN B 248 -6.68 35.31 4.12
C GLN B 248 -7.42 33.97 4.07
N ASN B 249 -8.60 33.94 3.44
CA ASN B 249 -9.34 32.70 3.32
C ASN B 249 -8.67 31.75 2.34
N GLN B 250 -8.10 32.28 1.26
CA GLN B 250 -7.43 31.43 0.28
C GLN B 250 -6.08 30.94 0.79
N LEU B 251 -5.44 31.69 1.68
CA LEU B 251 -4.15 31.26 2.22
C LEU B 251 -4.28 30.06 3.15
N LYS B 252 -5.48 29.81 3.69
CA LYS B 252 -5.67 28.69 4.59
C LYS B 252 -5.68 27.35 3.85
N LYS B 253 -5.85 27.37 2.54
CA LYS B 253 -5.87 26.14 1.76
C LYS B 253 -4.49 25.52 1.58
N LEU B 254 -3.43 26.24 1.94
CA LEU B 254 -2.08 25.71 1.80
C LEU B 254 -1.83 24.61 2.83
N GLN B 255 -1.27 23.50 2.37
CA GLN B 255 -0.99 22.37 3.24
C GLN B 255 0.44 21.85 3.15
N SER B 256 1.20 22.21 2.13
CA SER B 256 2.58 21.76 2.01
C SER B 256 3.46 22.43 3.06
N PRO B 257 4.59 21.81 3.41
CA PRO B 257 5.48 22.39 4.42
C PRO B 257 6.43 23.44 3.88
N ILE B 258 6.46 23.67 2.57
CA ILE B 258 7.33 24.66 1.96
C ILE B 258 6.51 25.53 1.01
N ILE B 259 6.77 26.83 1.02
CA ILE B 259 6.08 27.78 0.17
C ILE B 259 7.09 28.76 -0.40
N LEU B 260 6.93 29.10 -1.68
CA LEU B 260 7.80 30.03 -2.37
C LEU B 260 7.07 31.34 -2.57
N LEU B 261 7.74 32.44 -2.23
CA LEU B 261 7.18 33.79 -2.36
C LEU B 261 8.11 34.65 -3.21
N TYR B 262 7.51 35.39 -4.15
CA TYR B 262 8.26 36.26 -5.04
C TYR B 262 7.43 37.53 -5.26
N CYS B 263 7.73 38.57 -4.50
CA CYS B 263 7.01 39.84 -4.60
C CYS B 263 7.93 40.95 -4.11
N THR B 264 7.36 42.14 -3.90
CA THR B 264 8.10 43.29 -3.43
C THR B 264 8.28 43.22 -1.91
N LYS B 265 8.90 44.26 -1.35
CA LYS B 265 9.13 44.30 0.09
C LYS B 265 7.83 44.48 0.86
N GLU B 266 7.01 45.45 0.45
CA GLU B 266 5.74 45.67 1.12
C GLU B 266 4.80 44.49 0.95
N GLU B 267 4.78 43.89 -0.25
CA GLU B 267 3.94 42.72 -0.48
C GLU B 267 4.40 41.54 0.36
N ALA B 268 5.72 41.34 0.48
CA ALA B 268 6.23 40.25 1.31
C ALA B 268 5.89 40.50 2.78
N THR B 269 5.99 41.75 3.23
CA THR B 269 5.63 42.06 4.61
C THR B 269 4.14 41.81 4.86
N TYR B 270 3.29 42.19 3.91
CA TYR B 270 1.86 41.94 4.06
C TYR B 270 1.56 40.44 4.08
N ILE B 271 2.24 39.67 3.23
CA ILE B 271 2.03 38.23 3.20
C ILE B 271 2.49 37.60 4.52
N PHE B 272 3.60 38.08 5.06
CA PHE B 272 4.08 37.57 6.35
C PHE B 272 3.13 37.92 7.47
N GLU B 273 2.57 39.13 7.44
CA GLU B 273 1.59 39.51 8.46
C GLU B 273 0.33 38.66 8.36
N VAL B 274 -0.13 38.38 7.13
CA VAL B 274 -1.31 37.54 6.95
C VAL B 274 -1.03 36.12 7.42
N ALA B 275 0.18 35.61 7.16
CA ALA B 275 0.53 34.27 7.63
C ALA B 275 0.61 34.21 9.15
N ASN B 276 1.14 35.26 9.78
CA ASN B 276 1.19 35.30 11.23
C ASN B 276 -0.20 35.40 11.84
N SER B 277 -1.10 36.14 11.18
CA SER B 277 -2.48 36.22 11.66
C SER B 277 -3.20 34.88 11.48
N VAL B 278 -2.86 34.14 10.42
CA VAL B 278 -3.47 32.83 10.20
C VAL B 278 -2.98 31.83 11.23
N GLY B 279 -1.68 31.85 11.54
CA GLY B 279 -1.11 30.99 12.54
C GLY B 279 -0.27 29.85 12.01
N LEU B 280 -0.25 29.63 10.69
CA LEU B 280 0.56 28.56 10.10
C LEU B 280 1.93 29.06 9.66
N THR B 281 2.62 29.75 10.56
CA THR B 281 3.94 30.28 10.22
C THR B 281 4.97 30.09 11.33
N GLY B 282 4.72 29.26 12.34
CA GLY B 282 5.62 29.12 13.46
C GLY B 282 6.61 27.97 13.36
N TYR B 283 6.11 26.75 13.22
CA TYR B 283 6.96 25.57 13.22
C TYR B 283 6.94 24.82 11.91
N GLY B 284 5.75 24.51 11.37
CA GLY B 284 5.66 23.73 10.16
C GLY B 284 5.55 24.58 8.90
N TYR B 285 6.33 25.65 8.83
CA TYR B 285 6.32 26.57 7.70
C TYR B 285 7.74 26.82 7.24
N THR B 286 7.94 26.81 5.92
CA THR B 286 9.21 27.13 5.30
C THR B 286 8.98 28.06 4.13
N TRP B 287 9.54 29.26 4.20
CA TRP B 287 9.35 30.28 3.17
C TRP B 287 10.66 30.52 2.45
N ILE B 288 10.59 30.58 1.12
CA ILE B 288 11.74 30.86 0.27
C ILE B 288 11.42 32.12 -0.55
N VAL B 289 12.36 33.06 -0.55
CA VAL B 289 12.16 34.34 -1.24
C VAL B 289 13.34 34.57 -2.17
N PRO B 290 13.17 35.41 -3.18
CA PRO B 290 14.25 35.72 -4.12
C PRO B 290 15.15 36.81 -3.56
N SER B 291 16.13 37.22 -4.38
CA SER B 291 17.07 38.25 -3.97
C SER B 291 16.43 39.64 -3.94
N LEU B 292 15.33 39.84 -4.66
CA LEU B 292 14.67 41.15 -4.69
C LEU B 292 13.71 41.35 -3.53
N VAL B 293 13.46 40.33 -2.72
CA VAL B 293 12.54 40.49 -1.60
C VAL B 293 13.23 41.13 -0.41
N ALA B 294 14.54 40.94 -0.26
CA ALA B 294 15.29 41.51 0.86
C ALA B 294 15.88 42.86 0.48
N GLY B 295 16.71 42.90 -0.56
CA GLY B 295 17.32 44.13 -1.00
C GLY B 295 18.47 44.58 -0.13
N ASP B 296 18.18 44.97 1.11
CA ASP B 296 19.18 45.44 2.07
C ASP B 296 19.17 44.51 3.27
N THR B 297 20.29 43.80 3.48
CA THR B 297 20.39 42.89 4.61
C THR B 297 20.56 43.63 5.93
N ASP B 298 21.00 44.88 5.91
CA ASP B 298 21.19 45.63 7.15
C ASP B 298 19.85 46.05 7.76
N THR B 299 18.86 46.32 6.93
CA THR B 299 17.54 46.74 7.40
C THR B 299 16.60 45.55 7.41
N VAL B 300 15.85 45.40 8.50
CA VAL B 300 14.90 44.29 8.65
C VAL B 300 13.55 44.87 9.07
N PRO B 301 12.45 44.44 8.43
CA PRO B 301 11.13 44.95 8.80
C PRO B 301 10.56 44.36 10.08
N SER B 302 11.24 43.38 10.68
CA SER B 302 10.83 42.73 11.92
C SER B 302 9.47 42.05 11.82
N GLU B 303 9.02 41.72 10.61
CA GLU B 303 7.74 41.06 10.40
C GLU B 303 7.87 39.71 9.71
N PHE B 304 9.09 39.30 9.34
CA PHE B 304 9.27 38.02 8.66
C PHE B 304 9.48 36.90 9.69
N PRO B 305 9.06 35.68 9.37
CA PRO B 305 9.25 34.58 10.31
C PRO B 305 10.71 34.17 10.44
N THR B 306 11.07 33.69 11.62
CA THR B 306 12.43 33.27 11.87
C THR B 306 12.76 32.00 11.09
N GLY B 307 13.97 31.96 10.54
CA GLY B 307 14.41 30.81 9.77
C GLY B 307 14.14 30.89 8.28
N LEU B 308 13.88 32.08 7.76
CA LEU B 308 13.63 32.22 6.32
C LEU B 308 14.93 32.05 5.54
N ILE B 309 14.82 31.37 4.39
CA ILE B 309 15.95 31.11 3.52
C ILE B 309 15.76 31.89 2.23
N SER B 310 16.77 32.67 1.85
CA SER B 310 16.70 33.47 0.64
C SER B 310 18.10 33.57 0.04
N VAL B 311 18.15 33.75 -1.28
CA VAL B 311 19.41 33.88 -1.99
C VAL B 311 19.76 35.35 -2.15
N SER B 312 21.04 35.63 -2.37
CA SER B 312 21.52 36.99 -2.56
C SER B 312 22.82 36.96 -3.35
N TYR B 313 23.25 38.12 -3.79
CA TYR B 313 24.48 38.24 -4.55
C TYR B 313 25.69 38.25 -3.62
N ASP B 314 26.79 37.69 -4.11
CA ASP B 314 28.04 37.61 -3.34
C ASP B 314 28.69 38.99 -3.35
N GLU B 315 28.44 39.77 -2.28
CA GLU B 315 29.01 41.10 -2.16
C GLU B 315 29.94 41.27 -0.97
N TRP B 316 29.81 40.44 0.07
CA TRP B 316 30.68 40.57 1.24
C TRP B 316 32.10 40.11 0.94
N ASP B 317 32.26 39.10 0.09
CA ASP B 317 33.57 38.58 -0.24
C ASP B 317 34.15 39.21 -1.51
N TYR B 318 33.30 39.55 -2.46
CA TYR B 318 33.77 40.16 -3.70
C TYR B 318 34.19 41.60 -3.46
N GLY B 319 35.38 41.95 -3.94
CA GLY B 319 35.90 43.31 -3.79
C GLY B 319 35.49 44.18 -4.96
N LEU B 320 35.03 45.39 -4.67
CA LEU B 320 34.60 46.29 -5.73
C LEU B 320 35.75 46.78 -6.58
N PRO B 321 36.88 47.23 -6.01
CA PRO B 321 37.96 47.72 -6.87
C PRO B 321 38.61 46.62 -7.71
N ALA B 322 38.81 45.43 -7.13
CA ALA B 322 39.39 44.33 -7.89
C ALA B 322 38.48 43.90 -9.02
N ARG B 323 37.17 43.81 -8.75
CA ARG B 323 36.22 43.44 -9.80
C ARG B 323 36.16 44.51 -10.89
N VAL B 324 36.22 45.78 -10.51
CA VAL B 324 36.20 46.86 -11.49
C VAL B 324 37.45 46.81 -12.37
N ARG B 325 38.61 46.56 -11.76
CA ARG B 325 39.84 46.46 -12.53
C ARG B 325 39.80 45.25 -13.47
N ASP B 326 39.29 44.11 -12.99
CA ASP B 326 39.17 42.93 -13.84
C ASP B 326 38.23 43.19 -15.02
N GLY B 327 37.10 43.85 -14.77
CA GLY B 327 36.19 44.17 -15.84
C GLY B 327 36.78 45.13 -16.85
N ILE B 328 37.52 46.14 -16.37
CA ILE B 328 38.17 47.08 -17.27
C ILE B 328 39.21 46.38 -18.12
N ALA B 329 39.99 45.48 -17.51
CA ALA B 329 41.00 44.73 -18.26
C ALA B 329 40.35 43.82 -19.30
N ILE B 330 39.24 43.17 -18.94
CA ILE B 330 38.55 42.29 -19.88
C ILE B 330 37.99 43.11 -21.04
N ILE B 331 37.43 44.28 -20.75
CA ILE B 331 36.88 45.13 -21.81
C ILE B 331 37.99 45.62 -22.73
N THR B 332 39.14 45.98 -22.16
CA THR B 332 40.26 46.43 -22.99
C THR B 332 40.78 45.29 -23.87
N THR B 333 40.88 44.08 -23.31
CA THR B 333 41.33 42.94 -24.10
C THR B 333 40.34 42.62 -25.21
N ALA B 334 39.04 42.69 -24.93
CA ALA B 334 38.04 42.44 -25.97
C ALA B 334 38.10 43.50 -27.06
N ALA B 335 38.28 44.76 -26.68
CA ALA B 335 38.40 45.83 -27.68
C ALA B 335 39.65 45.64 -28.53
N SER B 336 40.76 45.25 -27.91
CA SER B 336 41.98 45.02 -28.68
C SER B 336 41.81 43.84 -29.64
N ASP B 337 41.19 42.75 -29.17
CA ASP B 337 40.95 41.61 -30.04
C ASP B 337 40.05 41.97 -31.21
N MET B 338 39.01 42.77 -30.94
CA MET B 338 38.11 43.19 -32.02
C MET B 338 38.83 44.08 -33.02
N LEU B 339 39.63 45.03 -32.55
CA LEU B 339 40.37 45.90 -33.45
C LEU B 339 41.43 45.14 -34.23
N SER B 340 41.94 44.04 -33.68
CA SER B 340 42.94 43.24 -34.40
C SER B 340 42.28 42.34 -35.44
N GLU B 341 41.12 41.76 -35.10
CA GLU B 341 40.46 40.83 -36.01
C GLU B 341 39.68 41.56 -37.11
N HIS B 342 38.70 42.37 -36.71
CA HIS B 342 37.84 43.04 -37.68
C HIS B 342 38.54 44.22 -38.34
N SER B 343 39.63 44.72 -37.75
CA SER B 343 40.40 45.85 -38.28
C SER B 343 39.55 47.11 -38.42
N PHE B 344 38.47 47.22 -37.64
CA PHE B 344 37.58 48.37 -37.69
C PHE B 344 37.35 48.87 -36.26
N ILE B 345 37.65 50.13 -36.02
CA ILE B 345 37.49 50.76 -34.72
C ILE B 345 36.44 51.87 -34.85
N PRO B 346 35.33 51.81 -34.11
CA PRO B 346 34.31 52.86 -34.23
C PRO B 346 34.68 54.07 -33.39
N GLU B 347 34.86 55.22 -34.05
CA GLU B 347 35.21 56.47 -33.38
C GLU B 347 34.39 57.60 -34.00
N PRO B 348 33.08 57.58 -33.80
CA PRO B 348 32.21 58.62 -34.35
C PRO B 348 32.24 59.86 -33.47
N LYS B 349 31.42 60.85 -33.86
CA LYS B 349 31.31 62.09 -33.11
C LYS B 349 30.61 61.83 -31.78
N SER B 350 31.37 61.87 -30.69
CA SER B 350 30.82 61.62 -29.35
C SER B 350 30.10 62.87 -28.86
N SER B 351 28.92 63.09 -29.43
CA SER B 351 28.08 64.23 -29.08
C SER B 351 26.78 63.75 -28.46
N CYS B 352 26.11 64.67 -27.76
CA CYS B 352 24.83 64.38 -27.11
C CYS B 352 23.65 64.84 -27.94
N TYR B 353 23.61 66.11 -28.31
CA TYR B 353 22.53 66.65 -29.11
C TYR B 353 22.71 66.26 -30.58
N ASN B 354 21.58 66.09 -31.27
CA ASN B 354 21.55 65.72 -32.68
C ASN B 354 22.28 64.40 -32.91
N THR B 355 21.78 63.35 -32.27
CA THR B 355 22.35 62.01 -32.37
C THR B 355 21.57 61.10 -33.30
N HIS B 356 20.62 61.65 -34.08
CA HIS B 356 19.85 60.83 -35.00
C HIS B 356 20.70 60.35 -36.17
N GLU B 357 21.55 61.22 -36.70
CA GLU B 357 22.40 60.87 -37.83
C GLU B 357 23.69 60.19 -37.40
N LYS B 358 23.90 59.96 -36.11
CA LYS B 358 25.11 59.31 -35.62
C LYS B 358 25.08 57.79 -35.82
N ARG B 359 23.96 57.23 -36.26
CA ARG B 359 23.83 55.79 -36.47
C ARG B 359 24.36 55.34 -37.83
N ILE B 360 25.14 56.18 -38.51
CA ILE B 360 25.69 55.79 -39.81
C ILE B 360 26.74 54.71 -39.66
N TYR B 361 27.48 54.71 -38.56
CA TYR B 361 28.53 53.74 -38.29
C TYR B 361 27.96 52.68 -37.34
N GLN B 362 27.70 51.48 -37.88
CA GLN B 362 27.16 50.41 -37.07
C GLN B 362 28.21 49.88 -36.09
N SER B 363 27.78 49.56 -34.88
CA SER B 363 28.65 49.04 -33.83
C SER B 363 28.19 47.67 -33.34
N ASN B 364 27.55 46.91 -34.22
CA ASN B 364 27.07 45.58 -33.84
C ASN B 364 28.21 44.58 -33.65
N MET B 365 29.35 44.80 -34.31
CA MET B 365 30.48 43.89 -34.16
C MET B 365 31.05 43.94 -32.75
N LEU B 366 31.15 45.14 -32.17
CA LEU B 366 31.66 45.27 -30.81
C LEU B 366 30.73 44.61 -29.81
N ASN B 367 29.42 44.71 -30.04
CA ASN B 367 28.47 44.07 -29.14
C ASN B 367 28.49 42.55 -29.30
N ARG B 368 28.67 42.07 -30.52
CA ARG B 368 28.72 40.63 -30.75
C ARG B 368 30.01 40.02 -30.21
N TYR B 369 31.11 40.78 -30.22
CA TYR B 369 32.39 40.29 -29.73
C TYR B 369 32.54 40.43 -28.22
N LEU B 370 31.72 41.26 -27.58
CA LEU B 370 31.80 41.46 -26.14
C LEU B 370 31.17 40.32 -25.35
N ILE B 371 30.54 39.35 -26.02
CA ILE B 371 29.90 38.23 -25.34
C ILE B 371 30.87 37.06 -25.24
N ASN B 372 32.15 37.32 -25.53
CA ASN B 372 33.18 36.28 -25.47
C ASN B 372 34.50 36.95 -25.10
N VAL B 373 34.86 36.88 -23.82
CA VAL B 373 36.09 37.49 -23.32
C VAL B 373 36.58 36.68 -22.13
N THR B 374 37.89 36.59 -21.98
CA THR B 374 38.50 35.87 -20.88
C THR B 374 39.87 36.46 -20.58
N PHE B 375 40.20 36.55 -19.29
CA PHE B 375 41.47 37.12 -18.88
C PHE B 375 41.77 36.66 -17.45
N GLU B 376 43.06 36.48 -17.18
CA GLU B 376 43.55 36.07 -15.86
C GLU B 376 42.93 34.74 -15.41
N GLY B 377 42.68 33.84 -16.36
CA GLY B 377 42.11 32.55 -16.03
C GLY B 377 40.70 32.62 -15.48
N ARG B 378 39.85 33.46 -16.08
CA ARG B 378 38.47 33.61 -15.63
C ARG B 378 37.57 33.73 -16.84
N ASN B 379 36.32 33.30 -16.66
CA ASN B 379 35.31 33.34 -17.72
C ASN B 379 34.34 34.49 -17.46
N LEU B 380 34.29 35.44 -18.38
CA LEU B 380 33.41 36.60 -18.27
C LEU B 380 32.47 36.73 -19.46
N SER B 381 32.22 35.63 -20.17
CA SER B 381 31.33 35.66 -21.32
C SER B 381 29.89 35.89 -20.87
N PHE B 382 29.21 36.82 -21.52
CA PHE B 382 27.82 37.13 -21.20
C PHE B 382 26.89 36.24 -22.01
N SER B 383 25.59 36.51 -21.94
CA SER B 383 24.57 35.75 -22.67
C SER B 383 23.83 36.68 -23.62
N GLU B 384 22.86 36.11 -24.34
CA GLU B 384 22.08 36.91 -25.28
C GLU B 384 21.16 37.88 -24.58
N ASP B 385 20.67 37.53 -23.38
CA ASP B 385 19.77 38.41 -22.65
C ASP B 385 20.51 39.48 -21.84
N GLY B 386 21.84 39.44 -21.81
CA GLY B 386 22.60 40.42 -21.06
C GLY B 386 22.95 40.02 -19.65
N TYR B 387 23.01 38.73 -19.36
CA TYR B 387 23.35 38.23 -18.04
C TYR B 387 24.62 37.39 -18.10
N GLN B 388 25.34 37.35 -16.99
CA GLN B 388 26.57 36.59 -16.92
C GLN B 388 26.30 35.10 -16.98
N MET B 389 27.23 34.35 -17.58
CA MET B 389 27.08 32.91 -17.70
C MET B 389 27.25 32.23 -16.35
N HIS B 390 28.30 32.59 -15.61
CA HIS B 390 28.57 32.01 -14.30
C HIS B 390 28.65 33.12 -13.26
N PRO B 391 27.58 33.39 -12.53
CA PRO B 391 27.60 34.45 -11.52
C PRO B 391 28.00 33.91 -10.15
N LYS B 392 28.17 34.83 -9.21
CA LYS B 392 28.56 34.51 -7.84
C LYS B 392 27.36 34.77 -6.93
N LEU B 393 26.91 33.73 -6.24
CA LEU B 393 25.77 33.82 -5.34
C LEU B 393 26.13 33.23 -3.99
N VAL B 394 25.32 33.55 -2.99
CA VAL B 394 25.51 33.07 -1.62
C VAL B 394 24.15 32.75 -1.02
N ILE B 395 24.18 32.10 0.14
CA ILE B 395 22.98 31.70 0.85
C ILE B 395 22.90 32.48 2.16
N ILE B 396 21.70 32.95 2.49
CA ILE B 396 21.47 33.72 3.71
C ILE B 396 20.51 32.95 4.61
N LEU B 397 20.70 33.11 5.91
CA LEU B 397 19.87 32.43 6.90
C LEU B 397 19.47 33.43 7.98
N LEU B 398 18.30 33.18 8.57
CA LEU B 398 17.77 34.05 9.61
C LEU B 398 17.98 33.40 10.98
N ASN B 399 18.68 34.10 11.87
CA ASN B 399 18.94 33.64 13.21
C ASN B 399 17.90 34.22 14.17
N LYS B 400 18.14 34.05 15.48
CA LYS B 400 17.22 34.60 16.47
C LYS B 400 17.18 36.13 16.39
N GLU B 401 18.36 36.75 16.35
CA GLU B 401 18.43 38.20 16.20
C GLU B 401 18.31 38.58 14.72
N ARG B 402 17.82 39.79 14.47
CA ARG B 402 17.65 40.25 13.09
C ARG B 402 18.99 40.52 12.43
N LYS B 403 19.42 39.60 11.57
CA LYS B 403 20.70 39.72 10.88
C LYS B 403 20.73 38.70 9.75
N TRP B 404 21.69 38.88 8.84
CA TRP B 404 21.89 38.00 7.71
C TRP B 404 23.23 37.30 7.86
N GLU B 405 23.20 35.97 7.92
CA GLU B 405 24.40 35.16 8.08
C GLU B 405 24.62 34.31 6.85
N ARG B 406 25.87 34.26 6.39
CA ARG B 406 26.23 33.47 5.21
C ARG B 406 26.25 31.99 5.56
N VAL B 407 25.41 31.21 4.91
CA VAL B 407 25.31 29.78 5.15
C VAL B 407 26.14 28.99 4.14
N GLY B 408 25.97 29.28 2.85
CA GLY B 408 26.71 28.58 1.82
C GLY B 408 26.87 29.44 0.59
N LYS B 409 27.75 28.98 -0.30
CA LYS B 409 28.04 29.68 -1.54
C LYS B 409 27.94 28.70 -2.71
N TRP B 410 27.41 29.19 -3.83
CA TRP B 410 27.24 28.39 -5.03
C TRP B 410 27.96 29.05 -6.20
N LYS B 411 28.61 28.22 -7.02
CA LYS B 411 29.35 28.72 -8.18
C LYS B 411 29.48 27.60 -9.20
N ASP B 412 29.18 27.93 -10.46
CA ASP B 412 29.25 26.97 -11.57
C ASP B 412 28.36 25.75 -11.29
N LYS B 413 27.15 26.02 -10.80
CA LYS B 413 26.15 24.98 -10.51
C LYS B 413 26.69 23.97 -9.50
N SER B 414 27.55 24.41 -8.59
CA SER B 414 28.13 23.56 -7.56
C SER B 414 27.89 24.18 -6.20
N LEU B 415 27.13 23.48 -5.35
CA LEU B 415 26.82 23.97 -4.02
C LEU B 415 27.93 23.59 -3.05
N GLN B 416 28.12 24.43 -2.02
CA GLN B 416 29.15 24.20 -1.01
C GLN B 416 28.62 24.75 0.32
N MET B 417 28.11 23.85 1.16
CA MET B 417 27.58 24.22 2.46
C MET B 417 28.67 24.16 3.52
N LYS B 418 28.54 25.00 4.54
CA LYS B 418 29.50 25.07 5.63
C LYS B 418 29.11 24.19 6.81
N TYR B 419 28.12 23.31 6.64
CA TYR B 419 27.69 22.43 7.71
C TYR B 419 27.09 21.17 7.11
N TYR B 420 27.48 20.01 7.62
CA TYR B 420 26.95 18.76 7.11
C TYR B 420 25.51 18.52 7.57
N VAL B 421 25.17 18.98 8.79
CA VAL B 421 23.83 18.84 9.34
C VAL B 421 23.20 20.23 9.37
N TRP B 422 22.03 20.35 8.75
CA TRP B 422 21.35 21.63 8.71
C TRP B 422 20.76 21.95 10.09
N PRO B 423 20.87 23.20 10.55
CA PRO B 423 20.34 23.52 11.88
C PRO B 423 18.82 23.60 11.87
N ARG B 424 18.20 22.82 12.74
CA ARG B 424 16.74 22.78 12.84
C ARG B 424 16.28 23.74 13.92
N MET B 425 15.38 24.65 13.55
CA MET B 425 14.85 25.64 14.48
C MET B 425 13.39 25.95 14.19
N ASP B 434 11.46 14.00 22.77
CA ASP B 434 12.20 14.80 21.81
C ASP B 434 12.37 14.05 20.49
N ASP B 435 12.12 14.74 19.38
CA ASP B 435 12.26 14.15 18.06
C ASP B 435 13.70 14.29 17.57
N HIS B 436 13.93 13.99 16.30
CA HIS B 436 15.25 14.08 15.67
C HIS B 436 16.27 13.20 16.40
N LEU B 437 16.00 11.89 16.38
CA LEU B 437 16.85 10.94 17.05
C LEU B 437 18.01 10.51 16.15
N SER B 438 19.07 10.00 16.78
CA SER B 438 20.25 9.53 16.09
C SER B 438 20.34 8.01 16.22
N ILE B 439 20.50 7.34 15.09
CA ILE B 439 20.55 5.88 15.02
C ILE B 439 21.86 5.46 14.38
N VAL B 440 22.55 4.51 15.02
CA VAL B 440 23.83 4.01 14.53
C VAL B 440 23.60 2.68 13.84
N THR B 441 24.36 2.44 12.78
CA THR B 441 24.27 1.19 12.03
C THR B 441 25.66 0.79 11.55
N LEU B 442 25.82 -0.50 11.25
CA LEU B 442 27.07 -1.06 10.81
C LEU B 442 26.95 -1.51 9.35
N GLU B 443 28.04 -2.06 8.81
CA GLU B 443 28.09 -2.60 7.44
C GLU B 443 28.35 -4.09 7.56
N GLU B 444 27.33 -4.90 7.26
CA GLU B 444 27.41 -6.35 7.44
C GLU B 444 26.56 -7.06 6.40
N ALA B 445 26.19 -8.31 6.68
CA ALA B 445 25.32 -9.10 5.82
C ALA B 445 24.09 -8.29 5.42
N PRO B 446 23.47 -8.61 4.27
CA PRO B 446 22.48 -7.70 3.70
C PRO B 446 21.21 -7.55 4.51
N PHE B 447 21.35 -7.18 5.79
CA PHE B 447 20.25 -6.63 6.57
C PHE B 447 20.22 -5.11 6.44
N VAL B 448 21.39 -4.49 6.53
CA VAL B 448 21.56 -3.07 6.23
C VAL B 448 22.88 -2.92 5.48
N ILE B 449 22.82 -2.43 4.24
CA ILE B 449 23.98 -2.35 3.38
C ILE B 449 24.18 -0.90 2.97
N VAL B 450 25.44 -0.53 2.73
CA VAL B 450 25.81 0.81 2.32
C VAL B 450 25.93 0.84 0.79
N GLU B 451 25.34 1.86 0.18
CA GLU B 451 25.36 2.02 -1.27
C GLU B 451 26.23 3.22 -1.63
N SER B 452 27.00 3.07 -2.70
CA SER B 452 27.88 4.14 -3.15
C SER B 452 27.07 5.29 -3.75
N VAL B 453 27.73 6.44 -3.90
CA VAL B 453 27.07 7.62 -4.46
C VAL B 453 26.80 7.39 -5.95
N ASP B 454 25.75 8.04 -6.44
CA ASP B 454 25.40 7.92 -7.85
C ASP B 454 26.49 8.53 -8.71
N PRO B 455 26.80 7.93 -9.87
CA PRO B 455 27.87 8.49 -10.71
C PRO B 455 27.54 9.87 -11.27
N LEU B 456 26.29 10.08 -11.69
CA LEU B 456 25.89 11.35 -12.27
C LEU B 456 24.73 12.02 -11.55
N SER B 457 23.83 11.24 -10.92
CA SER B 457 22.70 11.83 -10.23
C SER B 457 23.11 12.51 -8.93
N GLY B 458 24.15 11.99 -8.27
CA GLY B 458 24.61 12.57 -7.01
C GLY B 458 23.64 12.41 -5.86
N THR B 459 22.69 11.49 -5.96
CA THR B 459 21.71 11.26 -4.92
C THR B 459 21.52 9.75 -4.76
N CYS B 460 20.48 9.36 -4.04
CA CYS B 460 20.17 7.96 -3.81
C CYS B 460 18.93 7.57 -4.59
N MET B 461 18.83 6.28 -4.91
CA MET B 461 17.70 5.77 -5.68
C MET B 461 16.44 5.74 -4.80
N ARG B 462 15.36 5.23 -5.38
CA ARG B 462 14.10 5.13 -4.66
C ARG B 462 14.21 4.12 -3.53
N ASN B 463 13.37 4.32 -2.50
CA ASN B 463 13.36 3.48 -1.30
C ASN B 463 14.73 3.43 -0.64
N THR B 464 15.33 4.61 -0.48
CA THR B 464 16.64 4.74 0.12
C THR B 464 16.68 6.01 0.97
N VAL B 465 17.45 5.96 2.04
CA VAL B 465 17.58 7.09 2.96
C VAL B 465 19.00 7.62 2.92
N PRO B 466 19.22 8.92 3.13
CA PRO B 466 20.58 9.46 3.09
C PRO B 466 21.40 8.96 4.28
N CYS B 467 22.58 8.43 3.98
CA CYS B 467 23.47 7.86 4.99
C CYS B 467 24.69 8.75 5.17
N GLN B 468 25.21 8.77 6.40
CA GLN B 468 26.38 9.57 6.75
C GLN B 468 27.44 8.66 7.35
N LYS B 469 28.68 8.83 6.92
CA LYS B 469 29.81 8.04 7.40
C LYS B 469 30.98 8.98 7.69
N ARG B 470 31.43 8.99 8.94
CA ARG B 470 32.55 9.82 9.37
C ARG B 470 33.81 8.97 9.36
N ILE B 471 34.78 9.35 8.54
CA ILE B 471 36.06 8.65 8.42
C ILE B 471 37.14 9.51 9.07
N ILE B 472 37.93 8.90 9.94
CA ILE B 472 38.99 9.59 10.65
C ILE B 472 40.36 8.92 10.40
N SER B 473 40.49 8.24 9.26
CA SER B 473 41.73 7.56 8.91
C SER B 473 42.61 8.39 7.98
N GLU B 474 42.23 9.64 7.71
CA GLU B 474 43.01 10.51 6.85
C GLU B 474 44.00 11.31 7.71
N ASN B 475 44.68 12.27 7.10
CA ASN B 475 45.64 13.09 7.83
C ASN B 475 44.92 13.99 8.83
N LYS B 476 45.31 13.89 10.10
CA LYS B 476 44.72 14.67 11.17
C LYS B 476 45.57 15.89 11.54
N THR B 477 46.26 16.47 10.56
CA THR B 477 47.06 17.66 10.78
C THR B 477 46.19 18.82 11.25
N ASP B 478 45.21 19.20 10.44
CA ASP B 478 44.24 20.24 10.83
C ASP B 478 42.96 19.64 11.37
N GLU B 479 42.20 18.93 10.53
CA GLU B 479 40.93 18.31 10.89
C GLU B 479 40.42 17.52 9.70
N GLU B 480 39.54 16.56 9.99
CA GLU B 480 38.88 15.77 8.95
C GLU B 480 37.63 15.10 9.52
N PRO B 481 36.51 15.82 9.64
CA PRO B 481 35.31 15.22 10.24
C PRO B 481 34.52 14.36 9.28
N GLY B 482 35.20 13.50 8.51
CA GLY B 482 34.58 12.55 7.61
C GLY B 482 33.45 13.09 6.76
N TYR B 483 33.74 14.06 5.89
CA TYR B 483 32.74 14.67 5.02
C TYR B 483 32.46 13.71 3.85
N ILE B 484 31.71 12.65 4.16
CA ILE B 484 31.35 11.63 3.19
C ILE B 484 29.89 11.24 3.42
N LYS B 485 29.08 11.30 2.36
CA LYS B 485 27.68 10.93 2.41
C LYS B 485 27.42 9.80 1.42
N LYS B 486 26.74 8.76 1.88
CA LYS B 486 26.42 7.60 1.06
C LYS B 486 24.94 7.27 1.19
N CYS B 487 24.56 6.11 0.65
CA CYS B 487 23.18 5.64 0.68
C CYS B 487 23.12 4.31 1.43
N CYS B 488 22.03 4.11 2.18
CA CYS B 488 21.85 2.91 2.98
C CYS B 488 20.44 2.36 2.79
N LYS B 489 20.33 1.04 2.70
CA LYS B 489 19.06 0.37 2.52
C LYS B 489 19.21 -1.10 2.90
N GLY B 490 18.09 -1.78 2.99
CA GLY B 490 18.09 -3.19 3.31
C GLY B 490 16.86 -3.55 4.14
N PHE B 491 16.87 -4.79 4.64
CA PHE B 491 15.78 -5.27 5.47
C PHE B 491 15.68 -4.49 6.78
N CYS B 492 16.84 -4.19 7.39
CA CYS B 492 16.83 -3.38 8.60
C CYS B 492 16.31 -1.97 8.32
N ILE B 493 16.65 -1.41 7.16
CA ILE B 493 16.11 -0.10 6.78
C ILE B 493 14.61 -0.19 6.59
N ASP B 494 14.12 -1.30 6.04
CA ASP B 494 12.68 -1.47 5.89
C ASP B 494 11.97 -1.56 7.23
N ILE B 495 12.57 -2.28 8.18
CA ILE B 495 11.99 -2.36 9.53
C ILE B 495 11.98 -0.99 10.19
N LEU B 496 13.06 -0.22 10.02
CA LEU B 496 13.12 1.12 10.60
C LEU B 496 12.08 2.03 9.97
N LYS B 497 11.87 1.93 8.66
CA LYS B 497 10.85 2.73 7.99
C LYS B 497 9.45 2.33 8.47
N LYS B 498 9.21 1.03 8.66
CA LYS B 498 7.92 0.58 9.16
C LYS B 498 7.67 1.06 10.59
N ILE B 499 8.72 1.12 11.41
CA ILE B 499 8.57 1.64 12.77
C ILE B 499 8.30 3.14 12.74
N SER B 500 9.01 3.87 11.88
CA SER B 500 8.85 5.32 11.80
C SER B 500 7.52 5.73 11.20
N LYS B 501 6.95 4.92 10.30
CA LYS B 501 5.64 5.20 9.73
C LYS B 501 4.50 4.79 10.66
N SER B 502 4.81 4.27 11.85
CA SER B 502 3.78 3.89 12.80
C SER B 502 3.90 4.72 14.07
N VAL B 503 5.12 5.15 14.40
CA VAL B 503 5.33 6.00 15.58
C VAL B 503 5.49 7.46 15.20
N LYS B 504 5.70 7.78 13.92
CA LYS B 504 5.75 9.14 13.41
C LYS B 504 6.87 9.95 14.08
N PHE B 505 8.11 9.51 13.83
CA PHE B 505 9.30 10.19 14.31
C PHE B 505 10.29 10.30 13.16
N THR B 506 11.29 11.16 13.34
CA THR B 506 12.33 11.38 12.34
C THR B 506 13.67 10.90 12.89
N TYR B 507 14.48 10.31 12.02
CA TYR B 507 15.74 9.70 12.41
C TYR B 507 16.84 10.07 11.43
N ASP B 508 18.06 10.17 11.95
CA ASP B 508 19.25 10.38 11.15
C ASP B 508 20.13 9.15 11.21
N LEU B 509 20.95 8.97 10.17
CA LEU B 509 21.81 7.80 10.04
C LEU B 509 23.26 8.23 10.26
N TYR B 510 23.95 7.55 11.17
CA TYR B 510 25.33 7.86 11.51
C TYR B 510 26.08 6.56 11.74
N LEU B 511 27.14 6.33 10.96
CA LEU B 511 27.94 5.13 11.09
C LEU B 511 29.02 5.33 12.14
N VAL B 512 29.32 4.25 12.86
CA VAL B 512 30.32 4.27 13.91
C VAL B 512 31.67 3.91 13.30
N THR B 513 32.73 4.53 13.84
CA THR B 513 34.10 4.29 13.37
C THR B 513 35.03 3.95 14.53
N ASN B 514 34.47 3.41 15.62
CA ASN B 514 35.24 3.04 16.80
C ASN B 514 35.34 1.54 17.00
N GLY B 515 34.22 0.82 16.92
CA GLY B 515 34.22 -0.61 17.08
C GLY B 515 33.12 -1.25 16.25
N LYS B 516 33.21 -2.57 16.12
CA LYS B 516 32.23 -3.32 15.34
C LYS B 516 30.89 -3.35 16.04
N HIS B 517 30.83 -3.95 17.22
CA HIS B 517 29.58 -4.05 17.98
C HIS B 517 29.75 -3.51 19.39
N GLY B 518 30.96 -3.65 19.94
CA GLY B 518 31.24 -3.16 21.27
C GLY B 518 31.56 -4.26 22.26
N LYS B 519 32.79 -4.29 22.75
CA LYS B 519 33.22 -5.25 23.74
C LYS B 519 33.83 -4.53 24.94
N LYS B 520 33.77 -5.18 26.09
CA LYS B 520 34.28 -4.60 27.34
C LYS B 520 35.80 -4.63 27.30
N ILE B 521 36.41 -3.49 26.99
CA ILE B 521 37.87 -3.36 26.93
C ILE B 521 38.28 -2.40 28.03
N ASN B 522 38.89 -2.94 29.08
CA ASN B 522 39.37 -2.18 30.24
C ASN B 522 38.26 -1.44 30.97
N GLY B 523 37.00 -1.78 30.70
CA GLY B 523 35.87 -1.13 31.36
C GLY B 523 35.23 -0.02 30.56
N THR B 524 35.74 0.30 29.38
CA THR B 524 35.19 1.35 28.52
C THR B 524 34.67 0.72 27.24
N TRP B 525 33.36 0.80 27.03
CA TRP B 525 32.76 0.27 25.82
C TRP B 525 33.10 1.15 24.62
N ASN B 526 33.59 0.53 23.55
CA ASN B 526 33.96 1.24 22.33
C ASN B 526 33.18 0.65 21.16
N GLY B 527 32.48 1.50 20.43
CA GLY B 527 31.68 1.06 19.31
C GLY B 527 30.27 1.62 19.34
N MET B 528 29.30 0.83 18.86
CA MET B 528 27.91 1.28 18.87
C MET B 528 27.37 1.36 20.30
N ILE B 529 27.70 0.37 21.12
CA ILE B 529 27.26 0.40 22.53
C ILE B 529 27.87 1.60 23.25
N GLY B 530 29.16 1.86 23.01
CA GLY B 530 29.79 3.02 23.61
C GLY B 530 29.20 4.33 23.10
N GLU B 531 28.86 4.39 21.82
CA GLU B 531 28.25 5.60 21.27
C GLU B 531 26.86 5.83 21.86
N VAL B 532 26.13 4.76 22.15
CA VAL B 532 24.81 4.90 22.75
C VAL B 532 24.93 5.31 24.21
N VAL B 533 25.88 4.72 24.94
CA VAL B 533 26.03 5.00 26.37
C VAL B 533 26.74 6.32 26.64
N MET B 534 27.41 6.89 25.64
CA MET B 534 28.12 8.16 25.80
C MET B 534 27.28 9.35 25.37
N LYS B 535 25.94 9.21 25.36
CA LYS B 535 24.99 10.26 25.02
C LYS B 535 25.17 10.78 23.60
N ARG B 536 25.89 10.04 22.74
CA ARG B 536 26.08 10.44 21.35
C ARG B 536 24.95 9.98 20.44
N ALA B 537 24.03 9.16 20.95
CA ALA B 537 22.90 8.66 20.17
C ALA B 537 21.82 8.19 21.12
N TYR B 538 20.65 7.90 20.57
CA TYR B 538 19.50 7.45 21.34
C TYR B 538 19.11 6.01 21.01
N MET B 539 18.93 5.70 19.73
CA MET B 539 18.58 4.37 19.28
C MET B 539 19.72 3.74 18.51
N ALA B 540 19.75 2.42 18.48
CA ALA B 540 20.75 1.65 17.74
C ALA B 540 20.07 0.45 17.10
N VAL B 541 20.03 0.43 15.78
CA VAL B 541 19.39 -0.65 15.04
C VAL B 541 20.43 -1.36 14.18
N GLY B 542 20.11 -2.59 13.80
CA GLY B 542 21.01 -3.39 13.01
C GLY B 542 20.97 -4.86 13.35
N SER B 543 22.15 -5.48 13.47
CA SER B 543 22.27 -6.89 13.80
C SER B 543 22.92 -7.08 15.17
N LEU B 544 22.57 -6.23 16.13
CA LEU B 544 23.14 -6.31 17.47
C LEU B 544 22.57 -7.51 18.21
N THR B 545 23.43 -8.19 18.97
CA THR B 545 23.04 -9.37 19.72
C THR B 545 22.66 -8.99 21.14
N ILE B 546 21.69 -9.71 21.69
CA ILE B 546 21.18 -9.45 23.04
C ILE B 546 21.76 -10.51 23.97
N ASN B 547 22.63 -10.07 24.87
CA ASN B 547 23.19 -10.96 25.89
C ASN B 547 22.97 -10.39 27.28
N GLU B 548 23.60 -10.98 28.30
CA GLU B 548 23.36 -10.56 29.67
C GLU B 548 23.92 -9.16 29.93
N GLU B 549 25.19 -8.93 29.56
CA GLU B 549 25.84 -7.66 29.87
C GLU B 549 25.21 -6.50 29.11
N ARG B 550 24.97 -6.68 27.82
CA ARG B 550 24.38 -5.60 27.02
C ARG B 550 22.97 -5.27 27.47
N SER B 551 22.19 -6.30 27.82
CA SER B 551 20.84 -6.05 28.33
C SER B 551 20.87 -5.41 29.70
N GLU B 552 21.88 -5.72 30.51
CA GLU B 552 21.99 -5.10 31.82
C GLU B 552 22.42 -3.64 31.72
N VAL B 553 23.24 -3.30 30.73
CA VAL B 553 23.72 -1.93 30.56
C VAL B 553 22.85 -1.11 29.61
N VAL B 554 22.18 -1.75 28.64
CA VAL B 554 21.36 -1.05 27.65
C VAL B 554 20.03 -1.78 27.53
N ASP B 555 18.93 -1.04 27.56
CA ASP B 555 17.62 -1.64 27.42
C ASP B 555 17.38 -2.06 25.97
N PHE B 556 16.85 -3.27 25.79
CA PHE B 556 16.57 -3.81 24.47
C PHE B 556 15.07 -4.01 24.28
N SER B 557 14.64 -3.95 23.02
CA SER B 557 13.25 -4.18 22.67
C SER B 557 12.99 -5.68 22.52
N VAL B 558 11.81 -6.03 22.04
CA VAL B 558 11.46 -7.44 21.84
C VAL B 558 12.20 -7.96 20.62
N PRO B 559 12.65 -9.22 20.62
CA PRO B 559 13.36 -9.75 19.46
C PRO B 559 12.45 -9.88 18.24
N PHE B 560 13.05 -9.72 17.07
CA PHE B 560 12.32 -9.82 15.81
C PHE B 560 12.86 -10.91 14.89
N ILE B 561 13.91 -11.63 15.29
CA ILE B 561 14.50 -12.68 14.47
C ILE B 561 15.27 -13.61 15.38
N GLU B 562 15.32 -14.89 15.01
CA GLU B 562 16.01 -15.90 15.79
C GLU B 562 17.49 -15.94 15.44
N THR B 563 18.34 -16.08 16.46
CA THR B 563 19.77 -16.13 16.27
C THR B 563 20.34 -17.18 17.21
N GLY B 564 21.55 -17.66 16.89
CA GLY B 564 22.20 -18.65 17.72
C GLY B 564 23.56 -18.99 17.17
N ILE B 565 24.21 -19.92 17.87
CA ILE B 565 25.54 -20.39 17.50
C ILE B 565 25.40 -21.70 16.73
N SER B 566 26.07 -21.79 15.59
CA SER B 566 26.03 -22.99 14.76
C SER B 566 27.34 -23.11 14.01
N VAL B 567 27.94 -24.29 14.05
CA VAL B 567 29.21 -24.53 13.37
C VAL B 567 28.94 -24.82 11.90
N MET B 568 29.77 -24.25 11.03
CA MET B 568 29.68 -24.46 9.59
C MET B 568 30.90 -25.22 9.11
N VAL B 569 30.66 -26.41 8.54
CA VAL B 569 31.74 -27.27 8.07
C VAL B 569 31.47 -27.64 6.61
N SER B 570 32.51 -28.17 5.96
CA SER B 570 32.39 -28.59 4.59
C SER B 570 31.59 -29.88 4.49
N ARG B 571 30.89 -30.06 3.36
CA ARG B 571 30.08 -31.24 3.16
C ARG B 571 30.96 -32.48 2.98
N SER B 572 30.88 -33.39 3.93
CA SER B 572 31.62 -34.65 3.82
C SER B 572 30.81 -35.66 3.02
N ASN B 573 31.45 -36.27 2.03
CA ASN B 573 30.77 -37.19 1.14
C ASN B 573 31.19 -38.63 1.41
N GLY B 574 30.22 -39.53 1.36
CA GLY B 574 30.50 -40.94 1.56
C GLY B 574 31.08 -41.59 0.31
N THR B 575 31.69 -42.75 0.52
CA THR B 575 32.34 -43.47 -0.56
C THR B 575 31.34 -44.43 -1.16
N VAL B 576 30.87 -45.44 -0.42
CA VAL B 576 29.95 -46.43 -0.95
C VAL B 576 29.38 -47.26 0.18
N SER B 577 28.14 -47.72 0.03
CA SER B 577 27.57 -48.65 1.00
C SER B 577 27.79 -50.09 0.52
N PRO B 578 28.55 -50.89 1.27
CA PRO B 578 28.83 -52.26 0.83
C PRO B 578 27.57 -53.11 0.79
N SER B 579 27.70 -54.25 0.09
CA SER B 579 26.60 -55.21 -0.08
C SER B 579 25.35 -54.56 -0.68
N ALA B 580 25.54 -53.75 -1.72
CA ALA B 580 24.41 -53.07 -2.35
C ALA B 580 23.62 -53.98 -3.28
N PHE B 581 24.23 -55.08 -3.75
CA PHE B 581 23.54 -55.98 -4.66
C PHE B 581 22.52 -56.86 -3.95
N LEU B 582 22.60 -56.99 -2.63
CA LEU B 582 21.61 -57.72 -1.84
C LEU B 582 20.60 -56.80 -1.18
N GLU B 583 20.53 -55.53 -1.60
CA GLU B 583 19.61 -54.59 -0.95
C GLU B 583 18.14 -54.88 -1.24
N PRO B 584 17.70 -55.05 -2.54
CA PRO B 584 16.27 -55.25 -2.81
C PRO B 584 15.76 -56.65 -2.50
N PHE B 585 16.16 -57.19 -1.36
CA PHE B 585 15.74 -58.51 -0.90
C PHE B 585 16.24 -58.71 0.52
N SER B 586 15.63 -59.67 1.22
CA SER B 586 16.01 -60.04 2.57
C SER B 586 16.75 -61.37 2.56
N ALA B 587 17.64 -61.55 3.56
CA ALA B 587 18.40 -62.80 3.65
C ALA B 587 17.48 -63.99 3.86
N ASP B 588 16.41 -63.82 4.63
CA ASP B 588 15.45 -64.89 4.82
C ASP B 588 14.79 -65.28 3.49
N VAL B 589 14.53 -64.29 2.63
CA VAL B 589 13.96 -64.57 1.32
C VAL B 589 14.95 -65.37 0.47
N TRP B 590 16.24 -65.02 0.57
CA TRP B 590 17.26 -65.77 -0.17
C TRP B 590 17.34 -67.21 0.31
N VAL B 591 17.31 -67.42 1.63
CA VAL B 591 17.37 -68.77 2.16
C VAL B 591 16.14 -69.57 1.76
N MET B 592 14.96 -68.94 1.80
CA MET B 592 13.75 -69.63 1.39
C MET B 592 13.80 -69.99 -0.10
N MET B 593 14.27 -69.08 -0.94
CA MET B 593 14.38 -69.37 -2.36
C MET B 593 15.37 -70.50 -2.60
N PHE B 594 16.49 -70.52 -1.88
CA PHE B 594 17.48 -71.56 -2.06
C PHE B 594 16.94 -72.93 -1.65
N VAL B 595 16.28 -73.00 -0.49
CA VAL B 595 15.77 -74.29 -0.02
C VAL B 595 14.62 -74.76 -0.91
N MET B 596 13.81 -73.83 -1.42
CA MET B 596 12.75 -74.19 -2.35
C MET B 596 13.33 -74.73 -3.65
N LEU B 597 14.35 -74.06 -4.18
CA LEU B 597 15.01 -74.54 -5.39
C LEU B 597 15.55 -75.95 -5.18
N LEU B 598 16.27 -76.17 -4.08
CA LEU B 598 16.87 -77.47 -3.83
C LEU B 598 15.79 -78.55 -3.71
N ILE B 599 14.78 -78.31 -2.88
CA ILE B 599 13.76 -79.34 -2.64
C ILE B 599 12.98 -79.63 -3.93
N VAL B 600 12.56 -78.57 -4.63
CA VAL B 600 11.81 -78.77 -5.87
C VAL B 600 12.64 -79.55 -6.87
N SER B 601 13.86 -79.08 -7.16
CA SER B 601 14.73 -79.79 -8.09
C SER B 601 14.85 -81.26 -7.72
N ALA B 602 15.36 -81.54 -6.52
CA ALA B 602 15.61 -82.92 -6.13
C ALA B 602 14.34 -83.77 -6.23
N VAL B 603 13.31 -83.42 -5.46
CA VAL B 603 12.12 -84.26 -5.36
C VAL B 603 11.45 -84.39 -6.73
N ALA B 604 11.12 -83.26 -7.36
CA ALA B 604 10.40 -83.31 -8.63
C ALA B 604 11.17 -84.10 -9.68
N VAL B 605 12.43 -83.75 -9.93
CA VAL B 605 13.18 -84.43 -10.99
C VAL B 605 13.32 -85.92 -10.69
N PHE B 606 13.66 -86.27 -9.45
CA PHE B 606 13.84 -87.68 -9.12
C PHE B 606 12.55 -88.47 -9.31
N VAL B 607 11.45 -87.97 -8.75
CA VAL B 607 10.19 -88.72 -8.82
C VAL B 607 9.69 -88.81 -10.26
N PHE B 608 9.75 -87.71 -11.01
CA PHE B 608 9.21 -87.72 -12.36
C PHE B 608 10.12 -88.46 -13.33
N GLU B 609 11.40 -88.63 -12.99
CA GLU B 609 12.28 -89.44 -13.81
C GLU B 609 12.10 -90.92 -13.50
N TYR B 610 11.88 -91.26 -12.23
CA TYR B 610 11.69 -92.65 -11.87
C TYR B 610 10.33 -93.17 -12.35
N PHE B 611 9.30 -92.33 -12.28
CA PHE B 611 7.96 -92.76 -12.68
C PHE B 611 7.82 -92.80 -14.19
N SER B 612 8.03 -91.66 -14.85
CA SER B 612 7.85 -91.59 -16.29
C SER B 612 9.01 -92.29 -17.00
N PRO B 613 8.72 -93.04 -18.07
CA PRO B 613 9.76 -93.76 -18.83
C PRO B 613 10.61 -92.81 -19.68
N GLY B 628 21.87 -91.07 -24.24
CA GLY B 628 21.95 -90.19 -23.08
C GLY B 628 21.89 -90.92 -21.76
N PRO B 629 22.74 -90.54 -20.82
CA PRO B 629 22.75 -91.20 -19.50
C PRO B 629 21.56 -90.80 -18.66
N SER B 630 21.48 -91.34 -17.44
CA SER B 630 20.38 -91.02 -16.53
C SER B 630 20.46 -89.56 -16.08
N PHE B 631 19.31 -89.03 -15.68
CA PHE B 631 19.20 -87.64 -15.24
C PHE B 631 19.44 -87.61 -13.73
N THR B 632 20.68 -87.33 -13.35
CA THR B 632 21.06 -87.34 -11.95
C THR B 632 20.62 -86.04 -11.26
N ILE B 633 20.84 -85.98 -9.95
CA ILE B 633 20.48 -84.80 -9.18
C ILE B 633 21.37 -83.62 -9.52
N GLY B 634 22.62 -83.89 -9.92
CA GLY B 634 23.51 -82.81 -10.30
C GLY B 634 22.99 -82.02 -11.49
N LYS B 635 22.68 -82.72 -12.59
CA LYS B 635 22.07 -82.05 -13.74
C LYS B 635 20.70 -81.49 -13.38
N ALA B 636 19.99 -82.14 -12.45
CA ALA B 636 18.68 -81.65 -12.03
C ALA B 636 18.79 -80.25 -11.43
N ILE B 637 19.73 -80.04 -10.51
CA ILE B 637 19.88 -78.72 -9.91
C ILE B 637 20.58 -77.76 -10.88
N TRP B 638 21.42 -78.28 -11.78
CA TRP B 638 22.09 -77.43 -12.76
C TRP B 638 21.08 -76.82 -13.73
N LEU B 639 20.05 -77.58 -14.09
CA LEU B 639 19.01 -77.07 -14.98
C LEU B 639 18.29 -75.89 -14.36
N LEU B 640 17.89 -76.02 -13.09
CA LEU B 640 17.19 -74.92 -12.43
C LEU B 640 18.12 -73.74 -12.17
N TRP B 641 19.41 -74.01 -11.91
CA TRP B 641 20.37 -72.93 -11.77
C TRP B 641 20.50 -72.14 -13.08
N GLY B 642 20.58 -72.81 -14.19
CA GLY B 642 20.70 -72.05 -15.43
C GLY B 642 19.44 -71.30 -15.65
N LEU B 643 18.33 -71.93 -15.31
CA LEU B 643 17.04 -71.27 -15.56
C LEU B 643 16.86 -70.07 -14.65
N VAL B 644 17.43 -69.93 -13.48
CA VAL B 644 16.95 -68.66 -12.90
C VAL B 644 17.96 -67.57 -13.14
N PHE B 645 19.19 -67.87 -13.51
CA PHE B 645 20.11 -66.74 -13.72
C PHE B 645 20.09 -66.29 -15.16
N ASN B 646 18.96 -65.80 -15.64
CA ASN B 646 18.71 -65.23 -16.97
C ASN B 646 18.71 -66.25 -18.06
N ASN B 647 19.84 -66.91 -18.27
CA ASN B 647 20.20 -68.06 -19.13
C ASN B 647 21.68 -68.00 -19.58
N SER B 648 21.86 -68.98 -20.41
CA SER B 648 22.89 -69.46 -21.30
C SER B 648 23.82 -70.50 -20.76
N VAL B 649 23.76 -70.87 -19.52
CA VAL B 649 24.71 -71.91 -19.10
C VAL B 649 24.29 -73.18 -19.78
N PRO B 650 25.01 -73.70 -20.78
CA PRO B 650 24.56 -74.84 -21.54
C PRO B 650 24.13 -75.95 -20.60
N VAL B 651 22.97 -76.56 -20.80
CA VAL B 651 22.41 -77.49 -19.79
C VAL B 651 21.83 -78.73 -20.45
N GLN B 652 21.62 -79.86 -19.76
CA GLN B 652 21.09 -81.10 -20.42
C GLN B 652 19.59 -81.22 -20.26
N ASN B 653 18.83 -80.97 -21.34
CA ASN B 653 17.34 -80.88 -21.40
C ASN B 653 16.72 -82.23 -21.10
N PRO B 654 15.56 -82.24 -20.48
CA PRO B 654 15.00 -83.50 -20.01
C PRO B 654 13.99 -84.08 -21.00
N LYS B 655 13.33 -85.47 -20.60
CA LYS B 655 12.29 -86.05 -21.41
C LYS B 655 11.07 -86.33 -20.54
N GLY B 656 9.89 -86.19 -21.14
CA GLY B 656 8.63 -86.39 -20.42
C GLY B 656 7.81 -85.12 -20.43
N THR B 657 6.51 -85.28 -20.68
CA THR B 657 5.63 -84.13 -20.76
C THR B 657 5.47 -83.44 -19.41
N THR B 658 5.35 -84.21 -18.33
CA THR B 658 5.22 -83.62 -17.00
C THR B 658 6.51 -82.93 -16.56
N SER B 659 7.66 -83.49 -16.91
CA SER B 659 8.92 -82.81 -16.62
C SER B 659 9.02 -81.49 -17.37
N LYS B 660 8.57 -81.46 -18.62
CA LYS B 660 8.59 -80.22 -19.39
C LYS B 660 7.62 -79.21 -18.81
N ILE B 661 6.46 -79.66 -18.32
CA ILE B 661 5.52 -78.76 -17.67
C ILE B 661 6.13 -78.15 -16.41
N MET B 662 6.81 -78.98 -15.63
CA MET B 662 7.45 -78.47 -14.41
C MET B 662 8.58 -77.50 -14.76
N VAL B 663 9.32 -77.77 -15.82
CA VAL B 663 10.37 -76.87 -16.26
C VAL B 663 9.78 -75.54 -16.72
N SER B 664 8.64 -75.58 -17.40
CA SER B 664 7.97 -74.35 -17.83
C SER B 664 7.47 -73.55 -16.63
N VAL B 665 6.93 -74.24 -15.62
CA VAL B 665 6.50 -73.55 -14.41
C VAL B 665 7.69 -72.91 -13.70
N TRP B 666 8.82 -73.62 -13.62
CA TRP B 666 10.00 -73.03 -12.99
C TRP B 666 10.55 -71.86 -13.81
N ALA B 667 10.42 -71.93 -15.13
CA ALA B 667 10.86 -70.82 -15.97
C ALA B 667 9.97 -69.60 -15.78
N PHE B 668 8.67 -69.81 -15.60
CA PHE B 668 7.77 -68.70 -15.27
C PHE B 668 8.14 -68.09 -13.92
N PHE B 669 8.40 -68.95 -12.93
CA PHE B 669 8.83 -68.47 -11.62
C PHE B 669 10.12 -67.65 -11.75
N ALA B 670 11.06 -68.11 -12.57
CA ALA B 670 12.33 -67.40 -12.73
C ALA B 670 12.14 -66.07 -13.45
N VAL B 671 11.26 -66.02 -14.45
CA VAL B 671 11.05 -64.78 -15.17
C VAL B 671 10.27 -63.79 -14.30
N ILE B 672 9.52 -64.28 -13.32
CA ILE B 672 8.90 -63.39 -12.34
C ILE B 672 9.95 -62.88 -11.36
N PHE B 673 10.85 -63.76 -10.92
CA PHE B 673 11.90 -63.37 -9.98
C PHE B 673 12.83 -62.34 -10.60
N LEU B 674 13.24 -62.45 -11.84
CA LEU B 674 14.10 -61.36 -12.38
C LEU B 674 13.34 -60.08 -12.48
N ALA B 675 12.08 -60.07 -12.93
CA ALA B 675 11.41 -58.78 -12.98
C ALA B 675 11.28 -58.17 -11.59
N SER B 676 11.12 -59.02 -10.57
CA SER B 676 11.01 -58.50 -9.20
C SER B 676 12.35 -58.03 -8.67
N TYR B 677 13.45 -58.62 -9.16
CA TYR B 677 14.77 -58.30 -8.63
C TYR B 677 15.29 -56.98 -9.17
N THR B 678 15.21 -56.64 -10.45
CA THR B 678 15.74 -55.30 -10.88
C THR B 678 14.68 -54.19 -10.87
N ALA B 679 13.84 -54.18 -9.86
CA ALA B 679 12.91 -53.07 -9.70
C ALA B 679 13.63 -51.79 -9.30
N ASN B 680 14.40 -51.82 -8.21
CA ASN B 680 15.05 -50.62 -7.69
C ASN B 680 16.50 -50.90 -7.35
N LEU B 681 17.21 -51.62 -8.22
CA LEU B 681 18.62 -51.88 -7.99
C LEU B 681 19.47 -50.64 -8.24
N ALA B 682 19.19 -49.92 -9.32
CA ALA B 682 19.93 -48.70 -9.63
C ALA B 682 19.71 -47.65 -8.56
N ALA B 683 18.50 -47.56 -8.01
CA ALA B 683 18.22 -46.61 -6.95
C ALA B 683 19.00 -46.93 -5.69
N PHE B 684 19.24 -48.21 -5.42
CA PHE B 684 20.01 -48.60 -4.24
C PHE B 684 21.50 -48.50 -4.48
N MET B 685 21.94 -48.54 -5.74
CA MET B 685 23.36 -48.46 -6.07
C MET B 685 23.83 -47.02 -6.27
N ILE B 686 23.13 -46.05 -5.70
CA ILE B 686 23.53 -44.65 -5.77
C ILE B 686 23.67 -44.00 -4.40
N GLN B 687 22.99 -44.51 -3.39
CA GLN B 687 23.01 -43.90 -2.06
C GLN B 687 24.42 -43.89 -1.49
N GLU B 688 24.79 -42.78 -0.84
CA GLU B 688 26.13 -42.63 -0.28
C GLU B 688 26.17 -42.63 1.24
N GLU B 689 25.04 -42.34 1.90
CA GLU B 689 24.93 -42.34 3.36
C GLU B 689 25.94 -41.38 3.99
N TYR B 690 25.71 -40.09 3.70
CA TYR B 690 26.56 -39.03 4.23
C TYR B 690 26.54 -39.06 5.76
N VAL B 691 27.72 -38.85 6.35
CA VAL B 691 27.90 -38.87 7.79
C VAL B 691 28.54 -37.55 8.22
N ASP B 692 28.01 -36.95 9.29
CA ASP B 692 28.55 -35.70 9.78
C ASP B 692 29.89 -35.93 10.48
N GLN B 693 30.75 -34.91 10.44
CA GLN B 693 32.06 -35.04 11.03
C GLN B 693 31.99 -35.04 12.56
N VAL B 694 31.28 -34.09 13.14
CA VAL B 694 31.17 -33.96 14.59
C VAL B 694 29.74 -33.61 14.94
N SER B 695 29.32 -34.01 16.15
CA SER B 695 27.95 -33.74 16.59
C SER B 695 27.80 -32.30 17.08
N GLY B 696 28.81 -31.76 17.74
CA GLY B 696 28.73 -30.41 18.24
C GLY B 696 29.93 -30.08 19.11
N LEU B 697 29.82 -28.94 19.80
CA LEU B 697 30.90 -28.49 20.68
C LEU B 697 30.77 -29.11 22.07
N SER B 698 30.61 -30.43 22.13
CA SER B 698 30.50 -31.13 23.40
C SER B 698 31.34 -32.37 23.51
N ASP B 699 31.89 -32.89 22.41
CA ASP B 699 32.71 -34.09 22.46
C ASP B 699 34.16 -33.74 22.78
N LYS B 700 35.02 -34.74 22.78
CA LYS B 700 36.43 -34.53 23.08
C LYS B 700 37.19 -33.90 21.91
N LYS B 701 36.59 -33.87 20.72
CA LYS B 701 37.26 -33.29 19.56
C LYS B 701 37.47 -31.79 19.74
N PHE B 702 36.57 -31.11 20.44
CA PHE B 702 36.69 -29.68 20.71
C PHE B 702 37.06 -29.36 22.15
N GLN B 703 36.80 -30.29 23.08
CA GLN B 703 37.12 -30.04 24.48
C GLN B 703 38.60 -30.20 24.76
N ARG B 704 39.15 -31.38 24.49
CA ARG B 704 40.56 -31.69 24.72
C ARG B 704 41.18 -32.19 23.43
N PRO B 705 41.64 -31.30 22.55
CA PRO B 705 42.27 -31.75 21.30
C PRO B 705 43.75 -32.05 21.45
N ASN B 706 44.21 -32.19 22.70
CA ASN B 706 45.63 -32.45 22.94
C ASN B 706 46.00 -33.89 22.64
N ASP B 707 45.40 -34.84 23.36
CA ASP B 707 45.67 -36.26 23.17
C ASP B 707 44.60 -36.83 22.26
N PHE B 708 44.74 -36.57 20.96
CA PHE B 708 43.75 -36.96 19.98
C PHE B 708 44.43 -37.02 18.61
N SER B 709 43.63 -37.01 17.55
CA SER B 709 44.08 -37.02 16.17
C SER B 709 44.95 -35.80 15.87
N PRO B 710 45.62 -35.74 14.73
CA PRO B 710 46.37 -34.53 14.35
C PRO B 710 45.54 -33.27 14.56
N PRO B 711 46.19 -32.14 14.82
CA PRO B 711 45.47 -30.95 15.30
C PRO B 711 44.39 -30.50 14.33
N PHE B 712 43.15 -30.59 14.79
CA PHE B 712 42.00 -30.12 14.01
C PHE B 712 41.92 -28.60 14.10
N ARG B 713 41.81 -27.95 12.95
CA ARG B 713 41.80 -26.49 12.88
C ARG B 713 40.37 -25.99 13.04
N PHE B 714 40.16 -25.14 14.04
CA PHE B 714 38.84 -24.56 14.30
C PHE B 714 39.02 -23.31 15.15
N GLY B 715 38.23 -22.29 14.85
CA GLY B 715 38.31 -21.05 15.58
C GLY B 715 37.21 -20.10 15.15
N THR B 716 37.27 -18.88 15.68
CA THR B 716 36.30 -17.85 15.37
C THR B 716 36.99 -16.49 15.43
N VAL B 717 36.25 -15.45 15.11
CA VAL B 717 36.77 -14.09 15.11
C VAL B 717 36.70 -13.52 16.52
N PRO B 718 37.64 -12.68 16.93
CA PRO B 718 37.61 -12.10 18.27
C PRO B 718 36.68 -10.89 18.31
N ASN B 719 36.51 -10.34 19.52
CA ASN B 719 35.68 -9.16 19.76
C ASN B 719 34.24 -9.39 19.30
N GLY B 720 33.60 -10.37 19.94
CA GLY B 720 32.23 -10.70 19.62
C GLY B 720 31.54 -11.31 20.83
N SER B 721 30.23 -11.54 20.68
CA SER B 721 29.45 -12.13 21.77
C SER B 721 29.78 -13.62 21.92
N THR B 722 29.94 -14.33 20.80
CA THR B 722 30.27 -15.75 20.87
C THR B 722 31.64 -15.98 21.50
N GLU B 723 32.58 -15.06 21.27
CA GLU B 723 33.89 -15.18 21.88
C GLU B 723 33.80 -15.12 23.40
N ARG B 724 33.04 -14.14 23.92
CA ARG B 724 32.85 -14.05 25.36
C ARG B 724 32.08 -15.24 25.91
N ASN B 725 31.09 -15.72 25.15
CA ASN B 725 30.31 -16.88 25.60
C ASN B 725 31.19 -18.12 25.70
N ILE B 726 32.13 -18.28 24.77
CA ILE B 726 33.04 -19.41 24.83
C ILE B 726 34.06 -19.23 25.95
N ARG B 727 34.55 -18.01 26.13
CA ARG B 727 35.54 -17.74 27.17
C ARG B 727 34.96 -18.00 28.56
N ASN B 728 33.69 -17.66 28.76
CA ASN B 728 33.07 -17.86 30.07
C ASN B 728 32.87 -19.33 30.37
N ASN B 729 32.61 -20.15 29.36
CA ASN B 729 32.33 -21.57 29.54
C ASN B 729 33.53 -22.45 29.24
N TYR B 730 34.08 -22.36 28.03
CA TYR B 730 35.17 -23.22 27.57
C TYR B 730 36.47 -22.41 27.56
N ALA B 731 37.25 -22.55 28.63
CA ALA B 731 38.52 -21.83 28.72
C ALA B 731 39.58 -22.47 27.84
N GLU B 732 39.72 -23.79 27.90
CA GLU B 732 40.73 -24.48 27.10
C GLU B 732 40.42 -24.38 25.61
N MET B 733 39.15 -24.49 25.23
CA MET B 733 38.78 -24.37 23.83
C MET B 733 39.09 -22.97 23.30
N HIS B 734 38.80 -21.93 24.09
CA HIS B 734 39.12 -20.57 23.68
C HIS B 734 40.62 -20.36 23.58
N ALA B 735 41.38 -20.91 24.53
CA ALA B 735 42.83 -20.79 24.49
C ALA B 735 43.41 -21.49 23.26
N TYR B 736 42.80 -22.61 22.86
CA TYR B 736 43.27 -23.31 21.66
C TYR B 736 42.89 -22.55 20.41
N MET B 737 41.69 -21.98 20.35
CA MET B 737 41.25 -21.23 19.18
C MET B 737 41.91 -19.86 19.08
N GLY B 738 42.56 -19.38 20.16
CA GLY B 738 43.22 -18.10 20.10
C GLY B 738 44.31 -18.03 19.04
N LYS B 739 44.97 -19.15 18.78
CA LYS B 739 46.01 -19.18 17.74
C LYS B 739 45.43 -19.25 16.33
N PHE B 740 44.19 -19.71 16.18
CA PHE B 740 43.53 -19.82 14.88
C PHE B 740 42.49 -18.73 14.68
N ASN B 741 42.74 -17.53 15.19
CA ASN B 741 41.79 -16.44 15.05
C ASN B 741 41.77 -15.93 13.61
N GLN B 742 40.56 -15.69 13.11
CA GLN B 742 40.39 -15.20 11.74
C GLN B 742 40.50 -13.68 11.71
N ARG B 743 40.42 -13.12 10.51
CA ARG B 743 40.52 -11.68 10.29
C ARG B 743 39.44 -11.20 9.35
N GLY B 744 38.22 -11.67 9.54
CA GLY B 744 37.09 -11.30 8.71
C GLY B 744 36.23 -12.50 8.39
N VAL B 745 35.01 -12.23 7.94
CA VAL B 745 34.09 -13.31 7.59
C VAL B 745 34.42 -13.89 6.23
N ASP B 746 34.66 -13.02 5.24
CA ASP B 746 35.01 -13.50 3.91
C ASP B 746 36.37 -14.20 3.91
N ASP B 747 37.33 -13.68 4.67
CA ASP B 747 38.63 -14.33 4.76
C ASP B 747 38.51 -15.71 5.39
N ALA B 748 37.71 -15.83 6.45
CA ALA B 748 37.51 -17.13 7.08
C ALA B 748 36.78 -18.10 6.15
N LEU B 749 35.83 -17.59 5.37
CA LEU B 749 35.13 -18.44 4.41
C LEU B 749 36.08 -18.94 3.33
N LEU B 750 36.96 -18.06 2.84
CA LEU B 750 37.94 -18.49 1.83
C LEU B 750 38.92 -19.49 2.42
N SER B 751 39.34 -19.28 3.68
CA SER B 751 40.24 -20.23 4.31
C SER B 751 39.58 -21.59 4.51
N LEU B 752 38.29 -21.59 4.85
CA LEU B 752 37.57 -22.85 4.99
C LEU B 752 37.37 -23.53 3.63
N LYS B 753 37.19 -22.75 2.57
CA LYS B 753 37.04 -23.34 1.24
C LYS B 753 38.35 -23.91 0.73
N THR B 754 39.47 -23.26 1.05
CA THR B 754 40.76 -23.77 0.58
C THR B 754 41.13 -25.07 1.29
N GLY B 755 41.06 -25.08 2.63
CA GLY B 755 41.37 -26.27 3.38
C GLY B 755 42.23 -26.03 4.61
N LYS B 756 42.52 -24.76 4.89
CA LYS B 756 43.34 -24.42 6.06
C LYS B 756 42.60 -24.66 7.38
N LEU B 757 41.28 -24.79 7.35
CA LEU B 757 40.52 -25.09 8.55
C LEU B 757 39.28 -25.89 8.13
N ASP B 758 38.57 -26.41 9.12
CA ASP B 758 37.40 -27.24 8.85
C ASP B 758 36.22 -26.95 9.77
N ALA B 759 36.20 -25.81 10.45
CA ALA B 759 35.08 -25.47 11.33
C ALA B 759 35.08 -23.96 11.56
N PHE B 760 33.90 -23.36 11.46
CA PHE B 760 33.71 -21.93 11.69
C PHE B 760 32.56 -21.74 12.65
N ILE B 761 32.78 -20.92 13.69
CA ILE B 761 31.77 -20.64 14.71
C ILE B 761 31.37 -19.18 14.59
N TYR B 762 30.10 -18.93 14.30
CA TYR B 762 29.58 -17.58 14.16
C TYR B 762 28.07 -17.63 14.35
N ASP B 763 27.40 -16.53 14.05
CA ASP B 763 25.94 -16.48 14.18
C ASP B 763 25.27 -17.42 13.20
N ALA B 764 24.14 -17.98 13.62
CA ALA B 764 23.46 -18.99 12.80
C ALA B 764 22.78 -18.36 11.59
N ALA B 765 22.19 -17.17 11.76
CA ALA B 765 21.43 -16.56 10.67
C ALA B 765 22.31 -16.22 9.48
N VAL B 766 23.43 -15.53 9.72
CA VAL B 766 24.29 -15.10 8.63
C VAL B 766 24.96 -16.31 7.98
N LEU B 767 25.34 -17.31 8.77
CA LEU B 767 25.96 -18.51 8.21
C LEU B 767 24.98 -19.28 7.34
N ASN B 768 23.73 -19.41 7.80
CA ASN B 768 22.71 -20.08 6.99
C ASN B 768 22.44 -19.30 5.71
N TYR B 769 22.41 -17.96 5.79
CA TYR B 769 22.19 -17.16 4.60
C TYR B 769 23.33 -17.31 3.61
N MET B 770 24.58 -17.35 4.10
CA MET B 770 25.71 -17.52 3.19
C MET B 770 25.77 -18.92 2.61
N ALA B 771 25.33 -19.91 3.37
CA ALA B 771 25.30 -21.28 2.84
C ALA B 771 24.20 -21.44 1.80
N GLY B 772 23.07 -20.76 1.98
CA GLY B 772 22.00 -20.85 1.00
C GLY B 772 22.30 -20.06 -0.26
N ARG B 773 22.59 -18.76 -0.11
CA ARG B 773 22.85 -17.90 -1.26
C ARG B 773 24.34 -17.92 -1.63
N ASP B 774 24.78 -19.11 -2.05
CA ASP B 774 26.16 -19.33 -2.49
C ASP B 774 26.16 -19.89 -3.90
N GLU B 775 27.36 -20.08 -4.44
CA GLU B 775 27.51 -20.64 -5.78
C GLU B 775 27.15 -22.13 -5.77
N GLY B 776 25.96 -22.44 -6.27
CA GLY B 776 25.52 -23.84 -6.25
C GLY B 776 25.30 -24.32 -4.84
N CYS B 777 25.93 -25.44 -4.49
CA CYS B 777 25.86 -26.01 -3.15
C CYS B 777 27.27 -26.40 -2.75
N LYS B 778 27.92 -25.54 -1.96
CA LYS B 778 29.31 -25.75 -1.55
C LYS B 778 29.44 -26.22 -0.10
N LEU B 779 28.86 -25.51 0.85
CA LEU B 779 28.94 -25.86 2.26
C LEU B 779 27.56 -25.85 2.88
N VAL B 780 27.40 -26.67 3.93
CA VAL B 780 26.15 -26.78 4.65
C VAL B 780 26.45 -26.79 6.15
N THR B 781 25.50 -26.29 6.93
CA THR B 781 25.65 -26.25 8.38
C THR B 781 25.39 -27.63 8.99
N ILE B 782 26.09 -27.91 10.09
CA ILE B 782 25.93 -29.19 10.75
C ILE B 782 24.60 -29.23 11.48
N GLY B 783 23.98 -30.41 11.51
CA GLY B 783 22.72 -30.61 12.19
C GLY B 783 21.50 -30.19 11.40
N SER B 784 21.66 -29.47 10.30
CA SER B 784 20.55 -29.02 9.45
C SER B 784 19.54 -28.19 10.26
N GLY B 785 20.03 -27.09 10.80
CA GLY B 785 19.20 -26.18 11.57
C GLY B 785 19.40 -26.21 13.06
N LYS B 786 20.61 -26.45 13.55
CA LYS B 786 20.88 -26.44 14.98
C LYS B 786 21.32 -25.04 15.42
N VAL B 787 20.95 -24.69 16.65
CA VAL B 787 21.27 -23.40 17.23
C VAL B 787 21.67 -23.60 18.69
N PHE B 788 22.83 -23.07 19.07
CA PHE B 788 23.29 -23.13 20.45
C PHE B 788 23.16 -21.75 21.09
N ALA B 789 22.63 -21.72 22.31
CA ALA B 789 22.35 -20.48 23.03
C ALA B 789 21.48 -19.55 22.18
N SER B 790 20.25 -20.00 21.93
CA SER B 790 19.34 -19.30 21.06
C SER B 790 19.04 -17.90 21.59
N THR B 791 19.42 -16.88 20.82
CA THR B 791 19.15 -15.49 21.17
C THR B 791 18.45 -14.79 20.02
N GLY B 792 18.29 -13.47 20.13
CA GLY B 792 17.65 -12.71 19.08
C GLY B 792 18.18 -11.30 19.01
N TYR B 793 18.01 -10.68 17.85
CA TYR B 793 18.44 -9.32 17.64
C TYR B 793 17.42 -8.35 18.25
N GLY B 794 17.68 -7.06 18.08
CA GLY B 794 16.77 -6.06 18.61
C GLY B 794 17.25 -4.66 18.29
N ILE B 795 16.66 -3.69 18.98
CA ILE B 795 17.00 -2.28 18.82
C ILE B 795 17.45 -1.75 20.17
N ALA B 796 18.72 -1.37 20.27
CA ALA B 796 19.24 -0.85 21.53
C ALA B 796 18.70 0.55 21.78
N ILE B 797 18.06 0.74 22.92
CA ILE B 797 17.46 2.03 23.29
C ILE B 797 18.14 2.52 24.56
N GLN B 798 18.23 3.84 24.69
CA GLN B 798 18.88 4.45 25.84
C GLN B 798 18.16 4.04 27.14
N LYS B 799 18.93 4.02 28.23
CA LYS B 799 18.38 3.61 29.52
C LYS B 799 17.35 4.62 30.01
N ASP B 800 16.29 4.11 30.63
CA ASP B 800 15.19 4.92 31.16
C ASP B 800 14.56 5.77 30.06
N SER B 801 14.02 5.09 29.06
CA SER B 801 13.38 5.73 27.91
C SER B 801 11.88 5.44 27.92
N GLY B 802 11.17 6.13 27.04
CA GLY B 802 9.74 5.96 26.92
C GLY B 802 9.31 5.36 25.60
N TRP B 803 10.19 5.40 24.61
CA TRP B 803 9.89 4.87 23.28
C TRP B 803 9.99 3.35 23.23
N LYS B 804 10.45 2.70 24.30
CA LYS B 804 10.58 1.25 24.29
C LYS B 804 9.23 0.57 24.12
N ARG B 805 8.21 1.04 24.83
CA ARG B 805 6.88 0.46 24.72
C ARG B 805 6.32 0.67 23.31
N GLN B 806 6.54 1.85 22.73
CA GLN B 806 6.06 2.10 21.38
C GLN B 806 6.75 1.19 20.37
N VAL B 807 8.06 0.99 20.51
CA VAL B 807 8.78 0.11 19.60
C VAL B 807 8.30 -1.32 19.76
N ASP B 808 8.05 -1.76 20.99
CA ASP B 808 7.55 -3.11 21.21
C ASP B 808 6.18 -3.29 20.58
N LEU B 809 5.29 -2.30 20.75
CA LEU B 809 3.95 -2.40 20.16
C LEU B 809 4.03 -2.41 18.64
N ALA B 810 4.93 -1.60 18.06
CA ALA B 810 5.08 -1.58 16.61
C ALA B 810 5.59 -2.92 16.10
N ILE B 811 6.56 -3.52 16.79
CA ILE B 811 7.09 -4.82 16.37
C ILE B 811 6.00 -5.88 16.48
N LEU B 812 5.22 -5.86 17.56
CA LEU B 812 4.15 -6.83 17.71
C LEU B 812 3.08 -6.66 16.63
N GLN B 813 2.77 -5.41 16.27
CA GLN B 813 1.80 -5.17 15.21
C GLN B 813 2.33 -5.64 13.86
N LEU B 814 3.61 -5.42 13.59
CA LEU B 814 4.20 -5.91 12.34
C LEU B 814 4.21 -7.44 12.29
N PHE B 815 4.46 -8.08 13.44
CA PHE B 815 4.41 -9.55 13.47
C PHE B 815 2.99 -10.06 13.25
N GLY B 816 2.00 -9.40 13.86
CA GLY B 816 0.62 -9.80 13.69
C GLY B 816 0.05 -9.47 12.32
N ASP B 817 0.66 -8.54 11.60
CA ASP B 817 0.18 -8.16 10.27
C ASP B 817 0.65 -9.10 9.17
N GLY B 818 1.71 -9.87 9.41
CA GLY B 818 2.21 -10.81 8.43
C GLY B 818 3.24 -10.26 7.47
N GLU B 819 3.63 -8.99 7.61
CA GLU B 819 4.63 -8.42 6.73
C GLU B 819 6.02 -8.96 7.00
N MET B 820 6.28 -9.49 8.20
CA MET B 820 7.59 -10.03 8.53
C MET B 820 7.91 -11.24 7.65
N GLU B 821 6.93 -12.11 7.42
CA GLU B 821 7.15 -13.27 6.56
C GLU B 821 7.44 -12.85 5.13
N GLU B 822 6.74 -11.82 4.64
CA GLU B 822 7.00 -11.33 3.30
C GLU B 822 8.40 -10.74 3.17
N LEU B 823 8.81 -9.95 4.17
CA LEU B 823 10.15 -9.38 4.14
C LEU B 823 11.22 -10.46 4.22
N GLU B 824 10.95 -11.51 5.00
CA GLU B 824 11.90 -12.62 5.08
C GLU B 824 12.00 -13.37 3.75
N ALA B 825 10.86 -13.64 3.12
CA ALA B 825 10.88 -14.32 1.83
C ALA B 825 11.48 -13.43 0.74
N LEU B 826 11.48 -12.11 0.94
CA LEU B 826 12.05 -11.22 -0.06
C LEU B 826 13.54 -10.99 0.15
N TRP B 827 14.03 -11.08 1.39
CA TRP B 827 15.41 -10.72 1.68
C TRP B 827 16.24 -11.83 2.30
N LEU B 828 15.68 -13.03 2.52
CA LEU B 828 16.42 -14.11 3.15
C LEU B 828 16.40 -15.41 2.36
N THR B 829 15.92 -15.42 1.13
CA THR B 829 15.92 -16.65 0.34
C THR B 829 17.29 -16.88 -0.29
N GLY B 830 17.72 -18.14 -0.29
CA GLY B 830 19.00 -18.51 -0.86
C GLY B 830 18.90 -19.49 -2.00
N ILE B 831 20.04 -19.81 -2.62
CA ILE B 831 20.05 -20.75 -3.74
C ILE B 831 19.96 -22.18 -3.24
N CYS B 832 20.94 -22.60 -2.44
CA CYS B 832 20.96 -23.95 -1.89
C CYS B 832 20.10 -24.08 -0.62
N HIS B 833 19.29 -23.07 -0.30
CA HIS B 833 18.44 -23.15 0.88
C HIS B 833 17.38 -24.24 0.75
N ASN B 834 16.99 -24.58 -0.49
CA ASN B 834 16.01 -25.62 -0.72
C ASN B 834 16.65 -27.00 -0.55
N GLU B 835 15.82 -28.03 -0.73
CA GLU B 835 16.29 -29.40 -0.62
C GLU B 835 17.22 -29.75 -1.77
N LYS B 836 18.03 -30.79 -1.55
CA LYS B 836 18.97 -31.24 -2.57
C LYS B 836 18.24 -31.85 -3.75
N ASN B 837 18.75 -31.59 -4.96
CA ASN B 837 18.14 -32.13 -6.16
C ASN B 837 18.42 -33.64 -6.28
N GLU B 838 17.80 -34.25 -7.28
CA GLU B 838 18.00 -35.68 -7.52
C GLU B 838 19.40 -35.95 -8.02
N VAL B 839 20.00 -37.03 -7.52
CA VAL B 839 21.35 -37.42 -7.89
C VAL B 839 21.27 -38.25 -9.16
N MET B 840 21.74 -37.68 -10.27
CA MET B 840 21.74 -38.35 -11.56
C MET B 840 23.15 -38.31 -12.14
N SER B 841 23.31 -38.91 -13.32
CA SER B 841 24.59 -38.98 -14.03
C SER B 841 25.66 -39.63 -13.16
N SER B 842 25.41 -40.88 -12.79
CA SER B 842 26.33 -41.64 -11.96
C SER B 842 27.41 -42.29 -12.81
N GLN B 843 28.50 -42.69 -12.13
CA GLN B 843 29.63 -43.31 -12.81
C GLN B 843 29.76 -44.80 -12.53
N LEU B 844 29.42 -45.26 -11.33
CA LEU B 844 29.51 -46.66 -10.95
C LEU B 844 30.92 -47.20 -11.15
N ASP B 845 31.85 -46.65 -10.38
CA ASP B 845 33.25 -46.99 -10.48
C ASP B 845 33.53 -48.32 -9.77
N ILE B 846 34.82 -48.63 -9.61
CA ILE B 846 35.22 -49.88 -8.97
C ILE B 846 34.71 -49.95 -7.54
N ASP B 847 34.85 -48.84 -6.79
CA ASP B 847 34.40 -48.84 -5.41
C ASP B 847 32.88 -48.89 -5.31
N ASN B 848 32.19 -48.51 -6.37
CA ASN B 848 30.73 -48.45 -6.33
C ASN B 848 30.11 -49.84 -6.29
N MET B 849 30.62 -50.76 -7.11
CA MET B 849 30.06 -52.11 -7.22
C MET B 849 31.18 -53.14 -7.16
N ALA B 850 32.16 -52.89 -6.28
CA ALA B 850 33.22 -53.87 -6.06
C ALA B 850 32.78 -54.96 -5.09
N GLY B 851 31.58 -54.85 -4.54
CA GLY B 851 31.11 -55.81 -3.55
C GLY B 851 30.92 -57.21 -4.06
N VAL B 852 30.91 -57.42 -5.38
CA VAL B 852 30.74 -58.73 -5.97
C VAL B 852 32.09 -59.41 -6.22
N PHE B 853 33.15 -58.62 -6.33
CA PHE B 853 34.49 -59.20 -6.46
C PHE B 853 34.88 -59.96 -5.20
N TYR B 854 34.41 -59.53 -4.03
CA TYR B 854 34.65 -60.29 -2.81
C TYR B 854 33.96 -61.65 -2.88
N MET B 855 32.72 -61.68 -3.37
CA MET B 855 32.03 -62.95 -3.55
C MET B 855 32.76 -63.84 -4.56
N LEU B 856 33.26 -63.24 -5.64
CA LEU B 856 33.99 -64.02 -6.63
C LEU B 856 35.26 -64.62 -6.03
N GLY B 857 36.00 -63.83 -5.27
CA GLY B 857 37.21 -64.35 -4.63
C GLY B 857 36.91 -65.43 -3.61
N ALA B 858 35.84 -65.25 -2.82
CA ALA B 858 35.43 -66.26 -1.86
C ALA B 858 35.04 -67.55 -2.55
N ALA B 859 34.34 -67.45 -3.68
CA ALA B 859 33.97 -68.65 -4.43
C ALA B 859 35.19 -69.33 -5.04
N MET B 860 36.16 -68.56 -5.51
CA MET B 860 37.40 -69.15 -6.01
C MET B 860 38.14 -69.87 -4.90
N ALA B 861 38.22 -69.28 -3.71
CA ALA B 861 38.87 -69.94 -2.58
C ALA B 861 38.11 -71.20 -2.18
N LEU B 862 36.79 -71.16 -2.22
CA LEU B 862 35.99 -72.34 -1.91
C LEU B 862 36.23 -73.45 -2.91
N SER B 863 36.30 -73.11 -4.20
CA SER B 863 36.60 -74.11 -5.22
C SER B 863 37.99 -74.70 -5.01
N LEU B 864 38.96 -73.86 -4.66
CA LEU B 864 40.32 -74.36 -4.42
C LEU B 864 40.37 -75.31 -3.24
N ILE B 865 39.71 -74.94 -2.14
CA ILE B 865 39.77 -75.80 -0.95
C ILE B 865 38.98 -77.08 -1.18
N THR B 866 37.89 -77.03 -1.95
CA THR B 866 37.17 -78.26 -2.27
C THR B 866 38.00 -79.17 -3.19
N PHE B 867 38.73 -78.59 -4.14
CA PHE B 867 39.62 -79.39 -4.98
C PHE B 867 40.71 -80.04 -4.14
N ILE B 868 41.27 -79.28 -3.18
CA ILE B 868 42.30 -79.84 -2.30
C ILE B 868 41.73 -80.98 -1.47
N CYS B 869 40.51 -80.79 -0.93
CA CYS B 869 39.90 -81.84 -0.12
C CYS B 869 39.60 -83.08 -0.95
N GLU B 870 39.16 -82.89 -2.20
CA GLU B 870 38.89 -84.03 -3.07
C GLU B 870 40.17 -84.77 -3.42
N HIS B 871 41.26 -84.03 -3.69
CA HIS B 871 42.54 -84.66 -3.99
C HIS B 871 43.06 -85.41 -2.77
N LEU B 872 42.81 -84.89 -1.57
CA LEU B 872 43.28 -85.56 -0.36
C LEU B 872 42.45 -86.81 -0.07
N PHE B 873 41.14 -86.76 -0.34
CA PHE B 873 40.28 -87.91 -0.07
C PHE B 873 40.41 -88.98 -1.15
N TYR B 874 40.90 -88.60 -2.34
CA TYR B 874 41.06 -89.59 -3.42
C TYR B 874 42.11 -90.63 -3.06
N TRP B 875 43.17 -90.21 -2.37
CA TRP B 875 44.24 -91.13 -1.98
C TRP B 875 43.80 -92.01 -0.82
N LYS C 25 -25.03 58.35 44.19
CA LYS C 25 -26.22 57.65 44.66
C LYS C 25 -25.95 56.89 45.95
N ILE C 26 -26.96 56.20 46.45
CA ILE C 26 -26.87 55.41 47.68
C ILE C 26 -27.24 53.98 47.36
N VAL C 27 -26.40 53.04 47.81
CA VAL C 27 -26.61 51.61 47.60
C VAL C 27 -26.36 50.89 48.92
N ASN C 28 -27.36 50.15 49.39
CA ASN C 28 -27.27 49.43 50.64
C ASN C 28 -26.87 47.98 50.40
N ILE C 29 -26.51 47.30 51.49
CA ILE C 29 -26.11 45.90 51.45
C ILE C 29 -27.03 45.11 52.38
N GLY C 30 -27.02 43.78 52.19
CA GLY C 30 -27.85 42.91 52.98
C GLY C 30 -27.04 41.78 53.58
N ALA C 31 -27.55 41.26 54.70
CA ALA C 31 -26.91 40.16 55.41
C ALA C 31 -27.93 39.50 56.31
N VAL C 32 -27.65 38.25 56.67
CA VAL C 32 -28.50 37.46 57.55
C VAL C 32 -27.58 36.57 58.38
N LEU C 33 -27.58 36.77 59.70
CA LEU C 33 -26.74 36.00 60.59
C LEU C 33 -27.31 36.04 62.00
N SER C 34 -26.80 35.17 62.85
CA SER C 34 -27.17 35.08 64.26
C SER C 34 -26.13 35.82 65.10
N THR C 35 -26.26 35.68 66.42
CA THR C 35 -25.33 36.29 67.38
C THR C 35 -25.28 37.81 67.19
N ARG C 36 -26.41 38.44 67.53
CA ARG C 36 -26.61 39.87 67.31
C ARG C 36 -25.43 40.73 67.76
N LYS C 37 -24.63 40.25 68.71
CA LYS C 37 -23.39 40.96 69.04
C LYS C 37 -22.46 41.01 67.84
N HIS C 38 -22.31 39.89 67.13
CA HIS C 38 -21.50 39.89 65.91
C HIS C 38 -22.16 40.75 64.83
N GLU C 39 -23.49 40.82 64.79
CA GLU C 39 -24.16 41.68 63.84
C GLU C 39 -23.85 43.15 64.12
N GLN C 40 -23.86 43.55 65.40
CA GLN C 40 -23.51 44.92 65.75
C GLN C 40 -22.04 45.20 65.45
N MET C 41 -21.16 44.21 65.69
CA MET C 41 -19.76 44.38 65.35
C MET C 41 -19.57 44.58 63.85
N PHE C 42 -20.27 43.80 63.04
CA PHE C 42 -20.17 43.96 61.58
C PHE C 42 -20.75 45.29 61.13
N ARG C 43 -21.84 45.74 61.78
CA ARG C 43 -22.39 47.05 61.45
C ARG C 43 -21.41 48.17 61.77
N GLU C 44 -20.74 48.08 62.92
CA GLU C 44 -19.74 49.08 63.28
C GLU C 44 -18.56 49.04 62.31
N ALA C 45 -18.15 47.84 61.90
CA ALA C 45 -17.05 47.73 60.93
C ALA C 45 -17.45 48.33 59.59
N VAL C 46 -18.69 48.13 59.16
CA VAL C 46 -19.16 48.70 57.90
C VAL C 46 -19.23 50.22 58.01
N ASN C 47 -19.69 50.74 59.16
CA ASN C 47 -19.75 52.18 59.34
C ASN C 47 -18.36 52.79 59.36
N GLN C 48 -17.38 52.07 59.90
CA GLN C 48 -16.00 52.57 59.90
C GLN C 48 -15.41 52.52 58.48
N ALA C 49 -15.69 51.46 57.73
CA ALA C 49 -15.15 51.34 56.38
C ALA C 49 -15.84 52.26 55.39
N ASN C 50 -17.05 52.74 55.71
CA ASN C 50 -17.74 53.65 54.82
C ASN C 50 -17.01 54.99 54.67
N LYS C 51 -16.14 55.34 55.63
CA LYS C 51 -15.39 56.58 55.54
C LYS C 51 -14.27 56.51 54.49
N ARG C 52 -13.94 55.33 54.00
CA ARG C 52 -12.89 55.18 52.99
C ARG C 52 -13.41 55.53 51.61
N ILE C 58 -21.18 57.88 46.81
CA ILE C 58 -21.27 56.47 47.16
C ILE C 58 -21.49 56.32 48.66
N GLN C 59 -22.74 56.04 49.04
CA GLN C 59 -23.13 55.86 50.43
C GLN C 59 -23.66 54.45 50.63
N LEU C 60 -23.19 53.79 51.68
CA LEU C 60 -23.61 52.43 52.00
C LEU C 60 -24.36 52.42 53.32
N GLN C 61 -25.33 51.51 53.42
CA GLN C 61 -26.16 51.35 54.61
C GLN C 61 -26.01 49.93 55.15
N ALA C 62 -26.64 49.70 56.29
CA ALA C 62 -26.59 48.40 56.97
C ALA C 62 -28.02 47.88 57.15
N THR C 63 -28.24 46.63 56.76
CA THR C 63 -29.56 46.01 56.90
C THR C 63 -29.35 44.52 57.12
N SER C 64 -29.70 44.04 58.31
CA SER C 64 -29.53 42.64 58.65
C SER C 64 -30.71 42.17 59.49
N VAL C 65 -30.96 40.86 59.45
CA VAL C 65 -32.03 40.22 60.19
C VAL C 65 -31.50 38.92 60.80
N THR C 66 -32.35 38.28 61.60
CA THR C 66 -31.97 37.03 62.26
C THR C 66 -32.35 35.85 61.37
N HIS C 67 -32.26 34.64 61.91
CA HIS C 67 -32.59 33.42 61.20
C HIS C 67 -33.86 32.81 61.78
N LYS C 68 -34.68 32.23 60.90
CA LYS C 68 -35.91 31.58 61.30
C LYS C 68 -35.69 30.09 61.51
N PRO C 69 -36.62 29.42 62.20
CA PRO C 69 -36.48 27.98 62.45
C PRO C 69 -36.95 27.09 61.30
N ASN C 70 -37.20 27.64 60.12
CA ASN C 70 -37.67 26.88 58.98
C ASN C 70 -37.03 27.41 57.71
N ALA C 71 -37.13 26.63 56.64
CA ALA C 71 -36.57 27.04 55.36
C ALA C 71 -37.50 27.99 54.62
N ILE C 72 -38.80 27.70 54.62
CA ILE C 72 -39.76 28.58 53.96
C ILE C 72 -39.83 29.93 54.65
N GLN C 73 -39.80 29.94 55.98
CA GLN C 73 -39.82 31.20 56.72
C GLN C 73 -38.55 32.00 56.46
N MET C 74 -37.40 31.32 56.38
CA MET C 74 -36.15 32.01 56.09
C MET C 74 -36.17 32.59 54.68
N ALA C 75 -36.70 31.84 53.71
CA ALA C 75 -36.81 32.36 52.35
C ALA C 75 -37.74 33.56 52.28
N LEU C 76 -38.86 33.50 53.00
CA LEU C 76 -39.79 34.64 53.02
C LEU C 76 -39.14 35.86 53.66
N SER C 77 -38.39 35.66 54.75
CA SER C 77 -37.70 36.78 55.39
C SER C 77 -36.64 37.37 54.47
N VAL C 78 -35.92 36.52 53.75
CA VAL C 78 -34.91 37.01 52.82
C VAL C 78 -35.56 37.80 51.69
N CYS C 79 -36.70 37.31 51.18
CA CYS C 79 -37.40 38.04 50.13
C CYS C 79 -37.91 39.39 50.63
N GLU C 80 -38.44 39.41 51.86
CA GLU C 80 -38.90 40.67 52.43
C GLU C 80 -37.75 41.65 52.61
N ASP C 81 -36.61 41.17 53.09
CA ASP C 81 -35.45 42.04 53.26
C ASP C 81 -34.94 42.57 51.92
N LEU C 82 -34.93 41.72 50.89
CA LEU C 82 -34.49 42.16 49.58
C LEU C 82 -35.47 43.15 48.96
N ILE C 83 -36.77 43.00 49.24
CA ILE C 83 -37.75 43.95 48.72
C ILE C 83 -37.69 45.27 49.47
N SER C 84 -37.33 45.23 50.76
CA SER C 84 -37.28 46.46 51.54
C SER C 84 -35.98 47.24 51.32
N SER C 85 -34.87 46.53 51.11
CA SER C 85 -33.57 47.16 50.96
C SER C 85 -33.13 47.33 49.51
N GLN C 86 -33.54 46.42 48.62
CA GLN C 86 -33.14 46.45 47.22
C GLN C 86 -31.63 46.41 47.07
N VAL C 87 -30.98 45.59 47.90
CA VAL C 87 -29.53 45.44 47.87
C VAL C 87 -29.14 44.54 46.71
N TYR C 88 -27.84 44.55 46.37
CA TYR C 88 -27.33 43.73 45.27
C TYR C 88 -26.51 42.54 45.75
N ALA C 89 -26.24 42.43 47.04
CA ALA C 89 -25.46 41.33 47.58
C ALA C 89 -26.00 40.95 48.94
N ILE C 90 -25.96 39.65 49.24
CA ILE C 90 -26.46 39.10 50.50
C ILE C 90 -25.38 38.21 51.10
N LEU C 91 -25.03 38.47 52.35
CA LEU C 91 -24.03 37.68 53.05
C LEU C 91 -24.71 36.65 53.94
N VAL C 92 -24.24 35.40 53.84
CA VAL C 92 -24.80 34.29 54.60
C VAL C 92 -23.68 33.64 55.40
N SER C 93 -23.99 33.26 56.64
CA SER C 93 -23.04 32.62 57.54
C SER C 93 -23.64 31.33 58.07
N HIS C 94 -22.86 30.61 58.87
CA HIS C 94 -23.33 29.35 59.43
C HIS C 94 -24.18 29.61 60.67
N PRO C 95 -25.24 28.83 60.88
CA PRO C 95 -26.08 29.03 62.06
C PRO C 95 -25.54 28.27 63.26
N PRO C 96 -26.24 28.31 64.40
CA PRO C 96 -25.75 27.58 65.59
C PRO C 96 -25.92 26.08 65.50
N THR C 97 -26.55 25.57 64.44
CA THR C 97 -26.74 24.13 64.31
C THR C 97 -25.41 23.45 64.01
N PRO C 98 -25.28 22.16 64.33
CA PRO C 98 -24.01 21.47 64.03
C PRO C 98 -23.79 21.24 62.55
N ASN C 99 -24.86 20.98 61.80
CA ASN C 99 -24.71 20.74 60.36
C ASN C 99 -24.36 22.02 59.63
N ASP C 100 -25.19 23.06 59.79
CA ASP C 100 -24.98 24.36 59.14
C ASP C 100 -24.88 24.23 57.62
N HIS C 101 -25.74 23.39 57.05
CA HIS C 101 -25.76 23.16 55.61
C HIS C 101 -27.09 23.48 54.95
N PHE C 102 -28.21 23.35 55.68
CA PHE C 102 -29.51 23.64 55.10
C PHE C 102 -29.80 25.14 55.04
N THR C 103 -29.22 25.91 55.96
CA THR C 103 -29.43 27.35 56.00
C THR C 103 -28.81 28.01 54.79
N PRO C 104 -27.69 27.49 54.28
CA PRO C 104 -27.06 28.13 53.11
C PRO C 104 -27.79 27.83 51.81
N THR C 105 -28.50 26.71 51.72
CA THR C 105 -29.22 26.34 50.51
C THR C 105 -30.44 27.24 50.32
N PRO C 106 -31.11 27.63 51.41
CA PRO C 106 -32.31 28.47 51.27
C PRO C 106 -32.00 29.85 50.71
N VAL C 107 -30.99 30.51 51.28
CA VAL C 107 -30.62 31.84 50.80
C VAL C 107 -30.11 31.77 49.36
N SER C 108 -29.36 30.71 49.03
CA SER C 108 -28.87 30.56 47.67
C SER C 108 -30.02 30.37 46.68
N TYR C 109 -30.99 29.52 47.03
CA TYR C 109 -32.13 29.31 46.15
C TYR C 109 -32.99 30.57 46.04
N THR C 110 -33.06 31.37 47.11
CA THR C 110 -33.82 32.60 47.04
C THR C 110 -33.12 33.64 46.16
N ALA C 111 -31.79 33.71 46.24
CA ALA C 111 -31.04 34.67 45.44
C ALA C 111 -30.89 34.24 43.99
N GLY C 112 -30.98 32.94 43.70
CA GLY C 112 -30.86 32.48 42.33
C GLY C 112 -32.00 32.88 41.42
N PHE C 113 -33.15 33.24 42.00
CA PHE C 113 -34.29 33.64 41.18
C PHE C 113 -34.04 34.97 40.48
N TYR C 114 -33.43 35.93 41.18
CA TYR C 114 -33.12 37.23 40.63
C TYR C 114 -31.68 37.35 40.17
N ARG C 115 -30.93 36.24 40.15
CA ARG C 115 -29.53 36.23 39.73
C ARG C 115 -28.68 37.18 40.57
N ILE C 116 -29.00 37.26 41.86
CA ILE C 116 -28.28 38.13 42.79
C ILE C 116 -27.10 37.37 43.38
N PRO C 117 -25.91 37.95 43.43
CA PRO C 117 -24.76 37.24 44.00
C PRO C 117 -24.86 37.13 45.51
N VAL C 118 -24.34 36.04 46.04
CA VAL C 118 -24.35 35.77 47.48
C VAL C 118 -22.96 35.29 47.89
N LEU C 119 -22.46 35.82 49.00
CA LEU C 119 -21.15 35.49 49.52
C LEU C 119 -21.30 34.76 50.84
N GLY C 120 -20.60 33.63 50.99
CA GLY C 120 -20.63 32.84 52.20
C GLY C 120 -19.41 33.10 53.07
N LEU C 121 -19.61 33.00 54.38
CA LEU C 121 -18.56 33.25 55.36
C LEU C 121 -18.01 31.98 55.97
N THR C 122 -18.89 31.10 56.45
CA THR C 122 -18.50 29.85 57.09
C THR C 122 -19.07 28.64 56.34
N THR C 123 -18.98 28.66 55.02
CA THR C 123 -19.46 27.58 54.17
C THR C 123 -18.29 26.65 53.84
N ARG C 124 -18.38 25.41 54.30
CA ARG C 124 -17.33 24.42 54.07
C ARG C 124 -17.83 23.12 53.47
N MET C 125 -19.14 22.99 53.21
CA MET C 125 -19.68 21.78 52.63
C MET C 125 -19.25 21.66 51.17
N SER C 126 -18.77 20.49 50.78
CA SER C 126 -18.32 20.26 49.41
C SER C 126 -19.47 20.05 48.43
N ILE C 127 -20.70 19.92 48.92
CA ILE C 127 -21.83 19.75 48.02
C ILE C 127 -22.12 21.04 47.26
N TYR C 128 -21.84 22.19 47.87
CA TYR C 128 -22.08 23.48 47.24
C TYR C 128 -20.85 23.92 46.42
N SER C 129 -20.47 23.05 45.49
CA SER C 129 -19.31 23.29 44.64
C SER C 129 -19.68 23.40 43.17
N ASP C 130 -20.59 22.56 42.68
CA ASP C 130 -20.97 22.60 41.28
C ASP C 130 -21.77 23.86 40.98
N LYS C 131 -21.46 24.50 39.86
CA LYS C 131 -22.13 25.72 39.45
C LYS C 131 -23.57 25.49 39.00
N SER C 132 -23.95 24.24 38.72
CA SER C 132 -25.32 23.96 38.29
C SER C 132 -26.30 24.17 39.43
N ILE C 133 -26.00 23.64 40.61
CA ILE C 133 -26.89 23.81 41.76
C ILE C 133 -26.87 25.25 42.25
N HIS C 134 -25.67 25.79 42.46
CA HIS C 134 -25.49 27.16 42.93
C HIS C 134 -24.94 28.00 41.78
N LEU C 135 -25.78 28.85 41.20
CA LEU C 135 -25.34 29.68 40.07
C LEU C 135 -24.39 30.77 40.54
N SER C 136 -24.83 31.60 41.48
CA SER C 136 -24.03 32.70 42.01
C SER C 136 -23.82 32.45 43.50
N PHE C 137 -22.62 32.01 43.87
CA PHE C 137 -22.29 31.75 45.27
C PHE C 137 -20.79 31.91 45.46
N LEU C 138 -20.41 32.65 46.50
CA LEU C 138 -19.01 32.90 46.81
C LEU C 138 -18.70 32.40 48.21
N ARG C 139 -17.49 31.86 48.38
CA ARG C 139 -17.04 31.33 49.67
C ARG C 139 -15.85 32.14 50.17
N THR C 140 -15.62 32.05 51.49
CA THR C 140 -14.53 32.76 52.13
C THR C 140 -13.63 31.83 52.94
N VAL C 141 -13.77 30.52 52.79
CA VAL C 141 -12.95 29.56 53.51
C VAL C 141 -12.51 28.46 52.55
N PRO C 142 -11.66 27.53 52.98
CA PRO C 142 -11.21 26.47 52.07
C PRO C 142 -12.16 25.29 52.11
N PRO C 143 -12.63 24.84 50.95
CA PRO C 143 -13.52 23.67 50.93
C PRO C 143 -12.79 22.38 51.25
N TYR C 144 -13.52 21.26 51.30
CA TYR C 144 -12.91 19.97 51.56
C TYR C 144 -12.13 19.43 50.37
N SER C 145 -12.21 20.08 49.20
CA SER C 145 -11.45 19.62 48.05
C SER C 145 -9.96 19.84 48.23
N HIS C 146 -9.57 20.87 48.98
CA HIS C 146 -8.15 21.12 49.21
C HIS C 146 -7.52 20.10 50.15
N GLN C 147 -8.33 19.32 50.86
CA GLN C 147 -7.78 18.29 51.75
C GLN C 147 -7.04 17.22 50.95
N SER C 148 -7.54 16.86 49.78
CA SER C 148 -6.84 15.88 48.95
C SER C 148 -5.50 16.41 48.49
N SER C 149 -5.44 17.67 48.08
CA SER C 149 -4.17 18.27 47.66
C SER C 149 -3.20 18.36 48.84
N VAL C 150 -3.71 18.68 50.03
CA VAL C 150 -2.86 18.75 51.20
C VAL C 150 -2.29 17.37 51.54
N TRP C 151 -3.12 16.34 51.46
CA TRP C 151 -2.65 14.98 51.72
C TRP C 151 -1.63 14.55 50.68
N PHE C 152 -1.85 14.91 49.41
CA PHE C 152 -0.88 14.56 48.37
C PHE C 152 0.45 15.27 48.60
N GLU C 153 0.40 16.55 48.99
CA GLU C 153 1.64 17.28 49.27
C GLU C 153 2.36 16.68 50.47
N MET C 154 1.61 16.28 51.51
CA MET C 154 2.25 15.66 52.67
C MET C 154 2.88 14.33 52.30
N MET C 155 2.21 13.53 51.47
CA MET C 155 2.77 12.25 51.05
C MET C 155 4.00 12.45 50.18
N ARG C 156 4.00 13.48 49.34
CA ARG C 156 5.16 13.77 48.51
C ARG C 156 6.33 14.25 49.35
N VAL C 157 6.05 15.03 50.41
CA VAL C 157 7.12 15.48 51.28
C VAL C 157 7.64 14.34 52.14
N TYR C 158 6.80 13.35 52.43
CA TYR C 158 7.20 12.18 53.21
C TYR C 158 7.79 11.07 52.36
N ASN C 159 7.91 11.27 51.04
CA ASN C 159 8.47 10.29 50.12
C ASN C 159 7.69 8.97 50.18
N TRP C 160 6.40 9.07 49.83
CA TRP C 160 5.51 7.92 49.81
C TRP C 160 4.94 7.73 48.41
N ASN C 161 4.72 6.47 48.03
CA ASN C 161 4.20 6.14 46.71
C ASN C 161 3.09 5.11 46.73
N HIS C 162 2.70 4.60 47.88
CA HIS C 162 1.65 3.59 47.99
C HIS C 162 0.72 3.98 49.12
N ILE C 163 -0.50 4.42 48.77
CA ILE C 163 -1.50 4.84 49.74
C ILE C 163 -2.84 4.20 49.38
N ILE C 164 -3.69 4.06 50.40
CA ILE C 164 -5.02 3.48 50.24
C ILE C 164 -6.03 4.54 50.64
N LEU C 165 -6.94 4.85 49.72
CA LEU C 165 -7.96 5.87 49.93
C LEU C 165 -9.26 5.19 50.38
N LEU C 166 -9.68 5.48 51.61
CA LEU C 166 -10.91 4.94 52.18
C LEU C 166 -11.86 6.09 52.43
N VAL C 167 -12.90 6.21 51.61
CA VAL C 167 -13.88 7.27 51.73
C VAL C 167 -15.27 6.66 51.70
N SER C 168 -16.20 7.29 52.43
CA SER C 168 -17.57 6.83 52.48
C SER C 168 -18.36 7.35 51.29
N ASP C 169 -19.49 6.70 51.02
CA ASP C 169 -20.35 7.07 49.90
C ASP C 169 -21.08 8.36 50.24
N ASP C 170 -20.59 9.48 49.70
CA ASP C 170 -21.18 10.79 49.93
C ASP C 170 -20.68 11.74 48.85
N HIS C 171 -21.30 12.92 48.79
CA HIS C 171 -20.89 13.91 47.81
C HIS C 171 -19.49 14.44 48.09
N GLU C 172 -19.23 14.81 49.35
CA GLU C 172 -17.91 15.29 49.72
C GLU C 172 -16.87 14.18 49.58
N GLY C 173 -17.22 12.96 49.97
CA GLY C 173 -16.30 11.84 49.79
C GLY C 173 -16.00 11.56 48.34
N ARG C 174 -17.02 11.62 47.48
CA ARG C 174 -16.79 11.41 46.05
C ARG C 174 -15.93 12.52 45.46
N ALA C 175 -16.16 13.77 45.88
CA ALA C 175 -15.33 14.87 45.40
C ALA C 175 -13.89 14.72 45.85
N ALA C 176 -13.66 14.33 47.10
CA ALA C 176 -12.30 14.11 47.58
C ALA C 176 -11.63 12.95 46.85
N GLN C 177 -12.37 11.87 46.57
CA GLN C 177 -11.81 10.75 45.84
C GLN C 177 -11.45 11.16 44.41
N LYS C 178 -12.30 11.96 43.76
CA LYS C 178 -12.00 12.43 42.42
C LYS C 178 -10.78 13.34 42.42
N ARG C 179 -10.67 14.22 43.41
CA ARG C 179 -9.50 15.09 43.50
C ARG C 179 -8.22 14.29 43.73
N LEU C 180 -8.29 13.27 44.59
CA LEU C 180 -7.12 12.42 44.83
C LEU C 180 -6.73 11.66 43.57
N GLU C 181 -7.73 11.13 42.84
CA GLU C 181 -7.45 10.42 41.60
C GLU C 181 -6.83 11.34 40.56
N THR C 182 -7.31 12.57 40.47
CA THR C 182 -6.72 13.53 39.53
C THR C 182 -5.29 13.88 39.92
N LEU C 183 -5.04 14.10 41.20
CA LEU C 183 -3.69 14.41 41.66
C LEU C 183 -2.75 13.23 41.44
N LEU C 184 -3.26 11.99 41.55
CA LEU C 184 -2.43 10.82 41.31
C LEU C 184 -2.14 10.65 39.82
N GLU C 185 -3.15 10.85 38.97
CA GLU C 185 -2.95 10.73 37.53
C GLU C 185 -2.09 11.86 36.96
N GLU C 186 -2.03 13.00 37.64
CA GLU C 186 -1.17 14.08 37.19
C GLU C 186 0.29 13.67 37.23
N ARG C 187 0.67 12.88 38.25
CA ARG C 187 2.04 12.38 38.39
C ARG C 187 2.23 11.00 37.76
N GLU C 188 1.22 10.50 37.04
CA GLU C 188 1.28 9.20 36.38
C GLU C 188 1.55 8.08 37.39
N SER C 189 0.70 7.99 38.40
CA SER C 189 0.81 6.99 39.44
C SER C 189 -0.58 6.51 39.81
N LYS C 190 -0.86 5.23 39.56
CA LYS C 190 -2.17 4.68 39.87
C LYS C 190 -2.30 4.37 41.36
N ALA C 191 -3.53 4.33 41.84
CA ALA C 191 -3.81 4.05 43.24
C ALA C 191 -3.63 2.57 43.54
N GLU C 192 -3.22 2.29 44.78
CA GLU C 192 -3.01 0.90 45.18
C GLU C 192 -4.33 0.15 45.32
N LYS C 193 -5.24 0.67 46.14
CA LYS C 193 -6.54 0.05 46.35
C LYS C 193 -7.50 1.07 46.92
N VAL C 194 -8.71 1.11 46.38
CA VAL C 194 -9.75 2.04 46.81
C VAL C 194 -10.91 1.22 47.35
N LEU C 195 -11.40 1.59 48.54
CA LEU C 195 -12.51 0.91 49.19
C LEU C 195 -13.57 1.94 49.56
N GLN C 196 -14.82 1.66 49.19
CA GLN C 196 -15.94 2.54 49.47
C GLN C 196 -16.92 1.84 50.42
N PHE C 197 -17.44 2.59 51.37
CA PHE C 197 -18.39 2.08 52.35
C PHE C 197 -19.67 2.90 52.31
N ASP C 198 -20.74 2.30 52.84
CA ASP C 198 -22.03 2.98 52.86
C ASP C 198 -22.13 3.89 54.08
N PRO C 199 -22.77 5.05 53.94
CA PRO C 199 -22.92 5.96 55.09
C PRO C 199 -23.89 5.38 56.11
N GLY C 200 -23.40 5.15 57.32
CA GLY C 200 -24.21 4.59 58.38
C GLY C 200 -24.16 3.08 58.51
N THR C 201 -23.15 2.44 57.95
CA THR C 201 -23.03 0.99 58.04
C THR C 201 -22.66 0.57 59.46
N LYS C 202 -23.44 -0.34 60.04
CA LYS C 202 -23.17 -0.79 61.40
C LYS C 202 -21.98 -1.73 61.44
N ASN C 203 -21.83 -2.58 60.42
CA ASN C 203 -20.74 -3.54 60.34
C ASN C 203 -19.80 -3.14 59.21
N VAL C 204 -18.55 -2.86 59.55
CA VAL C 204 -17.53 -2.47 58.58
C VAL C 204 -16.31 -3.38 58.64
N THR C 205 -16.45 -4.57 59.24
CA THR C 205 -15.31 -5.47 59.35
C THR C 205 -14.92 -6.07 58.00
N ALA C 206 -15.88 -6.16 57.07
CA ALA C 206 -15.57 -6.72 55.75
C ALA C 206 -14.59 -5.83 54.99
N LEU C 207 -14.83 -4.52 55.02
CA LEU C 207 -13.93 -3.59 54.33
C LEU C 207 -12.53 -3.61 54.95
N LEU C 208 -12.46 -3.69 56.28
CA LEU C 208 -11.17 -3.76 56.96
C LEU C 208 -10.43 -5.05 56.60
N MET C 209 -11.15 -6.18 56.56
CA MET C 209 -10.51 -7.43 56.20
C MET C 209 -10.06 -7.43 54.75
N GLU C 210 -10.81 -6.77 53.87
CA GLU C 210 -10.41 -6.68 52.47
C GLU C 210 -9.20 -5.77 52.30
N ALA C 211 -9.12 -4.71 53.09
CA ALA C 211 -7.99 -3.79 52.99
C ALA C 211 -6.73 -4.36 53.64
N ARG C 212 -6.88 -5.22 54.63
CA ARG C 212 -5.74 -5.83 55.31
C ARG C 212 -5.03 -6.88 54.47
N GLU C 213 -5.53 -7.18 53.27
CA GLU C 213 -4.91 -8.16 52.39
C GLU C 213 -4.10 -7.52 51.27
N LEU C 214 -3.53 -6.35 51.53
CA LEU C 214 -2.73 -5.61 50.57
C LEU C 214 -1.29 -5.48 51.09
N GLU C 215 -0.47 -4.76 50.33
CA GLU C 215 0.92 -4.54 50.69
C GLU C 215 1.22 -3.10 51.10
N ALA C 216 0.25 -2.20 51.00
CA ALA C 216 0.45 -0.81 51.38
C ALA C 216 0.14 -0.60 52.85
N ARG C 217 0.75 0.44 53.42
CA ARG C 217 0.58 0.77 54.83
C ARG C 217 0.02 2.17 55.07
N VAL C 218 -0.05 3.02 54.05
CA VAL C 218 -0.58 4.37 54.19
C VAL C 218 -2.09 4.30 53.98
N ILE C 219 -2.84 4.39 55.07
CA ILE C 219 -4.30 4.33 55.04
C ILE C 219 -4.85 5.73 55.25
N ILE C 220 -5.59 6.22 54.26
CA ILE C 220 -6.21 7.54 54.31
C ILE C 220 -7.70 7.35 54.56
N LEU C 221 -8.22 8.06 55.56
CA LEU C 221 -9.62 7.98 55.94
C LEU C 221 -10.28 9.34 55.81
N SER C 222 -11.44 9.39 55.17
CA SER C 222 -12.19 10.63 54.99
C SER C 222 -13.68 10.29 55.07
N ALA C 223 -14.28 10.53 56.23
CA ALA C 223 -15.69 10.25 56.45
C ALA C 223 -16.20 11.17 57.55
N SER C 224 -17.39 10.88 58.05
CA SER C 224 -17.99 11.67 59.12
C SER C 224 -17.42 11.27 60.47
N GLU C 225 -17.71 12.09 61.49
CA GLU C 225 -17.21 11.82 62.83
C GLU C 225 -17.93 10.63 63.46
N ASP C 226 -19.14 10.32 63.01
CA ASP C 226 -19.89 9.20 63.57
C ASP C 226 -19.26 7.87 63.16
N ASP C 227 -18.98 7.70 61.88
CA ASP C 227 -18.37 6.46 61.39
C ASP C 227 -16.89 6.38 61.69
N ALA C 228 -16.24 7.50 62.02
CA ALA C 228 -14.82 7.48 62.31
C ALA C 228 -14.52 6.68 63.57
N ALA C 229 -15.37 6.79 64.58
CA ALA C 229 -15.17 6.02 65.81
C ALA C 229 -15.29 4.53 65.53
N THR C 230 -16.29 4.12 64.75
CA THR C 230 -16.43 2.71 64.41
C THR C 230 -15.26 2.22 63.56
N VAL C 231 -14.76 3.06 62.66
CA VAL C 231 -13.60 2.67 61.84
C VAL C 231 -12.37 2.47 62.72
N TYR C 232 -12.14 3.40 63.65
CA TYR C 232 -10.99 3.25 64.54
C TYR C 232 -11.14 2.03 65.45
N ARG C 233 -12.36 1.74 65.89
CA ARG C 233 -12.59 0.55 66.72
C ARG C 233 -12.31 -0.72 65.92
N ALA C 234 -12.80 -0.79 64.69
CA ALA C 234 -12.54 -1.96 63.86
C ALA C 234 -11.06 -2.10 63.52
N ALA C 235 -10.35 -0.97 63.38
CA ALA C 235 -8.91 -1.04 63.11
C ALA C 235 -8.15 -1.52 64.33
N ALA C 236 -8.52 -1.03 65.51
CA ALA C 236 -7.84 -1.46 66.73
C ALA C 236 -8.17 -2.91 67.09
N MET C 237 -9.35 -3.39 66.69
CA MET C 237 -9.72 -4.76 66.99
C MET C 237 -8.93 -5.75 66.14
N LEU C 238 -8.59 -5.38 64.90
CA LEU C 238 -7.85 -6.24 64.00
C LEU C 238 -6.34 -6.04 64.11
N ASP C 239 -5.88 -5.29 65.12
CA ASP C 239 -4.45 -5.04 65.33
C ASP C 239 -3.81 -4.38 64.10
N MET C 240 -4.51 -3.41 63.53
CA MET C 240 -4.04 -2.69 62.36
C MET C 240 -3.54 -1.29 62.68
N THR C 241 -3.31 -0.99 63.96
CA THR C 241 -2.82 0.32 64.38
C THR C 241 -1.51 0.23 65.14
N GLY C 242 -0.75 -0.86 64.95
CA GLY C 242 0.51 -1.03 65.65
C GLY C 242 1.66 -0.32 64.97
N SER C 243 2.82 -0.97 64.93
CA SER C 243 3.99 -0.38 64.31
C SER C 243 4.00 -0.62 62.81
N GLY C 244 4.47 0.38 62.06
CA GLY C 244 4.53 0.30 60.62
C GLY C 244 3.31 0.81 59.88
N TYR C 245 2.30 1.28 60.60
CA TYR C 245 1.08 1.80 60.00
C TYR C 245 1.00 3.31 60.21
N VAL C 246 0.51 4.02 59.19
CA VAL C 246 0.37 5.46 59.23
C VAL C 246 -1.08 5.81 58.90
N TRP C 247 -1.68 6.67 59.73
CA TRP C 247 -3.07 7.09 59.56
C TRP C 247 -3.09 8.57 59.22
N LEU C 248 -3.71 8.90 58.08
CA LEU C 248 -3.85 10.27 57.62
C LEU C 248 -5.34 10.62 57.59
N VAL C 249 -5.75 11.53 58.46
CA VAL C 249 -7.16 11.92 58.54
C VAL C 249 -7.29 13.42 58.31
N GLY C 250 -8.52 13.92 58.35
CA GLY C 250 -8.80 15.32 58.15
C GLY C 250 -9.34 15.99 59.38
N GLU C 251 -9.95 17.17 59.16
CA GLU C 251 -10.51 17.92 60.28
C GLU C 251 -11.80 17.28 60.80
N ARG C 252 -12.58 16.68 59.91
CA ARG C 252 -13.84 16.06 60.33
C ARG C 252 -13.59 14.80 61.15
N GLU C 253 -12.52 14.06 60.87
CA GLU C 253 -12.21 12.85 61.61
C GLU C 253 -11.47 13.12 62.91
N ILE C 254 -11.01 14.35 63.14
CA ILE C 254 -10.29 14.68 64.36
C ILE C 254 -11.23 15.28 65.41
N SER C 255 -12.21 16.07 64.98
CA SER C 255 -13.16 16.70 65.89
C SER C 255 -14.27 15.70 66.23
N GLY C 256 -15.28 16.16 66.98
CA GLY C 256 -16.37 15.30 67.35
C GLY C 256 -15.97 14.29 68.42
N ASN C 257 -16.76 13.22 68.49
CA ASN C 257 -16.53 12.15 69.46
C ASN C 257 -15.51 11.12 68.99
N ALA C 258 -14.82 11.39 67.87
CA ALA C 258 -13.82 10.46 67.37
C ALA C 258 -12.52 10.50 68.17
N LEU C 259 -12.27 11.57 68.90
CA LEU C 259 -11.05 11.68 69.69
C LEU C 259 -11.03 10.71 70.87
N ARG C 260 -12.19 10.23 71.30
CA ARG C 260 -12.23 9.30 72.43
C ARG C 260 -11.59 7.96 72.06
N TYR C 261 -11.87 7.47 70.85
CA TYR C 261 -11.31 6.20 70.37
C TYR C 261 -10.25 6.40 69.30
N ALA C 262 -9.67 7.60 69.21
CA ALA C 262 -8.66 7.85 68.21
C ALA C 262 -7.34 7.20 68.61
N PRO C 263 -6.57 6.72 67.64
CA PRO C 263 -5.28 6.08 67.96
C PRO C 263 -4.13 7.09 67.95
N ASP C 264 -3.10 6.76 68.72
CA ASP C 264 -1.93 7.61 68.82
C ASP C 264 -1.15 7.61 67.50
N GLY C 265 -0.45 8.71 67.25
CA GLY C 265 0.34 8.86 66.05
C GLY C 265 -0.43 9.29 64.82
N ILE C 266 -1.75 9.48 64.93
CA ILE C 266 -2.55 9.90 63.78
C ILE C 266 -2.28 11.37 63.50
N ILE C 267 -2.04 11.70 62.23
CA ILE C 267 -1.77 13.06 61.80
C ILE C 267 -3.03 13.60 61.13
N GLY C 268 -3.57 14.69 61.68
CA GLY C 268 -4.77 15.29 61.13
C GLY C 268 -4.55 16.71 60.63
N LEU C 269 -5.63 17.40 60.28
CA LEU C 269 -5.58 18.76 59.80
C LEU C 269 -6.54 19.63 60.59
N GLN C 270 -6.27 20.93 60.60
CA GLN C 270 -7.11 21.88 61.31
C GLN C 270 -6.94 23.26 60.68
N LEU C 271 -8.06 23.94 60.46
CA LEU C 271 -8.01 25.28 59.88
C LEU C 271 -7.46 26.29 60.87
N ILE C 272 -6.69 27.24 60.36
CA ILE C 272 -6.10 28.27 61.22
C ILE C 272 -7.17 29.23 61.72
N ASN C 273 -7.94 29.80 60.78
CA ASN C 273 -9.00 30.74 61.11
C ASN C 273 -10.39 30.19 60.78
N GLY C 274 -10.54 28.87 60.84
CA GLY C 274 -11.84 28.28 60.55
C GLY C 274 -12.86 28.53 61.63
N LYS C 275 -12.44 28.48 62.90
CA LYS C 275 -13.36 28.72 63.99
C LYS C 275 -13.75 30.19 64.08
N ASN C 276 -12.79 31.09 63.87
CA ASN C 276 -13.08 32.52 63.94
C ASN C 276 -13.89 32.94 62.71
N GLU C 277 -14.86 33.83 62.94
CA GLU C 277 -15.71 34.33 61.87
C GLU C 277 -15.66 35.85 61.73
N SER C 278 -15.11 36.58 62.71
CA SER C 278 -15.04 38.03 62.60
C SER C 278 -13.86 38.49 61.78
N ALA C 279 -12.83 37.66 61.65
CA ALA C 279 -11.65 38.05 60.88
C ALA C 279 -11.96 38.06 59.38
N HIS C 280 -12.71 37.08 58.90
CA HIS C 280 -13.05 37.02 57.48
C HIS C 280 -14.16 37.99 57.11
N ILE C 281 -14.94 38.47 58.09
CA ILE C 281 -16.01 39.40 57.80
C ILE C 281 -15.46 40.72 57.28
N SER C 282 -14.34 41.18 57.85
CA SER C 282 -13.72 42.41 57.38
C SER C 282 -13.22 42.27 55.95
N ASP C 283 -12.59 41.14 55.64
CA ASP C 283 -12.12 40.90 54.28
C ASP C 283 -13.29 40.82 53.30
N ALA C 284 -14.38 40.18 53.70
CA ALA C 284 -15.56 40.10 52.84
C ALA C 284 -16.15 41.48 52.59
N VAL C 285 -16.24 42.30 53.64
CA VAL C 285 -16.77 43.65 53.48
C VAL C 285 -15.87 44.48 52.58
N GLY C 286 -14.55 44.33 52.72
CA GLY C 286 -13.63 45.05 51.84
C GLY C 286 -13.75 44.62 50.39
N VAL C 287 -13.90 43.31 50.16
CA VAL C 287 -14.07 42.81 48.80
C VAL C 287 -15.38 43.31 48.21
N VAL C 288 -16.44 43.34 49.01
CA VAL C 288 -17.72 43.84 48.52
C VAL C 288 -17.63 45.32 48.19
N ALA C 289 -16.94 46.10 49.02
CA ALA C 289 -16.77 47.52 48.76
C ALA C 289 -15.95 47.75 47.49
N GLN C 290 -14.88 46.96 47.30
CA GLN C 290 -14.08 47.08 46.09
C GLN C 290 -14.89 46.73 44.85
N ALA C 291 -15.72 45.69 44.94
CA ALA C 291 -16.54 45.31 43.80
C ALA C 291 -17.59 46.37 43.49
N VAL C 292 -18.18 46.97 44.53
CA VAL C 292 -19.17 48.02 44.31
C VAL C 292 -18.51 49.26 43.73
N HIS C 293 -17.25 49.54 44.10
CA HIS C 293 -16.55 50.69 43.55
C HIS C 293 -16.14 50.45 42.11
N GLU C 294 -15.75 49.23 41.78
CA GLU C 294 -15.33 48.90 40.42
C GLU C 294 -16.49 48.65 39.47
N LEU C 295 -17.69 48.39 40.00
CA LEU C 295 -18.86 48.14 39.16
C LEU C 295 -19.69 49.38 38.90
N LEU C 296 -19.64 50.38 39.79
CA LEU C 296 -20.42 51.59 39.62
C LEU C 296 -19.87 52.49 38.51
N GLU C 297 -18.69 52.19 37.98
CA GLU C 297 -18.08 52.97 36.91
C GLU C 297 -18.24 52.32 35.54
N LYS C 298 -19.36 51.62 35.32
CA LYS C 298 -19.63 50.95 34.06
C LYS C 298 -20.94 51.46 33.47
N GLU C 299 -21.07 51.31 32.16
CA GLU C 299 -22.27 51.74 31.44
C GLU C 299 -23.32 50.63 31.46
N ASN C 300 -24.57 51.05 31.20
CA ASN C 300 -25.71 50.14 31.17
C ASN C 300 -25.86 49.37 32.47
N ILE C 301 -25.58 50.04 33.58
CA ILE C 301 -25.67 49.45 34.91
C ILE C 301 -27.08 49.66 35.45
N THR C 302 -27.68 48.59 35.97
CA THR C 302 -29.02 48.64 36.54
C THR C 302 -28.99 48.07 37.96
N ASP C 303 -29.56 48.82 38.90
CA ASP C 303 -29.58 48.39 40.28
C ASP C 303 -30.60 47.26 40.47
N PRO C 304 -30.55 46.57 41.60
CA PRO C 304 -31.51 45.48 41.85
C PRO C 304 -32.90 46.02 42.07
N PRO C 305 -33.90 45.45 41.42
CA PRO C 305 -35.28 45.94 41.61
C PRO C 305 -35.83 45.53 42.96
N ARG C 306 -36.54 46.46 43.60
CA ARG C 306 -37.15 46.20 44.90
C ARG C 306 -38.43 45.38 44.81
N GLY C 307 -38.85 45.00 43.61
CA GLY C 307 -40.05 44.20 43.45
C GLY C 307 -39.77 42.71 43.53
N CYS C 308 -39.48 42.22 44.73
CA CYS C 308 -39.20 40.79 44.92
C CYS C 308 -40.42 39.95 44.58
N VAL C 309 -41.59 40.36 45.08
CA VAL C 309 -42.83 39.64 44.77
C VAL C 309 -43.47 40.13 43.49
N GLY C 310 -43.10 41.31 43.01
CA GLY C 310 -43.70 41.86 41.81
C GLY C 310 -43.17 41.25 40.52
N ASN C 311 -41.88 41.42 40.27
CA ASN C 311 -41.24 40.94 39.06
C ASN C 311 -40.36 39.73 39.35
N THR C 312 -40.17 38.89 38.32
CA THR C 312 -39.34 37.71 38.43
C THR C 312 -38.28 37.69 37.33
N ASN C 313 -37.90 38.87 36.83
CA ASN C 313 -36.90 38.97 35.78
C ASN C 313 -35.50 38.76 36.35
N ILE C 314 -34.55 38.54 35.44
CA ILE C 314 -33.15 38.31 35.80
C ILE C 314 -32.39 39.61 35.63
N TRP C 315 -31.69 40.04 36.67
CA TRP C 315 -30.92 41.26 36.62
C TRP C 315 -29.71 41.10 35.71
N LYS C 316 -29.58 41.99 34.72
CA LYS C 316 -28.46 41.91 33.80
C LYS C 316 -27.14 42.27 34.46
N THR C 317 -27.18 42.96 35.60
CA THR C 317 -25.97 43.34 36.33
C THR C 317 -25.52 42.26 37.32
N GLY C 318 -26.07 41.05 37.22
CA GLY C 318 -25.69 39.98 38.11
C GLY C 318 -24.47 39.24 37.65
N PRO C 319 -24.43 38.86 36.36
CA PRO C 319 -23.26 38.14 35.87
C PRO C 319 -22.02 39.02 35.77
N LEU C 320 -22.17 40.28 35.37
CA LEU C 320 -21.02 41.17 35.26
C LEU C 320 -20.41 41.45 36.62
N PHE C 321 -21.25 41.72 37.63
CA PHE C 321 -20.74 41.97 38.97
C PHE C 321 -20.05 40.73 39.53
N LYS C 322 -20.61 39.55 39.30
CA LYS C 322 -19.98 38.31 39.77
C LYS C 322 -18.65 38.08 39.08
N ARG C 323 -18.57 38.35 37.77
CA ARG C 323 -17.31 38.17 37.05
C ARG C 323 -16.27 39.19 37.51
N VAL C 324 -16.70 40.39 37.86
CA VAL C 324 -15.76 41.41 38.35
C VAL C 324 -15.28 41.05 39.74
N LEU C 325 -16.15 40.48 40.57
CA LEU C 325 -15.75 40.11 41.92
C LEU C 325 -14.88 38.87 41.93
N MET C 326 -15.07 37.96 40.96
CA MET C 326 -14.24 36.76 40.90
C MET C 326 -12.79 37.11 40.60
N SER C 327 -12.55 38.05 39.70
CA SER C 327 -11.21 38.48 39.35
C SER C 327 -10.70 39.61 40.22
N SER C 328 -11.47 40.04 41.22
CA SER C 328 -11.06 41.13 42.11
C SER C 328 -10.06 40.57 43.12
N LYS C 329 -8.79 40.55 42.73
CA LYS C 329 -7.75 40.05 43.60
C LYS C 329 -7.46 41.05 44.72
N TYR C 330 -7.46 40.58 45.96
CA TYR C 330 -7.21 41.44 47.11
C TYR C 330 -5.70 41.60 47.31
N ALA C 331 -5.28 42.84 47.53
CA ALA C 331 -3.86 43.11 47.73
C ALA C 331 -3.39 42.60 49.09
N ASP C 332 -4.09 42.97 50.15
CA ASP C 332 -3.73 42.54 51.49
C ASP C 332 -4.96 42.63 52.39
N GLY C 333 -5.02 41.75 53.38
CA GLY C 333 -6.13 41.72 54.31
C GLY C 333 -5.71 41.33 55.72
N VAL C 334 -6.70 41.01 56.56
CA VAL C 334 -6.42 40.61 57.94
C VAL C 334 -6.26 39.11 58.09
N THR C 335 -6.56 38.32 57.05
CA THR C 335 -6.44 36.87 57.10
C THR C 335 -5.58 36.36 55.95
N GLY C 336 -4.62 37.16 55.51
CA GLY C 336 -3.75 36.77 54.41
C GLY C 336 -4.30 37.19 53.07
N ARG C 337 -3.69 36.64 52.02
CA ARG C 337 -4.11 36.94 50.67
C ARG C 337 -5.47 36.32 50.38
N VAL C 338 -6.35 37.09 49.76
CA VAL C 338 -7.70 36.65 49.43
C VAL C 338 -7.80 36.54 47.92
N GLU C 339 -8.15 35.34 47.43
CA GLU C 339 -8.28 35.09 46.01
C GLU C 339 -9.52 34.24 45.76
N PHE C 340 -9.84 34.05 44.49
CA PHE C 340 -10.99 33.26 44.07
C PHE C 340 -10.57 32.28 42.99
N ASN C 341 -10.93 31.01 43.17
CA ASN C 341 -10.59 29.97 42.21
C ASN C 341 -11.61 30.00 41.06
N GLU C 342 -11.57 28.97 40.22
CA GLU C 342 -12.47 28.91 39.08
C GLU C 342 -13.92 28.68 39.53
N ASP C 343 -14.17 27.60 40.26
CA ASP C 343 -15.51 27.26 40.70
C ASP C 343 -15.82 27.83 42.09
N GLY C 344 -15.57 29.13 42.26
CA GLY C 344 -15.87 29.83 43.50
C GLY C 344 -15.26 29.21 44.74
N ASP C 345 -13.93 29.22 44.82
CA ASP C 345 -13.21 28.67 45.96
C ASP C 345 -12.14 29.64 46.41
N ARG C 346 -11.97 29.75 47.73
CA ARG C 346 -10.98 30.64 48.32
C ARG C 346 -9.69 29.86 48.53
N LYS C 347 -8.69 30.12 47.68
CA LYS C 347 -7.41 29.44 47.77
C LYS C 347 -6.49 30.17 48.75
N PHE C 348 -5.24 29.73 48.85
CA PHE C 348 -4.23 30.32 49.73
C PHE C 348 -4.72 30.31 51.18
N ALA C 349 -4.95 29.09 51.69
CA ALA C 349 -5.41 28.88 53.06
C ALA C 349 -4.26 28.38 53.92
N GLN C 350 -4.45 28.48 55.23
CA GLN C 350 -3.47 28.05 56.22
C GLN C 350 -4.01 26.84 56.98
N TYR C 351 -3.16 25.83 57.15
CA TYR C 351 -3.53 24.61 57.85
C TYR C 351 -2.54 24.34 58.98
N SER C 352 -3.05 23.78 60.07
CA SER C 352 -2.25 23.45 61.23
C SER C 352 -2.14 21.93 61.32
N ILE C 353 -0.91 21.41 61.24
CA ILE C 353 -0.66 19.98 61.29
C ILE C 353 -0.58 19.58 62.77
N MET C 354 -1.68 19.05 63.30
CA MET C 354 -1.73 18.64 64.69
C MET C 354 -1.24 17.20 64.84
N ASN C 355 -1.05 16.79 66.10
CA ASN C 355 -0.59 15.44 66.39
C ASN C 355 -1.14 15.03 67.75
N LEU C 356 -1.72 13.84 67.82
CA LEU C 356 -2.30 13.31 69.05
C LEU C 356 -1.22 12.54 69.80
N GLN C 357 -0.64 13.18 70.81
CA GLN C 357 0.41 12.58 71.64
C GLN C 357 -0.02 12.63 73.09
N ASN C 358 -0.13 11.47 73.73
CA ASN C 358 -0.53 11.36 75.13
C ASN C 358 -1.88 12.04 75.37
N ARG C 359 -2.84 11.75 74.47
CA ARG C 359 -4.19 12.30 74.55
C ARG C 359 -4.19 13.83 74.55
N LYS C 360 -3.23 14.43 73.85
CA LYS C 360 -3.12 15.88 73.77
C LYS C 360 -2.74 16.28 72.36
N LEU C 361 -3.52 17.18 71.76
CA LEU C 361 -3.27 17.65 70.41
C LEU C 361 -2.35 18.87 70.45
N VAL C 362 -1.33 18.85 69.60
CA VAL C 362 -0.37 19.95 69.52
C VAL C 362 0.11 20.06 68.07
N GLN C 363 0.26 21.30 67.61
CA GLN C 363 0.72 21.53 66.24
C GLN C 363 2.21 21.23 66.13
N VAL C 364 2.61 20.81 64.92
CA VAL C 364 4.01 20.46 64.67
C VAL C 364 4.49 21.19 63.41
N GLY C 365 3.56 21.74 62.65
CA GLY C 365 3.92 22.45 61.44
C GLY C 365 2.73 23.21 60.89
N ILE C 366 3.01 23.95 59.81
CA ILE C 366 1.98 24.76 59.15
C ILE C 366 2.29 24.79 57.66
N TYR C 367 1.27 24.52 56.84
CA TYR C 367 1.41 24.50 55.38
C TYR C 367 0.88 25.82 54.84
N ASN C 368 1.77 26.70 54.43
CA ASN C 368 1.39 28.01 53.89
C ASN C 368 1.25 27.96 52.37
N GLY C 369 0.45 27.02 51.88
CA GLY C 369 0.19 26.91 50.45
C GLY C 369 1.32 26.28 49.67
N THR C 370 2.48 26.94 49.66
CA THR C 370 3.61 26.45 48.88
C THR C 370 4.18 25.17 49.48
N HIS C 371 4.49 25.19 50.77
CA HIS C 371 5.06 24.03 51.44
C HIS C 371 4.75 24.13 52.93
N VAL C 372 5.03 23.03 53.64
CA VAL C 372 4.80 22.93 55.08
C VAL C 372 6.16 22.98 55.77
N ILE C 373 6.32 23.94 56.67
CA ILE C 373 7.56 24.11 57.43
C ILE C 373 7.34 23.57 58.83
N PRO C 374 8.05 22.53 59.25
CA PRO C 374 7.85 21.99 60.60
C PRO C 374 8.46 22.88 61.67
N ASN C 375 8.03 22.65 62.90
CA ASN C 375 8.49 23.40 64.05
C ASN C 375 9.63 22.65 64.74
N ASP C 376 10.05 23.14 65.90
CA ASP C 376 11.13 22.51 66.65
C ASP C 376 10.66 21.36 67.51
N ARG C 377 9.36 21.13 67.61
CA ARG C 377 8.83 20.05 68.42
C ARG C 377 9.02 18.71 67.71
N LYS C 378 8.90 17.64 68.48
CA LYS C 378 9.07 16.29 67.98
C LYS C 378 7.70 15.65 67.71
N ILE C 379 7.69 14.70 66.78
CA ILE C 379 6.47 14.00 66.39
C ILE C 379 6.60 12.54 66.79
N ILE C 380 5.50 11.95 67.27
CA ILE C 380 5.45 10.57 67.70
C ILE C 380 4.54 9.82 66.73
N TRP C 381 5.12 8.88 65.98
CA TRP C 381 4.36 8.11 65.02
C TRP C 381 3.53 7.05 65.74
N PRO C 382 2.65 6.36 65.02
CA PRO C 382 1.82 5.33 65.65
C PRO C 382 2.65 4.12 66.06
N GLY C 383 2.40 3.64 67.28
CA GLY C 383 3.12 2.50 67.81
C GLY C 383 4.31 2.83 68.68
N GLY C 384 4.61 4.11 68.88
CA GLY C 384 5.74 4.50 69.69
C GLY C 384 7.08 4.50 68.99
N GLU C 385 7.10 4.28 67.68
CA GLU C 385 8.36 4.25 66.93
C GLU C 385 8.83 5.67 66.67
N THR C 386 9.99 6.02 67.21
CA THR C 386 10.53 7.36 67.01
C THR C 386 10.96 7.58 65.56
N GLU C 387 11.55 6.56 64.94
CA GLU C 387 11.97 6.66 63.55
C GLU C 387 10.77 6.69 62.61
N LYS C 388 10.95 7.33 61.48
CA LYS C 388 9.86 7.42 60.50
C LYS C 388 9.64 6.07 59.84
N PRO C 389 8.40 5.62 59.71
CA PRO C 389 8.15 4.32 59.09
C PRO C 389 8.22 4.38 57.57
N ARG C 390 8.61 3.24 56.97
CA ARG C 390 8.72 3.18 55.52
C ARG C 390 7.34 3.22 54.85
N GLY C 391 6.32 2.68 55.50
CA GLY C 391 4.99 2.68 54.93
C GLY C 391 4.81 1.74 53.75
N TYR C 392 5.54 0.63 53.73
CA TYR C 392 5.43 -0.34 52.65
C TYR C 392 5.89 -1.69 53.15
N GLN C 393 5.49 -2.74 52.44
CA GLN C 393 5.85 -4.10 52.77
C GLN C 393 6.23 -4.85 51.50
N MET C 394 6.89 -6.00 51.69
CA MET C 394 7.33 -6.85 50.60
C MET C 394 6.63 -8.19 50.71
N SER C 395 5.75 -8.49 49.75
CA SER C 395 5.02 -9.75 49.77
C SER C 395 5.94 -10.90 49.37
N THR C 396 5.89 -11.99 50.13
CA THR C 396 6.71 -13.16 49.87
C THR C 396 5.91 -14.36 49.37
N ARG C 397 4.59 -14.32 49.47
CA ARG C 397 3.73 -15.41 49.00
C ARG C 397 3.03 -14.98 47.73
N LEU C 398 3.25 -15.72 46.65
CA LEU C 398 2.66 -15.42 45.35
C LEU C 398 1.82 -16.60 44.87
N LYS C 399 0.86 -16.29 43.99
CA LYS C 399 0.00 -17.29 43.39
C LYS C 399 0.29 -17.37 41.91
N ILE C 400 0.44 -18.59 41.40
CA ILE C 400 0.78 -18.84 40.01
C ILE C 400 -0.27 -19.77 39.40
N VAL C 401 -0.74 -19.42 38.21
CA VAL C 401 -1.76 -20.20 37.50
C VAL C 401 -1.11 -20.84 36.29
N THR C 402 -1.29 -22.15 36.14
CA THR C 402 -0.76 -22.91 35.01
C THR C 402 -1.90 -23.49 34.20
N ILE C 403 -1.63 -23.75 32.93
CA ILE C 403 -2.61 -24.31 32.01
C ILE C 403 -2.15 -25.70 31.60
N HIS C 404 -3.13 -26.53 31.22
CA HIS C 404 -2.83 -27.91 30.83
C HIS C 404 -2.25 -27.95 29.42
N GLN C 405 -1.08 -28.57 29.29
CA GLN C 405 -0.43 -28.75 27.99
C GLN C 405 0.23 -30.12 27.97
N GLU C 406 0.03 -30.85 26.87
CA GLU C 406 0.52 -32.21 26.73
C GLU C 406 2.02 -32.33 26.99
N PRO C 407 2.89 -31.53 26.33
CA PRO C 407 4.33 -31.72 26.55
C PRO C 407 4.89 -30.87 27.69
N PHE C 408 4.15 -29.87 28.15
CA PHE C 408 4.66 -28.92 29.13
C PHE C 408 4.26 -29.30 30.56
N VAL C 409 2.97 -29.36 30.84
CA VAL C 409 2.45 -29.55 32.19
C VAL C 409 1.61 -30.82 32.23
N TYR C 410 2.06 -31.79 33.01
CA TYR C 410 1.32 -33.03 33.21
C TYR C 410 0.51 -32.96 34.49
N VAL C 411 -0.65 -33.61 34.48
CA VAL C 411 -1.58 -33.60 35.60
C VAL C 411 -1.96 -35.06 35.88
N LYS C 412 -1.32 -35.66 36.89
CA LYS C 412 -1.59 -37.03 37.28
C LYS C 412 -2.25 -37.07 38.65
N PRO C 413 -3.17 -38.00 38.88
CA PRO C 413 -3.82 -38.09 40.20
C PRO C 413 -2.85 -38.57 41.27
N THR C 414 -3.04 -38.06 42.47
CA THR C 414 -2.18 -38.42 43.59
C THR C 414 -2.56 -39.80 44.14
N MET C 415 -1.70 -40.32 45.01
CA MET C 415 -1.93 -41.62 45.61
C MET C 415 -2.94 -41.51 46.74
N SER C 416 -3.28 -42.66 47.33
CA SER C 416 -4.25 -42.67 48.42
C SER C 416 -3.67 -42.08 49.71
N ASP C 417 -2.33 -42.07 49.84
CA ASP C 417 -1.72 -41.53 51.04
C ASP C 417 -1.87 -40.01 51.10
N GLY C 418 -1.68 -39.33 49.99
CA GLY C 418 -1.80 -37.89 49.95
C GLY C 418 -0.75 -37.22 49.09
N THR C 419 0.22 -38.00 48.61
CA THR C 419 1.30 -37.51 47.76
C THR C 419 1.24 -38.22 46.41
N CYS C 420 2.23 -37.95 45.57
CA CYS C 420 2.31 -38.56 44.25
C CYS C 420 3.27 -39.75 44.28
N LYS C 421 3.06 -40.67 43.34
CA LYS C 421 3.91 -41.86 43.21
C LYS C 421 5.25 -41.44 42.63
N GLU C 422 6.27 -41.40 43.48
CA GLU C 422 7.61 -41.00 43.05
C GLU C 422 8.20 -42.07 42.14
N GLU C 423 8.53 -41.69 40.91
CA GLU C 423 9.12 -42.59 39.93
C GLU C 423 10.33 -41.94 39.30
N PHE C 424 11.39 -42.73 39.12
CA PHE C 424 12.61 -42.23 38.53
C PHE C 424 12.48 -42.15 37.01
N THR C 425 13.38 -41.39 36.40
CA THR C 425 13.39 -41.19 34.95
C THR C 425 14.36 -42.19 34.31
N VAL C 426 14.58 -42.04 33.00
CA VAL C 426 15.48 -42.93 32.30
C VAL C 426 16.94 -42.52 32.49
N ASN C 427 17.19 -41.23 32.73
CA ASN C 427 18.56 -40.77 32.92
C ASN C 427 19.12 -41.20 34.26
N GLY C 428 18.27 -41.40 35.26
CA GLY C 428 18.70 -41.80 36.58
C GLY C 428 18.52 -40.78 37.67
N ASP C 429 17.84 -39.67 37.41
CA ASP C 429 17.63 -38.63 38.41
C ASP C 429 16.20 -38.67 38.93
N PRO C 430 16.00 -38.40 40.22
CA PRO C 430 14.63 -38.41 40.77
C PRO C 430 13.85 -37.21 40.25
N VAL C 431 12.65 -37.48 39.72
CA VAL C 431 11.81 -36.42 39.18
C VAL C 431 11.25 -35.60 40.32
N LYS C 432 11.41 -34.28 40.22
CA LYS C 432 10.88 -33.34 41.21
C LYS C 432 9.51 -32.85 40.75
N LYS C 433 8.48 -33.13 41.54
CA LYS C 433 7.11 -32.80 41.20
C LYS C 433 6.45 -32.07 42.36
N VAL C 434 5.49 -31.21 42.02
CA VAL C 434 4.73 -30.47 43.01
C VAL C 434 3.27 -30.90 42.93
N ILE C 435 2.47 -30.40 43.87
CA ILE C 435 1.05 -30.74 43.97
C ILE C 435 0.24 -29.52 43.55
N CYS C 436 -0.73 -29.73 42.65
CA CYS C 436 -1.64 -28.69 42.25
C CYS C 436 -3.00 -28.86 42.94
N THR C 437 -3.83 -27.83 42.82
CA THR C 437 -5.18 -27.81 43.38
C THR C 437 -6.18 -27.35 42.33
N GLY C 438 -6.07 -27.91 41.13
CA GLY C 438 -6.91 -27.51 40.02
C GLY C 438 -8.33 -28.02 40.16
N PRO C 439 -9.16 -27.67 39.16
CA PRO C 439 -10.57 -28.08 39.18
C PRO C 439 -10.75 -29.58 38.94
N ASN C 440 -12.01 -30.02 38.87
CA ASN C 440 -12.32 -31.42 38.66
C ASN C 440 -11.86 -31.87 37.27
N ASP C 441 -12.02 -33.17 37.01
CA ASP C 441 -11.51 -33.75 35.77
C ASP C 441 -12.34 -33.31 34.57
N THR C 442 -13.66 -33.50 34.64
CA THR C 442 -14.52 -33.22 33.49
C THR C 442 -14.71 -31.72 33.27
N SER C 443 -15.30 -31.06 34.26
CA SER C 443 -15.58 -29.62 34.18
C SER C 443 -16.00 -29.15 35.56
N PRO C 444 -15.78 -27.87 35.88
CA PRO C 444 -16.23 -27.33 37.17
C PRO C 444 -17.70 -26.94 37.19
N GLY C 445 -18.44 -27.17 36.10
CA GLY C 445 -19.83 -26.75 36.04
C GLY C 445 -20.76 -27.53 36.95
N SER C 446 -21.02 -28.79 36.61
CA SER C 446 -21.90 -29.61 37.44
C SER C 446 -21.18 -30.09 38.69
N PRO C 447 -20.00 -30.74 38.60
CA PRO C 447 -19.29 -31.12 39.84
C PRO C 447 -18.34 -30.02 40.32
N ARG C 448 -18.92 -28.95 40.88
CA ARG C 448 -18.14 -27.81 41.34
C ARG C 448 -17.38 -28.16 42.61
N HIS C 449 -16.21 -28.79 42.47
CA HIS C 449 -15.40 -29.17 43.62
C HIS C 449 -13.97 -29.37 43.15
N THR C 450 -13.02 -28.82 43.90
CA THR C 450 -11.60 -28.92 43.58
C THR C 450 -10.97 -30.06 44.36
N VAL C 451 -10.14 -30.84 43.69
CA VAL C 451 -9.45 -31.97 44.31
C VAL C 451 -7.95 -31.81 44.13
N PRO C 452 -7.13 -32.22 45.10
CA PRO C 452 -5.68 -32.08 44.94
C PRO C 452 -5.14 -33.03 43.88
N GLN C 453 -4.22 -32.53 43.06
CA GLN C 453 -3.59 -33.33 42.02
C GLN C 453 -2.08 -33.14 42.06
N CYS C 454 -1.38 -33.74 41.10
CA CYS C 454 0.07 -33.61 41.01
C CYS C 454 0.45 -32.78 39.79
N CYS C 455 1.58 -32.10 39.87
CA CYS C 455 2.05 -31.21 38.82
C CYS C 455 3.54 -31.36 38.62
N TYR C 456 3.95 -31.52 37.36
CA TYR C 456 5.36 -31.64 37.00
C TYR C 456 5.49 -31.42 35.50
N GLY C 457 6.71 -31.09 35.08
CA GLY C 457 7.00 -30.91 33.67
C GLY C 457 7.98 -29.77 33.47
N PHE C 458 7.99 -29.24 32.25
CA PHE C 458 8.91 -28.17 31.89
C PHE C 458 8.59 -26.90 32.68
N CYS C 459 7.32 -26.50 32.70
CA CYS C 459 6.94 -25.29 33.43
C CYS C 459 7.20 -25.43 34.93
N ILE C 460 6.92 -26.61 35.48
CA ILE C 460 7.17 -26.84 36.90
C ILE C 460 8.67 -26.81 37.20
N ASP C 461 9.49 -27.36 36.30
CA ASP C 461 10.93 -27.33 36.49
C ASP C 461 11.45 -25.90 36.44
N LEU C 462 10.96 -25.10 35.49
CA LEU C 462 11.39 -23.71 35.41
C LEU C 462 10.93 -22.92 36.64
N LEU C 463 9.74 -23.22 37.15
CA LEU C 463 9.25 -22.55 38.35
C LEU C 463 10.11 -22.90 39.55
N ILE C 464 10.49 -24.18 39.69
CA ILE C 464 11.36 -24.58 40.79
C ILE C 464 12.72 -23.93 40.67
N LYS C 465 13.24 -23.83 39.45
CA LYS C 465 14.53 -23.17 39.23
C LYS C 465 14.47 -21.70 39.63
N LEU C 466 13.41 -21.01 39.23
CA LEU C 466 13.26 -19.60 39.58
C LEU C 466 13.07 -19.42 41.08
N ALA C 467 12.35 -20.34 41.72
CA ALA C 467 12.14 -20.25 43.17
C ALA C 467 13.45 -20.49 43.92
N ARG C 468 14.29 -21.40 43.43
CA ARG C 468 15.57 -21.63 44.07
C ARG C 468 16.56 -20.51 43.78
N THR C 469 16.40 -19.81 42.65
CA THR C 469 17.30 -18.72 42.32
C THR C 469 16.96 -17.45 43.09
N MET C 470 15.66 -17.11 43.18
CA MET C 470 15.24 -15.87 43.82
C MET C 470 14.78 -16.06 45.27
N GLN C 471 14.64 -17.31 45.73
CA GLN C 471 14.32 -17.62 47.12
C GLN C 471 13.01 -16.97 47.56
N PHE C 472 11.93 -17.40 46.91
CA PHE C 472 10.58 -16.97 47.26
C PHE C 472 9.66 -18.19 47.33
N THR C 473 8.40 -17.95 47.66
CA THR C 473 7.40 -19.00 47.79
C THR C 473 6.29 -18.79 46.78
N TYR C 474 5.63 -19.89 46.42
CA TYR C 474 4.59 -19.87 45.41
C TYR C 474 3.51 -20.89 45.77
N GLU C 475 2.33 -20.71 45.17
CA GLU C 475 1.18 -21.61 45.35
C GLU C 475 0.57 -21.83 43.97
N VAL C 476 0.94 -22.94 43.33
CA VAL C 476 0.49 -23.24 41.98
C VAL C 476 -0.91 -23.83 42.03
N HIS C 477 -1.76 -23.37 41.12
CA HIS C 477 -3.12 -23.88 41.00
C HIS C 477 -3.62 -23.62 39.58
N LEU C 478 -4.39 -24.57 39.05
CA LEU C 478 -4.90 -24.46 37.70
C LEU C 478 -6.00 -23.40 37.64
N VAL C 479 -6.47 -23.12 36.42
CA VAL C 479 -7.51 -22.13 36.17
C VAL C 479 -8.85 -22.84 36.07
N ALA C 480 -9.89 -22.22 36.63
CA ALA C 480 -11.22 -22.82 36.60
C ALA C 480 -11.79 -22.80 35.19
N ASP C 481 -11.46 -21.79 34.40
CA ASP C 481 -11.99 -21.70 33.04
C ASP C 481 -11.37 -22.74 32.12
N GLY C 482 -10.11 -23.11 32.36
CA GLY C 482 -9.45 -24.10 31.53
C GLY C 482 -9.05 -23.62 30.15
N LYS C 483 -9.07 -22.31 29.90
CA LYS C 483 -8.71 -21.75 28.61
C LYS C 483 -7.70 -20.62 28.80
N PHE C 484 -7.06 -20.24 27.69
CA PHE C 484 -6.07 -19.17 27.73
C PHE C 484 -6.75 -17.84 28.03
N GLY C 485 -7.66 -17.42 27.18
CA GLY C 485 -8.38 -16.17 27.34
C GLY C 485 -8.48 -15.43 26.02
N THR C 486 -9.42 -14.50 25.95
CA THR C 486 -9.65 -13.70 24.76
C THR C 486 -10.24 -12.35 25.18
N GLN C 487 -10.44 -11.48 24.20
CA GLN C 487 -10.99 -10.15 24.45
C GLN C 487 -12.51 -10.21 24.34
N GLU C 488 -13.18 -10.14 25.47
CA GLU C 488 -14.65 -10.17 25.51
C GLU C 488 -15.16 -8.74 25.47
N ARG C 489 -15.33 -8.21 24.26
CA ARG C 489 -15.79 -6.85 24.04
C ARG C 489 -17.24 -6.84 23.55
N VAL C 490 -18.06 -7.75 24.07
CA VAL C 490 -19.47 -7.82 23.68
C VAL C 490 -20.19 -6.58 24.19
N GLN C 491 -20.85 -5.86 23.28
CA GLN C 491 -21.58 -4.64 23.64
C GLN C 491 -22.92 -4.93 24.31
N ASN C 492 -23.30 -6.20 24.45
CA ASN C 492 -24.58 -6.52 25.09
C ASN C 492 -24.57 -6.18 26.56
N SER C 493 -23.42 -6.29 27.23
CA SER C 493 -23.30 -5.98 28.64
C SER C 493 -22.64 -4.63 28.89
N ASN C 494 -22.28 -3.90 27.84
CA ASN C 494 -21.67 -2.58 27.91
C ASN C 494 -20.34 -2.58 28.65
N LYS C 495 -19.73 -3.74 28.87
CA LYS C 495 -18.47 -3.85 29.58
C LYS C 495 -17.52 -4.75 28.79
N LYS C 496 -16.23 -4.51 28.97
CA LYS C 496 -15.18 -5.29 28.31
C LYS C 496 -14.14 -5.71 29.34
N GLU C 497 -13.85 -7.00 29.38
CA GLU C 497 -12.88 -7.54 30.32
C GLU C 497 -12.37 -8.88 29.81
N TRP C 498 -11.18 -9.25 30.27
CA TRP C 498 -10.58 -10.52 29.89
C TRP C 498 -11.12 -11.66 30.75
N ASN C 499 -11.04 -12.87 30.20
CA ASN C 499 -11.51 -14.07 30.88
C ASN C 499 -10.41 -15.12 30.88
N GLY C 500 -10.67 -16.21 31.60
CA GLY C 500 -9.73 -17.31 31.67
C GLY C 500 -8.54 -17.04 32.57
N MET C 501 -7.36 -17.49 32.16
CA MET C 501 -6.17 -17.31 32.97
C MET C 501 -5.79 -15.83 33.09
N MET C 502 -5.85 -15.09 31.98
CA MET C 502 -5.54 -13.67 32.02
C MET C 502 -6.60 -12.92 32.83
N GLY C 503 -7.87 -13.33 32.71
CA GLY C 503 -8.91 -12.69 33.52
C GLY C 503 -8.72 -12.94 34.99
N GLU C 504 -8.26 -14.14 35.36
CA GLU C 504 -7.97 -14.41 36.77
C GLU C 504 -6.73 -13.67 37.25
N LEU C 505 -5.76 -13.47 36.36
CA LEU C 505 -4.57 -12.72 36.75
C LEU C 505 -4.89 -11.25 36.97
N LEU C 506 -5.68 -10.64 36.07
CA LEU C 506 -6.02 -9.23 36.20
C LEU C 506 -6.94 -8.97 37.38
N SER C 507 -7.64 -9.99 37.88
CA SER C 507 -8.52 -9.84 39.02
C SER C 507 -7.78 -9.79 40.35
N GLY C 508 -6.45 -9.92 40.34
CA GLY C 508 -5.68 -9.89 41.56
C GLY C 508 -5.56 -11.21 42.29
N GLN C 509 -6.04 -12.30 41.70
CA GLN C 509 -5.97 -13.60 42.37
C GLN C 509 -4.57 -14.18 42.29
N ALA C 510 -3.89 -14.01 41.16
CA ALA C 510 -2.56 -14.55 40.95
C ALA C 510 -1.57 -13.42 40.69
N ASP C 511 -0.29 -13.77 40.79
CA ASP C 511 0.80 -12.82 40.56
C ASP C 511 1.69 -13.19 39.39
N MET C 512 1.92 -14.47 39.13
CA MET C 512 2.77 -14.92 38.04
C MET C 512 2.03 -15.96 37.21
N ILE C 513 2.50 -16.15 35.97
CA ILE C 513 1.94 -17.13 35.05
C ILE C 513 3.09 -17.91 34.45
N VAL C 514 3.20 -19.19 34.77
CA VAL C 514 4.19 -20.08 34.19
C VAL C 514 3.44 -21.07 33.31
N ALA C 515 3.31 -20.74 32.04
CA ALA C 515 2.55 -21.54 31.10
C ALA C 515 2.98 -21.15 29.69
N PRO C 516 2.75 -22.02 28.69
CA PRO C 516 3.13 -21.67 27.32
C PRO C 516 2.27 -20.56 26.75
N LEU C 517 2.45 -19.34 27.26
CA LEU C 517 1.71 -18.18 26.79
C LEU C 517 2.53 -17.43 25.75
N THR C 518 1.93 -17.22 24.58
CA THR C 518 2.61 -16.55 23.48
C THR C 518 2.70 -15.05 23.75
N ILE C 519 3.25 -14.32 22.77
CA ILE C 519 3.44 -12.89 22.87
C ILE C 519 2.81 -12.21 21.66
N ASN C 520 1.94 -11.25 21.91
CA ASN C 520 1.30 -10.48 20.86
C ASN C 520 0.89 -9.12 21.43
N ASN C 521 0.38 -8.25 20.55
CA ASN C 521 0.09 -6.88 20.96
C ASN C 521 -1.11 -6.83 21.90
N GLU C 522 -2.18 -7.56 21.58
CA GLU C 522 -3.41 -7.48 22.36
C GLU C 522 -3.19 -7.89 23.81
N ARG C 523 -2.40 -8.93 24.04
CA ARG C 523 -2.17 -9.40 25.40
C ARG C 523 -1.10 -8.59 26.12
N ALA C 524 -0.02 -8.22 25.41
CA ALA C 524 1.06 -7.44 26.02
C ALA C 524 0.71 -5.97 26.19
N GLN C 525 -0.44 -5.53 25.70
CA GLN C 525 -0.82 -4.13 25.88
C GLN C 525 -1.23 -3.84 27.32
N TYR C 526 -1.57 -4.87 28.08
CA TYR C 526 -2.04 -4.70 29.45
C TYR C 526 -1.08 -5.29 30.47
N ILE C 527 -0.23 -6.23 30.07
CA ILE C 527 0.71 -6.88 30.97
C ILE C 527 2.07 -6.95 30.30
N GLU C 528 3.11 -7.09 31.12
CA GLU C 528 4.49 -7.17 30.63
C GLU C 528 4.90 -8.62 30.39
N PHE C 529 5.76 -8.80 29.40
CA PHE C 529 6.31 -10.11 29.05
C PHE C 529 7.83 -10.04 29.08
N SER C 530 8.45 -11.02 29.73
CA SER C 530 9.90 -11.08 29.83
C SER C 530 10.47 -11.67 28.54
N LYS C 531 11.76 -11.98 28.55
CA LYS C 531 12.38 -12.56 27.38
C LYS C 531 11.91 -14.01 27.19
N PRO C 532 11.56 -14.40 25.97
CA PRO C 532 11.10 -15.77 25.74
C PRO C 532 12.19 -16.78 26.01
N PHE C 533 11.77 -17.97 26.47
CA PHE C 533 12.68 -19.06 26.78
C PHE C 533 12.62 -20.17 25.72
N LYS C 534 11.74 -20.02 24.73
CA LYS C 534 11.60 -21.03 23.67
C LYS C 534 10.90 -20.42 22.46
N TYR C 535 11.40 -20.72 21.27
CA TYR C 535 10.81 -20.22 20.03
C TYR C 535 10.12 -21.36 19.28
N GLN C 536 9.03 -21.02 18.62
CA GLN C 536 8.24 -21.98 17.86
C GLN C 536 7.40 -21.24 16.84
N GLY C 537 6.55 -21.99 16.15
CA GLY C 537 5.68 -21.40 15.14
C GLY C 537 4.36 -22.13 15.00
N LEU C 538 3.70 -21.98 13.86
CA LEU C 538 2.43 -22.63 13.59
C LEU C 538 2.57 -23.54 12.38
N THR C 539 1.93 -24.70 12.45
CA THR C 539 1.97 -25.67 11.35
C THR C 539 0.66 -26.45 11.36
N ILE C 540 0.57 -27.42 10.45
CA ILE C 540 -0.63 -28.25 10.29
C ILE C 540 -0.24 -29.69 10.53
N LEU C 541 -1.08 -30.40 11.29
CA LEU C 541 -0.86 -31.81 11.61
C LEU C 541 -1.89 -32.64 10.87
N VAL C 542 -1.42 -33.58 10.04
CA VAL C 542 -2.28 -34.44 9.25
C VAL C 542 -1.87 -35.89 9.48
N LYS C 543 -2.74 -36.80 9.05
CA LYS C 543 -2.48 -38.23 9.21
C LYS C 543 -1.45 -38.70 8.18
N LYS C 544 -0.97 -39.92 8.37
CA LYS C 544 0.00 -40.50 7.44
C LYS C 544 -0.69 -40.89 6.13
N GLU C 545 -2.02 -41.02 6.16
CA GLU C 545 -2.84 -41.32 4.99
C GLU C 545 -2.67 -42.75 4.51
N ILE C 546 -1.74 -43.49 5.12
CA ILE C 546 -1.52 -44.91 4.87
C ILE C 546 -1.31 -45.19 3.38
N PRO C 547 -0.14 -44.89 2.82
CA PRO C 547 0.10 -45.22 1.42
C PRO C 547 0.19 -46.73 1.19
N ARG C 548 -0.82 -47.30 0.53
CA ARG C 548 -0.89 -48.73 0.28
C ARG C 548 -1.26 -48.98 -1.19
N SER C 549 -0.61 -48.23 -2.08
CA SER C 549 -0.91 -48.36 -3.50
C SER C 549 -0.52 -49.72 -4.05
N THR C 550 0.58 -50.28 -3.53
CA THR C 550 1.01 -51.60 -3.98
C THR C 550 0.06 -52.68 -3.48
N LEU C 551 -0.20 -53.66 -4.34
CA LEU C 551 -1.08 -54.77 -4.01
C LEU C 551 -0.29 -56.08 -4.00
N ASP C 552 -0.84 -57.07 -3.31
CA ASP C 552 -0.21 -58.39 -3.20
C ASP C 552 -0.76 -59.29 -4.29
N SER C 553 -0.17 -59.20 -5.48
CA SER C 553 -0.59 -59.99 -6.62
C SER C 553 0.53 -59.93 -7.67
N PHE C 554 0.41 -60.80 -8.68
CA PHE C 554 1.37 -60.83 -9.78
C PHE C 554 0.73 -60.71 -11.15
N MET C 555 -0.59 -60.82 -11.27
CA MET C 555 -1.29 -60.62 -12.53
C MET C 555 -2.04 -59.30 -12.58
N GLN C 556 -1.56 -58.29 -11.82
CA GLN C 556 -2.27 -57.01 -11.79
C GLN C 556 -2.04 -56.17 -13.05
N PRO C 557 -0.81 -55.99 -13.54
CA PRO C 557 -0.62 -55.13 -14.73
C PRO C 557 -1.31 -55.65 -15.99
N PHE C 558 -1.78 -56.89 -16.00
CA PHE C 558 -2.47 -57.46 -17.14
C PHE C 558 -3.91 -57.75 -16.78
N GLN C 559 -4.84 -57.30 -17.62
CA GLN C 559 -6.26 -57.51 -17.38
C GLN C 559 -6.61 -58.98 -17.50
N SER C 560 -7.71 -59.37 -16.85
CA SER C 560 -8.15 -60.76 -16.85
C SER C 560 -8.63 -61.22 -18.22
N THR C 561 -8.85 -60.31 -19.16
CA THR C 561 -9.30 -60.67 -20.50
C THR C 561 -8.17 -60.89 -21.49
N LEU C 562 -6.93 -60.51 -21.12
CA LEU C 562 -5.82 -60.68 -22.04
C LEU C 562 -5.13 -62.02 -21.84
N TRP C 563 -5.21 -62.57 -20.61
CA TRP C 563 -4.60 -63.86 -20.34
C TRP C 563 -5.25 -64.97 -21.16
N LEU C 564 -6.57 -65.03 -21.16
CA LEU C 564 -7.26 -66.03 -21.97
C LEU C 564 -7.01 -65.80 -23.45
N LEU C 565 -6.93 -64.54 -23.86
CA LEU C 565 -6.68 -64.23 -25.27
C LEU C 565 -5.32 -64.75 -25.72
N VAL C 566 -4.27 -64.49 -24.94
CA VAL C 566 -2.95 -64.97 -25.32
C VAL C 566 -2.85 -66.48 -25.15
N GLY C 567 -3.58 -67.07 -24.21
CA GLY C 567 -3.58 -68.52 -24.09
C GLY C 567 -4.22 -69.20 -25.27
N LEU C 568 -5.26 -68.59 -25.84
CA LEU C 568 -5.84 -69.09 -27.09
C LEU C 568 -4.92 -68.81 -28.28
N SER C 569 -4.23 -67.66 -28.25
CA SER C 569 -3.37 -67.29 -29.38
C SER C 569 -2.18 -68.23 -29.50
N VAL C 570 -1.54 -68.58 -28.38
CA VAL C 570 -0.40 -69.48 -28.45
C VAL C 570 -0.83 -70.85 -28.98
N HIS C 571 -2.00 -71.32 -28.55
CA HIS C 571 -2.49 -72.62 -29.00
C HIS C 571 -2.83 -72.60 -30.48
N VAL C 572 -3.49 -71.53 -30.95
CA VAL C 572 -3.86 -71.49 -32.37
C VAL C 572 -2.62 -71.31 -33.23
N VAL C 573 -1.61 -70.59 -32.75
CA VAL C 573 -0.36 -70.46 -33.51
C VAL C 573 0.36 -71.79 -33.58
N ALA C 574 0.40 -72.54 -32.47
CA ALA C 574 1.02 -73.86 -32.49
C ALA C 574 0.28 -74.80 -33.44
N VAL C 575 -1.05 -74.75 -33.45
CA VAL C 575 -1.83 -75.60 -34.34
C VAL C 575 -1.57 -75.22 -35.80
N MET C 576 -1.53 -73.92 -36.09
CA MET C 576 -1.25 -73.49 -37.46
C MET C 576 0.14 -73.92 -37.91
N LEU C 577 1.14 -73.79 -37.02
CA LEU C 577 2.49 -74.23 -37.37
C LEU C 577 2.53 -75.74 -37.61
N TYR C 578 1.84 -76.51 -36.77
CA TYR C 578 1.82 -77.97 -36.95
C TYR C 578 1.16 -78.35 -38.26
N LEU C 579 0.03 -77.72 -38.59
CA LEU C 579 -0.65 -78.03 -39.84
C LEU C 579 0.18 -77.63 -41.05
N LEU C 580 0.86 -76.48 -40.98
CA LEU C 580 1.68 -76.02 -42.09
C LEU C 580 2.91 -76.92 -42.27
N ASP C 581 3.45 -77.45 -41.17
CA ASP C 581 4.57 -78.36 -41.28
C ASP C 581 4.14 -79.74 -41.77
N ARG C 582 2.91 -80.15 -41.45
CA ARG C 582 2.43 -81.46 -41.88
C ARG C 582 2.02 -81.46 -43.35
N PHE C 583 1.20 -80.48 -43.76
CA PHE C 583 0.68 -80.43 -45.11
C PHE C 583 1.60 -79.68 -46.08
N SER C 584 2.88 -79.56 -45.75
CA SER C 584 3.84 -78.91 -46.63
C SER C 584 5.26 -79.31 -46.30
N THR C 602 5.79 -84.26 -34.70
CA THR C 602 5.82 -83.00 -35.42
C THR C 602 4.91 -81.96 -34.74
N LEU C 603 3.70 -82.40 -34.39
CA LEU C 603 2.73 -81.52 -33.74
C LEU C 603 3.13 -81.22 -32.30
N SER C 604 3.43 -82.25 -31.52
CA SER C 604 3.84 -82.04 -30.14
C SER C 604 5.15 -81.27 -30.06
N SER C 605 6.07 -81.54 -31.00
CA SER C 605 7.34 -80.80 -31.02
C SER C 605 7.10 -79.33 -31.31
N ALA C 606 6.23 -79.02 -32.27
CA ALA C 606 5.91 -77.63 -32.57
C ALA C 606 5.22 -76.96 -31.40
N MET C 607 4.35 -77.69 -30.69
CA MET C 607 3.68 -77.12 -29.53
C MET C 607 4.68 -76.80 -28.41
N TRP C 608 5.60 -77.72 -28.13
CA TRP C 608 6.62 -77.45 -27.13
C TRP C 608 7.55 -76.32 -27.56
N PHE C 609 7.83 -76.21 -28.86
CA PHE C 609 8.64 -75.09 -29.35
C PHE C 609 7.93 -73.76 -29.14
N SER C 610 6.64 -73.70 -29.49
CA SER C 610 5.86 -72.48 -29.33
C SER C 610 5.64 -72.11 -27.87
N TRP C 611 5.61 -73.08 -26.97
CA TRP C 611 5.52 -72.79 -25.54
C TRP C 611 6.87 -72.48 -24.91
N GLY C 612 7.97 -72.91 -25.52
CA GLY C 612 9.27 -72.58 -24.97
C GLY C 612 9.76 -71.23 -25.44
N VAL C 613 9.35 -70.81 -26.63
CA VAL C 613 9.73 -69.49 -27.14
C VAL C 613 8.86 -68.42 -26.50
N LEU C 614 7.96 -68.83 -25.60
CA LEU C 614 7.10 -67.91 -24.86
C LEU C 614 7.55 -67.75 -23.42
N LEU C 615 7.71 -68.86 -22.68
CA LEU C 615 8.18 -68.78 -21.31
C LEU C 615 9.70 -68.66 -21.24
N ASN C 616 10.36 -68.60 -22.40
CA ASN C 616 11.81 -68.47 -22.49
C ASN C 616 12.51 -69.68 -21.85
N SER C 617 11.82 -70.82 -21.83
CA SER C 617 12.38 -72.03 -21.25
C SER C 617 13.44 -72.62 -22.18
N GLY C 618 14.17 -73.61 -21.67
CA GLY C 618 15.19 -74.25 -22.48
C GLY C 618 14.67 -75.45 -23.25
N ILE C 619 13.42 -75.83 -23.01
CA ILE C 619 12.83 -76.97 -23.70
C ILE C 619 12.68 -76.65 -25.18
N GLY C 620 12.66 -77.68 -26.00
CA GLY C 620 12.53 -77.52 -27.43
C GLY C 620 13.43 -78.44 -28.22
N GLU C 621 12.85 -79.16 -29.20
CA GLU C 621 13.62 -80.11 -29.99
C GLU C 621 14.24 -79.46 -31.21
N GLY C 622 13.41 -78.90 -32.09
CA GLY C 622 13.89 -78.29 -33.31
C GLY C 622 12.87 -77.34 -33.89
N ALA C 623 13.31 -76.60 -34.91
CA ALA C 623 12.51 -75.64 -35.63
C ALA C 623 11.97 -76.23 -36.93
N PRO C 624 10.83 -75.75 -37.40
CA PRO C 624 10.29 -76.26 -38.67
C PRO C 624 11.17 -75.90 -39.85
N ARG C 625 11.01 -76.68 -40.93
CA ARG C 625 11.82 -76.53 -42.12
C ARG C 625 11.13 -75.73 -43.22
N SER C 626 9.80 -75.66 -43.21
CA SER C 626 9.07 -74.93 -44.24
C SER C 626 9.34 -73.44 -44.13
N PHE C 627 9.49 -72.78 -45.29
CA PHE C 627 9.80 -71.36 -45.31
C PHE C 627 8.70 -70.54 -44.64
N SER C 628 7.44 -70.78 -45.03
CA SER C 628 6.33 -70.07 -44.40
C SER C 628 6.23 -70.41 -42.92
N ALA C 629 6.50 -71.66 -42.56
CA ALA C 629 6.49 -72.05 -41.15
C ALA C 629 7.60 -71.33 -40.39
N ARG C 630 8.78 -71.20 -41.00
CA ARG C 630 9.88 -70.48 -40.36
C ARG C 630 9.51 -69.01 -40.16
N ILE C 631 8.91 -68.38 -41.17
CA ILE C 631 8.51 -66.98 -41.04
C ILE C 631 7.47 -66.81 -39.95
N LEU C 632 6.49 -67.71 -39.90
CA LEU C 632 5.45 -67.62 -38.87
C LEU C 632 6.03 -67.84 -37.49
N GLY C 633 6.99 -68.77 -37.36
CA GLY C 633 7.63 -68.98 -36.06
C GLY C 633 8.45 -67.78 -35.62
N MET C 634 9.15 -67.14 -36.57
CA MET C 634 9.91 -65.94 -36.22
C MET C 634 8.98 -64.81 -35.79
N VAL C 635 7.85 -64.64 -36.51
CA VAL C 635 6.90 -63.60 -36.13
C VAL C 635 6.30 -63.90 -34.76
N TRP C 636 6.03 -65.18 -34.47
CA TRP C 636 5.49 -65.55 -33.16
C TRP C 636 6.51 -65.30 -32.06
N ALA C 637 7.78 -65.60 -32.31
CA ALA C 637 8.82 -65.30 -31.31
C ALA C 637 8.91 -63.80 -31.07
N GLY C 638 8.87 -63.00 -32.14
CA GLY C 638 8.91 -61.55 -31.98
C GLY C 638 7.70 -61.03 -31.22
N PHE C 639 6.53 -61.63 -31.45
CA PHE C 639 5.33 -61.21 -30.74
C PHE C 639 5.37 -61.60 -29.27
N ALA C 640 5.94 -62.78 -28.97
CA ALA C 640 6.05 -63.22 -27.59
C ALA C 640 7.09 -62.42 -26.83
N MET C 641 8.14 -61.94 -27.52
CA MET C 641 9.14 -61.11 -26.86
C MET C 641 8.55 -59.77 -26.43
N ILE C 642 7.73 -59.16 -27.27
CA ILE C 642 7.12 -57.86 -26.93
C ILE C 642 6.20 -58.01 -25.72
N ILE C 643 5.50 -59.15 -25.62
CA ILE C 643 4.62 -59.39 -24.48
C ILE C 643 5.43 -59.42 -23.18
N VAL C 644 6.53 -60.17 -23.18
CA VAL C 644 7.36 -60.26 -21.98
C VAL C 644 7.99 -58.91 -21.65
N ALA C 645 8.40 -58.16 -22.68
CA ALA C 645 8.98 -56.84 -22.43
C ALA C 645 7.97 -55.90 -21.80
N SER C 646 6.75 -55.85 -22.34
CA SER C 646 5.71 -55.00 -21.77
C SER C 646 5.35 -55.45 -20.36
N TYR C 647 5.32 -56.76 -20.13
CA TYR C 647 4.98 -57.28 -18.81
C TYR C 647 6.02 -56.85 -17.78
N THR C 648 7.30 -57.05 -18.08
CA THR C 648 8.33 -56.67 -17.12
C THR C 648 8.42 -55.16 -16.94
N ALA C 649 8.18 -54.39 -18.01
CA ALA C 649 8.18 -52.94 -17.88
C ALA C 649 7.04 -52.46 -16.98
N ASN C 650 5.85 -53.04 -17.17
CA ASN C 650 4.72 -52.66 -16.33
C ASN C 650 4.94 -53.09 -14.87
N LEU C 651 5.53 -54.27 -14.67
CA LEU C 651 5.79 -54.73 -13.30
C LEU C 651 6.84 -53.85 -12.62
N ALA C 652 7.82 -53.36 -13.39
CA ALA C 652 8.81 -52.47 -12.81
C ALA C 652 8.23 -51.10 -12.51
N ALA C 653 7.37 -50.59 -13.40
CA ALA C 653 6.78 -49.27 -13.20
C ALA C 653 5.75 -49.30 -12.07
N PHE C 654 5.07 -50.39 -11.84
CA PHE C 654 4.12 -50.15 -10.74
C PHE C 654 4.69 -50.51 -9.37
N LEU C 655 5.77 -51.29 -9.22
CA LEU C 655 6.37 -51.43 -7.90
C LEU C 655 7.36 -50.33 -7.58
N VAL C 656 7.35 -49.22 -8.34
CA VAL C 656 8.27 -48.12 -8.16
C VAL C 656 7.47 -46.83 -8.13
N LEU C 657 8.18 -45.70 -7.94
CA LEU C 657 7.65 -44.35 -7.94
C LEU C 657 6.78 -44.06 -6.72
N ASP C 658 7.08 -44.67 -5.57
CA ASP C 658 6.34 -44.40 -4.33
C ASP C 658 6.77 -43.04 -3.76
N ARG C 659 6.24 -41.98 -4.37
CA ARG C 659 6.59 -40.61 -4.02
C ARG C 659 5.82 -40.16 -2.78
N PRO C 660 6.33 -39.17 -2.04
CA PRO C 660 5.60 -38.69 -0.87
C PRO C 660 4.27 -38.07 -1.24
N GLU C 661 3.39 -37.93 -0.25
CA GLU C 661 2.04 -37.43 -0.51
C GLU C 661 2.06 -35.98 -0.98
N GLU C 662 3.02 -35.19 -0.49
CA GLU C 662 3.15 -33.77 -0.85
C GLU C 662 1.86 -33.01 -0.53
N ARG C 663 1.56 -32.95 0.76
CA ARG C 663 0.32 -32.37 1.25
C ARG C 663 0.44 -30.84 1.25
N ILE C 664 -0.52 -30.15 1.85
CA ILE C 664 -0.52 -28.69 1.86
C ILE C 664 0.69 -28.18 2.63
N THR C 665 1.43 -27.26 2.02
CA THR C 665 2.61 -26.68 2.65
C THR C 665 2.34 -25.26 3.14
N GLY C 666 1.81 -24.40 2.26
CA GLY C 666 1.54 -23.03 2.61
C GLY C 666 0.14 -22.81 3.14
N ILE C 667 -0.09 -21.63 3.69
CA ILE C 667 -1.41 -21.28 4.21
C ILE C 667 -2.24 -20.56 3.17
N ASN C 668 -1.61 -19.99 2.14
CA ASN C 668 -2.30 -19.23 1.10
C ASN C 668 -2.71 -20.09 -0.08
N ASP C 669 -2.88 -21.39 0.12
CA ASP C 669 -3.30 -22.27 -0.95
C ASP C 669 -4.78 -22.06 -1.26
N PRO C 670 -5.20 -22.32 -2.50
CA PRO C 670 -6.63 -22.16 -2.84
C PRO C 670 -7.54 -23.12 -2.11
N ARG C 671 -7.01 -24.20 -1.54
CA ARG C 671 -7.85 -25.14 -0.80
C ARG C 671 -8.40 -24.49 0.46
N LEU C 672 -7.56 -23.79 1.23
CA LEU C 672 -8.00 -23.11 2.43
C LEU C 672 -8.72 -21.79 2.12
N ARG C 673 -8.45 -21.18 0.96
CA ARG C 673 -9.13 -19.94 0.61
C ARG C 673 -10.62 -20.16 0.38
N ASN C 674 -10.98 -21.30 -0.22
CA ASN C 674 -12.38 -21.67 -0.46
C ASN C 674 -12.67 -22.92 0.35
N PRO C 675 -13.11 -22.77 1.61
CA PRO C 675 -13.39 -23.95 2.45
C PRO C 675 -14.67 -24.65 2.00
N SER C 676 -14.54 -25.92 1.64
CA SER C 676 -15.67 -26.73 1.21
C SER C 676 -16.17 -27.58 2.36
N ASP C 677 -17.16 -28.43 2.07
CA ASP C 677 -17.72 -29.31 3.09
C ASP C 677 -16.92 -30.58 3.29
N LYS C 678 -16.09 -30.96 2.32
CA LYS C 678 -15.28 -32.17 2.44
C LYS C 678 -14.08 -31.95 3.35
N PHE C 679 -13.38 -30.82 3.18
CA PHE C 679 -12.21 -30.50 3.98
C PHE C 679 -12.65 -29.72 5.22
N ILE C 680 -12.48 -30.33 6.40
CA ILE C 680 -12.87 -29.72 7.67
C ILE C 680 -11.61 -29.45 8.46
N TYR C 681 -11.41 -28.19 8.84
CA TYR C 681 -10.27 -27.79 9.64
C TYR C 681 -10.72 -26.77 10.67
N ALA C 682 -10.18 -26.89 11.88
CA ALA C 682 -10.55 -26.01 12.98
C ALA C 682 -9.40 -25.97 13.98
N THR C 683 -9.57 -25.16 15.03
CA THR C 683 -8.58 -25.02 16.08
C THR C 683 -9.31 -24.91 17.42
N VAL C 684 -8.59 -24.54 18.47
CA VAL C 684 -9.14 -24.40 19.80
C VAL C 684 -9.65 -22.97 19.98
N LYS C 685 -10.88 -22.84 20.47
CA LYS C 685 -11.46 -21.52 20.68
C LYS C 685 -10.79 -20.82 21.86
N GLN C 686 -10.92 -19.50 21.88
CA GLN C 686 -10.35 -18.64 22.92
C GLN C 686 -8.83 -18.84 23.01
N SER C 687 -8.15 -18.54 21.90
CA SER C 687 -6.72 -18.69 21.81
C SER C 687 -6.16 -17.62 20.89
N SER C 688 -4.83 -17.51 20.87
CA SER C 688 -4.18 -16.49 20.06
C SER C 688 -4.21 -16.83 18.58
N VAL C 689 -4.27 -18.13 18.24
CA VAL C 689 -4.31 -18.51 16.83
C VAL C 689 -5.61 -18.04 16.18
N ASP C 690 -6.72 -18.08 16.93
CA ASP C 690 -7.98 -17.57 16.40
C ASP C 690 -7.92 -16.06 16.21
N ILE C 691 -7.26 -15.35 17.12
CA ILE C 691 -7.12 -13.91 16.98
C ILE C 691 -6.27 -13.56 15.77
N TYR C 692 -5.22 -14.35 15.52
CA TYR C 692 -4.39 -14.13 14.34
C TYR C 692 -5.15 -14.47 13.05
N PHE C 693 -6.02 -15.48 13.11
CA PHE C 693 -6.76 -15.89 11.93
C PHE C 693 -7.89 -14.92 11.60
N ARG C 694 -8.46 -14.27 12.60
CA ARG C 694 -9.53 -13.30 12.38
C ARG C 694 -9.02 -11.92 12.00
N ARG C 695 -7.71 -11.72 11.99
CA ARG C 695 -7.14 -10.43 11.61
C ARG C 695 -6.84 -10.32 10.11
N GLN C 696 -6.96 -11.42 9.37
CA GLN C 696 -6.73 -11.42 7.93
C GLN C 696 -8.06 -11.14 7.24
N VAL C 697 -8.18 -9.95 6.64
CA VAL C 697 -9.41 -9.58 5.96
C VAL C 697 -9.62 -10.41 4.70
N GLU C 698 -8.55 -10.97 4.12
CA GLU C 698 -8.67 -11.76 2.91
C GLU C 698 -9.08 -13.21 3.18
N LEU C 699 -9.22 -13.60 4.45
CA LEU C 699 -9.60 -14.95 4.82
C LEU C 699 -10.82 -14.94 5.71
N SER C 700 -11.79 -14.07 5.40
CA SER C 700 -13.00 -13.99 6.21
C SER C 700 -13.83 -15.27 6.10
N THR C 701 -13.94 -15.84 4.89
CA THR C 701 -14.67 -17.09 4.73
C THR C 701 -13.98 -18.23 5.47
N MET C 702 -12.64 -18.26 5.43
CA MET C 702 -11.91 -19.30 6.15
C MET C 702 -12.10 -19.16 7.64
N TYR C 703 -12.07 -17.93 8.16
CA TYR C 703 -12.28 -17.72 9.59
C TYR C 703 -13.71 -18.10 9.99
N ARG C 704 -14.68 -17.81 9.13
CA ARG C 704 -16.06 -18.21 9.44
C ARG C 704 -16.21 -19.71 9.45
N HIS C 705 -15.61 -20.40 8.47
CA HIS C 705 -15.68 -21.86 8.43
C HIS C 705 -14.97 -22.47 9.65
N MET C 706 -13.90 -21.83 10.11
CA MET C 706 -13.20 -22.33 11.29
C MET C 706 -14.03 -22.13 12.55
N GLU C 707 -14.58 -20.93 12.73
CA GLU C 707 -15.37 -20.61 13.92
C GLU C 707 -16.74 -21.27 13.90
N LYS C 708 -17.16 -21.84 12.77
CA LYS C 708 -18.44 -22.55 12.74
C LYS C 708 -18.45 -23.73 13.70
N HIS C 709 -17.29 -24.33 13.97
CA HIS C 709 -17.19 -25.45 14.89
C HIS C 709 -15.80 -25.45 15.51
N ASN C 710 -15.70 -25.12 16.79
CA ASN C 710 -14.44 -25.07 17.51
C ASN C 710 -14.46 -26.06 18.66
N TYR C 711 -13.31 -26.68 18.91
CA TYR C 711 -13.18 -27.63 20.02
C TYR C 711 -13.04 -26.89 21.34
N GLU C 712 -13.18 -27.65 22.42
CA GLU C 712 -13.09 -27.09 23.77
C GLU C 712 -11.65 -27.01 24.27
N SER C 713 -10.84 -28.01 23.99
CA SER C 713 -9.45 -28.05 24.43
C SER C 713 -8.60 -28.75 23.39
N ALA C 714 -7.28 -28.72 23.60
CA ALA C 714 -6.37 -29.37 22.67
C ALA C 714 -6.45 -30.89 22.77
N ALA C 715 -6.75 -31.42 23.96
CA ALA C 715 -6.84 -32.87 24.13
C ALA C 715 -8.01 -33.43 23.33
N GLU C 716 -9.18 -32.81 23.43
CA GLU C 716 -10.32 -33.26 22.64
C GLU C 716 -10.05 -33.12 21.15
N ALA C 717 -9.37 -32.05 20.75
CA ALA C 717 -9.08 -31.84 19.34
C ALA C 717 -8.13 -32.91 18.80
N ILE C 718 -7.09 -33.26 19.56
CA ILE C 718 -6.16 -34.27 19.08
C ILE C 718 -6.81 -35.66 19.13
N GLN C 719 -7.68 -35.90 20.10
CA GLN C 719 -8.38 -37.18 20.14
C GLN C 719 -9.36 -37.32 18.98
N ALA C 720 -9.97 -36.21 18.55
CA ALA C 720 -10.85 -36.25 17.40
C ALA C 720 -10.08 -36.44 16.11
N VAL C 721 -9.01 -35.65 15.91
CA VAL C 721 -8.23 -35.75 14.68
C VAL C 721 -7.47 -37.06 14.61
N ARG C 722 -7.29 -37.75 15.73
CA ARG C 722 -6.57 -39.03 15.69
C ARG C 722 -7.47 -40.15 15.19
N ASP C 723 -8.74 -40.15 15.58
CA ASP C 723 -9.67 -41.23 15.21
C ASP C 723 -10.44 -40.91 13.93
N ASN C 724 -9.70 -40.53 12.89
CA ASN C 724 -10.24 -40.35 11.53
C ASN C 724 -11.52 -39.52 11.52
N LYS C 725 -11.47 -38.38 12.22
CA LYS C 725 -12.61 -37.47 12.25
C LYS C 725 -12.28 -36.09 11.68
N LEU C 726 -11.21 -35.45 12.16
CA LEU C 726 -10.81 -34.15 11.66
C LEU C 726 -9.74 -34.30 10.58
N HIS C 727 -9.80 -33.42 9.59
CA HIS C 727 -8.87 -33.49 8.46
C HIS C 727 -7.60 -32.69 8.68
N ALA C 728 -7.69 -31.54 9.35
CA ALA C 728 -6.54 -30.70 9.59
C ALA C 728 -6.72 -29.94 10.90
N PHE C 729 -5.62 -29.80 11.64
CA PHE C 729 -5.63 -29.09 12.91
C PHE C 729 -4.38 -28.23 13.01
N ILE C 730 -4.55 -26.95 13.34
CA ILE C 730 -3.46 -25.99 13.42
C ILE C 730 -3.23 -25.65 14.88
N TRP C 731 -1.96 -25.70 15.30
CA TRP C 731 -1.57 -25.38 16.67
C TRP C 731 -0.11 -24.96 16.67
N ASP C 732 0.48 -24.86 17.85
CA ASP C 732 1.88 -24.48 17.97
C ASP C 732 2.78 -25.57 17.39
N SER C 733 3.98 -25.16 16.97
CA SER C 733 4.90 -26.09 16.34
C SER C 733 5.44 -27.11 17.35
N ALA C 734 5.73 -26.66 18.57
CA ALA C 734 6.33 -27.54 19.57
C ALA C 734 5.36 -28.64 20.00
N VAL C 735 4.10 -28.28 20.23
CA VAL C 735 3.12 -29.27 20.68
C VAL C 735 2.87 -30.31 19.60
N LEU C 736 2.70 -29.87 18.35
CA LEU C 736 2.47 -30.81 17.27
C LEU C 736 3.71 -31.67 17.01
N GLU C 737 4.91 -31.09 17.17
CA GLU C 737 6.12 -31.88 17.02
C GLU C 737 6.23 -32.96 18.10
N PHE C 738 5.91 -32.60 19.34
CA PHE C 738 5.94 -33.59 20.41
C PHE C 738 4.88 -34.66 20.20
N GLU C 739 3.71 -34.27 19.67
CA GLU C 739 2.66 -35.26 19.41
C GLU C 739 3.08 -36.22 18.30
N ALA C 740 3.73 -35.69 17.25
CA ALA C 740 4.22 -36.56 16.18
C ALA C 740 5.36 -37.45 16.64
N SER C 741 6.17 -36.96 17.58
CA SER C 741 7.26 -37.78 18.11
C SER C 741 6.74 -38.90 19.00
N GLN C 742 5.76 -38.59 19.86
CA GLN C 742 5.19 -39.62 20.74
C GLN C 742 4.36 -40.61 19.93
N LYS C 743 3.33 -40.12 19.24
CA LYS C 743 2.49 -40.96 18.38
C LYS C 743 2.96 -40.79 16.94
N CYS C 744 3.42 -41.89 16.34
CA CYS C 744 3.97 -41.87 15.00
C CYS C 744 2.91 -42.06 13.92
N ASP C 745 1.63 -41.91 14.26
CA ASP C 745 0.55 -42.02 13.29
C ASP C 745 0.19 -40.67 12.66
N LEU C 746 0.82 -39.59 13.11
CA LEU C 746 0.56 -38.26 12.58
C LEU C 746 1.89 -37.58 12.24
N VAL C 747 1.89 -36.83 11.14
CA VAL C 747 3.10 -36.17 10.64
C VAL C 747 2.77 -34.70 10.40
N THR C 748 3.61 -33.82 10.92
CA THR C 748 3.42 -32.38 10.72
C THR C 748 3.81 -31.99 9.30
N THR C 749 2.87 -31.38 8.58
CA THR C 749 3.10 -30.95 7.20
C THR C 749 2.68 -29.49 7.08
N GLY C 750 3.60 -28.65 6.64
CA GLY C 750 3.32 -27.24 6.47
C GLY C 750 4.54 -26.39 6.75
N GLU C 751 4.39 -25.09 6.51
CA GLU C 751 5.45 -24.12 6.71
C GLU C 751 5.13 -23.29 7.94
N LEU C 752 6.18 -22.89 8.66
CA LEU C 752 6.01 -22.10 9.87
C LEU C 752 5.62 -20.66 9.53
N PHE C 753 4.67 -20.12 10.28
CA PHE C 753 4.24 -18.74 10.10
C PHE C 753 3.81 -18.19 11.45
N PHE C 754 3.89 -16.86 11.56
CA PHE C 754 3.57 -16.14 12.79
C PHE C 754 4.40 -16.68 13.96
N ARG C 755 5.71 -16.51 13.84
CA ARG C 755 6.65 -17.01 14.85
C ARG C 755 6.60 -16.10 16.07
N SER C 756 6.23 -16.69 17.21
CA SER C 756 6.15 -15.94 18.46
C SER C 756 6.56 -16.86 19.60
N GLY C 757 7.50 -16.40 20.42
CA GLY C 757 8.00 -17.18 21.54
C GLY C 757 6.99 -17.27 22.67
N PHE C 758 7.45 -17.89 23.76
CA PHE C 758 6.65 -18.07 24.96
C PHE C 758 7.31 -17.32 26.11
N GLY C 759 6.61 -16.33 26.65
CA GLY C 759 7.16 -15.52 27.73
C GLY C 759 6.35 -15.58 29.01
N ILE C 760 7.03 -15.44 30.15
CA ILE C 760 6.35 -15.47 31.43
C ILE C 760 5.60 -14.16 31.64
N GLY C 761 4.33 -14.27 32.04
CA GLY C 761 3.49 -13.12 32.29
C GLY C 761 3.74 -12.51 33.66
N MET C 762 3.27 -11.27 33.82
CA MET C 762 3.46 -10.54 35.05
C MET C 762 2.49 -9.35 35.11
N ARG C 763 2.64 -8.50 36.12
CA ARG C 763 1.80 -7.32 36.26
C ARG C 763 2.37 -6.16 35.46
N LYS C 764 1.79 -4.97 35.66
CA LYS C 764 2.21 -3.80 34.90
C LYS C 764 3.52 -3.22 35.43
N ASP C 765 3.82 -3.41 36.71
CA ASP C 765 5.03 -2.87 37.30
C ASP C 765 5.40 -3.70 38.53
N SER C 766 6.57 -4.35 38.47
CA SER C 766 7.08 -5.14 39.59
C SER C 766 8.56 -5.39 39.36
N PRO C 767 9.40 -5.23 40.39
CA PRO C 767 10.83 -5.54 40.21
C PRO C 767 11.08 -7.01 39.90
N TRP C 768 10.18 -7.90 40.32
CA TRP C 768 10.32 -9.31 39.98
C TRP C 768 10.25 -9.52 38.47
N LYS C 769 9.45 -8.71 37.78
CA LYS C 769 9.38 -8.81 36.33
C LYS C 769 10.71 -8.44 35.68
N GLN C 770 11.43 -7.49 36.25
CA GLN C 770 12.74 -7.12 35.71
C GLN C 770 13.80 -8.14 36.09
N GLN C 771 13.65 -8.78 37.26
CA GLN C 771 14.62 -9.77 37.68
C GLN C 771 14.48 -11.09 36.93
N VAL C 772 13.25 -11.49 36.60
CA VAL C 772 13.03 -12.73 35.87
C VAL C 772 13.62 -12.66 34.47
N SER C 773 13.55 -11.49 33.83
CA SER C 773 14.14 -11.33 32.50
C SER C 773 15.64 -11.56 32.54
N LEU C 774 16.33 -10.94 33.51
CA LEU C 774 17.77 -11.13 33.63
C LEU C 774 18.11 -12.57 34.00
N SER C 775 17.29 -13.20 34.86
CA SER C 775 17.54 -14.59 35.22
C SER C 775 17.41 -15.50 34.01
N ILE C 776 16.40 -15.27 33.17
CA ILE C 776 16.22 -16.09 31.97
C ILE C 776 17.37 -15.84 30.99
N LEU C 777 17.77 -14.59 30.83
CA LEU C 777 18.88 -14.29 29.92
C LEU C 777 20.18 -14.90 30.40
N LYS C 778 20.35 -15.02 31.71
CA LYS C 778 21.57 -15.61 32.25
C LYS C 778 21.55 -17.14 32.17
N SER C 779 20.39 -17.75 32.42
CA SER C 779 20.29 -19.20 32.44
C SER C 779 20.05 -19.81 31.07
N HIS C 780 19.72 -19.01 30.06
CA HIS C 780 19.43 -19.53 28.73
C HIS C 780 20.69 -19.77 27.90
N GLU C 781 21.82 -19.20 28.30
CA GLU C 781 23.08 -19.39 27.58
C GLU C 781 24.09 -20.19 28.39
N ASN C 782 23.61 -21.00 29.35
CA ASN C 782 24.48 -21.82 30.18
C ASN C 782 24.14 -23.31 30.05
N GLY C 783 23.42 -23.69 29.00
CA GLY C 783 23.07 -25.08 28.78
C GLY C 783 21.95 -25.61 29.63
N PHE C 784 21.34 -24.80 30.49
CA PHE C 784 20.26 -25.27 31.34
C PHE C 784 19.00 -25.52 30.53
N MET C 785 18.57 -24.54 29.73
CA MET C 785 17.41 -24.73 28.86
C MET C 785 17.68 -25.81 27.83
N GLU C 786 18.90 -25.88 27.31
CA GLU C 786 19.25 -26.94 26.36
C GLU C 786 19.16 -28.31 27.02
N ASP C 787 19.62 -28.43 28.27
CA ASP C 787 19.54 -29.70 28.97
C ASP C 787 18.08 -30.09 29.22
N LEU C 788 17.25 -29.11 29.62
CA LEU C 788 15.84 -29.41 29.85
C LEU C 788 15.15 -29.81 28.56
N ASP C 789 15.50 -29.18 27.44
CA ASP C 789 14.91 -29.54 26.16
C ASP C 789 15.34 -30.94 25.72
N LYS C 790 16.62 -31.28 25.92
CA LYS C 790 17.09 -32.60 25.57
C LYS C 790 16.54 -33.69 26.51
N THR C 791 16.15 -33.31 27.73
CA THR C 791 15.61 -34.29 28.66
C THR C 791 14.12 -34.53 28.46
N TRP C 792 13.35 -33.45 28.26
CA TRP C 792 11.90 -33.55 28.18
C TRP C 792 11.33 -33.47 26.77
N VAL C 793 12.03 -32.85 25.83
CA VAL C 793 11.52 -32.64 24.48
C VAL C 793 12.38 -33.36 23.44
N ARG C 794 13.10 -34.41 23.85
CA ARG C 794 13.97 -35.17 22.94
C ARG C 794 13.83 -36.65 23.29
N TYR C 795 12.97 -37.35 22.57
CA TYR C 795 12.77 -38.79 22.73
C TYR C 795 13.21 -39.59 21.51
N GLN C 796 12.69 -39.26 20.33
CA GLN C 796 13.03 -39.93 19.08
C GLN C 796 12.79 -41.44 19.17
N GLU C 797 11.53 -41.79 19.47
CA GLU C 797 11.16 -43.19 19.62
C GLU C 797 10.88 -43.86 18.28
N CYS C 798 10.24 -43.14 17.37
CA CYS C 798 9.86 -43.71 16.08
C CYS C 798 11.05 -43.68 15.11
N ASP C 799 10.84 -44.27 13.94
CA ASP C 799 11.85 -44.33 12.91
C ASP C 799 11.82 -43.05 12.06
N SER C 800 12.64 -43.02 11.01
CA SER C 800 12.73 -41.89 10.11
C SER C 800 12.54 -42.35 8.67
N ARG C 801 12.29 -41.38 7.79
CA ARG C 801 12.08 -41.63 6.37
C ARG C 801 13.15 -40.95 5.53
N SER C 802 14.42 -41.08 5.94
CA SER C 802 15.51 -40.44 5.22
C SER C 802 15.66 -41.02 3.81
N ASN C 803 15.42 -42.32 3.67
CA ASN C 803 15.53 -42.99 2.37
C ASN C 803 14.13 -43.34 1.86
N ALA C 804 13.83 -42.84 0.67
CA ALA C 804 12.54 -43.11 0.03
C ALA C 804 12.49 -44.52 -0.56
N PRO C 805 13.49 -44.97 -1.32
CA PRO C 805 13.44 -46.36 -1.81
C PRO C 805 13.59 -47.35 -0.67
N ALA C 806 12.60 -48.22 -0.53
CA ALA C 806 12.57 -49.24 0.51
C ALA C 806 12.70 -50.62 -0.10
N THR C 807 13.15 -51.57 0.72
CA THR C 807 13.32 -52.94 0.28
C THR C 807 11.97 -53.63 0.13
N LEU C 808 11.99 -54.90 -0.25
CA LEU C 808 10.79 -55.70 -0.43
C LEU C 808 10.51 -56.54 0.80
N THR C 809 9.28 -57.03 0.90
CA THR C 809 8.82 -57.85 2.01
C THR C 809 8.41 -59.22 1.50
N PHE C 810 7.85 -60.03 2.40
CA PHE C 810 7.41 -61.39 2.06
C PHE C 810 5.96 -61.36 1.58
N GLU C 811 5.75 -60.66 0.46
CA GLU C 811 4.42 -60.50 -0.13
C GLU C 811 4.19 -61.44 -1.31
N ASN C 812 5.05 -61.37 -2.32
CA ASN C 812 4.92 -62.22 -3.49
C ASN C 812 5.66 -63.54 -3.36
N MET C 813 6.58 -63.65 -2.39
CA MET C 813 7.28 -64.91 -2.18
C MET C 813 6.32 -66.02 -1.77
N ALA C 814 5.40 -65.72 -0.85
CA ALA C 814 4.39 -66.71 -0.47
C ALA C 814 3.50 -67.07 -1.65
N GLY C 815 3.17 -66.09 -2.49
CA GLY C 815 2.34 -66.36 -3.64
C GLY C 815 3.01 -67.30 -4.63
N VAL C 816 4.27 -67.03 -4.96
CA VAL C 816 4.98 -67.88 -5.91
C VAL C 816 5.26 -69.25 -5.30
N PHE C 817 5.47 -69.32 -3.98
CA PHE C 817 5.65 -70.62 -3.33
C PHE C 817 4.37 -71.44 -3.38
N MET C 818 3.21 -70.83 -3.13
CA MET C 818 1.95 -71.54 -3.26
C MET C 818 1.70 -71.95 -4.70
N LEU C 819 2.10 -71.12 -5.66
CA LEU C 819 1.97 -71.48 -7.08
C LEU C 819 2.81 -72.70 -7.40
N VAL C 820 4.05 -72.74 -6.91
CA VAL C 820 4.92 -73.89 -7.15
C VAL C 820 4.34 -75.12 -6.47
N ALA C 821 3.79 -74.97 -5.26
CA ALA C 821 3.20 -76.11 -4.57
C ALA C 821 2.00 -76.66 -5.34
N GLY C 822 1.16 -75.78 -5.88
CA GLY C 822 0.06 -76.24 -6.71
C GLY C 822 0.53 -76.91 -7.99
N GLY C 823 1.58 -76.35 -8.61
CA GLY C 823 2.12 -76.96 -9.80
C GLY C 823 2.69 -78.35 -9.54
N ILE C 824 3.21 -78.57 -8.33
CA ILE C 824 3.72 -79.88 -7.96
C ILE C 824 2.62 -80.93 -8.02
N VAL C 825 1.49 -80.67 -7.36
CA VAL C 825 0.41 -81.65 -7.35
C VAL C 825 -0.25 -81.74 -8.71
N ALA C 826 -0.23 -80.64 -9.49
CA ALA C 826 -0.73 -80.69 -10.86
C ALA C 826 0.11 -81.64 -11.70
N GLY C 827 1.44 -81.54 -11.58
CA GLY C 827 2.31 -82.45 -12.30
C GLY C 827 2.17 -83.88 -11.82
N ILE C 828 1.93 -84.07 -10.52
CA ILE C 828 1.70 -85.41 -9.99
C ILE C 828 0.45 -86.02 -10.62
N PHE C 829 -0.63 -85.25 -10.67
CA PHE C 829 -1.86 -85.74 -11.29
C PHE C 829 -1.67 -86.00 -12.77
N LEU C 830 -0.92 -85.14 -13.46
CA LEU C 830 -0.66 -85.37 -14.88
C LEU C 830 0.16 -86.63 -15.11
N ILE C 831 1.15 -86.89 -14.24
CA ILE C 831 1.96 -88.10 -14.38
C ILE C 831 1.10 -89.34 -14.11
N PHE C 832 0.19 -89.23 -13.13
CA PHE C 832 -0.73 -90.34 -12.86
C PHE C 832 -1.62 -90.61 -14.07
N ILE C 833 -2.13 -89.55 -14.70
CA ILE C 833 -2.97 -89.72 -15.88
C ILE C 833 -2.17 -90.34 -17.03
N GLU C 834 -0.92 -89.90 -17.17
CA GLU C 834 -0.05 -90.42 -18.22
C GLU C 834 0.22 -91.91 -18.01
N ILE C 835 0.46 -92.31 -16.76
CA ILE C 835 0.69 -93.72 -16.45
C ILE C 835 -0.59 -94.53 -16.72
N ALA C 836 -1.74 -94.00 -16.33
CA ALA C 836 -3.00 -94.69 -16.56
C ALA C 836 -3.28 -94.85 -18.05
N TYR C 837 -2.88 -93.86 -18.86
CA TYR C 837 -3.10 -93.95 -20.30
C TYR C 837 -2.11 -94.91 -20.94
N LYS C 838 -0.87 -94.93 -20.46
CA LYS C 838 0.13 -95.84 -21.00
C LYS C 838 -0.15 -97.29 -20.62
N ARG C 839 -0.84 -97.50 -19.49
CA ARG C 839 -1.20 -98.85 -19.09
C ARG C 839 -2.17 -99.50 -20.07
N HIS C 840 -3.02 -98.69 -20.71
CA HIS C 840 -3.97 -99.18 -21.70
C HIS C 840 -3.46 -99.06 -23.13
N LYS C 841 -2.25 -98.55 -23.32
CA LYS C 841 -1.68 -98.41 -24.65
C LYS C 841 -0.22 -98.85 -24.68
N SER D 65 -59.20 9.43 48.55
CA SER D 65 -59.52 10.83 48.81
C SER D 65 -58.24 11.65 48.99
N ILE D 66 -57.31 11.49 48.06
CA ILE D 66 -56.04 12.22 48.10
C ILE D 66 -56.20 13.54 47.38
N GLY D 67 -55.60 14.59 47.94
CA GLY D 67 -55.69 15.91 47.34
C GLY D 67 -54.68 16.15 46.24
N ILE D 68 -55.16 16.28 45.01
CA ILE D 68 -54.30 16.53 43.85
C ILE D 68 -54.66 17.89 43.28
N ALA D 69 -53.65 18.74 43.12
CA ALA D 69 -53.83 20.09 42.60
C ALA D 69 -53.16 20.22 41.24
N VAL D 70 -53.65 21.17 40.44
CA VAL D 70 -53.11 21.46 39.12
C VAL D 70 -53.05 22.97 38.95
N ILE D 71 -51.86 23.48 38.65
CA ILE D 71 -51.64 24.91 38.48
C ILE D 71 -51.18 25.17 37.06
N LEU D 72 -51.69 26.25 36.46
CA LEU D 72 -51.33 26.65 35.11
C LEU D 72 -50.81 28.08 35.11
N VAL D 73 -49.95 28.39 34.14
CA VAL D 73 -49.36 29.71 34.00
C VAL D 73 -49.56 30.17 32.56
N GLY D 74 -49.86 31.46 32.40
CA GLY D 74 -50.07 32.00 31.08
C GLY D 74 -51.42 31.60 30.49
N THR D 75 -51.49 31.64 29.17
CA THR D 75 -52.69 31.27 28.43
C THR D 75 -52.68 29.78 28.16
N SER D 76 -53.79 29.12 28.48
CA SER D 76 -53.91 27.68 28.28
C SER D 76 -55.38 27.31 28.23
N ASP D 77 -55.67 26.21 27.53
CA ASP D 77 -57.04 25.71 27.40
C ASP D 77 -57.43 25.01 28.70
N GLU D 78 -57.99 25.80 29.62
CA GLU D 78 -58.39 25.26 30.91
C GLU D 78 -59.58 24.32 30.80
N VAL D 79 -60.49 24.59 29.84
CA VAL D 79 -61.66 23.73 29.67
C VAL D 79 -61.25 22.35 29.19
N ALA D 80 -60.30 22.29 28.26
CA ALA D 80 -59.82 21.00 27.77
C ALA D 80 -59.12 20.21 28.87
N ILE D 81 -58.31 20.89 29.68
CA ILE D 81 -57.64 20.22 30.78
C ILE D 81 -58.65 19.72 31.81
N LYS D 82 -59.68 20.51 32.11
CA LYS D 82 -60.71 20.06 33.04
C LYS D 82 -61.46 18.86 32.50
N ASP D 83 -61.78 18.87 31.20
CA ASP D 83 -62.46 17.73 30.60
C ASP D 83 -61.60 16.48 30.63
N ALA D 84 -60.30 16.63 30.36
CA ALA D 84 -59.39 15.48 30.40
C ALA D 84 -59.24 14.94 31.81
N HIS D 85 -59.23 15.83 32.81
CA HIS D 85 -59.13 15.38 34.19
C HIS D 85 -60.42 14.69 34.64
N GLU D 86 -61.58 15.19 34.20
CA GLU D 86 -62.84 14.57 34.57
C GLU D 86 -63.05 13.24 33.85
N LYS D 87 -62.50 13.09 32.64
CA LYS D 87 -62.64 11.85 31.90
C LYS D 87 -61.80 10.72 32.47
N ASP D 88 -60.89 11.00 33.39
CA ASP D 88 -60.05 9.97 33.98
C ASP D 88 -60.89 9.07 34.88
N ASP D 89 -60.65 7.76 34.79
CA ASP D 89 -61.37 6.76 35.57
C ASP D 89 -60.36 5.96 36.39
N PHE D 90 -60.56 5.94 37.71
CA PHE D 90 -59.69 5.24 38.64
C PHE D 90 -60.53 4.41 39.62
N HIS D 91 -61.52 3.69 39.08
CA HIS D 91 -62.38 2.87 39.93
C HIS D 91 -61.64 1.66 40.47
N HIS D 92 -60.72 1.10 39.68
CA HIS D 92 -59.98 -0.08 40.14
C HIS D 92 -59.01 0.29 41.26
N LEU D 93 -58.37 1.45 41.15
CA LEU D 93 -57.44 1.87 42.20
C LEU D 93 -58.16 2.41 43.42
N SER D 94 -59.39 2.88 43.26
CA SER D 94 -60.20 3.41 44.36
C SER D 94 -59.51 4.58 45.06
N VAL D 95 -58.78 5.39 44.30
CA VAL D 95 -58.09 6.54 44.89
C VAL D 95 -59.07 7.67 45.15
N VAL D 96 -59.95 7.93 44.19
CA VAL D 96 -60.95 9.01 44.27
C VAL D 96 -60.24 10.34 44.52
N PRO D 97 -59.21 10.67 43.75
CA PRO D 97 -58.51 11.93 43.96
C PRO D 97 -59.29 13.11 43.37
N ARG D 98 -59.31 14.20 44.13
CA ARG D 98 -60.01 15.40 43.69
C ARG D 98 -59.12 16.22 42.75
N VAL D 99 -59.77 17.08 41.97
CA VAL D 99 -59.10 17.96 41.02
C VAL D 99 -59.31 19.39 41.45
N GLU D 100 -58.24 20.19 41.38
CA GLU D 100 -58.27 21.60 41.77
C GLU D 100 -57.46 22.39 40.75
N LEU D 101 -58.16 22.97 39.77
CA LEU D 101 -57.52 23.77 38.73
C LEU D 101 -57.44 25.22 39.18
N VAL D 102 -56.21 25.72 39.35
CA VAL D 102 -55.98 27.09 39.77
C VAL D 102 -55.04 27.75 38.77
N ALA D 103 -55.34 29.00 38.42
CA ALA D 103 -54.54 29.77 37.49
C ALA D 103 -53.64 30.74 38.23
N MET D 104 -52.43 30.95 37.71
CA MET D 104 -51.47 31.85 38.32
C MET D 104 -50.66 32.53 37.23
N ASN D 105 -50.19 33.73 37.54
CA ASN D 105 -49.41 34.51 36.60
C ASN D 105 -47.91 34.25 36.83
N GLU D 106 -47.07 35.03 36.15
CA GLU D 106 -45.62 34.92 36.27
C GLU D 106 -45.04 36.06 37.10
N THR D 107 -45.72 36.44 38.19
CA THR D 107 -45.27 37.56 39.00
C THR D 107 -43.90 37.28 39.61
N ASP D 108 -43.80 36.26 40.46
CA ASP D 108 -42.54 35.95 41.12
C ASP D 108 -42.57 34.52 41.69
N PRO D 109 -41.41 33.97 42.06
CA PRO D 109 -41.43 32.63 42.65
C PRO D 109 -41.95 32.62 44.08
N LYS D 110 -41.79 33.71 44.82
CA LYS D 110 -42.33 33.77 46.19
C LYS D 110 -43.84 33.71 46.18
N SER D 111 -44.49 34.40 45.24
CA SER D 111 -45.94 34.33 45.13
C SER D 111 -46.40 32.92 44.76
N ILE D 112 -45.64 32.25 43.89
CA ILE D 112 -45.98 30.87 43.53
C ILE D 112 -45.83 29.95 44.73
N ILE D 113 -44.79 30.15 45.53
CA ILE D 113 -44.60 29.32 46.73
C ILE D 113 -45.72 29.58 47.74
N THR D 114 -46.13 30.85 47.88
CA THR D 114 -47.23 31.16 48.79
C THR D 114 -48.53 30.53 48.32
N ARG D 115 -48.79 30.58 47.01
CA ARG D 115 -49.99 29.94 46.46
C ARG D 115 -49.95 28.43 46.63
N ILE D 116 -48.77 27.83 46.46
CA ILE D 116 -48.63 26.39 46.65
C ILE D 116 -48.89 26.01 48.10
N CYS D 117 -48.36 26.81 49.04
CA CYS D 117 -48.60 26.54 50.46
C CYS D 117 -50.08 26.70 50.81
N ASP D 118 -50.73 27.73 50.24
CA ASP D 118 -52.16 27.92 50.49
C ASP D 118 -52.99 26.76 49.93
N LEU D 119 -52.62 26.29 48.74
CA LEU D 119 -53.34 25.16 48.14
C LEU D 119 -53.11 23.88 48.95
N MET D 120 -51.90 23.71 49.50
CA MET D 120 -51.62 22.54 50.31
C MET D 120 -52.37 22.58 51.63
N SER D 121 -52.45 23.76 52.25
CA SER D 121 -53.19 23.90 53.50
C SER D 121 -54.69 24.10 53.31
N ASP D 122 -55.16 24.14 52.05
CA ASP D 122 -56.57 24.38 51.77
C ASP D 122 -57.46 23.21 52.19
N ARG D 123 -57.22 22.02 51.63
CA ARG D 123 -58.00 20.85 52.00
C ARG D 123 -57.15 19.60 51.72
N LYS D 124 -56.30 19.25 52.68
CA LYS D 124 -55.53 18.00 52.68
C LYS D 124 -54.91 17.68 51.33
N ILE D 125 -54.24 18.68 50.75
CA ILE D 125 -53.59 18.49 49.46
C ILE D 125 -52.24 17.80 49.68
N GLN D 126 -52.03 16.68 48.98
CA GLN D 126 -50.81 15.89 49.10
C GLN D 126 -49.99 15.89 47.82
N GLY D 127 -50.32 16.73 46.85
CA GLY D 127 -49.58 16.77 45.61
C GLY D 127 -50.05 17.85 44.67
N VAL D 128 -49.14 18.43 43.89
CA VAL D 128 -49.47 19.49 42.95
C VAL D 128 -48.46 19.47 41.81
N VAL D 129 -48.96 19.63 40.59
CA VAL D 129 -48.13 19.68 39.39
C VAL D 129 -48.47 20.95 38.63
N PHE D 130 -47.46 21.76 38.33
CA PHE D 130 -47.65 23.04 37.67
C PHE D 130 -46.88 23.06 36.36
N ALA D 131 -47.33 23.92 35.44
CA ALA D 131 -46.68 24.13 34.16
C ALA D 131 -46.55 25.63 33.89
N ASP D 132 -45.44 26.03 33.30
CA ASP D 132 -45.16 27.42 33.01
C ASP D 132 -44.72 27.57 31.56
N ASP D 133 -45.14 28.66 30.92
CA ASP D 133 -44.79 28.94 29.53
C ASP D 133 -43.43 29.58 29.38
N THR D 134 -42.69 29.79 30.47
CA THR D 134 -41.38 30.41 30.42
C THR D 134 -40.32 29.32 30.17
N ASP D 135 -39.03 29.71 30.27
CA ASP D 135 -37.95 28.76 30.06
C ASP D 135 -36.83 28.92 31.08
N GLN D 136 -37.01 29.76 32.10
CA GLN D 136 -35.96 29.95 33.10
C GLN D 136 -35.92 28.79 34.07
N GLU D 137 -34.72 28.29 34.35
CA GLU D 137 -34.55 27.17 35.28
C GLU D 137 -34.68 27.60 36.74
N ALA D 138 -34.75 28.90 37.02
CA ALA D 138 -34.88 29.35 38.40
C ALA D 138 -36.21 28.90 39.00
N ILE D 139 -37.28 28.92 38.20
CA ILE D 139 -38.57 28.47 38.69
C ILE D 139 -38.54 26.99 39.04
N ALA D 140 -37.91 26.19 38.17
CA ALA D 140 -37.79 24.76 38.45
C ALA D 140 -36.93 24.50 39.68
N GLN D 141 -35.85 25.28 39.86
CA GLN D 141 -35.02 25.12 41.03
C GLN D 141 -35.78 25.47 42.31
N ILE D 142 -36.56 26.55 42.27
CA ILE D 142 -37.34 26.93 43.43
C ILE D 142 -38.42 25.89 43.73
N LEU D 143 -39.01 25.31 42.68
CA LEU D 143 -40.01 24.26 42.90
C LEU D 143 -39.38 23.02 43.52
N ASP D 144 -38.18 22.63 43.04
CA ASP D 144 -37.50 21.49 43.63
C ASP D 144 -37.11 21.76 45.08
N PHE D 145 -36.67 22.98 45.37
CA PHE D 145 -36.35 23.32 46.76
C PHE D 145 -37.57 23.27 47.65
N ILE D 146 -38.71 23.78 47.17
CA ILE D 146 -39.94 23.74 47.95
C ILE D 146 -40.40 22.31 48.17
N SER D 147 -40.26 21.46 47.15
CA SER D 147 -40.65 20.06 47.29
C SER D 147 -39.74 19.33 48.26
N ALA D 148 -38.45 19.66 48.26
CA ALA D 148 -37.53 19.02 49.20
C ALA D 148 -37.76 19.51 50.62
N GLN D 149 -38.14 20.78 50.79
CA GLN D 149 -38.37 21.31 52.12
C GLN D 149 -39.68 20.77 52.71
N THR D 150 -40.78 20.88 51.95
CA THR D 150 -42.07 20.41 52.43
C THR D 150 -42.20 18.89 52.39
N LEU D 151 -41.24 18.19 51.77
CA LEU D 151 -41.25 16.73 51.67
C LEU D 151 -42.52 16.22 50.97
N THR D 152 -43.07 17.03 50.06
CA THR D 152 -44.26 16.65 49.32
C THR D 152 -43.91 16.24 47.89
N PRO D 153 -44.73 15.41 47.25
CA PRO D 153 -44.44 14.98 45.88
C PRO D 153 -44.91 16.03 44.87
N ILE D 154 -43.99 16.43 43.99
CA ILE D 154 -44.28 17.41 42.95
C ILE D 154 -43.69 16.92 41.64
N LEU D 155 -44.39 17.21 40.55
CA LEU D 155 -43.96 16.79 39.23
C LEU D 155 -44.12 17.95 38.26
N GLY D 156 -43.34 17.89 37.17
CA GLY D 156 -43.40 18.92 36.14
C GLY D 156 -43.91 18.38 34.81
N ILE D 157 -45.01 18.94 34.32
CA ILE D 157 -45.59 18.47 33.07
C ILE D 157 -44.72 18.88 31.89
N HIS D 158 -44.56 20.18 31.68
CA HIS D 158 -43.76 20.70 30.57
C HIS D 158 -43.48 22.17 30.85
N GLY D 159 -42.60 22.74 30.03
CA GLY D 159 -42.24 24.14 30.14
C GLY D 159 -40.95 24.31 30.94
N GLY D 160 -40.98 25.22 31.92
CA GLY D 160 -39.80 25.46 32.72
C GLY D 160 -39.52 24.37 33.72
N SER D 161 -40.56 23.71 34.23
CA SER D 161 -40.36 22.62 35.18
C SER D 161 -39.83 21.36 34.52
N SER D 162 -39.90 21.27 33.19
CA SER D 162 -39.41 20.10 32.47
C SER D 162 -37.90 20.07 32.34
N MET D 163 -37.19 21.09 32.83
CA MET D 163 -35.73 21.10 32.75
C MET D 163 -35.14 20.04 33.67
N ILE D 164 -34.11 19.36 33.19
CA ILE D 164 -33.44 18.29 33.93
C ILE D 164 -32.22 18.89 34.60
N MET D 165 -32.27 18.99 35.93
CA MET D 165 -31.14 19.52 36.68
C MET D 165 -30.00 18.50 36.73
N ALA D 166 -28.79 19.01 36.96
CA ALA D 166 -27.60 18.16 36.95
C ALA D 166 -27.50 17.35 38.24
N ASP D 167 -27.44 18.01 39.38
CA ASP D 167 -27.28 17.35 40.67
C ASP D 167 -28.55 17.57 41.48
N LYS D 168 -29.30 16.49 41.70
CA LYS D 168 -30.52 16.56 42.48
C LYS D 168 -30.22 16.36 43.96
N ASP D 169 -31.16 16.80 44.80
CA ASP D 169 -31.00 16.65 46.24
C ASP D 169 -31.23 15.19 46.65
N GLU D 170 -30.51 14.78 47.68
CA GLU D 170 -30.62 13.40 48.16
C GLU D 170 -31.94 13.17 48.88
N SER D 171 -32.25 14.00 49.86
CA SER D 171 -33.48 13.87 50.64
C SER D 171 -34.61 14.70 50.02
N SER D 172 -34.86 14.44 48.75
CA SER D 172 -35.91 15.12 47.99
C SER D 172 -36.79 14.10 47.30
N MET D 173 -37.99 14.55 46.92
CA MET D 173 -38.97 13.72 46.21
C MET D 173 -39.47 14.51 45.01
N PHE D 174 -38.80 14.36 43.87
CA PHE D 174 -39.15 15.06 42.66
C PHE D 174 -39.00 14.13 41.47
N PHE D 175 -39.90 14.26 40.50
CA PHE D 175 -39.89 13.44 39.30
C PHE D 175 -40.35 14.27 38.12
N GLN D 176 -39.59 14.23 37.02
CA GLN D 176 -39.90 14.97 35.82
C GLN D 176 -39.82 14.06 34.61
N PHE D 177 -40.44 14.50 33.52
CA PHE D 177 -40.48 13.75 32.27
C PHE D 177 -39.52 14.40 31.28
N GLY D 178 -38.52 13.64 30.85
CA GLY D 178 -37.54 14.14 29.91
C GLY D 178 -36.37 13.19 29.74
N PRO D 179 -35.47 13.51 28.82
CA PRO D 179 -34.30 12.67 28.58
C PRO D 179 -33.12 13.08 29.46
N SER D 180 -32.17 12.16 29.59
CA SER D 180 -30.97 12.38 30.40
C SER D 180 -29.80 12.77 29.50
N ILE D 181 -28.66 13.00 30.14
CA ILE D 181 -27.45 13.38 29.40
C ILE D 181 -26.93 12.20 28.58
N GLU D 182 -27.00 10.99 29.14
CA GLU D 182 -26.53 9.83 28.41
C GLU D 182 -27.49 9.44 27.28
N GLN D 183 -28.78 9.73 27.44
CA GLN D 183 -29.75 9.39 26.41
C GLN D 183 -29.50 10.19 25.14
N GLN D 184 -29.19 11.48 25.27
CA GLN D 184 -28.90 12.29 24.09
C GLN D 184 -27.64 11.81 23.39
N ALA D 185 -26.61 11.44 24.16
CA ALA D 185 -25.39 10.93 23.55
C ALA D 185 -25.64 9.60 22.85
N SER D 186 -26.46 8.73 23.44
CA SER D 186 -26.80 7.47 22.79
C SER D 186 -27.58 7.70 21.50
N VAL D 187 -28.52 8.64 21.52
CA VAL D 187 -29.28 8.94 20.32
C VAL D 187 -28.37 9.51 19.23
N MET D 188 -27.43 10.38 19.61
CA MET D 188 -26.49 10.93 18.64
C MET D 188 -25.61 9.84 18.04
N LEU D 189 -25.13 8.91 18.89
CA LEU D 189 -24.31 7.83 18.39
C LEU D 189 -25.09 6.92 17.46
N ASN D 190 -26.37 6.65 17.79
CA ASN D 190 -27.20 5.84 16.91
C ASN D 190 -27.44 6.53 15.58
N ILE D 191 -27.67 7.84 15.60
CA ILE D 191 -27.88 8.59 14.36
C ILE D 191 -26.60 8.58 13.52
N MET D 192 -25.45 8.71 14.16
CA MET D 192 -24.19 8.69 13.43
C MET D 192 -23.93 7.32 12.83
N GLU D 193 -24.27 6.26 13.56
CA GLU D 193 -24.09 4.90 13.03
C GLU D 193 -25.06 4.65 11.86
N GLU D 194 -26.27 5.18 11.96
CA GLU D 194 -27.23 5.01 10.86
C GLU D 194 -26.81 5.81 9.64
N TYR D 195 -26.20 6.98 9.83
CA TYR D 195 -25.73 7.81 8.74
C TYR D 195 -24.38 7.37 8.17
N ASP D 196 -23.92 6.17 8.50
CA ASP D 196 -22.67 5.59 8.02
C ASP D 196 -21.45 6.39 8.47
N TRP D 197 -21.57 7.21 9.51
CA TRP D 197 -20.43 7.97 9.99
C TRP D 197 -19.53 7.11 10.86
N TYR D 198 -18.21 7.27 10.69
CA TYR D 198 -17.23 6.51 11.45
C TYR D 198 -16.14 7.40 12.05
N ILE D 199 -16.30 8.72 11.97
CA ILE D 199 -15.32 9.65 12.52
C ILE D 199 -16.06 10.84 13.11
N PHE D 200 -15.52 11.36 14.21
CA PHE D 200 -16.12 12.50 14.89
C PHE D 200 -15.06 13.19 15.74
N SER D 201 -15.43 14.33 16.31
CA SER D 201 -14.55 15.11 17.15
C SER D 201 -15.28 15.45 18.46
N ILE D 202 -14.51 15.93 19.43
CA ILE D 202 -15.02 16.31 20.75
C ILE D 202 -14.61 17.75 21.02
N VAL D 203 -15.60 18.60 21.27
CA VAL D 203 -15.37 20.01 21.57
C VAL D 203 -16.47 20.50 22.50
N THR D 204 -16.08 21.10 23.62
CA THR D 204 -17.04 21.59 24.60
C THR D 204 -16.44 22.77 25.34
N THR D 205 -17.30 23.54 25.99
CA THR D 205 -16.89 24.70 26.76
C THR D 205 -16.47 24.26 28.16
N TYR D 206 -16.28 25.23 29.06
CA TYR D 206 -15.87 24.96 30.43
C TYR D 206 -17.03 24.56 31.34
N PHE D 207 -18.19 24.27 30.77
CA PHE D 207 -19.33 23.88 31.58
C PHE D 207 -19.12 22.46 32.11
N PRO D 208 -19.53 22.17 33.36
CA PRO D 208 -19.34 20.81 33.88
C PRO D 208 -20.24 19.78 33.23
N GLY D 209 -21.46 20.17 32.84
CA GLY D 209 -22.35 19.21 32.20
C GLY D 209 -21.84 18.74 30.86
N TYR D 210 -21.27 19.66 30.07
CA TYR D 210 -20.71 19.28 28.78
C TYR D 210 -19.52 18.34 28.95
N GLN D 211 -18.66 18.62 29.93
CA GLN D 211 -17.54 17.73 30.20
C GLN D 211 -18.00 16.36 30.66
N ASP D 212 -19.03 16.31 31.51
CA ASP D 212 -19.56 15.03 31.95
C ASP D 212 -20.17 14.24 30.79
N PHE D 213 -20.89 14.93 29.90
CA PHE D 213 -21.46 14.26 28.73
C PHE D 213 -20.37 13.75 27.81
N VAL D 214 -19.30 14.52 27.62
CA VAL D 214 -18.19 14.09 26.78
C VAL D 214 -17.50 12.88 27.39
N ASN D 215 -17.31 12.88 28.70
CA ASN D 215 -16.69 11.74 29.37
C ASN D 215 -17.57 10.50 29.26
N LYS D 216 -18.88 10.66 29.41
CA LYS D 216 -19.79 9.53 29.26
C LYS D 216 -19.77 8.98 27.84
N ILE D 217 -19.73 9.87 26.84
CA ILE D 217 -19.68 9.42 25.45
C ILE D 217 -18.38 8.69 25.17
N ARG D 218 -17.27 9.18 25.74
CA ARG D 218 -15.99 8.52 25.55
C ARG D 218 -15.98 7.14 26.21
N SER D 219 -16.55 7.04 27.42
CA SER D 219 -16.61 5.74 28.10
C SER D 219 -17.52 4.77 27.35
N THR D 220 -18.59 5.27 26.72
CA THR D 220 -19.48 4.39 25.97
C THR D 220 -18.82 3.95 24.67
N ILE D 221 -18.05 4.83 24.02
CA ILE D 221 -17.39 4.47 22.78
C ILE D 221 -16.15 3.61 23.01
N GLU D 222 -15.58 3.64 24.21
CA GLU D 222 -14.40 2.83 24.49
C GLU D 222 -14.74 1.34 24.48
N ASN D 223 -15.85 0.96 25.12
CA ASN D 223 -16.28 -0.43 25.16
C ASN D 223 -17.26 -0.72 24.03
N SER D 224 -16.78 -0.52 22.80
CA SER D 224 -17.56 -0.73 21.60
C SER D 224 -16.89 -1.80 20.74
N PHE D 225 -17.68 -2.79 20.31
CA PHE D 225 -17.13 -3.86 19.48
C PHE D 225 -16.76 -3.35 18.08
N VAL D 226 -17.52 -2.38 17.56
CA VAL D 226 -17.25 -1.82 16.24
C VAL D 226 -16.08 -0.85 16.35
N GLY D 227 -15.52 -0.48 15.19
CA GLY D 227 -14.39 0.43 15.19
C GLY D 227 -14.80 1.86 15.48
N TRP D 228 -13.80 2.67 15.84
CA TRP D 228 -14.02 4.07 16.15
C TRP D 228 -12.70 4.82 16.01
N GLU D 229 -12.78 6.05 15.52
CA GLU D 229 -11.60 6.89 15.31
C GLU D 229 -11.84 8.24 15.96
N LEU D 230 -11.08 8.54 17.02
CA LEU D 230 -11.17 9.81 17.72
C LEU D 230 -9.93 10.63 17.40
N GLU D 231 -10.15 11.82 16.84
CA GLU D 231 -9.03 12.68 16.46
C GLU D 231 -8.38 13.33 17.67
N GLU D 232 -9.14 14.14 18.39
CA GLU D 232 -8.64 14.85 19.57
C GLU D 232 -9.85 15.40 20.33
N VAL D 233 -9.56 16.04 21.46
CA VAL D 233 -10.58 16.66 22.30
C VAL D 233 -10.20 18.11 22.55
N LEU D 234 -11.19 19.00 22.51
CA LEU D 234 -10.98 20.42 22.70
C LEU D 234 -11.71 20.88 23.95
N LEU D 235 -11.01 21.60 24.82
CA LEU D 235 -11.56 22.13 26.05
C LEU D 235 -11.22 23.60 26.22
N LEU D 236 -11.35 24.36 25.13
CA LEU D 236 -11.03 25.78 25.17
C LEU D 236 -12.09 26.55 25.96
N ASP D 237 -11.64 27.55 26.70
CA ASP D 237 -12.52 28.39 27.51
C ASP D 237 -12.66 29.76 26.85
N MET D 238 -13.90 30.19 26.64
CA MET D 238 -14.19 31.47 26.01
C MET D 238 -14.28 32.62 27.02
N SER D 239 -14.14 32.34 28.31
CA SER D 239 -14.22 33.38 29.33
C SER D 239 -12.92 34.15 29.48
N LEU D 240 -11.83 33.68 28.90
CA LEU D 240 -10.56 34.38 29.01
C LEU D 240 -10.57 35.66 28.16
N ASP D 241 -9.80 36.64 28.59
CA ASP D 241 -9.69 37.91 27.89
C ASP D 241 -8.64 37.83 26.80
N ASP D 242 -8.98 38.32 25.62
CA ASP D 242 -8.10 38.35 24.44
C ASP D 242 -7.66 36.96 24.01
N GLY D 243 -8.38 35.91 24.41
CA GLY D 243 -8.06 34.55 24.05
C GLY D 243 -8.69 34.05 22.77
N ASP D 244 -9.27 34.95 21.96
CA ASP D 244 -9.91 34.52 20.72
C ASP D 244 -8.88 34.05 19.69
N SER D 245 -7.69 34.67 19.68
CA SER D 245 -6.67 34.27 18.72
C SER D 245 -6.19 32.85 18.97
N LYS D 246 -5.96 32.50 20.24
CA LYS D 246 -5.53 31.14 20.56
C LYS D 246 -6.61 30.12 20.21
N ILE D 247 -7.88 30.46 20.47
CA ILE D 247 -8.97 29.54 20.13
C ILE D 247 -9.07 29.37 18.62
N GLN D 248 -8.93 30.46 17.87
CA GLN D 248 -8.99 30.36 16.40
C GLN D 248 -7.81 29.55 15.87
N ASN D 249 -6.64 29.68 16.50
CA ASN D 249 -5.48 28.91 16.05
C ASN D 249 -5.63 27.43 16.38
N GLN D 250 -6.24 27.12 17.53
CA GLN D 250 -6.42 25.73 17.92
C GLN D 250 -7.54 25.06 17.13
N LEU D 251 -8.53 25.85 16.68
CA LEU D 251 -9.62 25.27 15.90
C LEU D 251 -9.17 24.81 14.52
N LYS D 252 -8.06 25.35 14.00
CA LYS D 252 -7.58 24.95 12.68
C LYS D 252 -6.99 23.54 12.68
N LYS D 253 -6.67 23.00 13.86
CA LYS D 253 -6.10 21.66 13.94
C LYS D 253 -7.13 20.57 13.69
N LEU D 254 -8.42 20.90 13.65
CA LEU D 254 -9.45 19.90 13.41
C LEU D 254 -9.41 19.43 11.96
N GLN D 255 -9.46 18.11 11.78
CA GLN D 255 -9.40 17.52 10.45
C GLN D 255 -10.52 16.52 10.16
N SER D 256 -11.25 16.06 11.19
CA SER D 256 -12.32 15.12 10.97
C SER D 256 -13.51 15.80 10.28
N PRO D 257 -14.35 15.02 9.60
CA PRO D 257 -15.50 15.62 8.91
C PRO D 257 -16.71 15.86 9.82
N ILE D 258 -16.66 15.41 11.07
CA ILE D 258 -17.76 15.60 12.00
C ILE D 258 -17.21 16.14 13.31
N ILE D 259 -17.92 17.11 13.91
CA ILE D 259 -17.52 17.72 15.16
C ILE D 259 -18.75 17.87 16.04
N LEU D 260 -18.57 17.60 17.34
CA LEU D 260 -19.64 17.71 18.32
C LEU D 260 -19.42 18.94 19.19
N LEU D 261 -20.50 19.70 19.42
CA LEU D 261 -20.45 20.90 20.23
C LEU D 261 -21.53 20.84 21.30
N TYR D 262 -21.15 21.19 22.53
CA TYR D 262 -22.08 21.19 23.67
C TYR D 262 -21.74 22.40 24.54
N CYS D 263 -22.50 23.46 24.38
CA CYS D 263 -22.28 24.70 25.14
C CYS D 263 -23.59 25.47 25.17
N THR D 264 -23.51 26.73 25.61
CA THR D 264 -24.68 27.59 25.69
C THR D 264 -24.97 28.20 24.32
N LYS D 265 -26.01 29.04 24.26
CA LYS D 265 -26.40 29.65 23.00
C LYS D 265 -25.35 30.66 22.54
N GLU D 266 -24.90 31.53 23.45
CA GLU D 266 -23.89 32.52 23.09
C GLU D 266 -22.57 31.84 22.72
N GLU D 267 -22.19 30.81 23.47
CA GLU D 267 -20.95 30.09 23.16
C GLU D 267 -21.06 29.38 21.82
N ALA D 268 -22.22 28.79 21.53
CA ALA D 268 -22.42 28.15 20.23
C ALA D 268 -22.35 29.16 19.10
N THR D 269 -22.95 30.34 19.30
CA THR D 269 -22.88 31.38 18.27
C THR D 269 -21.45 31.85 18.06
N TYR D 270 -20.68 32.00 19.14
CA TYR D 270 -19.29 32.40 19.01
C TYR D 270 -18.48 31.34 18.30
N ILE D 271 -18.72 30.06 18.60
CA ILE D 271 -18.00 28.99 17.93
C ILE D 271 -18.36 28.94 16.44
N PHE D 272 -19.63 29.18 16.11
CA PHE D 272 -20.04 29.21 14.71
C PHE D 272 -19.40 30.38 13.97
N GLU D 273 -19.33 31.55 14.64
CA GLU D 273 -18.67 32.70 14.02
C GLU D 273 -17.19 32.43 13.79
N VAL D 274 -16.53 31.80 14.77
CA VAL D 274 -15.11 31.47 14.61
C VAL D 274 -14.91 30.46 13.48
N ALA D 275 -15.81 29.49 13.36
CA ALA D 275 -15.70 28.51 12.28
C ALA D 275 -15.94 29.16 10.92
N ASN D 276 -16.89 30.11 10.84
CA ASN D 276 -17.11 30.82 9.59
C ASN D 276 -15.92 31.70 9.23
N SER D 277 -15.29 32.30 10.22
CA SER D 277 -14.09 33.10 9.97
C SER D 277 -12.93 32.22 9.52
N VAL D 278 -12.85 30.99 10.05
CA VAL D 278 -11.78 30.09 9.66
C VAL D 278 -12.00 29.59 8.23
N GLY D 279 -13.24 29.25 7.88
CA GLY D 279 -13.57 28.81 6.55
C GLY D 279 -13.87 27.34 6.40
N LEU D 280 -13.65 26.54 7.43
CA LEU D 280 -13.93 25.10 7.36
C LEU D 280 -15.33 24.78 7.91
N THR D 281 -16.33 25.49 7.40
CA THR D 281 -17.70 25.26 7.87
C THR D 281 -18.72 25.25 6.74
N GLY D 282 -18.32 25.17 5.47
CA GLY D 282 -19.25 25.25 4.37
C GLY D 282 -19.70 23.92 3.81
N TYR D 283 -18.77 23.09 3.37
CA TYR D 283 -19.10 21.84 2.69
C TYR D 283 -18.67 20.61 3.47
N GLY D 284 -17.41 20.55 3.89
CA GLY D 284 -16.90 19.37 4.57
C GLY D 284 -16.94 19.48 6.08
N TYR D 285 -18.04 20.03 6.61
CA TYR D 285 -18.21 20.21 8.04
C TYR D 285 -19.57 19.67 8.47
N THR D 286 -19.57 18.92 9.57
CA THR D 286 -20.79 18.40 10.17
C THR D 286 -20.78 18.71 11.66
N TRP D 287 -21.75 19.49 12.11
CA TRP D 287 -21.84 19.91 13.50
C TRP D 287 -23.05 19.28 14.16
N ILE D 288 -22.83 18.73 15.35
CA ILE D 288 -23.89 18.11 16.15
C ILE D 288 -23.96 18.84 17.49
N VAL D 289 -25.16 19.24 17.86
CA VAL D 289 -25.37 20.01 19.10
C VAL D 289 -26.42 19.30 19.93
N PRO D 290 -26.44 19.58 21.23
CA PRO D 290 -27.43 18.95 22.12
C PRO D 290 -28.74 19.72 22.10
N SER D 291 -29.68 19.28 22.94
CA SER D 291 -30.98 19.93 23.01
C SER D 291 -30.93 21.29 23.69
N LEU D 292 -29.92 21.54 24.51
CA LEU D 292 -29.80 22.81 25.22
C LEU D 292 -29.11 23.89 24.39
N VAL D 293 -28.63 23.55 23.19
CA VAL D 293 -27.96 24.55 22.36
C VAL D 293 -28.97 25.38 21.58
N ALA D 294 -30.13 24.81 21.25
CA ALA D 294 -31.16 25.53 20.50
C ALA D 294 -32.15 26.20 21.43
N GLY D 295 -32.81 25.43 22.29
CA GLY D 295 -33.78 25.98 23.22
C GLY D 295 -35.10 26.32 22.59
N ASP D 296 -35.12 27.33 21.72
CA ASP D 296 -36.32 27.78 21.04
C ASP D 296 -36.12 27.62 19.54
N THR D 297 -36.92 26.73 18.93
CA THR D 297 -36.82 26.51 17.50
C THR D 297 -37.40 27.66 16.69
N ASP D 298 -38.28 28.47 17.28
CA ASP D 298 -38.87 29.59 16.54
C ASP D 298 -37.86 30.70 16.29
N THR D 299 -36.93 30.92 17.22
CA THR D 299 -35.92 31.96 17.09
C THR D 299 -34.61 31.35 16.59
N VAL D 300 -33.98 32.03 15.64
CA VAL D 300 -32.72 31.57 15.06
C VAL D 300 -31.71 32.72 15.11
N PRO D 301 -30.48 32.47 15.55
CA PRO D 301 -29.47 33.55 15.61
C PRO D 301 -28.88 33.92 14.26
N SER D 302 -29.23 33.21 13.20
CA SER D 302 -28.77 33.47 11.83
C SER D 302 -27.25 33.37 11.70
N GLU D 303 -26.58 32.67 12.62
CA GLU D 303 -25.14 32.51 12.58
C GLU D 303 -24.71 31.05 12.50
N PHE D 304 -25.64 30.11 12.56
CA PHE D 304 -25.29 28.70 12.49
C PHE D 304 -25.20 28.23 11.05
N PRO D 305 -24.32 27.28 10.75
CA PRO D 305 -24.20 26.79 9.37
C PRO D 305 -25.41 25.97 8.97
N THR D 306 -25.70 25.98 7.67
CA THR D 306 -26.83 25.24 7.14
C THR D 306 -26.55 23.74 7.20
N GLY D 307 -27.58 22.97 7.56
CA GLY D 307 -27.44 21.53 7.65
C GLY D 307 -27.06 21.02 9.03
N LEU D 308 -27.22 21.82 10.07
CA LEU D 308 -26.89 21.37 11.41
C LEU D 308 -27.90 20.36 11.91
N ILE D 309 -27.41 19.33 12.61
CA ILE D 309 -28.24 18.26 13.16
C ILE D 309 -28.19 18.36 14.67
N SER D 310 -29.38 18.40 15.29
CA SER D 310 -29.49 18.48 16.73
C SER D 310 -30.75 17.76 17.19
N VAL D 311 -30.72 17.26 18.41
CA VAL D 311 -31.84 16.54 19.00
C VAL D 311 -32.68 17.52 19.82
N SER D 312 -33.94 17.15 20.04
CA SER D 312 -34.85 17.98 20.82
C SER D 312 -35.95 17.09 21.38
N TYR D 313 -36.72 17.65 22.30
CA TYR D 313 -37.82 16.93 22.92
C TYR D 313 -39.05 16.93 22.02
N ASP D 314 -39.80 15.82 22.09
CA ASP D 314 -41.01 15.66 21.29
C ASP D 314 -42.12 16.51 21.92
N GLU D 315 -42.30 17.71 21.39
CA GLU D 315 -43.33 18.62 21.88
C GLU D 315 -44.39 18.97 20.84
N TRP D 316 -44.10 18.85 19.55
CA TRP D 316 -45.09 19.19 18.53
C TRP D 316 -46.18 18.13 18.44
N ASP D 317 -45.85 16.87 18.69
CA ASP D 317 -46.84 15.79 18.61
C ASP D 317 -47.47 15.48 19.96
N TYR D 318 -46.69 15.58 21.05
CA TYR D 318 -47.22 15.30 22.38
C TYR D 318 -48.13 16.42 22.83
N GLY D 319 -49.32 16.07 23.32
CA GLY D 319 -50.27 17.04 23.80
C GLY D 319 -50.07 17.31 25.28
N LEU D 320 -50.12 18.59 25.66
CA LEU D 320 -49.92 18.96 27.06
C LEU D 320 -51.07 18.49 27.93
N PRO D 321 -52.34 18.69 27.55
CA PRO D 321 -53.43 18.26 28.45
C PRO D 321 -53.52 16.75 28.59
N ALA D 322 -53.35 16.01 27.51
CA ALA D 322 -53.39 14.55 27.59
C ALA D 322 -52.25 14.01 28.45
N ARG D 323 -51.05 14.56 28.27
CA ARG D 323 -49.91 14.13 29.08
C ARG D 323 -50.12 14.48 30.55
N VAL D 324 -50.68 15.66 30.83
CA VAL D 324 -50.93 16.05 32.21
C VAL D 324 -51.96 15.12 32.85
N ARG D 325 -53.02 14.79 32.11
CA ARG D 325 -54.03 13.87 32.63
C ARG D 325 -53.45 12.48 32.87
N ASP D 326 -52.61 12.00 31.95
CA ASP D 326 -51.99 10.70 32.13
C ASP D 326 -51.07 10.69 33.35
N GLY D 327 -50.30 11.76 33.54
CA GLY D 327 -49.44 11.85 34.71
C GLY D 327 -50.23 11.91 36.00
N ILE D 328 -51.33 12.66 36.01
CA ILE D 328 -52.17 12.74 37.20
C ILE D 328 -52.77 11.37 37.52
N ALA D 329 -53.23 10.66 36.50
CA ALA D 329 -53.80 9.33 36.71
C ALA D 329 -52.74 8.36 37.21
N ILE D 330 -51.54 8.43 36.67
CA ILE D 330 -50.47 7.55 37.13
C ILE D 330 -50.10 7.85 38.58
N ILE D 331 -50.04 9.14 38.94
CA ILE D 331 -49.72 9.51 40.31
C ILE D 331 -50.82 9.04 41.26
N THR D 332 -52.08 9.17 40.86
CA THR D 332 -53.18 8.71 41.70
C THR D 332 -53.15 7.20 41.87
N THR D 333 -52.86 6.46 40.79
CA THR D 333 -52.76 5.01 40.88
C THR D 333 -51.60 4.59 41.78
N ALA D 334 -50.46 5.27 41.68
CA ALA D 334 -49.32 4.95 42.53
C ALA D 334 -49.64 5.25 43.99
N ALA D 335 -50.31 6.36 44.26
CA ALA D 335 -50.69 6.69 45.64
C ALA D 335 -51.67 5.67 46.20
N SER D 336 -52.63 5.23 45.39
CA SER D 336 -53.59 4.23 45.83
C SER D 336 -52.89 2.90 46.11
N ASP D 337 -51.96 2.49 45.23
CA ASP D 337 -51.24 1.25 45.45
C ASP D 337 -50.38 1.33 46.71
N MET D 338 -49.74 2.48 46.95
CA MET D 338 -48.95 2.63 48.16
C MET D 338 -49.81 2.59 49.41
N LEU D 339 -50.97 3.27 49.39
CA LEU D 339 -51.85 3.26 50.55
C LEU D 339 -52.46 1.88 50.77
N SER D 340 -52.60 1.08 49.72
CA SER D 340 -53.15 -0.26 49.88
C SER D 340 -52.08 -1.24 50.39
N GLU D 341 -50.85 -1.09 49.92
CA GLU D 341 -49.79 -2.02 50.31
C GLU D 341 -49.21 -1.67 51.69
N HIS D 342 -48.64 -0.47 51.81
CA HIS D 342 -47.98 -0.08 53.05
C HIS D 342 -48.98 0.28 54.15
N SER D 343 -50.24 0.54 53.80
CA SER D 343 -51.30 0.90 54.73
C SER D 343 -50.97 2.16 55.52
N PHE D 344 -50.11 3.02 54.98
CA PHE D 344 -49.72 4.26 55.63
C PHE D 344 -49.85 5.41 54.64
N ILE D 345 -50.61 6.43 55.01
CA ILE D 345 -50.83 7.61 54.18
C ILE D 345 -50.24 8.81 54.90
N PRO D 346 -49.28 9.53 54.31
CA PRO D 346 -48.70 10.70 54.96
C PRO D 346 -49.58 11.92 54.81
N GLU D 347 -50.12 12.40 55.93
CA GLU D 347 -51.00 13.57 55.95
C GLU D 347 -50.58 14.48 57.11
N PRO D 348 -49.42 15.09 57.02
CA PRO D 348 -48.95 15.97 58.09
C PRO D 348 -49.53 17.38 57.92
N LYS D 349 -49.10 18.28 58.80
CA LYS D 349 -49.55 19.66 58.76
C LYS D 349 -48.94 20.37 57.56
N SER D 350 -49.74 20.58 56.51
CA SER D 350 -49.26 21.22 55.29
C SER D 350 -49.17 22.74 55.52
N SER D 351 -48.13 23.12 56.25
CA SER D 351 -47.87 24.51 56.58
C SER D 351 -46.54 24.94 55.97
N CYS D 352 -46.34 26.26 55.94
CA CYS D 352 -45.11 26.84 55.38
C CYS D 352 -44.10 27.19 56.48
N TYR D 353 -44.51 27.98 57.45
CA TYR D 353 -43.63 28.35 58.55
C TYR D 353 -43.52 27.21 59.56
N ASN D 354 -42.36 27.14 60.21
CA ASN D 354 -42.07 26.12 61.22
C ASN D 354 -42.22 24.72 60.62
N THR D 355 -41.40 24.44 59.61
CA THR D 355 -41.41 23.16 58.93
C THR D 355 -40.25 22.25 59.36
N HIS D 356 -39.49 22.65 60.38
CA HIS D 356 -38.39 21.81 60.84
C HIS D 356 -38.90 20.57 61.56
N GLU D 357 -39.94 20.72 62.38
CA GLU D 357 -40.51 19.60 63.12
C GLU D 357 -41.48 18.77 62.28
N LYS D 358 -41.74 19.16 61.04
CA LYS D 358 -42.65 18.42 60.17
C LYS D 358 -42.02 17.15 59.59
N ARG D 359 -40.71 16.96 59.77
CA ARG D 359 -40.02 15.79 59.25
C ARG D 359 -40.12 14.58 60.17
N ILE D 360 -41.04 14.60 61.13
CA ILE D 360 -41.19 13.46 62.03
C ILE D 360 -41.77 12.25 61.30
N TYR D 361 -42.62 12.48 60.30
CA TYR D 361 -43.22 11.42 59.51
C TYR D 361 -42.44 11.28 58.21
N GLN D 362 -41.66 10.20 58.10
CA GLN D 362 -40.87 9.98 56.90
C GLN D 362 -41.76 9.65 55.71
N SER D 363 -41.40 10.18 54.55
CA SER D 363 -42.15 9.97 53.32
C SER D 363 -41.29 9.28 52.25
N ASN D 364 -40.30 8.50 52.68
CA ASN D 364 -39.43 7.81 51.75
C ASN D 364 -40.13 6.68 51.02
N MET D 365 -41.19 6.10 51.62
CA MET D 365 -41.91 5.02 50.95
C MET D 365 -42.63 5.51 49.71
N LEU D 366 -43.24 6.70 49.77
CA LEU D 366 -43.92 7.25 48.60
C LEU D 366 -42.94 7.57 47.49
N ASN D 367 -41.74 8.03 47.85
CA ASN D 367 -40.73 8.32 46.83
C ASN D 367 -40.17 7.03 46.23
N ARG D 368 -40.02 5.99 47.04
CA ARG D 368 -39.50 4.72 46.52
C ARG D 368 -40.53 4.00 45.67
N TYR D 369 -41.82 4.17 45.97
CA TYR D 369 -42.88 3.53 45.20
C TYR D 369 -43.26 4.30 43.95
N LEU D 370 -42.89 5.58 43.85
CA LEU D 370 -43.22 6.39 42.68
C LEU D 370 -42.31 6.10 41.49
N ILE D 371 -41.29 5.26 41.64
CA ILE D 371 -40.37 4.94 40.56
C ILE D 371 -40.84 3.69 39.83
N ASN D 372 -42.08 3.27 40.12
CA ASN D 372 -42.65 2.08 39.48
C ASN D 372 -44.15 2.30 39.38
N VAL D 373 -44.61 2.72 38.20
CA VAL D 373 -46.02 2.97 37.97
C VAL D 373 -46.32 2.73 36.50
N THR D 374 -47.52 2.24 36.21
CA THR D 374 -47.95 1.97 34.85
C THR D 374 -49.46 2.07 34.77
N PHE D 375 -49.95 2.64 33.67
CA PHE D 375 -51.38 2.81 33.48
C PHE D 375 -51.66 3.01 31.99
N GLU D 376 -52.82 2.53 31.56
CA GLU D 376 -53.27 2.65 30.16
C GLU D 376 -52.26 2.04 29.19
N GLY D 377 -51.59 0.97 29.59
CA GLY D 377 -50.62 0.33 28.72
C GLY D 377 -49.42 1.18 28.40
N ARG D 378 -48.86 1.87 29.40
CA ARG D 378 -47.71 2.72 29.20
C ARG D 378 -46.76 2.58 30.39
N ASN D 379 -45.48 2.79 30.13
CA ASN D 379 -44.45 2.68 31.14
C ASN D 379 -44.01 4.09 31.56
N LEU D 380 -44.20 4.42 32.84
CA LEU D 380 -43.82 5.72 33.38
C LEU D 380 -42.84 5.59 34.54
N SER D 381 -42.12 4.48 34.63
CA SER D 381 -41.17 4.29 35.72
C SER D 381 -39.98 5.22 35.54
N PHE D 382 -39.61 5.92 36.61
CA PHE D 382 -38.50 6.85 36.58
C PHE D 382 -37.21 6.11 36.95
N SER D 383 -36.12 6.85 37.12
CA SER D 383 -34.82 6.31 37.47
C SER D 383 -34.37 6.86 38.82
N GLU D 384 -33.20 6.42 39.27
CA GLU D 384 -32.66 6.90 40.54
C GLU D 384 -32.25 8.36 40.47
N ASP D 385 -31.84 8.83 39.30
CA ASP D 385 -31.42 10.22 39.13
C ASP D 385 -32.58 11.17 38.88
N GLY D 386 -33.80 10.66 38.73
CA GLY D 386 -34.94 11.51 38.50
C GLY D 386 -35.29 11.71 37.05
N TYR D 387 -34.92 10.78 36.17
CA TYR D 387 -35.19 10.89 34.74
C TYR D 387 -36.06 9.71 34.31
N GLN D 388 -36.84 9.94 33.25
CA GLN D 388 -37.71 8.90 32.72
C GLN D 388 -36.88 7.79 32.06
N MET D 389 -37.39 6.56 32.17
CA MET D 389 -36.69 5.42 31.58
C MET D 389 -36.77 5.46 30.05
N HIS D 390 -37.97 5.68 29.51
CA HIS D 390 -38.18 5.74 28.07
C HIS D 390 -38.76 7.09 27.70
N PRO D 391 -37.94 8.05 27.27
CA PRO D 391 -38.44 9.37 26.90
C PRO D 391 -38.78 9.44 25.42
N LYS D 392 -39.38 10.57 25.04
CA LYS D 392 -39.77 10.84 23.66
C LYS D 392 -38.85 11.91 23.09
N LEU D 393 -38.14 11.58 22.01
CA LEU D 393 -37.22 12.49 21.37
C LEU D 393 -37.51 12.55 19.88
N VAL D 394 -37.01 13.60 19.23
CA VAL D 394 -37.20 13.81 17.80
C VAL D 394 -35.90 14.37 17.22
N ILE D 395 -35.82 14.35 15.90
CA ILE D 395 -34.64 14.84 15.17
C ILE D 395 -35.03 16.08 14.39
N ILE D 396 -34.17 17.10 14.44
CA ILE D 396 -34.41 18.36 13.75
C ILE D 396 -33.33 18.55 12.70
N LEU D 397 -33.68 19.22 11.62
CA LEU D 397 -32.76 19.48 10.52
C LEU D 397 -32.88 20.94 10.09
N LEU D 398 -31.80 21.47 9.54
CA LEU D 398 -31.74 22.86 9.09
C LEU D 398 -31.88 22.89 7.58
N ASN D 399 -32.89 23.61 7.10
CA ASN D 399 -33.14 23.77 5.67
C ASN D 399 -32.50 25.07 5.18
N LYS D 400 -32.82 25.45 3.94
CA LYS D 400 -32.31 26.70 3.40
C LYS D 400 -32.80 27.90 4.21
N GLU D 401 -34.10 27.95 4.47
CA GLU D 401 -34.67 29.01 5.29
C GLU D 401 -34.52 28.66 6.77
N ARG D 402 -34.48 29.69 7.61
CA ARG D 402 -34.32 29.48 9.05
C ARG D 402 -35.59 28.89 9.65
N LYS D 403 -35.56 27.59 9.92
CA LYS D 403 -36.71 26.88 10.48
C LYS D 403 -36.23 25.51 10.96
N TRP D 404 -37.07 24.86 11.77
CA TRP D 404 -36.79 23.53 12.30
C TRP D 404 -37.79 22.55 11.70
N GLU D 405 -37.28 21.52 11.04
CA GLU D 405 -38.11 20.50 10.41
C GLU D 405 -37.86 19.15 11.08
N ARG D 406 -38.95 18.43 11.33
CA ARG D 406 -38.86 17.11 11.96
C ARG D 406 -38.36 16.09 10.93
N VAL D 407 -37.23 15.47 11.22
CA VAL D 407 -36.63 14.48 10.33
C VAL D 407 -37.00 13.06 10.75
N GLY D 408 -36.79 12.73 12.03
CA GLY D 408 -37.10 11.40 12.52
C GLY D 408 -37.42 11.43 14.00
N LYS D 409 -37.96 10.32 14.48
CA LYS D 409 -38.35 10.17 15.88
C LYS D 409 -37.75 8.88 16.42
N TRP D 410 -37.29 8.93 17.67
CA TRP D 410 -36.69 7.77 18.34
C TRP D 410 -37.45 7.48 19.63
N LYS D 411 -37.67 6.20 19.90
CA LYS D 411 -38.37 5.79 21.10
C LYS D 411 -37.97 4.37 21.44
N ASP D 412 -37.65 4.12 22.72
CA ASP D 412 -37.24 2.80 23.20
C ASP D 412 -36.03 2.29 22.44
N LYS D 413 -35.04 3.17 22.24
CA LYS D 413 -33.80 2.85 21.55
C LYS D 413 -34.05 2.32 20.14
N SER D 414 -35.11 2.79 19.50
CA SER D 414 -35.47 2.38 18.15
C SER D 414 -35.63 3.62 17.29
N LEU D 415 -34.79 3.74 16.25
CA LEU D 415 -34.84 4.88 15.35
C LEU D 415 -35.84 4.64 14.24
N GLN D 416 -36.42 5.73 13.73
CA GLN D 416 -37.42 5.65 12.67
C GLN D 416 -37.27 6.91 11.81
N MET D 417 -36.58 6.78 10.69
CA MET D 417 -36.38 7.90 9.78
C MET D 417 -37.50 7.96 8.74
N LYS D 418 -37.78 9.17 8.27
CA LYS D 418 -38.82 9.40 7.29
C LYS D 418 -38.30 9.39 5.86
N TYR D 419 -37.04 8.99 5.65
CA TYR D 419 -36.45 8.95 4.32
C TYR D 419 -35.37 7.89 4.29
N TYR D 420 -35.38 7.06 3.24
CA TYR D 420 -34.37 6.02 3.11
C TYR D 420 -33.02 6.59 2.70
N VAL D 421 -33.01 7.67 1.93
CA VAL D 421 -31.79 8.34 1.50
C VAL D 421 -31.71 9.69 2.20
N TRP D 422 -30.59 9.92 2.89
CA TRP D 422 -30.43 11.17 3.60
C TRP D 422 -30.16 12.30 2.62
N PRO D 423 -30.77 13.48 2.83
CA PRO D 423 -30.58 14.58 1.87
C PRO D 423 -29.20 15.20 2.04
N ARG D 424 -28.44 15.20 0.95
CA ARG D 424 -27.10 15.77 0.94
C ARG D 424 -27.15 17.22 0.48
N MET D 425 -26.61 18.12 1.29
CA MET D 425 -26.59 19.54 0.97
C MET D 425 -25.30 20.19 1.44
N ASP D 434 -22.02 17.59 -11.83
CA ASP D 434 -22.82 17.34 -10.63
C ASP D 434 -22.38 16.03 -9.96
N ASP D 435 -22.19 16.10 -8.64
CA ASP D 435 -21.78 14.94 -7.87
C ASP D 435 -23.00 14.13 -7.47
N HIS D 436 -22.80 13.14 -6.58
CA HIS D 436 -23.87 12.27 -6.09
C HIS D 436 -24.55 11.54 -7.25
N LEU D 437 -23.76 10.71 -7.93
CA LEU D 437 -24.25 9.96 -9.07
C LEU D 437 -24.89 8.65 -8.63
N SER D 438 -25.71 8.09 -9.50
CA SER D 438 -26.39 6.83 -9.26
C SER D 438 -25.83 5.76 -10.18
N ILE D 439 -25.42 4.64 -9.60
CA ILE D 439 -24.81 3.53 -10.34
C ILE D 439 -25.64 2.27 -10.12
N VAL D 440 -25.97 1.58 -11.22
CA VAL D 440 -26.78 0.39 -11.18
C VAL D 440 -25.87 -0.84 -11.31
N THR D 441 -26.21 -1.90 -10.57
CA THR D 441 -25.44 -3.13 -10.61
C THR D 441 -26.39 -4.31 -10.47
N LEU D 442 -25.96 -5.47 -10.96
CA LEU D 442 -26.75 -6.69 -10.93
C LEU D 442 -26.09 -7.70 -10.00
N GLU D 443 -26.68 -8.90 -9.92
CA GLU D 443 -26.16 -10.00 -9.11
C GLU D 443 -25.76 -11.13 -10.04
N GLU D 444 -24.46 -11.39 -10.14
CA GLU D 444 -23.91 -12.34 -11.10
C GLU D 444 -22.65 -12.96 -10.48
N ALA D 445 -21.80 -13.55 -11.33
CA ALA D 445 -20.52 -14.14 -10.96
C ALA D 445 -19.73 -13.19 -10.06
N PRO D 446 -18.80 -13.70 -9.23
CA PRO D 446 -18.23 -12.85 -8.17
C PRO D 446 -17.34 -11.72 -8.68
N PHE D 447 -17.89 -10.89 -9.58
CA PHE D 447 -17.30 -9.58 -9.83
C PHE D 447 -17.93 -8.54 -8.92
N VAL D 448 -19.26 -8.57 -8.79
CA VAL D 448 -19.99 -7.79 -7.80
C VAL D 448 -21.08 -8.69 -7.23
N ILE D 449 -21.03 -8.94 -5.92
CA ILE D 449 -21.93 -9.87 -5.27
C ILE D 449 -22.66 -9.14 -4.14
N VAL D 450 -23.89 -9.57 -3.88
CA VAL D 450 -24.72 -8.99 -2.82
C VAL D 450 -24.52 -9.82 -1.56
N GLU D 451 -24.33 -9.13 -0.44
CA GLU D 451 -24.13 -9.77 0.86
C GLU D 451 -25.34 -9.54 1.75
N SER D 452 -25.71 -10.56 2.53
CA SER D 452 -26.84 -10.44 3.42
C SER D 452 -26.52 -9.52 4.59
N VAL D 453 -27.58 -9.06 5.27
CA VAL D 453 -27.41 -8.18 6.41
C VAL D 453 -26.77 -8.95 7.57
N ASP D 454 -26.04 -8.22 8.40
CA ASP D 454 -25.40 -8.83 9.56
C ASP D 454 -26.46 -9.34 10.54
N PRO D 455 -26.23 -10.49 11.16
CA PRO D 455 -27.25 -11.01 12.10
C PRO D 455 -27.46 -10.13 13.32
N LEU D 456 -26.38 -9.59 13.89
CA LEU D 456 -26.47 -8.76 15.08
C LEU D 456 -25.85 -7.37 14.92
N SER D 457 -24.84 -7.22 14.06
CA SER D 457 -24.22 -5.91 13.88
C SER D 457 -25.14 -4.95 13.13
N GLY D 458 -25.94 -5.46 12.19
CA GLY D 458 -26.82 -4.61 11.42
C GLY D 458 -26.12 -3.69 10.45
N THR D 459 -24.87 -3.97 10.12
CA THR D 459 -24.09 -3.15 9.19
C THR D 459 -23.32 -4.09 8.27
N CYS D 460 -22.36 -3.53 7.54
CA CYS D 460 -21.51 -4.28 6.63
C CYS D 460 -20.10 -4.36 7.18
N MET D 461 -19.37 -5.39 6.74
CA MET D 461 -18.00 -5.59 7.20
C MET D 461 -17.07 -4.58 6.54
N ARG D 462 -15.77 -4.73 6.82
CA ARG D 462 -14.78 -3.83 6.25
C ARG D 462 -14.68 -4.04 4.74
N ASN D 463 -14.27 -2.97 4.05
CA ASN D 463 -14.16 -2.97 2.58
C ASN D 463 -15.49 -3.33 1.93
N THR D 464 -16.55 -2.68 2.38
CA THR D 464 -17.89 -2.93 1.87
C THR D 464 -18.65 -1.61 1.85
N VAL D 465 -19.53 -1.47 0.85
CA VAL D 465 -20.32 -0.25 0.67
C VAL D 465 -21.79 -0.59 0.87
N PRO D 466 -22.61 0.35 1.34
CA PRO D 466 -24.04 0.05 1.54
C PRO D 466 -24.76 -0.13 0.20
N CYS D 467 -25.53 -1.21 0.11
CA CYS D 467 -26.24 -1.55 -1.10
C CYS D 467 -27.75 -1.40 -0.88
N GLN D 468 -28.45 -1.01 -1.94
CA GLN D 468 -29.89 -0.82 -1.91
C GLN D 468 -30.55 -1.68 -2.98
N LYS D 469 -31.64 -2.34 -2.61
CA LYS D 469 -32.38 -3.21 -3.51
C LYS D 469 -33.87 -2.93 -3.37
N ARG D 470 -34.53 -2.58 -4.47
CA ARG D 470 -35.95 -2.30 -4.48
C ARG D 470 -36.70 -3.53 -4.98
N ILE D 471 -37.58 -4.06 -4.14
CA ILE D 471 -38.39 -5.24 -4.47
C ILE D 471 -39.83 -4.78 -4.69
N ILE D 472 -40.43 -5.22 -5.80
CA ILE D 472 -41.79 -4.84 -6.14
C ILE D 472 -42.61 -6.10 -6.38
N SER D 473 -42.18 -7.21 -5.81
CA SER D 473 -42.86 -8.49 -5.95
C SER D 473 -43.80 -8.79 -4.79
N GLU D 474 -43.98 -7.84 -3.87
CA GLU D 474 -44.87 -8.03 -2.74
C GLU D 474 -46.27 -7.50 -3.11
N ASN D 475 -47.16 -7.44 -2.13
CA ASN D 475 -48.50 -6.94 -2.37
C ASN D 475 -48.47 -5.44 -2.65
N LYS D 476 -49.03 -5.05 -3.79
CA LYS D 476 -49.07 -3.66 -4.23
C LYS D 476 -50.43 -3.01 -3.98
N THR D 477 -51.09 -3.40 -2.89
CA THR D 477 -52.37 -2.81 -2.51
C THR D 477 -52.21 -1.32 -2.24
N ASP D 478 -51.36 -0.96 -1.28
CA ASP D 478 -51.05 0.43 -0.98
C ASP D 478 -49.76 0.89 -1.65
N GLU D 479 -48.62 0.32 -1.26
CA GLU D 479 -47.31 0.67 -1.78
C GLU D 479 -46.28 -0.25 -1.16
N GLU D 480 -45.14 -0.40 -1.85
CA GLU D 480 -44.01 -1.17 -1.34
C GLU D 480 -42.73 -0.78 -2.09
N PRO D 481 -42.09 0.34 -1.73
CA PRO D 481 -40.90 0.77 -2.48
C PRO D 481 -39.63 0.04 -2.06
N GLY D 482 -39.71 -1.28 -1.92
CA GLY D 482 -38.56 -2.11 -1.62
C GLY D 482 -37.63 -1.61 -0.53
N TYR D 483 -38.15 -1.49 0.70
CA TYR D 483 -37.35 -1.01 1.83
C TYR D 483 -36.44 -2.14 2.31
N ILE D 484 -35.39 -2.39 1.55
CA ILE D 484 -34.42 -3.45 1.85
C ILE D 484 -33.02 -2.92 1.55
N LYS D 485 -32.13 -3.01 2.54
CA LYS D 485 -30.74 -2.59 2.40
C LYS D 485 -29.82 -3.77 2.67
N LYS D 486 -28.85 -3.96 1.79
CA LYS D 486 -27.90 -5.07 1.89
C LYS D 486 -26.48 -4.53 1.72
N CYS D 487 -25.53 -5.46 1.59
CA CYS D 487 -24.13 -5.13 1.41
C CYS D 487 -23.64 -5.68 0.07
N CYS D 488 -22.72 -4.96 -0.56
CA CYS D 488 -22.19 -5.34 -1.86
C CYS D 488 -20.68 -5.14 -1.88
N LYS D 489 -19.98 -6.09 -2.51
CA LYS D 489 -18.53 -6.04 -2.62
C LYS D 489 -18.09 -6.99 -3.72
N GLY D 490 -16.82 -6.88 -4.09
CA GLY D 490 -16.26 -7.74 -5.12
C GLY D 490 -15.23 -7.00 -5.94
N PHE D 491 -14.82 -7.66 -7.03
CA PHE D 491 -13.84 -7.05 -7.93
C PHE D 491 -14.39 -5.80 -8.59
N CYS D 492 -15.65 -5.82 -9.01
CA CYS D 492 -16.27 -4.63 -9.58
C CYS D 492 -16.34 -3.50 -8.56
N ILE D 493 -16.65 -3.84 -7.30
CA ILE D 493 -16.66 -2.83 -6.25
C ILE D 493 -15.26 -2.27 -6.04
N ASP D 494 -14.23 -3.12 -6.15
CA ASP D 494 -12.86 -2.64 -6.01
C ASP D 494 -12.48 -1.69 -7.13
N ILE D 495 -12.88 -2.02 -8.37
CA ILE D 495 -12.61 -1.13 -9.49
C ILE D 495 -13.35 0.19 -9.31
N LEU D 496 -14.59 0.14 -8.83
CA LEU D 496 -15.35 1.37 -8.61
C LEU D 496 -14.71 2.23 -7.52
N LYS D 497 -14.22 1.60 -6.45
CA LYS D 497 -13.52 2.34 -5.41
C LYS D 497 -12.23 2.96 -5.93
N LYS D 498 -11.50 2.22 -6.76
CA LYS D 498 -10.27 2.76 -7.34
C LYS D 498 -10.55 3.93 -8.27
N ILE D 499 -11.68 3.89 -8.99
CA ILE D 499 -12.04 5.02 -9.84
C ILE D 499 -12.47 6.22 -9.00
N SER D 500 -13.23 5.97 -7.93
CA SER D 500 -13.71 7.06 -7.07
C SER D 500 -12.60 7.70 -6.26
N LYS D 501 -11.56 6.94 -5.90
CA LYS D 501 -10.43 7.49 -5.18
C LYS D 501 -9.45 8.21 -6.08
N SER D 502 -9.72 8.27 -7.39
CA SER D 502 -8.85 8.97 -8.32
C SER D 502 -9.59 10.13 -8.96
N VAL D 503 -10.91 10.02 -9.09
CA VAL D 503 -11.71 11.11 -9.64
C VAL D 503 -12.41 11.91 -8.55
N LYS D 504 -12.44 11.42 -7.32
CA LYS D 504 -12.98 12.14 -6.15
C LYS D 504 -14.45 12.51 -6.36
N PHE D 505 -15.26 11.46 -6.45
CA PHE D 505 -16.71 11.62 -6.58
C PHE D 505 -17.40 10.65 -5.63
N THR D 506 -18.68 10.87 -5.39
CA THR D 506 -19.48 10.03 -4.51
C THR D 506 -20.56 9.33 -5.32
N TYR D 507 -20.83 8.08 -4.96
CA TYR D 507 -21.74 7.23 -5.72
C TYR D 507 -22.67 6.48 -4.77
N ASP D 508 -23.88 6.19 -5.26
CA ASP D 508 -24.84 5.35 -4.56
C ASP D 508 -25.08 4.07 -5.35
N LEU D 509 -25.53 3.05 -4.64
CA LEU D 509 -25.76 1.73 -5.23
C LEU D 509 -27.26 1.48 -5.30
N TYR D 510 -27.76 1.17 -6.49
CA TYR D 510 -29.18 0.91 -6.72
C TYR D 510 -29.31 -0.28 -7.65
N LEU D 511 -29.98 -1.33 -7.19
CA LEU D 511 -30.19 -2.52 -7.99
C LEU D 511 -31.43 -2.37 -8.85
N VAL D 512 -31.36 -2.89 -10.08
CA VAL D 512 -32.46 -2.83 -11.02
C VAL D 512 -33.37 -4.03 -10.80
N THR D 513 -34.67 -3.83 -11.02
CA THR D 513 -35.67 -4.88 -10.85
C THR D 513 -36.54 -5.02 -12.09
N ASN D 514 -36.03 -4.60 -13.25
CA ASN D 514 -36.76 -4.67 -14.50
C ASN D 514 -36.19 -5.72 -15.46
N GLY D 515 -34.88 -5.70 -15.68
CA GLY D 515 -34.24 -6.64 -16.57
C GLY D 515 -32.83 -6.94 -16.12
N LYS D 516 -32.26 -7.99 -16.70
CA LYS D 516 -30.89 -8.38 -16.35
C LYS D 516 -29.88 -7.38 -16.88
N HIS D 517 -29.82 -7.21 -18.20
CA HIS D 517 -28.89 -6.26 -18.80
C HIS D 517 -29.61 -5.31 -19.75
N GLY D 518 -30.70 -5.78 -20.36
CA GLY D 518 -31.48 -4.94 -21.25
C GLY D 518 -31.48 -5.42 -22.68
N LYS D 519 -32.66 -5.79 -23.18
CA LYS D 519 -32.82 -6.21 -24.57
C LYS D 519 -33.90 -5.37 -25.23
N LYS D 520 -33.80 -5.26 -26.55
CA LYS D 520 -34.74 -4.45 -27.33
C LYS D 520 -36.05 -5.22 -27.45
N ILE D 521 -37.03 -4.84 -26.64
CA ILE D 521 -38.36 -5.45 -26.65
C ILE D 521 -39.35 -4.40 -27.12
N ASN D 522 -39.82 -4.54 -28.36
CA ASN D 522 -40.79 -3.65 -28.98
C ASN D 522 -40.28 -2.21 -29.11
N GLY D 523 -38.98 -1.98 -28.92
CA GLY D 523 -38.39 -0.66 -29.03
C GLY D 523 -38.16 0.04 -27.72
N THR D 524 -38.51 -0.56 -26.58
CA THR D 524 -38.34 0.04 -25.27
C THR D 524 -37.34 -0.82 -24.48
N TRP D 525 -36.18 -0.24 -24.19
CA TRP D 525 -35.17 -0.95 -23.41
C TRP D 525 -35.62 -1.07 -21.95
N ASN D 526 -35.61 -2.29 -21.43
CA ASN D 526 -35.99 -2.56 -20.05
C ASN D 526 -34.83 -3.23 -19.33
N GLY D 527 -34.41 -2.64 -18.23
CA GLY D 527 -33.29 -3.16 -17.46
C GLY D 527 -32.30 -2.08 -17.07
N MET D 528 -31.02 -2.43 -17.03
CA MET D 528 -29.99 -1.44 -16.68
C MET D 528 -29.84 -0.39 -17.76
N ILE D 529 -29.86 -0.82 -19.04
CA ILE D 529 -29.78 0.12 -20.14
C ILE D 529 -30.98 1.05 -20.13
N GLY D 530 -32.18 0.50 -19.88
CA GLY D 530 -33.36 1.34 -19.79
C GLY D 530 -33.30 2.28 -18.61
N GLU D 531 -32.75 1.83 -17.48
CA GLU D 531 -32.62 2.70 -16.31
C GLU D 531 -31.63 3.83 -16.58
N VAL D 532 -30.60 3.57 -17.36
CA VAL D 532 -29.64 4.63 -17.70
C VAL D 532 -30.25 5.60 -18.69
N VAL D 533 -30.98 5.08 -19.69
CA VAL D 533 -31.56 5.95 -20.72
C VAL D 533 -32.80 6.69 -20.24
N MET D 534 -33.39 6.28 -19.11
CA MET D 534 -34.57 6.93 -18.56
C MET D 534 -34.23 8.02 -17.55
N LYS D 535 -32.97 8.49 -17.56
CA LYS D 535 -32.52 9.58 -16.69
C LYS D 535 -32.63 9.23 -15.21
N ARG D 536 -32.89 7.96 -14.90
CA ARG D 536 -32.93 7.54 -13.50
C ARG D 536 -31.55 7.30 -12.93
N ALA D 537 -30.53 7.14 -13.78
CA ALA D 537 -29.17 6.93 -13.33
C ALA D 537 -28.22 7.59 -14.32
N TYR D 538 -26.95 7.66 -13.94
CA TYR D 538 -25.92 8.27 -14.77
C TYR D 538 -24.87 7.26 -15.23
N MET D 539 -24.32 6.47 -14.32
CA MET D 539 -23.32 5.47 -14.64
C MET D 539 -23.86 4.08 -14.37
N ALA D 540 -23.29 3.10 -15.07
CA ALA D 540 -23.66 1.69 -14.91
C ALA D 540 -22.41 0.85 -14.99
N VAL D 541 -22.06 0.19 -13.88
CA VAL D 541 -20.86 -0.64 -13.81
C VAL D 541 -21.29 -2.08 -13.54
N GLY D 542 -20.42 -3.01 -13.91
CA GLY D 542 -20.68 -4.42 -13.72
C GLY D 542 -20.11 -5.31 -14.80
N SER D 543 -20.90 -6.26 -15.27
CA SER D 543 -20.49 -7.18 -16.33
C SER D 543 -21.25 -6.92 -17.63
N LEU D 544 -21.49 -5.65 -17.92
CA LEU D 544 -22.21 -5.29 -19.13
C LEU D 544 -21.30 -5.45 -20.35
N THR D 545 -21.88 -5.96 -21.43
CA THR D 545 -21.13 -6.22 -22.66
C THR D 545 -21.29 -5.05 -23.63
N ILE D 546 -20.26 -4.83 -24.43
CA ILE D 546 -20.23 -3.74 -25.40
C ILE D 546 -20.45 -4.34 -26.79
N ASN D 547 -21.61 -4.07 -27.37
CA ASN D 547 -21.94 -4.46 -28.73
C ASN D 547 -22.27 -3.21 -29.55
N GLU D 548 -22.75 -3.43 -30.77
CA GLU D 548 -23.00 -2.31 -31.68
C GLU D 548 -24.17 -1.46 -31.21
N GLU D 549 -25.29 -2.10 -30.85
CA GLU D 549 -26.49 -1.36 -30.49
C GLU D 549 -26.29 -0.59 -29.18
N ARG D 550 -25.73 -1.25 -28.17
CA ARG D 550 -25.53 -0.59 -26.87
C ARG D 550 -24.53 0.56 -26.99
N SER D 551 -23.47 0.37 -27.77
CA SER D 551 -22.51 1.44 -27.97
C SER D 551 -23.10 2.59 -28.78
N GLU D 552 -24.02 2.28 -29.70
CA GLU D 552 -24.66 3.34 -30.49
C GLU D 552 -25.66 4.12 -29.65
N VAL D 553 -26.32 3.47 -28.69
CA VAL D 553 -27.31 4.14 -27.86
C VAL D 553 -26.73 4.66 -26.54
N VAL D 554 -25.66 4.06 -26.03
CA VAL D 554 -25.05 4.46 -24.77
C VAL D 554 -23.54 4.52 -24.96
N ASP D 555 -22.93 5.62 -24.49
CA ASP D 555 -21.48 5.76 -24.57
C ASP D 555 -20.79 4.83 -23.58
N PHE D 556 -19.76 4.15 -24.03
CA PHE D 556 -19.00 3.21 -23.22
C PHE D 556 -17.56 3.68 -23.08
N SER D 557 -16.95 3.29 -21.96
CA SER D 557 -15.55 3.60 -21.71
C SER D 557 -14.64 2.55 -22.35
N VAL D 558 -13.36 2.62 -22.04
CA VAL D 558 -12.40 1.66 -22.60
C VAL D 558 -12.58 0.32 -21.90
N PRO D 559 -12.40 -0.80 -22.59
CA PRO D 559 -12.55 -2.11 -21.93
C PRO D 559 -11.46 -2.35 -20.91
N PHE D 560 -11.81 -3.14 -19.89
CA PHE D 560 -10.87 -3.48 -18.83
C PHE D 560 -10.67 -4.98 -18.66
N ILE D 561 -11.35 -5.81 -19.46
CA ILE D 561 -11.22 -7.26 -19.36
C ILE D 561 -11.65 -7.86 -20.70
N GLU D 562 -11.10 -9.01 -21.03
CA GLU D 562 -11.42 -9.69 -22.27
C GLU D 562 -12.64 -10.58 -22.10
N THR D 563 -13.51 -10.55 -23.10
CA THR D 563 -14.74 -11.34 -23.09
C THR D 563 -14.99 -11.87 -24.50
N GLY D 564 -15.81 -12.91 -24.57
CA GLY D 564 -16.12 -13.51 -25.85
C GLY D 564 -17.03 -14.71 -25.68
N ILE D 565 -17.36 -15.31 -26.82
CA ILE D 565 -18.22 -16.49 -26.86
C ILE D 565 -17.35 -17.73 -26.88
N SER D 566 -17.66 -18.70 -26.02
CA SER D 566 -16.92 -19.94 -25.95
C SER D 566 -17.86 -21.07 -25.53
N VAL D 567 -17.83 -22.16 -26.27
CA VAL D 567 -18.68 -23.31 -25.97
C VAL D 567 -18.02 -24.14 -24.87
N MET D 568 -18.83 -24.64 -23.94
CA MET D 568 -18.37 -25.47 -22.84
C MET D 568 -18.96 -26.86 -22.97
N VAL D 569 -18.08 -27.88 -23.01
CA VAL D 569 -18.50 -29.26 -23.17
C VAL D 569 -17.91 -30.09 -22.03
N SER D 570 -18.50 -31.26 -21.82
CA SER D 570 -18.03 -32.17 -20.79
C SER D 570 -16.80 -32.94 -21.26
N ARG D 571 -16.06 -33.50 -20.29
CA ARG D 571 -14.87 -34.28 -20.62
C ARG D 571 -15.25 -35.53 -21.40
N SER D 572 -14.50 -35.79 -22.46
CA SER D 572 -14.68 -36.97 -23.31
C SER D 572 -13.47 -37.87 -23.15
N ASN D 573 -13.72 -39.14 -22.84
CA ASN D 573 -12.63 -40.09 -22.65
C ASN D 573 -11.91 -40.35 -23.97
N GLY D 574 -10.58 -40.18 -23.95
CA GLY D 574 -9.78 -40.39 -25.14
C GLY D 574 -9.38 -41.83 -25.33
N THR D 575 -8.77 -42.10 -26.49
CA THR D 575 -8.32 -43.43 -26.85
C THR D 575 -6.83 -43.40 -27.12
N VAL D 576 -6.17 -44.54 -26.88
CA VAL D 576 -4.73 -44.67 -27.09
C VAL D 576 -4.45 -44.84 -28.57
N SER D 577 -3.31 -44.34 -29.02
CA SER D 577 -2.93 -44.45 -30.42
C SER D 577 -2.50 -45.87 -30.74
N PRO D 578 -2.97 -46.46 -31.84
CA PRO D 578 -2.54 -47.81 -32.20
C PRO D 578 -1.05 -47.85 -32.53
N SER D 579 -0.52 -49.08 -32.59
CA SER D 579 0.90 -49.32 -32.89
C SER D 579 1.82 -48.55 -31.94
N ALA D 580 1.55 -48.65 -30.63
CA ALA D 580 2.36 -47.93 -29.65
C ALA D 580 3.74 -48.53 -29.47
N PHE D 581 3.96 -49.76 -29.95
CA PHE D 581 5.28 -50.39 -29.80
C PHE D 581 6.32 -49.76 -30.72
N LEU D 582 5.90 -49.02 -31.74
CA LEU D 582 6.81 -48.30 -32.62
C LEU D 582 7.04 -46.86 -32.19
N GLU D 583 6.56 -46.49 -30.99
CA GLU D 583 6.70 -45.10 -30.56
C GLU D 583 8.13 -44.74 -30.18
N PRO D 584 8.86 -45.50 -29.30
CA PRO D 584 10.22 -45.11 -28.91
C PRO D 584 11.29 -45.42 -29.97
N PHE D 585 10.97 -45.13 -31.22
CA PHE D 585 11.86 -45.35 -32.35
C PHE D 585 11.28 -44.66 -33.57
N SER D 586 11.94 -44.81 -34.70
CA SER D 586 11.48 -44.27 -35.97
C SER D 586 11.56 -45.34 -37.04
N ALA D 587 10.70 -45.21 -38.07
CA ALA D 587 10.68 -46.19 -39.14
C ALA D 587 11.99 -46.23 -39.91
N ASP D 588 12.66 -45.08 -40.04
CA ASP D 588 13.97 -45.06 -40.69
C ASP D 588 14.97 -45.89 -39.89
N VAL D 589 14.88 -45.86 -38.56
CA VAL D 589 15.76 -46.67 -37.72
C VAL D 589 15.49 -48.15 -37.95
N TRP D 590 14.22 -48.53 -38.10
CA TRP D 590 13.90 -49.93 -38.36
C TRP D 590 14.42 -50.38 -39.71
N VAL D 591 14.28 -49.53 -40.73
CA VAL D 591 14.77 -49.89 -42.07
C VAL D 591 16.30 -50.01 -42.05
N MET D 592 16.97 -49.10 -41.34
CA MET D 592 18.42 -49.16 -41.23
C MET D 592 18.85 -50.44 -40.50
N MET D 593 18.15 -50.79 -39.43
CA MET D 593 18.46 -52.02 -38.71
C MET D 593 18.27 -53.24 -39.61
N PHE D 594 17.19 -53.27 -40.37
CA PHE D 594 16.92 -54.39 -41.27
C PHE D 594 18.03 -54.54 -42.31
N VAL D 595 18.37 -53.44 -43.00
CA VAL D 595 19.36 -53.53 -44.06
C VAL D 595 20.74 -53.84 -43.49
N MET D 596 21.05 -53.31 -42.30
CA MET D 596 22.33 -53.58 -41.67
C MET D 596 22.43 -55.05 -41.27
N LEU D 597 21.36 -55.59 -40.67
CA LEU D 597 21.32 -57.02 -40.34
C LEU D 597 21.54 -57.87 -41.58
N LEU D 598 20.80 -57.56 -42.66
CA LEU D 598 20.90 -58.35 -43.89
C LEU D 598 22.33 -58.31 -44.44
N ILE D 599 22.90 -57.11 -44.56
CA ILE D 599 24.24 -56.97 -45.15
C ILE D 599 25.27 -57.69 -44.28
N VAL D 600 25.23 -57.47 -42.97
CA VAL D 600 26.20 -58.09 -42.07
C VAL D 600 26.10 -59.61 -42.14
N SER D 601 24.88 -60.15 -41.99
CA SER D 601 24.67 -61.58 -42.09
C SER D 601 25.27 -62.12 -43.38
N ALA D 602 24.82 -61.60 -44.52
CA ALA D 602 25.27 -62.10 -45.81
C ALA D 602 26.79 -62.07 -45.93
N VAL D 603 27.39 -60.88 -45.75
CA VAL D 603 28.82 -60.73 -46.00
C VAL D 603 29.63 -61.58 -45.02
N ALA D 604 29.35 -61.46 -43.72
CA ALA D 604 30.13 -62.16 -42.72
C ALA D 604 30.04 -63.67 -42.89
N VAL D 605 28.81 -64.18 -43.08
CA VAL D 605 28.66 -65.63 -43.20
C VAL D 605 29.29 -66.15 -44.48
N PHE D 606 29.17 -65.40 -45.59
CA PHE D 606 29.80 -65.81 -46.83
C PHE D 606 31.32 -65.86 -46.68
N VAL D 607 31.91 -64.84 -46.05
CA VAL D 607 33.36 -64.81 -45.87
C VAL D 607 33.81 -65.95 -44.95
N PHE D 608 33.06 -66.18 -43.86
CA PHE D 608 33.44 -67.24 -42.94
C PHE D 608 33.30 -68.62 -43.56
N GLU D 609 32.34 -68.80 -44.49
CA GLU D 609 32.18 -70.09 -45.14
C GLU D 609 33.20 -70.30 -46.25
N TYR D 610 33.60 -69.23 -46.94
CA TYR D 610 34.55 -69.37 -48.03
C TYR D 610 35.99 -69.45 -47.54
N PHE D 611 36.32 -68.77 -46.44
CA PHE D 611 37.70 -68.73 -45.95
C PHE D 611 37.95 -69.80 -44.89
N SER D 612 37.18 -69.76 -43.80
CA SER D 612 37.41 -70.70 -42.71
C SER D 612 36.84 -72.07 -43.07
N PRO D 613 37.59 -73.15 -42.81
CA PRO D 613 37.14 -74.52 -43.10
C PRO D 613 36.04 -74.99 -42.14
N GLY D 628 26.86 -82.56 -40.00
CA GLY D 628 26.09 -81.34 -40.20
C GLY D 628 26.19 -80.81 -41.62
N PRO D 629 25.06 -80.33 -42.15
CA PRO D 629 25.07 -79.80 -43.53
C PRO D 629 25.76 -78.44 -43.62
N SER D 630 25.80 -77.86 -44.82
CA SER D 630 26.43 -76.58 -45.02
C SER D 630 25.64 -75.48 -44.31
N PHE D 631 26.34 -74.38 -44.00
CA PHE D 631 25.75 -73.25 -43.30
C PHE D 631 25.21 -72.28 -44.34
N THR D 632 23.93 -72.42 -44.67
CA THR D 632 23.29 -71.62 -45.69
C THR D 632 22.92 -70.24 -45.16
N ILE D 633 22.42 -69.39 -46.06
CA ILE D 633 22.05 -68.03 -45.68
C ILE D 633 20.78 -68.03 -44.84
N GLY D 634 19.89 -68.99 -45.06
CA GLY D 634 18.67 -69.06 -44.27
C GLY D 634 18.95 -69.25 -42.79
N LYS D 635 19.70 -70.29 -42.44
CA LYS D 635 20.10 -70.49 -41.06
C LYS D 635 20.99 -69.35 -40.57
N ALA D 636 21.76 -68.74 -41.48
CA ALA D 636 22.63 -67.63 -41.08
C ALA D 636 21.82 -66.46 -40.57
N ILE D 637 20.75 -66.09 -41.28
CA ILE D 637 19.91 -64.99 -40.82
C ILE D 637 18.99 -65.44 -39.68
N TRP D 638 18.65 -66.73 -39.62
CA TRP D 638 17.82 -67.22 -38.52
C TRP D 638 18.57 -67.12 -37.19
N LEU D 639 19.86 -67.47 -37.19
CA LEU D 639 20.67 -67.36 -35.98
C LEU D 639 20.69 -65.92 -35.47
N LEU D 640 20.99 -64.97 -36.36
CA LEU D 640 21.06 -63.58 -35.94
C LEU D 640 19.70 -63.04 -35.50
N TRP D 641 18.62 -63.42 -36.19
CA TRP D 641 17.29 -62.99 -35.78
C TRP D 641 16.95 -63.50 -34.38
N GLY D 642 17.31 -64.74 -34.07
CA GLY D 642 17.07 -65.26 -32.73
C GLY D 642 17.90 -64.47 -31.79
N LEU D 643 19.11 -64.12 -32.21
CA LEU D 643 19.96 -63.34 -31.33
C LEU D 643 19.38 -61.94 -31.09
N VAL D 644 18.75 -61.28 -32.00
CA VAL D 644 18.42 -59.96 -31.40
C VAL D 644 17.11 -60.10 -30.69
N PHE D 645 16.38 -61.17 -30.91
CA PHE D 645 15.04 -61.23 -30.28
C PHE D 645 15.06 -61.30 -28.81
N ASN D 646 15.97 -61.99 -28.17
CA ASN D 646 16.25 -61.98 -26.73
C ASN D 646 16.89 -63.31 -26.58
N ASN D 647 16.05 -64.23 -26.88
CA ASN D 647 16.47 -65.63 -27.19
C ASN D 647 15.31 -66.64 -27.19
N SER D 648 15.82 -67.81 -27.36
CA SER D 648 15.36 -69.19 -27.30
C SER D 648 14.84 -69.78 -28.57
N VAL D 649 14.73 -69.05 -29.66
CA VAL D 649 14.24 -69.73 -30.88
C VAL D 649 15.34 -70.70 -31.18
N PRO D 650 15.19 -72.01 -31.23
CA PRO D 650 16.34 -72.93 -31.32
C PRO D 650 17.11 -73.15 -32.62
N VAL D 651 18.43 -72.89 -32.65
CA VAL D 651 19.29 -72.83 -33.86
C VAL D 651 20.61 -73.61 -33.75
N GLN D 652 21.37 -73.92 -34.85
CA GLN D 652 22.60 -74.69 -34.77
C GLN D 652 23.78 -73.73 -34.69
N ASN D 653 24.64 -73.94 -33.69
CA ASN D 653 25.79 -73.07 -33.50
C ASN D 653 26.80 -73.25 -34.63
N PRO D 654 27.35 -72.15 -35.14
CA PRO D 654 28.33 -72.25 -36.23
C PRO D 654 29.66 -72.78 -35.72
N LYS D 655 30.62 -72.87 -36.74
CA LYS D 655 31.98 -73.24 -36.42
C LYS D 655 32.94 -72.23 -37.06
N GLY D 656 34.06 -72.00 -36.38
CA GLY D 656 35.06 -71.04 -36.87
C GLY D 656 35.23 -69.92 -35.86
N THR D 657 36.48 -69.49 -35.71
CA THR D 657 36.78 -68.43 -34.73
C THR D 657 36.18 -67.10 -35.17
N THR D 658 36.28 -66.76 -36.46
CA THR D 658 35.72 -65.51 -36.94
C THR D 658 34.21 -65.51 -36.86
N SER D 659 33.57 -66.67 -37.12
CA SER D 659 32.12 -66.76 -36.96
C SER D 659 31.72 -66.54 -35.50
N LYS D 660 32.48 -67.10 -34.57
CA LYS D 660 32.18 -66.91 -33.15
C LYS D 660 32.39 -65.45 -32.74
N ILE D 661 33.42 -64.80 -33.28
CA ILE D 661 33.64 -63.39 -32.98
C ILE D 661 32.48 -62.54 -33.51
N MET D 662 32.03 -62.83 -34.73
CA MET D 662 30.89 -62.11 -35.29
C MET D 662 29.63 -62.35 -34.46
N VAL D 663 29.43 -63.58 -33.99
CA VAL D 663 28.27 -63.89 -33.16
C VAL D 663 28.34 -63.13 -31.85
N SER D 664 29.54 -63.03 -31.26
CA SER D 664 29.69 -62.28 -30.02
C SER D 664 29.42 -60.79 -30.23
N VAL D 665 29.91 -60.23 -31.33
CA VAL D 665 29.65 -58.81 -31.62
C VAL D 665 28.16 -58.59 -31.84
N TRP D 666 27.49 -59.50 -32.54
CA TRP D 666 26.06 -59.37 -32.77
C TRP D 666 25.28 -59.50 -31.47
N ALA D 667 25.74 -60.37 -30.56
CA ALA D 667 25.08 -60.51 -29.27
C ALA D 667 25.27 -59.25 -28.42
N PHE D 668 26.44 -58.62 -28.50
CA PHE D 668 26.63 -57.35 -27.81
C PHE D 668 25.72 -56.27 -28.38
N PHE D 669 25.60 -56.20 -29.71
CA PHE D 669 24.67 -55.27 -30.32
C PHE D 669 23.23 -55.56 -29.89
N ALA D 670 22.88 -56.85 -29.76
CA ALA D 670 21.52 -57.21 -29.37
C ALA D 670 21.23 -56.82 -27.94
N VAL D 671 22.20 -57.03 -27.03
CA VAL D 671 21.97 -56.67 -25.64
C VAL D 671 21.94 -55.16 -25.47
N ILE D 672 22.71 -54.44 -26.30
CA ILE D 672 22.61 -52.97 -26.29
C ILE D 672 21.24 -52.53 -26.78
N PHE D 673 20.74 -53.16 -27.84
CA PHE D 673 19.40 -52.85 -28.33
C PHE D 673 18.34 -53.14 -27.28
N LEU D 674 18.34 -54.24 -26.58
CA LEU D 674 17.29 -54.34 -25.54
C LEU D 674 17.54 -53.40 -24.40
N ALA D 675 18.79 -53.15 -23.96
CA ALA D 675 18.94 -52.19 -22.88
C ALA D 675 18.48 -50.79 -23.27
N SER D 676 18.50 -50.47 -24.56
CA SER D 676 18.07 -49.16 -25.04
C SER D 676 16.63 -49.15 -25.56
N TYR D 677 15.98 -50.31 -25.62
CA TYR D 677 14.62 -50.38 -26.13
C TYR D 677 13.56 -50.39 -25.03
N THR D 678 13.87 -50.94 -23.85
CA THR D 678 12.92 -51.03 -22.75
C THR D 678 13.18 -49.96 -21.69
N ALA D 679 13.63 -48.78 -22.11
CA ALA D 679 13.92 -47.71 -21.16
C ALA D 679 12.64 -47.07 -20.65
N ASN D 680 11.82 -46.53 -21.55
CA ASN D 680 10.58 -45.85 -21.20
C ASN D 680 9.38 -46.38 -21.99
N LEU D 681 9.37 -47.68 -22.28
CA LEU D 681 8.25 -48.26 -23.04
C LEU D 681 6.96 -48.23 -22.22
N ALA D 682 7.07 -48.47 -20.91
CA ALA D 682 5.88 -48.50 -20.07
C ALA D 682 5.21 -47.12 -20.02
N ALA D 683 6.01 -46.07 -19.85
CA ALA D 683 5.44 -44.72 -19.80
C ALA D 683 4.91 -44.31 -21.17
N PHE D 684 5.54 -44.79 -22.24
CA PHE D 684 5.13 -44.41 -23.59
C PHE D 684 3.88 -45.14 -24.05
N MET D 685 3.59 -46.34 -23.51
CA MET D 685 2.42 -47.09 -23.92
C MET D 685 1.18 -46.74 -23.12
N ILE D 686 1.23 -45.73 -22.26
CA ILE D 686 0.09 -45.31 -21.45
C ILE D 686 -0.42 -43.93 -21.83
N GLN D 687 0.46 -43.02 -22.25
CA GLN D 687 0.05 -41.67 -22.61
C GLN D 687 -0.87 -41.71 -23.84
N GLU D 688 -1.99 -41.00 -23.76
CA GLU D 688 -2.97 -40.93 -24.84
C GLU D 688 -3.34 -39.49 -25.11
N GLU D 689 -3.90 -39.25 -26.29
CA GLU D 689 -4.31 -37.92 -26.73
C GLU D 689 -5.83 -37.83 -26.77
N TYR D 690 -6.37 -36.78 -26.18
CA TYR D 690 -7.81 -36.57 -26.18
C TYR D 690 -8.27 -35.92 -27.48
N VAL D 691 -9.53 -36.15 -27.82
CA VAL D 691 -10.13 -35.59 -29.04
C VAL D 691 -11.25 -34.66 -28.65
N ASP D 692 -11.55 -33.72 -29.54
CA ASP D 692 -12.61 -32.74 -29.32
C ASP D 692 -13.90 -33.20 -30.01
N GLN D 693 -15.03 -32.89 -29.37
CA GLN D 693 -16.32 -33.28 -29.94
C GLN D 693 -16.66 -32.45 -31.16
N VAL D 694 -16.44 -31.14 -31.10
CA VAL D 694 -16.73 -30.24 -32.22
C VAL D 694 -15.70 -29.13 -32.21
N SER D 695 -15.30 -28.70 -33.41
CA SER D 695 -14.32 -27.63 -33.53
C SER D 695 -14.89 -26.28 -33.11
N GLY D 696 -16.13 -26.01 -33.49
CA GLY D 696 -16.76 -24.75 -33.14
C GLY D 696 -18.15 -24.66 -33.72
N LEU D 697 -18.71 -23.45 -33.68
CA LEU D 697 -20.05 -23.22 -34.20
C LEU D 697 -20.00 -22.94 -35.70
N SER D 698 -19.30 -23.77 -36.45
CA SER D 698 -19.21 -23.61 -37.89
C SER D 698 -19.41 -24.91 -38.68
N ASP D 699 -19.35 -26.07 -38.03
CA ASP D 699 -19.52 -27.33 -38.74
C ASP D 699 -21.01 -27.66 -38.89
N LYS D 700 -21.29 -28.81 -39.50
CA LYS D 700 -22.67 -29.23 -39.71
C LYS D 700 -23.35 -29.70 -38.43
N LYS D 701 -22.57 -29.96 -37.38
CA LYS D 701 -23.16 -30.42 -36.12
C LYS D 701 -24.04 -29.35 -35.49
N PHE D 702 -23.73 -28.08 -35.71
CA PHE D 702 -24.53 -26.99 -35.18
C PHE D 702 -25.30 -26.24 -36.25
N GLN D 703 -24.87 -26.33 -37.51
CA GLN D 703 -25.56 -25.61 -38.59
C GLN D 703 -26.83 -26.34 -39.01
N ARG D 704 -26.71 -27.60 -39.42
CA ARG D 704 -27.84 -28.40 -39.88
C ARG D 704 -27.91 -29.68 -39.06
N PRO D 705 -28.54 -29.66 -37.90
CA PRO D 705 -28.64 -30.89 -37.08
C PRO D 705 -29.82 -31.76 -37.47
N ASN D 706 -30.40 -31.50 -38.64
CA ASN D 706 -31.58 -32.26 -39.07
C ASN D 706 -31.20 -33.65 -39.57
N ASP D 707 -30.43 -33.71 -40.66
CA ASP D 707 -30.00 -34.98 -41.26
C ASP D 707 -28.60 -35.30 -40.75
N PHE D 708 -28.55 -35.83 -39.53
CA PHE D 708 -27.29 -36.11 -38.86
C PHE D 708 -27.55 -37.16 -37.78
N SER D 709 -26.63 -37.24 -36.82
CA SER D 709 -26.72 -38.14 -35.68
C SER D 709 -27.97 -37.82 -34.85
N PRO D 710 -28.35 -38.68 -33.90
CA PRO D 710 -29.45 -38.36 -32.98
C PRO D 710 -29.32 -36.95 -32.42
N PRO D 711 -30.45 -36.32 -32.07
CA PRO D 711 -30.43 -34.88 -31.77
C PRO D 711 -29.48 -34.53 -30.63
N PHE D 712 -28.43 -33.78 -30.98
CA PHE D 712 -27.48 -33.27 -29.99
C PHE D 712 -28.10 -32.09 -29.27
N ARG D 713 -28.03 -32.12 -27.94
CA ARG D 713 -28.64 -31.08 -27.09
C ARG D 713 -27.64 -29.96 -26.86
N PHE D 714 -28.03 -28.74 -27.26
CA PHE D 714 -27.19 -27.57 -27.07
C PHE D 714 -28.06 -26.33 -27.15
N GLY D 715 -27.75 -25.34 -26.32
CA GLY D 715 -28.53 -24.11 -26.31
C GLY D 715 -27.92 -23.11 -25.36
N THR D 716 -28.64 -21.99 -25.19
CA THR D 716 -28.21 -20.92 -24.32
C THR D 716 -29.43 -20.27 -23.70
N VAL D 717 -29.20 -19.27 -22.84
CA VAL D 717 -30.28 -18.55 -22.17
C VAL D 717 -30.70 -17.37 -23.04
N PRO D 718 -31.96 -16.97 -23.01
CA PRO D 718 -32.40 -15.81 -23.79
C PRO D 718 -32.08 -14.50 -23.07
N ASN D 719 -32.48 -13.40 -23.71
CA ASN D 719 -32.29 -12.05 -23.18
C ASN D 719 -30.81 -11.77 -22.91
N GLY D 720 -30.02 -11.83 -23.98
CA GLY D 720 -28.60 -11.57 -23.88
C GLY D 720 -28.04 -11.11 -25.21
N SER D 721 -26.79 -10.64 -25.17
CA SER D 721 -26.14 -10.18 -26.39
C SER D 721 -25.76 -11.36 -27.28
N THR D 722 -25.37 -12.49 -26.69
CA THR D 722 -25.03 -13.66 -27.48
C THR D 722 -26.25 -14.20 -28.22
N GLU D 723 -27.44 -14.11 -27.61
CA GLU D 723 -28.66 -14.55 -28.28
C GLU D 723 -28.92 -13.72 -29.54
N ARG D 724 -28.79 -12.40 -29.43
CA ARG D 724 -28.96 -11.54 -30.59
C ARG D 724 -27.89 -11.79 -31.64
N ASN D 725 -26.64 -12.02 -31.19
CA ASN D 725 -25.56 -12.29 -32.13
C ASN D 725 -25.81 -13.58 -32.91
N ILE D 726 -26.35 -14.59 -32.24
CA ILE D 726 -26.67 -15.84 -32.93
C ILE D 726 -27.87 -15.66 -33.84
N ARG D 727 -28.87 -14.91 -33.40
CA ARG D 727 -30.06 -14.70 -34.22
C ARG D 727 -29.74 -13.94 -35.49
N ASN D 728 -28.82 -12.98 -35.42
CA ASN D 728 -28.47 -12.20 -36.60
C ASN D 728 -27.70 -13.04 -37.62
N ASN D 729 -26.90 -14.00 -37.16
CA ASN D 729 -26.07 -14.80 -38.05
C ASN D 729 -26.68 -16.17 -38.32
N TYR D 730 -26.95 -16.95 -37.27
CA TYR D 730 -27.43 -18.32 -37.40
C TYR D 730 -28.92 -18.35 -37.04
N ALA D 731 -29.77 -18.29 -38.05
CA ALA D 731 -31.21 -18.34 -37.82
C ALA D 731 -31.68 -19.74 -37.48
N GLU D 732 -31.23 -20.73 -38.25
CA GLU D 732 -31.65 -22.11 -38.01
C GLU D 732 -31.11 -22.63 -36.67
N MET D 733 -29.87 -22.28 -36.34
CA MET D 733 -29.29 -22.71 -35.06
C MET D 733 -30.06 -22.11 -33.90
N HIS D 734 -30.43 -20.82 -34.00
CA HIS D 734 -31.20 -20.20 -32.93
C HIS D 734 -32.60 -20.81 -32.84
N ALA D 735 -33.23 -21.10 -33.98
CA ALA D 735 -34.55 -21.72 -33.96
C ALA D 735 -34.48 -23.12 -33.34
N TYR D 736 -33.37 -23.84 -33.56
CA TYR D 736 -33.23 -25.16 -32.96
C TYR D 736 -32.97 -25.06 -31.45
N MET D 737 -32.14 -24.10 -31.05
CA MET D 737 -31.83 -23.92 -29.63
C MET D 737 -32.98 -23.28 -28.85
N GLY D 738 -33.98 -22.73 -29.53
CA GLY D 738 -35.11 -22.13 -28.83
C GLY D 738 -35.86 -23.10 -27.97
N LYS D 739 -35.93 -24.38 -28.39
CA LYS D 739 -36.62 -25.39 -27.59
C LYS D 739 -35.77 -25.85 -26.41
N PHE D 740 -34.45 -25.70 -26.49
CA PHE D 740 -33.54 -26.10 -25.42
C PHE D 740 -33.06 -24.92 -24.60
N ASN D 741 -33.89 -23.91 -24.41
CA ASN D 741 -33.48 -22.74 -23.65
C ASN D 741 -33.44 -23.06 -22.16
N GLN D 742 -32.38 -22.61 -21.50
CA GLN D 742 -32.20 -22.84 -20.08
C GLN D 742 -32.93 -21.76 -19.27
N ARG D 743 -32.89 -21.92 -17.95
CA ARG D 743 -33.55 -21.01 -17.02
C ARG D 743 -32.60 -20.64 -15.89
N GLY D 744 -31.37 -20.30 -16.25
CA GLY D 744 -30.36 -19.90 -15.29
C GLY D 744 -29.02 -20.53 -15.61
N VAL D 745 -27.96 -19.98 -15.02
CA VAL D 745 -26.62 -20.49 -15.24
C VAL D 745 -26.39 -21.74 -14.40
N ASP D 746 -26.78 -21.71 -13.14
CA ASP D 746 -26.60 -22.88 -12.27
C ASP D 746 -27.48 -24.03 -12.73
N ASP D 747 -28.69 -23.74 -13.18
CA ASP D 747 -29.57 -24.80 -13.70
C ASP D 747 -28.97 -25.44 -14.94
N ALA D 748 -28.41 -24.63 -15.84
CA ALA D 748 -27.79 -25.18 -17.04
C ALA D 748 -26.55 -25.98 -16.68
N LEU D 749 -25.78 -25.53 -15.69
CA LEU D 749 -24.60 -26.29 -15.26
C LEU D 749 -25.01 -27.63 -14.68
N LEU D 750 -26.06 -27.66 -13.86
CA LEU D 750 -26.53 -28.93 -13.31
C LEU D 750 -27.06 -29.84 -14.40
N SER D 751 -27.76 -29.28 -15.40
CA SER D 751 -28.25 -30.08 -16.51
C SER D 751 -27.11 -30.66 -17.32
N LEU D 752 -26.03 -29.89 -17.52
CA LEU D 752 -24.86 -30.41 -18.22
C LEU D 752 -24.15 -31.48 -17.40
N LYS D 753 -24.13 -31.32 -16.07
CA LYS D 753 -23.49 -32.32 -15.22
C LYS D 753 -24.29 -33.62 -15.20
N THR D 754 -25.61 -33.53 -15.25
CA THR D 754 -26.44 -34.73 -15.24
C THR D 754 -26.31 -35.51 -16.55
N GLY D 755 -26.49 -34.83 -17.67
CA GLY D 755 -26.37 -35.48 -18.97
C GLY D 755 -27.46 -35.11 -19.95
N LYS D 756 -28.33 -34.16 -19.57
CA LYS D 756 -29.41 -33.73 -20.44
C LYS D 756 -28.91 -32.92 -21.64
N LEU D 757 -27.67 -32.43 -21.59
CA LEU D 757 -27.10 -31.69 -22.70
C LEU D 757 -25.59 -31.87 -22.66
N ASP D 758 -24.91 -31.41 -23.72
CA ASP D 758 -23.47 -31.56 -23.81
C ASP D 758 -22.77 -30.32 -24.36
N ALA D 759 -23.43 -29.17 -24.37
CA ALA D 759 -22.82 -27.95 -24.89
C ALA D 759 -23.53 -26.74 -24.30
N PHE D 760 -22.75 -25.77 -23.83
CA PHE D 760 -23.28 -24.54 -23.25
C PHE D 760 -22.58 -23.36 -23.89
N ILE D 761 -23.35 -22.37 -24.34
CA ILE D 761 -22.83 -21.17 -24.97
C ILE D 761 -23.11 -19.99 -24.05
N TYR D 762 -22.06 -19.33 -23.58
CA TYR D 762 -22.18 -18.21 -22.66
C TYR D 762 -20.91 -17.37 -22.79
N ASP D 763 -20.73 -16.43 -21.86
CA ASP D 763 -19.54 -15.59 -21.87
C ASP D 763 -18.31 -16.41 -21.51
N ALA D 764 -17.17 -16.03 -22.10
CA ALA D 764 -15.95 -16.82 -21.94
C ALA D 764 -15.37 -16.65 -20.54
N ALA D 765 -15.41 -15.44 -19.98
CA ALA D 765 -14.77 -15.18 -18.70
C ALA D 765 -15.45 -15.97 -17.58
N VAL D 766 -16.78 -15.87 -17.48
CA VAL D 766 -17.48 -16.55 -16.40
C VAL D 766 -17.42 -18.06 -16.56
N LEU D 767 -17.47 -18.54 -17.81
CA LEU D 767 -17.36 -19.98 -18.02
C LEU D 767 -15.98 -20.51 -17.64
N ASN D 768 -14.92 -19.77 -17.99
CA ASN D 768 -13.59 -20.18 -17.58
C ASN D 768 -13.44 -20.13 -16.07
N TYR D 769 -14.02 -19.12 -15.43
CA TYR D 769 -13.95 -19.04 -13.97
C TYR D 769 -14.67 -20.20 -13.31
N MET D 770 -15.84 -20.58 -13.83
CA MET D 770 -16.58 -21.69 -13.25
C MET D 770 -15.90 -23.02 -13.53
N ALA D 771 -15.20 -23.13 -14.67
CA ALA D 771 -14.47 -24.35 -14.96
C ALA D 771 -13.23 -24.47 -14.08
N GLY D 772 -12.57 -23.36 -13.78
CA GLY D 772 -11.41 -23.37 -12.92
C GLY D 772 -11.74 -23.58 -11.46
N ARG D 773 -12.52 -22.67 -10.89
CA ARG D 773 -12.88 -22.72 -9.47
C ARG D 773 -14.11 -23.60 -9.28
N ASP D 774 -13.94 -24.88 -9.58
CA ASP D 774 -14.97 -25.89 -9.43
C ASP D 774 -14.48 -26.99 -8.50
N GLU D 775 -15.40 -27.90 -8.16
CA GLU D 775 -15.06 -29.03 -7.31
C GLU D 775 -14.17 -30.01 -8.05
N GLY D 776 -12.87 -30.00 -7.77
CA GLY D 776 -11.95 -30.86 -8.49
C GLY D 776 -11.83 -30.41 -9.93
N CYS D 777 -12.07 -31.35 -10.85
CA CYS D 777 -12.03 -31.07 -12.28
C CYS D 777 -13.17 -31.84 -12.93
N LYS D 778 -14.22 -31.12 -13.33
CA LYS D 778 -15.40 -31.72 -13.93
C LYS D 778 -15.47 -31.51 -15.44
N LEU D 779 -15.39 -30.26 -15.89
CA LEU D 779 -15.52 -29.95 -17.30
C LEU D 779 -14.58 -28.80 -17.66
N VAL D 780 -14.23 -28.72 -18.95
CA VAL D 780 -13.34 -27.69 -19.46
C VAL D 780 -13.93 -27.14 -20.75
N THR D 781 -13.49 -25.94 -21.11
CA THR D 781 -13.93 -25.30 -22.34
C THR D 781 -13.20 -25.89 -23.53
N ILE D 782 -13.88 -25.90 -24.69
CA ILE D 782 -13.30 -26.43 -25.90
C ILE D 782 -12.24 -25.46 -26.43
N GLY D 783 -11.17 -26.02 -27.00
CA GLY D 783 -10.10 -25.23 -27.57
C GLY D 783 -9.07 -24.72 -26.59
N SER D 784 -9.34 -24.83 -25.28
CA SER D 784 -8.41 -24.40 -24.23
C SER D 784 -8.06 -22.92 -24.39
N GLY D 785 -9.08 -22.08 -24.32
CA GLY D 785 -8.92 -20.65 -24.41
C GLY D 785 -9.37 -20.01 -25.71
N LYS D 786 -10.43 -20.53 -26.33
CA LYS D 786 -10.96 -19.94 -27.56
C LYS D 786 -12.03 -18.90 -27.22
N VAL D 787 -12.10 -17.86 -28.05
CA VAL D 787 -13.06 -16.78 -27.88
C VAL D 787 -13.60 -16.39 -29.26
N PHE D 788 -14.92 -16.40 -29.39
CA PHE D 788 -15.58 -15.97 -30.61
C PHE D 788 -16.21 -14.60 -30.40
N ALA D 789 -16.00 -13.70 -31.37
CA ALA D 789 -16.45 -12.31 -31.29
C ALA D 789 -15.93 -11.65 -30.01
N SER D 790 -14.60 -11.53 -29.95
CA SER D 790 -13.94 -11.01 -28.76
C SER D 790 -14.39 -9.60 -28.44
N THR D 791 -15.02 -9.43 -27.28
CA THR D 791 -15.46 -8.12 -26.82
C THR D 791 -14.91 -7.84 -25.43
N GLY D 792 -15.38 -6.77 -24.79
CA GLY D 792 -14.93 -6.44 -23.45
C GLY D 792 -16.01 -5.71 -22.69
N TYR D 793 -15.89 -5.77 -21.36
CA TYR D 793 -16.82 -5.07 -20.49
C TYR D 793 -16.49 -3.59 -20.43
N GLY D 794 -17.25 -2.86 -19.62
CA GLY D 794 -17.01 -1.44 -19.49
C GLY D 794 -17.98 -0.81 -18.51
N ILE D 795 -18.06 0.52 -18.56
CA ILE D 795 -18.94 1.28 -17.69
C ILE D 795 -19.85 2.12 -18.58
N ALA D 796 -21.15 1.84 -18.54
CA ALA D 796 -22.10 2.59 -19.35
C ALA D 796 -22.28 4.00 -18.79
N ILE D 797 -22.01 5.00 -19.62
CA ILE D 797 -22.10 6.39 -19.23
C ILE D 797 -23.18 7.06 -20.06
N GLN D 798 -23.85 8.05 -19.48
CA GLN D 798 -24.92 8.76 -20.17
C GLN D 798 -24.40 9.42 -21.43
N LYS D 799 -25.29 9.58 -22.41
CA LYS D 799 -24.92 10.18 -23.68
C LYS D 799 -24.55 11.65 -23.50
N ASP D 800 -23.51 12.07 -24.21
CA ASP D 800 -23.00 13.44 -24.15
C ASP D 800 -22.62 13.83 -22.72
N SER D 801 -21.65 13.10 -22.18
CA SER D 801 -21.15 13.32 -20.84
C SER D 801 -19.72 13.84 -20.88
N GLY D 802 -19.23 14.24 -19.71
CA GLY D 802 -17.88 14.76 -19.60
C GLY D 802 -16.96 13.87 -18.78
N TRP D 803 -17.55 12.98 -17.98
CA TRP D 803 -16.77 12.06 -17.15
C TRP D 803 -16.19 10.90 -17.93
N LYS D 804 -16.52 10.76 -19.21
CA LYS D 804 -16.00 9.64 -20.00
C LYS D 804 -14.48 9.71 -20.11
N ARG D 805 -13.95 10.89 -20.40
CA ARG D 805 -12.50 11.05 -20.50
C ARG D 805 -11.82 10.78 -19.16
N GLN D 806 -12.43 11.22 -18.06
CA GLN D 806 -11.86 10.97 -16.75
C GLN D 806 -11.84 9.48 -16.43
N VAL D 807 -12.92 8.78 -16.74
CA VAL D 807 -12.97 7.34 -16.50
C VAL D 807 -11.94 6.61 -17.36
N ASP D 808 -11.79 7.04 -18.62
CA ASP D 808 -10.79 6.42 -19.50
C ASP D 808 -9.39 6.63 -18.97
N LEU D 809 -9.07 7.85 -18.53
CA LEU D 809 -7.75 8.14 -17.99
C LEU D 809 -7.51 7.34 -16.70
N ALA D 810 -8.52 7.21 -15.86
CA ALA D 810 -8.37 6.43 -14.64
C ALA D 810 -8.12 4.97 -14.94
N ILE D 811 -8.85 4.40 -15.90
CA ILE D 811 -8.65 3.00 -16.27
C ILE D 811 -7.26 2.80 -16.86
N LEU D 812 -6.81 3.73 -17.70
CA LEU D 812 -5.48 3.60 -18.29
C LEU D 812 -4.39 3.72 -17.23
N GLN D 813 -4.59 4.60 -16.24
CA GLN D 813 -3.61 4.73 -15.16
C GLN D 813 -3.58 3.46 -14.30
N LEU D 814 -4.74 2.87 -14.04
CA LEU D 814 -4.78 1.62 -13.28
C LEU D 814 -4.11 0.49 -14.05
N PHE D 815 -4.29 0.46 -15.37
CA PHE D 815 -3.62 -0.56 -16.18
C PHE D 815 -2.11 -0.34 -16.19
N GLY D 816 -1.66 0.91 -16.28
CA GLY D 816 -0.24 1.19 -16.27
C GLY D 816 0.41 1.05 -14.91
N ASP D 817 -0.38 1.05 -13.83
CA ASP D 817 0.15 0.90 -12.48
C ASP D 817 0.36 -0.55 -12.08
N GLY D 818 -0.29 -1.50 -12.76
CA GLY D 818 -0.13 -2.90 -12.46
C GLY D 818 -1.08 -3.46 -11.43
N GLU D 819 -2.00 -2.63 -10.89
CA GLU D 819 -2.96 -3.12 -9.91
C GLU D 819 -3.99 -4.06 -10.53
N MET D 820 -4.25 -3.94 -11.83
CA MET D 820 -5.21 -4.82 -12.48
C MET D 820 -4.76 -6.27 -12.43
N GLU D 821 -3.46 -6.51 -12.67
CA GLU D 821 -2.95 -7.88 -12.61
C GLU D 821 -3.05 -8.44 -11.19
N GLU D 822 -2.79 -7.62 -10.19
CA GLU D 822 -2.90 -8.07 -8.80
C GLU D 822 -4.35 -8.40 -8.46
N LEU D 823 -5.29 -7.56 -8.87
CA LEU D 823 -6.70 -7.83 -8.61
C LEU D 823 -7.16 -9.08 -9.33
N GLU D 824 -6.67 -9.31 -10.55
CA GLU D 824 -7.02 -10.52 -11.29
C GLU D 824 -6.46 -11.76 -10.60
N ALA D 825 -5.20 -11.71 -10.18
CA ALA D 825 -4.62 -12.85 -9.48
C ALA D 825 -5.26 -13.08 -8.12
N LEU D 826 -5.88 -12.05 -7.55
CA LEU D 826 -6.52 -12.20 -6.25
C LEU D 826 -7.97 -12.66 -6.36
N TRP D 827 -8.64 -12.37 -7.48
CA TRP D 827 -10.07 -12.65 -7.60
C TRP D 827 -10.44 -13.59 -8.74
N LEU D 828 -9.46 -14.10 -9.50
CA LEU D 828 -9.76 -14.98 -10.62
C LEU D 828 -9.02 -16.31 -10.58
N THR D 829 -8.59 -16.76 -9.40
CA THR D 829 -7.93 -18.06 -9.29
C THR D 829 -8.95 -19.18 -9.36
N GLY D 830 -8.47 -20.35 -9.81
CA GLY D 830 -9.32 -21.52 -9.92
C GLY D 830 -8.78 -22.73 -9.19
N ILE D 831 -9.61 -23.77 -9.06
CA ILE D 831 -9.19 -24.99 -8.39
C ILE D 831 -8.54 -25.97 -9.36
N CYS D 832 -9.10 -26.10 -10.56
CA CYS D 832 -8.55 -26.99 -11.58
C CYS D 832 -7.43 -26.34 -12.39
N HIS D 833 -6.79 -25.31 -11.85
CA HIS D 833 -5.69 -24.65 -12.53
C HIS D 833 -4.50 -25.56 -12.77
N ASN D 834 -4.47 -26.74 -12.15
CA ASN D 834 -3.39 -27.69 -12.41
C ASN D 834 -3.43 -28.15 -13.86
N GLU D 835 -2.24 -28.32 -14.45
CA GLU D 835 -2.11 -28.69 -15.85
C GLU D 835 -1.75 -30.16 -15.99
N LYS D 836 -2.80 -30.99 -16.10
CA LYS D 836 -2.68 -32.42 -16.38
C LYS D 836 -1.85 -33.13 -15.31
N ASN D 837 -2.41 -33.15 -14.10
CA ASN D 837 -1.78 -33.84 -12.99
C ASN D 837 -1.51 -35.30 -13.35
N GLU D 838 -0.40 -35.82 -12.82
CA GLU D 838 0.05 -37.16 -13.18
C GLU D 838 -0.91 -38.22 -12.63
N VAL D 839 -1.29 -39.16 -13.49
CA VAL D 839 -2.16 -40.27 -13.13
C VAL D 839 -1.40 -41.57 -13.35
N MET D 840 -1.55 -42.51 -12.42
CA MET D 840 -0.86 -43.79 -12.50
C MET D 840 -1.83 -44.95 -12.28
N SER D 841 -1.28 -46.14 -12.02
CA SER D 841 -2.07 -47.35 -11.77
C SER D 841 -2.95 -47.70 -12.96
N SER D 842 -2.30 -47.95 -14.10
CA SER D 842 -3.00 -48.32 -15.32
C SER D 842 -3.44 -49.78 -15.26
N GLN D 843 -4.01 -50.26 -16.37
CA GLN D 843 -4.51 -51.62 -16.46
C GLN D 843 -4.02 -52.32 -17.73
N LEU D 844 -3.58 -51.56 -18.73
CA LEU D 844 -3.08 -52.10 -20.00
C LEU D 844 -4.11 -53.04 -20.64
N ASP D 845 -5.26 -52.46 -20.99
CA ASP D 845 -6.34 -53.23 -21.55
C ASP D 845 -6.02 -53.68 -22.98
N ILE D 846 -6.99 -54.35 -23.61
CA ILE D 846 -6.78 -54.86 -24.96
C ILE D 846 -6.60 -53.72 -25.96
N ASP D 847 -7.24 -52.58 -25.71
CA ASP D 847 -7.13 -51.45 -26.62
C ASP D 847 -5.71 -50.90 -26.65
N ASN D 848 -4.95 -51.08 -25.58
CA ASN D 848 -3.60 -50.53 -25.52
C ASN D 848 -2.62 -51.40 -26.30
N MET D 849 -2.70 -52.73 -26.15
CA MET D 849 -1.75 -53.65 -26.74
C MET D 849 -2.36 -54.48 -27.87
N ALA D 850 -3.42 -53.98 -28.49
CA ALA D 850 -4.03 -54.71 -29.60
C ALA D 850 -3.29 -54.42 -30.92
N GLY D 851 -2.38 -53.47 -30.93
CA GLY D 851 -1.69 -53.08 -32.14
C GLY D 851 -0.76 -54.11 -32.73
N VAL D 852 -0.55 -55.22 -32.03
CA VAL D 852 0.33 -56.28 -32.49
C VAL D 852 -0.46 -57.47 -33.03
N PHE D 853 -1.73 -57.60 -32.63
CA PHE D 853 -2.56 -58.67 -33.21
C PHE D 853 -2.81 -58.44 -34.70
N TYR D 854 -2.90 -57.18 -35.12
CA TYR D 854 -3.02 -56.90 -36.55
C TYR D 854 -1.76 -57.32 -37.30
N MET D 855 -0.59 -57.06 -36.71
CA MET D 855 0.66 -57.53 -37.31
C MET D 855 0.71 -59.05 -37.38
N LEU D 856 0.26 -59.72 -36.32
CA LEU D 856 0.24 -61.18 -36.32
C LEU D 856 -0.68 -61.72 -37.42
N GLY D 857 -1.86 -61.12 -37.56
CA GLY D 857 -2.77 -61.57 -38.60
C GLY D 857 -2.23 -61.30 -40.00
N ALA D 858 -1.59 -60.15 -40.19
CA ALA D 858 -0.98 -59.85 -41.48
C ALA D 858 0.15 -60.83 -41.80
N ALA D 859 0.94 -61.20 -40.80
CA ALA D 859 2.00 -62.18 -41.02
C ALA D 859 1.43 -63.56 -41.32
N MET D 860 0.32 -63.93 -40.66
CA MET D 860 -0.32 -65.19 -40.97
C MET D 860 -0.85 -65.21 -42.41
N ALA D 861 -1.45 -64.11 -42.85
CA ALA D 861 -1.95 -64.02 -44.23
C ALA D 861 -0.79 -64.08 -45.21
N LEU D 862 0.32 -63.41 -44.88
CA LEU D 862 1.51 -63.46 -45.74
C LEU D 862 2.06 -64.88 -45.84
N SER D 863 2.11 -65.60 -44.72
CA SER D 863 2.57 -66.98 -44.74
C SER D 863 1.64 -67.85 -45.57
N LEU D 864 0.33 -67.62 -45.46
CA LEU D 864 -0.62 -68.40 -46.24
C LEU D 864 -0.46 -68.14 -47.73
N ILE D 865 -0.34 -66.88 -48.13
CA ILE D 865 -0.21 -66.59 -49.56
C ILE D 865 1.15 -67.06 -50.08
N THR D 866 2.18 -67.04 -49.22
CA THR D 866 3.47 -67.58 -49.62
C THR D 866 3.41 -69.08 -49.84
N PHE D 867 2.70 -69.80 -48.95
CA PHE D 867 2.50 -71.23 -49.13
C PHE D 867 1.72 -71.52 -50.42
N ILE D 868 0.70 -70.71 -50.69
CA ILE D 868 -0.08 -70.89 -51.92
C ILE D 868 0.80 -70.68 -53.15
N CYS D 869 1.61 -69.62 -53.13
CA CYS D 869 2.49 -69.35 -54.27
C CYS D 869 3.52 -70.44 -54.45
N GLU D 870 4.06 -70.97 -53.34
CA GLU D 870 5.04 -72.05 -53.43
C GLU D 870 4.40 -73.32 -53.98
N HIS D 871 3.18 -73.63 -53.54
CA HIS D 871 2.48 -74.80 -54.07
C HIS D 871 2.16 -74.63 -55.56
N LEU D 872 1.83 -73.41 -55.98
CA LEU D 872 1.55 -73.17 -57.38
C LEU D 872 2.82 -73.29 -58.23
N PHE D 873 3.94 -72.78 -57.72
CA PHE D 873 5.18 -72.82 -58.48
C PHE D 873 5.79 -74.22 -58.50
N TYR D 874 5.48 -75.02 -57.48
CA TYR D 874 6.02 -76.38 -57.42
C TYR D 874 5.49 -77.24 -58.55
N TRP D 875 4.24 -77.04 -58.95
CA TRP D 875 3.64 -77.81 -60.02
C TRP D 875 4.21 -77.41 -61.38
N GLY E . 4.56 -2.79 -29.58
CA GLY E . 3.59 -1.74 -29.79
C GLY E . 4.00 -0.41 -29.17
O GLY E . 4.82 -0.37 -28.26
OXT GLY E . 3.50 0.65 -29.56
N GLU F . 30.15 -9.47 17.20
CA GLU F . 28.71 -9.61 17.40
C GLU F . 28.32 -9.32 18.85
O GLU F . 29.17 -9.38 19.75
CB GLU F . 28.24 -11.00 17.00
CG GLU F . 28.50 -11.36 15.55
CD GLU F . 27.68 -10.54 14.57
OE1 GLU F . 26.62 -10.02 14.99
OE2 GLU F . 28.09 -10.41 13.41
OXT GLU F . 27.18 -9.01 19.15
N GLY G . 0.02 -20.52 22.14
CA GLY G . -1.37 -20.76 22.54
C GLY G . -1.98 -19.59 23.29
O GLY G . -3.20 -19.43 23.31
OXT GLY G . -1.27 -18.79 23.89
N GLU H . -24.02 -12.96 -21.74
CA GLU H . -24.84 -11.75 -21.63
C GLU H . -24.44 -10.73 -22.69
O GLU H . -23.52 -10.95 -23.47
CB GLU H . -24.71 -11.13 -20.24
CG GLU H . -25.11 -12.07 -19.11
CD GLU H . -26.59 -12.41 -19.11
OE1 GLU H . -27.37 -11.63 -19.69
OE2 GLU H . -26.96 -13.43 -18.52
OXT GLU H . -25.04 -9.66 -22.79
#